data_9DMB
#
_entry.id   9DMB
#
_cell.length_a   1.00
_cell.length_b   1.00
_cell.length_c   1.00
_cell.angle_alpha   90.00
_cell.angle_beta   90.00
_cell.angle_gamma   90.00
#
_symmetry.space_group_name_H-M   'P 1'
#
loop_
_entity.id
_entity.type
_entity.pdbx_description
1 polymer 'RHA10.01 Light chain'
2 polymer 'RHA10.01 Heavy chain'
3 polymer 'BG505 DS-SOSIP glycoprotein gp41'
4 polymer 'Envelope glycoprotein gp120'
5 branched 2-acetamido-2-deoxy-beta-D-glucopyranose-(1-4)-2-acetamido-2-deoxy-beta-D-glucopyranose
6 branched alpha-D-mannopyranose-(1-3)-[alpha-D-mannopyranose-(1-6)]beta-D-mannopyranose-(1-4)-2-acetamido-2-deoxy-beta-D-glucopyranose-(1-4)-2-acetamido-2-deoxy-beta-D-glucopyranose
7 branched beta-D-mannopyranose-(1-4)-2-acetamido-2-deoxy-beta-D-glucopyranose-(1-4)-2-acetamido-2-deoxy-beta-D-glucopyranose
8 non-polymer 2-acetamido-2-deoxy-beta-D-glucopyranose
#
loop_
_entity_poly.entity_id
_entity_poly.type
_entity_poly.pdbx_seq_one_letter_code
_entity_poly.pdbx_strand_id
1 'polypeptide(L)'
;DIVMTQIPVSLSVTPGEPASISCSSSQSLQHISGYTYLDWYLQKPGQSPQLLISRVSGRASGVPDRFSGSGSGTDFMLKI
SRVEAEDVGIYYCMQGTQLPFSFGQGTKVEIKRTVAAPSVFIFPPSDEQLKSGTASVVCLLNNFYPREAKVQWKVDNALQ
SGNSQESVTEQDSKDSTYSLSSTLTLSKADYEKHKVYACEVTHQGLSSPVTKSFNRGEC
;
A,B,D
2 'polypeptide(L)'
;QVQLQESGPGLLKPSETLSLTCAVSGVSITSYPWSWIRQSPGKGLEWIGRIFTVGGHTDLNPSLKSRVTIARDSSRNQVS
LILRSVTAADTALYYCARVPFYWNNKSWYGGAYQWYALDSWGQGVAVTVSSASTKGPSVFPLAPSSKSTSGGTAALGCLV
KDYFPEPVTVSWNSGALTSGVHTFPAVLQSSGLYSLSSVVTVPSSSLGTQTYICNVNHKPSNTKVDKRVEPKSCDKGLEV
LFQ
;
C,G,H
3 'polypeptide(L)'
;AVGIGAVFLGFLGAAGSTMGAASMTLTVQARNLLSGIVQQQSNLLRAPEAQQHLLKLTVWGIKQLQARVLAVERYLRDQQ
LLGIWGCSGKLICCTNVPWNSSWSNRNLSEIWDNMTWLQWDKEISNYTQIIYGLLEESQNQQEKNEQDLLALD
;
E,I,J
4 'polypeptide(L)'
;AENLWVTVYYGVPVWKDAETTLFCASDAKAYETEKHNVWATHACVPTDPNPQEIHLENVTEEFNMWKNNMVEQMHTDIIS
LWDQSLKPCVKLTPLCVTLQCTNVTNNITDDMRGELKNCSFNMTTELRDKKQKVYSLFYRLDVVQINENQGNRSNNSNKE
YRLINCNTSACTQACPKVSFEPIPIHYCAPAGFAILKCKDKKFNGTGPCPSVSTVQCTHGIKPVVSTQLLLNGSLAEEEV
MIRSENITNNAKNILVQFNTPVQINCTRPNNNTRKSIRIGPGQAFYATGDIIGDIRQAHCNVSKATWNETLGKVVKQLRK
HFGNNTIIRFANSSGGDLEVTTHSFNCGGEFFYCNTSGLFNSTWISNTSVQGSNSTGSNDSITLPCRIKQIINMWQRIGQ
CMYAPPIQGVIRCVSNITGLILTRDGGSTNSTTETFRPGGGDMRDNWRSELYKYKVVKIEPLGVAPTRCKRRVVGRRRRR
;
L,F,K
#
loop_
_chem_comp.id
_chem_comp.type
_chem_comp.name
_chem_comp.formula
BMA D-saccharide, beta linking beta-D-mannopyranose 'C6 H12 O6'
MAN D-saccharide, alpha linking alpha-D-mannopyranose 'C6 H12 O6'
NAG D-saccharide, beta linking 2-acetamido-2-deoxy-beta-D-glucopyranose 'C8 H15 N O6'
#
# COMPACT_ATOMS: atom_id res chain seq x y z
N ASP A 1 10.76 -43.25 46.50
CA ASP A 1 11.37 -44.19 47.49
C ASP A 1 10.99 -45.64 47.17
N ILE A 2 11.97 -46.41 46.71
CA ILE A 2 11.78 -47.81 46.36
C ILE A 2 12.95 -48.60 46.91
N VAL A 3 12.68 -49.87 47.25
CA VAL A 3 13.67 -50.75 47.85
C VAL A 3 14.14 -51.74 46.80
N MET A 4 15.45 -51.93 46.73
CA MET A 4 16.08 -52.88 45.80
C MET A 4 16.40 -54.18 46.52
N THR A 5 16.52 -55.25 45.73
CA THR A 5 16.90 -56.56 46.24
C THR A 5 18.08 -57.08 45.43
N GLN A 6 19.10 -57.56 46.13
CA GLN A 6 20.30 -58.10 45.50
C GLN A 6 20.39 -59.59 45.78
N ILE A 7 20.59 -60.37 44.72
CA ILE A 7 20.70 -61.83 44.83
C ILE A 7 21.78 -62.31 43.87
N PRO A 8 22.70 -63.19 44.29
CA PRO A 8 22.90 -63.72 45.65
C PRO A 8 23.59 -62.71 46.57
N VAL A 9 23.30 -62.79 47.86
CA VAL A 9 23.94 -61.90 48.83
C VAL A 9 25.41 -62.24 48.98
N SER A 10 25.73 -63.53 49.11
CA SER A 10 27.09 -64.00 49.26
C SER A 10 27.43 -64.92 48.10
N LEU A 11 28.53 -64.65 47.41
CA LEU A 11 28.94 -65.41 46.25
C LEU A 11 30.37 -65.90 46.43
N SER A 12 30.57 -67.19 46.18
CA SER A 12 31.91 -67.80 46.18
C SER A 12 32.14 -68.45 44.83
N VAL A 13 33.27 -68.11 44.20
CA VAL A 13 33.56 -68.58 42.85
C VAL A 13 35.07 -68.75 42.70
N THR A 14 35.48 -69.83 42.06
CA THR A 14 36.87 -70.05 41.73
C THR A 14 37.28 -69.18 40.55
N PRO A 15 38.52 -68.70 40.50
CA PRO A 15 38.98 -67.97 39.32
C PRO A 15 38.82 -68.81 38.06
N GLY A 16 38.37 -68.15 36.99
CA GLY A 16 38.08 -68.82 35.74
C GLY A 16 36.67 -69.38 35.64
N GLU A 17 35.87 -69.30 36.71
CA GLU A 17 34.51 -69.77 36.69
C GLU A 17 33.56 -68.59 36.54
N PRO A 18 32.83 -68.46 35.44
CA PRO A 18 31.90 -67.33 35.31
C PRO A 18 30.86 -67.33 36.43
N ALA A 19 30.49 -66.12 36.85
CA ALA A 19 29.50 -65.94 37.90
C ALA A 19 28.46 -64.93 37.43
N SER A 20 27.25 -65.05 37.99
CA SER A 20 26.13 -64.20 37.62
C SER A 20 25.49 -63.62 38.87
N ILE A 21 25.04 -62.37 38.78
CA ILE A 21 24.36 -61.69 39.86
C ILE A 21 23.11 -61.03 39.30
N SER A 22 22.14 -60.78 40.19
CA SER A 22 20.85 -60.23 39.78
C SER A 22 20.44 -59.11 40.72
N CYS A 23 19.76 -58.12 40.16
CA CYS A 23 19.15 -57.03 40.92
C CYS A 23 17.70 -56.88 40.48
N SER A 24 16.82 -56.70 41.46
CA SER A 24 15.38 -56.67 41.19
C SER A 24 14.77 -55.40 41.77
N SER A 25 13.66 -54.99 41.18
CA SER A 25 12.94 -53.81 41.63
C SER A 25 11.44 -54.04 41.44
N SER A 26 10.64 -53.33 42.24
CA SER A 26 9.19 -53.43 42.12
C SER A 26 8.67 -52.58 40.97
N GLN A 27 8.86 -51.27 41.05
CA GLN A 27 8.46 -50.39 39.97
C GLN A 27 9.37 -50.58 38.76
N SER A 28 8.77 -50.60 37.58
CA SER A 28 9.55 -50.74 36.35
C SER A 28 10.50 -49.56 36.20
N LEU A 29 11.70 -49.84 35.69
CA LEU A 29 12.75 -48.84 35.56
C LEU A 29 12.80 -48.23 34.16
N GLN A 30 11.70 -48.31 33.42
CA GLN A 30 11.62 -47.72 32.09
C GLN A 30 11.25 -46.25 32.23
N HIS A 31 12.20 -45.36 31.96
CA HIS A 31 11.96 -43.93 32.08
C HIS A 31 10.90 -43.49 31.08
N ILE A 32 10.33 -42.31 31.32
CA ILE A 32 9.29 -41.77 30.46
C ILE A 32 9.91 -41.48 29.10
N SER A 33 9.57 -42.30 28.10
CA SER A 33 10.07 -42.12 26.73
C SER A 33 11.59 -42.02 26.71
N GLY A 34 12.24 -42.88 27.50
CA GLY A 34 13.69 -42.87 27.58
C GLY A 34 14.29 -44.26 27.73
N TYR A 35 15.45 -44.33 28.38
CA TYR A 35 16.15 -45.59 28.60
C TYR A 35 15.93 -46.04 30.05
N THR A 36 16.63 -47.10 30.45
CA THR A 36 16.60 -47.62 31.81
C THR A 36 17.90 -47.24 32.49
N TYR A 37 17.81 -46.48 33.58
CA TYR A 37 18.98 -46.01 34.32
C TYR A 37 19.34 -47.03 35.39
N LEU A 38 20.49 -47.68 35.22
CA LEU A 38 20.98 -48.64 36.20
C LEU A 38 22.47 -48.82 36.00
N ASP A 39 23.23 -48.80 37.10
CA ASP A 39 24.67 -48.94 37.04
C ASP A 39 25.15 -49.87 38.14
N TRP A 40 26.30 -50.50 37.90
CA TRP A 40 26.93 -51.38 38.85
C TRP A 40 28.24 -50.75 39.31
N TYR A 41 28.45 -50.70 40.62
CA TYR A 41 29.64 -50.10 41.21
C TYR A 41 30.40 -51.15 42.00
N LEU A 42 31.73 -51.09 41.94
CA LEU A 42 32.61 -51.99 42.67
C LEU A 42 33.20 -51.24 43.85
N GLN A 43 33.07 -51.81 45.05
CA GLN A 43 33.56 -51.21 46.28
C GLN A 43 34.75 -52.05 46.76
N LYS A 44 35.92 -51.73 46.25
CA LYS A 44 37.14 -52.41 46.70
C LYS A 44 37.58 -51.82 48.03
N PRO A 45 37.71 -52.61 49.08
CA PRO A 45 38.14 -52.05 50.38
C PRO A 45 39.46 -51.32 50.25
N GLY A 46 39.53 -50.13 50.83
CA GLY A 46 40.73 -49.32 50.79
C GLY A 46 40.98 -48.60 49.49
N GLN A 47 40.04 -48.64 48.55
CA GLN A 47 40.18 -48.01 47.24
C GLN A 47 38.94 -47.19 46.93
N SER A 48 39.02 -46.39 45.88
CA SER A 48 37.92 -45.51 45.51
C SER A 48 36.88 -46.26 44.67
N PRO A 49 35.60 -46.08 44.92
CA PRO A 49 34.58 -46.70 44.06
C PRO A 49 34.67 -46.19 42.63
N GLN A 50 34.29 -47.06 41.69
CA GLN A 50 34.33 -46.72 40.28
C GLN A 50 33.04 -47.19 39.61
N LEU A 51 32.71 -46.52 38.50
CA LEU A 51 31.56 -46.88 37.68
C LEU A 51 32.03 -47.79 36.55
N LEU A 52 31.34 -48.92 36.38
CA LEU A 52 31.75 -49.93 35.40
C LEU A 52 30.73 -50.18 34.31
N ILE A 53 29.43 -50.09 34.59
CA ILE A 53 28.37 -50.35 33.62
C ILE A 53 27.43 -49.16 33.60
N SER A 54 27.09 -48.69 32.41
CA SER A 54 26.22 -47.54 32.21
C SER A 54 24.91 -47.98 31.57
N ARG A 55 23.94 -47.07 31.59
CA ARG A 55 22.62 -47.34 31.04
C ARG A 55 22.12 -48.71 31.49
N VAL A 56 22.14 -49.71 30.59
CA VAL A 56 21.79 -51.08 30.97
C VAL A 56 22.90 -52.03 30.51
N SER A 57 23.55 -51.69 29.40
CA SER A 57 24.63 -52.51 28.86
C SER A 57 25.86 -51.72 28.50
N GLY A 58 25.76 -50.40 28.27
CA GLY A 58 26.88 -49.61 27.85
C GLY A 58 28.05 -49.68 28.80
N ARG A 59 29.23 -49.99 28.28
CA ARG A 59 30.45 -50.03 29.06
C ARG A 59 31.20 -48.72 28.87
N ALA A 60 31.30 -47.93 29.93
CA ALA A 60 31.88 -46.60 29.82
C ALA A 60 33.33 -46.67 29.35
N SER A 61 34.22 -47.20 30.18
CA SER A 61 35.65 -47.24 29.85
C SER A 61 36.35 -48.02 30.96
N GLY A 62 37.63 -48.29 30.73
CA GLY A 62 38.49 -48.90 31.74
C GLY A 62 38.59 -50.40 31.57
N VAL A 63 38.48 -51.13 32.68
CA VAL A 63 38.63 -52.58 32.72
C VAL A 63 37.53 -53.36 32.01
N PRO A 64 36.28 -52.84 31.84
CA PRO A 64 35.17 -53.76 31.53
C PRO A 64 35.31 -54.49 30.20
N ASP A 65 36.27 -55.41 30.13
CA ASP A 65 36.26 -56.49 29.17
C ASP A 65 35.79 -57.80 29.80
N ARG A 66 35.42 -57.76 31.08
CA ARG A 66 34.95 -58.94 31.81
C ARG A 66 33.53 -58.81 32.34
N PHE A 67 32.99 -57.60 32.46
CA PHE A 67 31.63 -57.37 32.93
C PHE A 67 30.72 -57.13 31.74
N SER A 68 29.56 -57.80 31.73
CA SER A 68 28.60 -57.64 30.65
C SER A 68 27.22 -58.01 31.18
N GLY A 69 26.34 -57.02 31.28
CA GLY A 69 24.97 -57.22 31.71
C GLY A 69 24.00 -56.65 30.71
N SER A 70 22.86 -57.32 30.57
CA SER A 70 21.84 -56.91 29.61
C SER A 70 20.47 -57.37 30.13
N GLY A 71 19.48 -57.31 29.26
CA GLY A 71 18.12 -57.68 29.62
C GLY A 71 17.23 -56.48 29.81
N SER A 72 15.92 -56.68 29.60
CA SER A 72 14.97 -55.57 29.74
C SER A 72 14.97 -55.03 31.15
N GLY A 73 14.99 -55.91 32.15
CA GLY A 73 15.07 -55.49 33.53
C GLY A 73 14.04 -56.12 34.45
N THR A 74 13.39 -55.30 35.28
CA THR A 74 12.50 -55.78 36.31
C THR A 74 13.30 -56.60 37.33
N ASP A 75 13.74 -57.79 36.91
CA ASP A 75 14.75 -58.55 37.65
C ASP A 75 16.06 -58.43 36.87
N PHE A 76 16.75 -57.32 37.11
CA PHE A 76 17.96 -57.02 36.35
C PHE A 76 19.05 -58.05 36.64
N MET A 77 19.88 -58.31 35.64
CA MET A 77 20.91 -59.32 35.73
C MET A 77 22.22 -58.78 35.17
N LEU A 78 23.32 -59.34 35.66
CA LEU A 78 24.66 -59.00 35.18
C LEU A 78 25.45 -60.29 35.07
N LYS A 79 26.30 -60.37 34.04
CA LYS A 79 27.08 -61.57 33.76
C LYS A 79 28.55 -61.21 33.66
N ILE A 80 29.40 -62.14 34.08
CA ILE A 80 30.84 -61.98 34.05
C ILE A 80 31.42 -63.08 33.16
N SER A 81 32.19 -62.67 32.15
CA SER A 81 32.81 -63.66 31.25
C SER A 81 33.87 -64.47 31.98
N ARG A 82 34.73 -63.80 32.74
CA ARG A 82 35.78 -64.46 33.49
C ARG A 82 36.09 -63.64 34.74
N VAL A 83 36.48 -64.34 35.80
CA VAL A 83 36.77 -63.71 37.09
C VAL A 83 38.29 -63.56 37.21
N GLU A 84 38.75 -62.33 37.41
CA GLU A 84 40.16 -62.03 37.53
C GLU A 84 40.52 -61.76 39.00
N ALA A 85 41.82 -61.79 39.28
CA ALA A 85 42.30 -61.63 40.65
C ALA A 85 41.97 -60.26 41.22
N GLU A 86 41.63 -59.28 40.39
CA GLU A 86 41.28 -57.95 40.84
C GLU A 86 39.78 -57.75 41.00
N ASP A 87 39.00 -58.84 40.99
CA ASP A 87 37.55 -58.77 41.13
C ASP A 87 37.10 -58.89 42.57
N VAL A 88 37.94 -58.50 43.52
CA VAL A 88 37.61 -58.59 44.94
C VAL A 88 37.00 -57.26 45.39
N GLY A 89 35.86 -57.33 46.05
CA GLY A 89 35.18 -56.15 46.53
C GLY A 89 33.72 -56.44 46.82
N ILE A 90 32.96 -55.36 46.97
CA ILE A 90 31.53 -55.43 47.25
C ILE A 90 30.79 -54.74 46.10
N TYR A 91 29.80 -55.43 45.54
CA TYR A 91 29.03 -54.90 44.43
C TYR A 91 27.97 -53.93 44.94
N TYR A 92 27.35 -53.21 43.99
CA TYR A 92 26.29 -52.27 44.33
C TYR A 92 25.36 -52.12 43.13
N CYS A 93 24.07 -51.99 43.42
CA CYS A 93 23.04 -51.81 42.41
C CYS A 93 22.33 -50.49 42.66
N MET A 94 22.23 -49.66 41.62
CA MET A 94 21.66 -48.32 41.72
C MET A 94 20.54 -48.16 40.72
N GLN A 95 19.45 -47.54 41.16
CA GLN A 95 18.32 -47.20 40.30
C GLN A 95 18.05 -45.71 40.42
N GLY A 96 17.89 -45.05 39.28
CA GLY A 96 17.66 -43.62 39.25
C GLY A 96 16.47 -43.23 38.40
N THR A 97 15.37 -43.98 38.51
CA THR A 97 14.27 -43.84 37.58
C THR A 97 13.74 -42.41 37.51
N GLN A 98 13.06 -41.94 38.56
CA GLN A 98 12.60 -40.55 38.58
C GLN A 98 13.10 -39.76 39.78
N LEU A 99 12.68 -40.11 41.00
CA LEU A 99 12.91 -39.22 42.14
C LEU A 99 14.24 -39.40 42.85
N PRO A 100 14.52 -40.61 43.39
CA PRO A 100 15.48 -40.71 44.49
C PRO A 100 16.93 -40.87 44.08
N PHE A 101 17.18 -41.49 42.93
CA PHE A 101 18.54 -41.90 42.57
C PHE A 101 19.15 -42.73 43.69
N SER A 102 18.35 -43.63 44.26
CA SER A 102 18.76 -44.43 45.39
C SER A 102 19.65 -45.58 44.95
N PHE A 103 20.18 -46.33 45.92
CA PHE A 103 21.09 -47.44 45.68
C PHE A 103 20.45 -48.74 46.18
N GLY A 104 21.22 -49.81 46.13
CA GLY A 104 20.80 -51.12 46.60
C GLY A 104 21.39 -51.46 47.95
N GLN A 105 21.58 -52.76 48.18
CA GLN A 105 22.13 -53.26 49.43
C GLN A 105 23.61 -53.59 49.30
N GLY A 106 23.97 -54.44 48.34
CA GLY A 106 25.33 -54.85 48.12
C GLY A 106 25.46 -56.36 48.06
N THR A 107 26.66 -56.80 47.65
CA THR A 107 26.96 -58.22 47.52
C THR A 107 28.45 -58.43 47.64
N LYS A 108 28.87 -59.24 48.61
CA LYS A 108 30.28 -59.55 48.78
C LYS A 108 30.70 -60.66 47.82
N VAL A 109 32.01 -60.79 47.65
CA VAL A 109 32.60 -61.79 46.76
C VAL A 109 33.71 -62.53 47.51
N GLU A 110 33.80 -63.83 47.30
CA GLU A 110 34.80 -64.67 47.92
C GLU A 110 35.63 -65.36 46.84
N ILE A 111 36.94 -65.40 47.04
CA ILE A 111 37.87 -65.99 46.10
C ILE A 111 38.42 -67.28 46.69
N LYS A 112 38.70 -68.24 45.82
CA LYS A 112 39.24 -69.53 46.22
C LYS A 112 40.66 -69.73 45.68
N GLN B 1 42.49 -38.02 33.29
CA GLN B 1 41.62 -38.31 34.47
C GLN B 1 41.65 -37.16 35.46
N VAL B 2 40.50 -36.89 36.08
CA VAL B 2 40.35 -35.81 37.04
C VAL B 2 39.92 -36.42 38.37
N GLN B 3 40.66 -36.09 39.43
CA GLN B 3 40.42 -36.65 40.76
C GLN B 3 39.91 -35.56 41.68
N LEU B 4 38.84 -35.85 42.41
CA LEU B 4 38.27 -34.92 43.38
C LEU B 4 38.81 -35.22 44.78
N GLN B 5 38.62 -34.25 45.67
CA GLN B 5 39.06 -34.38 47.06
C GLN B 5 38.00 -33.81 47.97
N GLU B 6 37.73 -34.52 49.07
CA GLU B 6 36.77 -34.07 50.07
C GLU B 6 37.48 -33.25 51.14
N SER B 7 36.72 -32.35 51.77
CA SER B 7 37.24 -31.49 52.81
C SER B 7 36.18 -31.29 53.88
N GLY B 8 36.62 -30.92 55.08
CA GLY B 8 35.73 -30.67 56.18
C GLY B 8 36.38 -31.00 57.51
N PRO B 9 35.81 -30.50 58.61
CA PRO B 9 36.40 -30.77 59.93
C PRO B 9 36.42 -32.26 60.23
N GLY B 10 37.50 -32.70 60.87
CA GLY B 10 37.62 -34.08 61.29
C GLY B 10 36.77 -34.37 62.52
N LEU B 11 37.11 -33.74 63.64
CA LEU B 11 36.35 -33.89 64.86
C LEU B 11 35.13 -32.98 64.83
N LEU B 12 33.97 -33.53 65.19
CA LEU B 12 32.72 -32.78 65.17
C LEU B 12 31.95 -33.06 66.45
N LYS B 13 31.10 -32.12 66.83
CA LYS B 13 30.30 -32.23 68.04
C LYS B 13 28.82 -32.41 67.70
N PRO B 14 28.05 -33.09 68.55
CA PRO B 14 26.63 -33.26 68.28
C PRO B 14 25.88 -31.93 68.29
N SER B 15 24.79 -31.88 67.53
CA SER B 15 23.92 -30.70 67.47
C SER B 15 24.70 -29.46 67.04
N GLU B 16 25.46 -29.60 65.95
CA GLU B 16 26.23 -28.51 65.39
C GLU B 16 26.02 -28.46 63.88
N THR B 17 26.14 -27.27 63.31
CA THR B 17 25.97 -27.08 61.88
C THR B 17 27.14 -27.71 61.14
N LEU B 18 26.91 -28.86 60.51
CA LEU B 18 27.95 -29.58 59.79
C LEU B 18 28.10 -28.98 58.40
N SER B 19 29.25 -28.39 58.13
CA SER B 19 29.56 -27.78 56.83
C SER B 19 30.64 -28.62 56.17
N LEU B 20 30.25 -29.42 55.18
CA LEU B 20 31.15 -30.27 54.43
C LEU B 20 31.34 -29.68 53.04
N THR B 21 32.60 -29.52 52.62
CA THR B 21 32.95 -28.90 51.36
C THR B 21 33.71 -29.89 50.49
N CYS B 22 33.31 -29.99 49.22
CA CYS B 22 34.00 -30.83 48.26
C CYS B 22 34.97 -29.96 47.46
N ALA B 23 36.26 -30.30 47.51
CA ALA B 23 37.29 -29.52 46.84
C ALA B 23 37.22 -29.81 45.34
N VAL B 24 36.59 -28.91 44.60
CA VAL B 24 36.48 -29.08 43.16
C VAL B 24 37.85 -28.92 42.52
N SER B 25 38.22 -29.87 41.66
CA SER B 25 39.53 -29.88 41.04
C SER B 25 39.53 -28.95 39.82
N GLY B 26 40.56 -29.07 38.99
CA GLY B 26 40.72 -28.21 37.82
C GLY B 26 39.46 -27.95 37.04
N VAL B 27 38.68 -29.00 36.79
CA VAL B 27 37.43 -28.83 36.05
C VAL B 27 36.52 -27.90 36.84
N SER B 28 36.09 -26.82 36.22
CA SER B 28 35.34 -25.77 36.89
C SER B 28 33.86 -26.15 37.00
N ILE B 29 33.10 -25.31 37.72
CA ILE B 29 31.68 -25.57 37.92
C ILE B 29 30.93 -25.51 36.59
N THR B 30 31.34 -24.63 35.69
CA THR B 30 30.63 -24.49 34.42
C THR B 30 30.59 -25.81 33.65
N SER B 31 31.54 -26.70 33.90
CA SER B 31 31.59 -27.99 33.22
C SER B 31 30.55 -28.94 33.85
N TYR B 32 30.76 -30.24 33.66
CA TYR B 32 29.87 -31.28 34.17
C TYR B 32 29.54 -31.04 35.63
N PRO B 33 28.27 -31.14 36.04
CA PRO B 33 27.89 -30.86 37.43
C PRO B 33 28.28 -32.02 38.35
N TRP B 34 28.00 -31.82 39.64
CA TRP B 34 28.35 -32.78 40.68
C TRP B 34 27.10 -33.26 41.41
N SER B 35 27.31 -34.07 42.45
CA SER B 35 26.23 -34.55 43.28
C SER B 35 26.83 -35.07 44.59
N TRP B 36 25.98 -35.18 45.61
CA TRP B 36 26.38 -35.64 46.93
C TRP B 36 25.79 -37.02 47.19
N ILE B 37 26.63 -37.93 47.67
CA ILE B 37 26.24 -39.30 47.95
C ILE B 37 26.61 -39.62 49.39
N ARG B 38 25.67 -40.21 50.13
CA ARG B 38 25.86 -40.54 51.54
C ARG B 38 26.15 -42.03 51.71
N GLN B 39 27.06 -42.34 52.62
CA GLN B 39 27.37 -43.70 53.02
C GLN B 39 26.90 -43.91 54.45
N SER B 40 26.64 -45.19 54.78
CA SER B 40 26.16 -45.52 56.12
C SER B 40 26.53 -46.95 56.48
N PRO B 41 27.37 -47.16 57.50
CA PRO B 41 27.67 -48.54 57.91
C PRO B 41 26.42 -49.24 58.43
N GLY B 42 26.35 -50.54 58.16
CA GLY B 42 25.20 -51.32 58.58
C GLY B 42 23.91 -50.98 57.86
N LYS B 43 23.99 -50.24 56.76
CA LYS B 43 22.80 -49.86 56.02
C LYS B 43 23.20 -49.53 54.59
N GLY B 44 22.21 -49.52 53.71
CA GLY B 44 22.47 -49.20 52.32
C GLY B 44 22.78 -47.74 52.11
N LEU B 45 23.36 -47.44 50.94
CA LEU B 45 23.71 -46.07 50.62
C LEU B 45 22.46 -45.22 50.50
N GLU B 46 22.61 -43.93 50.84
CA GLU B 46 21.51 -42.98 50.81
C GLU B 46 21.89 -41.77 49.96
N TRP B 47 20.88 -41.13 49.38
CA TRP B 47 21.07 -40.02 48.47
C TRP B 47 20.92 -38.70 49.23
N ILE B 48 21.71 -37.70 48.82
CA ILE B 48 21.68 -36.37 49.41
C ILE B 48 21.03 -35.37 48.47
N GLY B 49 21.59 -35.18 47.29
CA GLY B 49 21.03 -34.25 46.33
C GLY B 49 21.97 -34.04 45.17
N ARG B 50 21.43 -33.37 44.14
CA ARG B 50 22.18 -33.04 42.95
C ARG B 50 22.50 -31.55 42.95
N ILE B 51 23.22 -31.12 41.91
CA ILE B 51 23.53 -29.71 41.70
C ILE B 51 23.78 -29.50 40.21
N PHE B 52 23.70 -28.24 39.78
CA PHE B 52 23.90 -27.90 38.39
C PHE B 52 24.76 -26.64 38.30
N THR B 53 25.32 -26.41 37.12
CA THR B 53 26.17 -25.22 36.91
C THR B 53 25.41 -23.95 37.26
N VAL B 54 24.12 -23.89 36.95
CA VAL B 54 23.27 -22.74 37.25
C VAL B 54 22.30 -23.04 38.38
N GLY B 55 22.47 -24.17 39.07
CA GLY B 55 21.53 -24.53 40.12
C GLY B 55 20.15 -24.72 39.53
N GLY B 56 19.17 -24.02 40.10
CA GLY B 56 17.81 -24.07 39.59
C GLY B 56 17.00 -25.21 40.19
N HIS B 57 16.84 -26.29 39.43
CA HIS B 57 16.07 -27.43 39.91
C HIS B 57 16.66 -27.97 41.20
N THR B 58 17.88 -28.50 41.14
CA THR B 58 18.61 -28.99 42.31
C THR B 58 17.71 -29.88 43.17
N ASP B 59 17.32 -31.00 42.59
CA ASP B 59 16.44 -31.94 43.29
C ASP B 59 17.18 -32.59 44.45
N LEU B 60 16.48 -32.73 45.57
CA LEU B 60 17.00 -33.36 46.78
C LEU B 60 16.05 -34.46 47.24
N ASN B 61 16.51 -35.28 48.16
CA ASN B 61 15.69 -36.36 48.69
C ASN B 61 14.52 -35.77 49.49
N PRO B 62 13.29 -36.22 49.26
CA PRO B 62 12.17 -35.70 50.06
C PRO B 62 12.33 -35.92 51.55
N SER B 63 12.99 -37.01 51.96
CA SER B 63 13.11 -37.30 53.39
C SER B 63 13.86 -36.19 54.12
N LEU B 64 14.94 -35.69 53.54
CA LEU B 64 15.76 -34.64 54.14
C LEU B 64 15.61 -33.32 53.39
N LYS B 65 14.44 -33.09 52.77
CA LYS B 65 14.25 -31.89 51.98
C LYS B 65 14.37 -30.63 52.83
N SER B 66 13.81 -30.65 54.04
CA SER B 66 13.75 -29.48 54.89
C SER B 66 14.94 -29.36 55.83
N ARG B 67 15.92 -30.25 55.75
CA ARG B 67 17.06 -30.23 56.66
C ARG B 67 18.38 -29.94 55.96
N VAL B 68 18.64 -30.54 54.80
CA VAL B 68 19.90 -30.36 54.09
C VAL B 68 19.72 -29.32 52.99
N THR B 69 20.82 -28.67 52.62
CA THR B 69 20.82 -27.65 51.59
C THR B 69 22.12 -27.73 50.81
N ILE B 70 22.03 -27.43 49.51
CA ILE B 70 23.17 -27.46 48.60
C ILE B 70 23.35 -26.07 48.02
N ALA B 71 24.59 -25.57 48.06
CA ALA B 71 24.92 -24.25 47.54
C ALA B 71 26.16 -24.34 46.66
N ARG B 72 26.25 -23.41 45.71
CA ARG B 72 27.37 -23.36 44.78
C ARG B 72 27.97 -21.96 44.78
N ASP B 73 29.23 -21.87 44.39
CA ASP B 73 29.96 -20.60 44.35
C ASP B 73 31.00 -20.70 43.26
N SER B 74 30.77 -20.01 42.14
CA SER B 74 31.71 -20.05 41.03
C SER B 74 33.06 -19.45 41.42
N SER B 75 33.04 -18.31 42.13
CA SER B 75 34.29 -17.66 42.50
C SER B 75 35.14 -18.55 43.41
N ARG B 76 34.51 -19.18 44.40
CA ARG B 76 35.24 -20.05 45.31
C ARG B 76 35.58 -21.40 44.68
N ASN B 77 34.89 -21.78 43.60
CA ASN B 77 35.12 -23.07 42.95
C ASN B 77 34.96 -24.22 43.95
N GLN B 78 33.87 -24.17 44.72
CA GLN B 78 33.60 -25.18 45.74
C GLN B 78 32.11 -25.36 45.87
N VAL B 79 31.72 -26.53 46.37
CA VAL B 79 30.33 -26.85 46.67
C VAL B 79 30.26 -27.34 48.12
N SER B 80 29.31 -26.80 48.87
CA SER B 80 29.21 -27.07 50.30
C SER B 80 27.83 -27.61 50.64
N LEU B 81 27.76 -28.35 51.74
CA LEU B 81 26.52 -28.93 52.25
C LEU B 81 26.31 -28.45 53.67
N ILE B 82 25.09 -27.99 53.97
CA ILE B 82 24.73 -27.49 55.29
C ILE B 82 23.80 -28.51 55.94
N LEU B 83 24.17 -29.00 57.11
CA LEU B 83 23.39 -29.98 57.84
C LEU B 83 23.39 -29.65 59.32
N ARG B 84 22.22 -29.77 59.95
CA ARG B 84 22.07 -29.58 61.38
C ARG B 84 21.16 -30.66 61.92
N SER B 85 21.01 -30.69 63.25
CA SER B 85 20.20 -31.70 63.93
C SER B 85 20.70 -33.10 63.58
N VAL B 86 21.94 -33.37 63.98
CA VAL B 86 22.57 -34.64 63.62
C VAL B 86 21.82 -35.80 64.27
N THR B 87 22.06 -36.99 63.74
CA THR B 87 21.47 -38.22 64.22
C THR B 87 22.56 -39.17 64.70
N ALA B 88 22.16 -40.27 65.34
CA ALA B 88 23.12 -41.23 65.86
C ALA B 88 23.90 -41.92 64.73
N ALA B 89 23.28 -42.06 63.56
CA ALA B 89 23.89 -42.76 62.44
C ALA B 89 24.60 -41.82 61.47
N ASP B 90 25.08 -40.68 61.96
CA ASP B 90 25.81 -39.73 61.13
C ASP B 90 27.31 -40.01 61.07
N THR B 91 27.81 -40.96 61.85
CA THR B 91 29.22 -41.34 61.82
C THR B 91 29.43 -42.30 60.66
N ALA B 92 29.59 -41.72 59.48
CA ALA B 92 29.75 -42.50 58.25
C ALA B 92 30.64 -41.70 57.29
N LEU B 93 30.63 -42.08 56.02
CA LEU B 93 31.47 -41.48 55.00
C LEU B 93 30.62 -40.73 54.00
N TYR B 94 31.15 -39.60 53.51
CA TYR B 94 30.49 -38.77 52.51
C TYR B 94 31.32 -38.80 51.23
N TYR B 95 30.66 -38.97 50.09
CA TYR B 95 31.32 -39.08 48.81
C TYR B 95 30.85 -37.98 47.87
N CYS B 96 31.78 -37.45 47.09
CA CYS B 96 31.52 -36.36 46.15
C CYS B 96 31.99 -36.79 44.77
N ALA B 97 31.09 -36.73 43.78
CA ALA B 97 31.39 -37.21 42.44
C ALA B 97 30.57 -36.41 41.43
N ARG B 98 30.93 -36.55 40.16
CA ARG B 98 30.29 -35.82 39.07
C ARG B 98 29.61 -36.79 38.11
N VAL B 99 28.94 -36.23 37.11
CA VAL B 99 28.15 -36.98 36.14
C VAL B 99 28.83 -36.82 34.77
N PRO B 100 29.53 -37.85 34.26
CA PRO B 100 30.24 -37.68 32.99
C PRO B 100 29.35 -37.43 31.79
N PHE B 101 28.39 -38.32 31.55
CA PHE B 101 27.70 -38.38 30.27
C PHE B 101 26.46 -37.48 30.23
N TYR B 102 26.05 -37.16 29.01
CA TYR B 102 24.84 -36.38 28.78
C TYR B 102 24.11 -36.96 27.58
N TRP B 103 22.83 -36.59 27.44
CA TRP B 103 22.00 -37.10 26.35
C TRP B 103 20.87 -36.12 26.11
N ASN B 104 20.83 -35.55 24.91
CA ASN B 104 19.82 -34.56 24.57
C ASN B 104 19.73 -34.44 23.05
N ASN B 105 18.70 -33.73 22.59
CA ASN B 105 18.52 -33.43 21.18
C ASN B 105 17.65 -32.19 21.08
N LYS B 106 17.15 -31.93 19.86
CA LYS B 106 16.35 -30.73 19.61
C LYS B 106 14.89 -30.87 20.02
N SER B 107 14.46 -32.07 20.42
CA SER B 107 13.06 -32.31 20.75
C SER B 107 12.81 -32.51 22.24
N TRP B 108 13.78 -33.02 22.99
CA TRP B 108 13.60 -33.31 24.41
C TRP B 108 13.62 -32.00 25.18
N TYR B 109 12.43 -31.45 25.45
CA TYR B 109 12.29 -30.24 26.24
C TYR B 109 13.11 -29.07 25.67
N GLY B 110 13.26 -29.05 24.35
CA GLY B 110 13.96 -27.95 23.70
C GLY B 110 15.40 -27.80 24.12
N GLY B 111 16.18 -28.87 24.02
CA GLY B 111 17.59 -28.80 24.33
C GLY B 111 17.95 -29.03 25.78
N ALA B 112 17.02 -29.51 26.59
CA ALA B 112 17.32 -29.75 28.00
C ALA B 112 18.42 -30.82 28.13
N TYR B 113 19.29 -30.63 29.11
CA TYR B 113 20.41 -31.52 29.34
C TYR B 113 20.03 -32.58 30.36
N GLN B 114 20.25 -33.85 30.03
CA GLN B 114 19.95 -34.97 30.90
C GLN B 114 21.26 -35.65 31.30
N TRP B 115 21.48 -35.79 32.60
CA TRP B 115 22.68 -36.41 33.15
C TRP B 115 22.29 -37.66 33.91
N TYR B 116 22.98 -38.77 33.63
CA TYR B 116 22.67 -40.04 34.29
C TYR B 116 23.99 -40.82 34.42
N ALA B 117 24.67 -40.62 35.55
CA ALA B 117 25.89 -41.38 35.84
C ALA B 117 26.45 -40.89 37.17
N LEU B 118 27.50 -41.58 37.61
CA LEU B 118 28.32 -41.14 38.74
C LEU B 118 29.78 -41.37 38.37
N ASP B 119 30.57 -40.31 38.41
CA ASP B 119 31.97 -40.38 37.99
C ASP B 119 32.80 -40.99 39.13
N SER B 120 34.12 -40.90 39.01
CA SER B 120 35.00 -41.44 40.04
C SER B 120 34.69 -40.80 41.38
N TRP B 121 34.57 -41.64 42.40
CA TRP B 121 34.20 -41.19 43.73
C TRP B 121 35.42 -40.62 44.45
N GLY B 122 35.16 -39.89 45.54
CA GLY B 122 36.22 -39.31 46.33
C GLY B 122 36.78 -40.28 47.35
N GLN B 123 37.72 -39.77 48.15
CA GLN B 123 38.37 -40.58 49.16
C GLN B 123 37.51 -40.81 50.39
N GLY B 124 36.41 -40.08 50.54
CA GLY B 124 35.54 -40.22 51.69
C GLY B 124 35.95 -39.29 52.83
N VAL B 125 35.01 -39.10 53.76
CA VAL B 125 35.22 -38.25 54.92
C VAL B 125 35.06 -39.11 56.18
N ALA B 126 36.07 -39.07 57.03
CA ALA B 126 36.05 -39.79 58.29
C ALA B 126 35.71 -38.82 59.41
N VAL B 127 34.68 -39.15 60.19
CA VAL B 127 34.19 -38.27 61.25
C VAL B 127 34.08 -39.08 62.54
N THR B 128 34.12 -38.37 63.66
CA THR B 128 33.99 -38.96 65.00
C THR B 128 33.18 -37.98 65.85
N VAL B 129 31.88 -38.21 65.94
CA VAL B 129 30.98 -37.34 66.68
C VAL B 129 30.76 -37.98 68.05
N SER B 130 31.24 -37.32 69.10
CA SER B 130 31.13 -37.81 70.47
C SER B 130 31.29 -36.62 71.42
N SER B 131 31.44 -36.93 72.70
CA SER B 131 31.62 -35.89 73.71
C SER B 131 33.07 -35.40 73.72
N LEU C 9 17.29 -30.45 -31.15
CA LEU C 9 17.94 -29.49 -30.27
C LEU C 9 16.97 -28.35 -29.92
N GLY C 10 17.06 -27.88 -28.67
CA GLY C 10 16.21 -26.80 -28.21
C GLY C 10 16.95 -25.80 -27.36
N PHE C 11 16.32 -25.33 -26.29
CA PHE C 11 16.93 -24.36 -25.39
C PHE C 11 18.08 -25.02 -24.64
N LEU C 12 19.31 -24.62 -24.96
CA LEU C 12 20.51 -25.21 -24.38
C LEU C 12 20.53 -26.72 -24.58
N GLY C 13 20.13 -27.16 -25.78
CA GLY C 13 20.06 -28.56 -26.09
C GLY C 13 21.37 -29.21 -26.45
N ALA C 14 22.46 -28.43 -26.54
CA ALA C 14 23.78 -28.97 -26.83
C ALA C 14 24.85 -28.31 -25.97
N ALA C 15 24.46 -27.83 -24.78
CA ALA C 15 25.42 -27.14 -23.92
C ALA C 15 26.58 -28.06 -23.54
N GLY C 16 26.28 -29.31 -23.19
CA GLY C 16 27.32 -30.25 -22.82
C GLY C 16 28.00 -30.95 -23.98
N SER C 17 27.56 -30.71 -25.20
CA SER C 17 28.15 -31.35 -26.36
C SER C 17 29.46 -30.66 -26.74
N THR C 18 30.14 -31.25 -27.72
CA THR C 18 31.39 -30.68 -28.19
C THR C 18 31.16 -29.26 -28.72
N MET C 19 32.10 -28.37 -28.40
CA MET C 19 31.94 -26.98 -28.80
C MET C 19 31.91 -26.82 -30.31
N GLY C 20 32.54 -27.74 -31.05
CA GLY C 20 32.51 -27.66 -32.50
C GLY C 20 31.09 -27.75 -33.04
N ALA C 21 30.30 -28.68 -32.52
CA ALA C 21 28.91 -28.79 -32.93
C ALA C 21 28.04 -27.71 -32.31
N ALA C 22 28.38 -27.26 -31.09
CA ALA C 22 27.60 -26.22 -30.45
C ALA C 22 27.64 -24.92 -31.25
N SER C 23 28.80 -24.57 -31.79
CA SER C 23 28.94 -23.36 -32.59
C SER C 23 28.14 -23.41 -33.87
N MET C 24 27.67 -24.58 -34.29
CA MET C 24 26.91 -24.69 -35.53
C MET C 24 25.64 -23.83 -35.47
N THR C 25 24.93 -23.87 -34.35
CA THR C 25 23.72 -23.10 -34.17
C THR C 25 23.82 -22.30 -32.87
N LEU C 26 23.52 -21.00 -32.95
CA LEU C 26 23.54 -20.12 -31.79
C LEU C 26 22.23 -19.38 -31.56
N THR C 27 21.41 -19.20 -32.59
CA THR C 27 20.15 -18.48 -32.41
C THR C 27 19.22 -19.19 -31.44
N VAL C 28 19.26 -20.52 -31.43
CA VAL C 28 18.40 -21.27 -30.52
C VAL C 28 18.72 -20.93 -29.07
N GLN C 29 20.01 -20.73 -28.76
CA GLN C 29 20.40 -20.31 -27.42
C GLN C 29 20.11 -18.84 -27.16
N ALA C 30 19.81 -18.06 -28.20
CA ALA C 30 19.52 -16.64 -28.05
C ALA C 30 18.05 -16.29 -28.20
N ARG C 31 17.19 -17.27 -28.54
CA ARG C 31 15.77 -16.98 -28.72
C ARG C 31 15.10 -16.69 -27.38
N ASN C 32 15.14 -17.64 -26.45
CA ASN C 32 14.52 -17.49 -25.15
C ASN C 32 15.45 -16.73 -24.20
N LEU C 33 15.78 -15.51 -24.60
CA LEU C 33 16.63 -14.63 -23.82
C LEU C 33 15.95 -13.34 -23.38
N LEU C 34 14.87 -12.92 -24.05
CA LEU C 34 14.13 -11.72 -23.70
C LEU C 34 12.71 -12.00 -23.25
N SER C 35 12.04 -12.96 -23.86
CA SER C 35 10.66 -13.28 -23.51
C SER C 35 10.61 -14.03 -22.16
N THR C 58 -2.24 -6.97 -5.16
CA THR C 58 -1.31 -6.52 -6.18
C THR C 58 0.13 -6.67 -5.72
N VAL C 59 0.34 -7.55 -4.74
CA VAL C 59 1.69 -7.77 -4.22
C VAL C 59 2.58 -8.39 -5.30
N TRP C 60 2.06 -9.37 -6.03
CA TRP C 60 2.86 -10.03 -7.06
C TRP C 60 3.22 -9.08 -8.20
N GLY C 61 2.49 -7.97 -8.35
CA GLY C 61 2.81 -7.04 -9.42
C GLY C 61 4.22 -6.50 -9.31
N ILE C 62 4.66 -6.18 -8.09
CA ILE C 62 6.01 -5.67 -7.90
C ILE C 62 7.03 -6.73 -8.30
N LYS C 63 6.80 -7.99 -7.90
CA LYS C 63 7.73 -9.05 -8.23
C LYS C 63 7.85 -9.24 -9.74
N GLN C 64 6.70 -9.25 -10.44
CA GLN C 64 6.72 -9.43 -11.88
C GLN C 64 7.46 -8.29 -12.58
N LEU C 65 7.19 -7.06 -12.18
CA LEU C 65 7.84 -5.91 -12.80
C LEU C 65 9.34 -5.92 -12.52
N GLN C 66 9.74 -6.23 -11.29
CA GLN C 66 11.15 -6.23 -10.94
C GLN C 66 11.93 -7.23 -11.78
N ALA C 67 11.38 -8.44 -11.95
CA ALA C 67 12.07 -9.46 -12.74
C ALA C 67 12.19 -9.03 -14.21
N ARG C 68 11.13 -8.46 -14.77
CA ARG C 68 11.16 -8.08 -16.18
C ARG C 68 12.21 -7.02 -16.44
N VAL C 69 12.29 -6.01 -15.58
CA VAL C 69 13.28 -4.95 -15.78
C VAL C 69 14.69 -5.51 -15.65
N LEU C 70 14.92 -6.38 -14.67
CA LEU C 70 16.25 -6.97 -14.51
C LEU C 70 16.63 -7.82 -15.72
N ALA C 71 15.68 -8.59 -16.25
CA ALA C 71 15.99 -9.46 -17.38
C ALA C 71 16.36 -8.65 -18.61
N VAL C 72 15.56 -7.64 -18.94
CA VAL C 72 15.84 -6.83 -20.13
C VAL C 72 17.13 -6.05 -19.96
N GLU C 73 17.42 -5.60 -18.73
CA GLU C 73 18.63 -4.82 -18.51
C GLU C 73 19.88 -5.62 -18.87
N ARG C 74 19.92 -6.91 -18.51
CA ARG C 74 21.08 -7.73 -18.84
C ARG C 74 21.24 -7.86 -20.35
N TYR C 75 20.13 -8.03 -21.07
CA TYR C 75 20.21 -8.19 -22.52
C TYR C 75 20.84 -6.97 -23.18
N LEU C 76 20.45 -5.78 -22.76
CA LEU C 76 21.02 -4.57 -23.33
C LEU C 76 22.50 -4.42 -22.98
N ARG C 77 22.89 -4.88 -21.79
CA ARG C 77 24.28 -4.75 -21.39
C ARG C 77 25.20 -5.52 -22.34
N ASP C 78 24.81 -6.73 -22.73
CA ASP C 78 25.63 -7.51 -23.66
C ASP C 78 25.76 -6.81 -25.01
N GLN C 79 24.65 -6.26 -25.53
CA GLN C 79 24.71 -5.55 -26.80
C GLN C 79 25.63 -4.34 -26.72
N GLN C 80 25.54 -3.60 -25.62
CA GLN C 80 26.43 -2.44 -25.45
C GLN C 80 27.88 -2.87 -25.46
N LEU C 81 28.20 -3.98 -24.78
CA LEU C 81 29.56 -4.50 -24.79
C LEU C 81 29.98 -4.88 -26.21
N LEU C 82 29.08 -5.53 -26.96
CA LEU C 82 29.37 -5.89 -28.34
C LEU C 82 29.29 -4.69 -29.28
N GLY C 83 28.42 -3.72 -28.97
CA GLY C 83 28.23 -2.60 -29.86
C GLY C 83 29.49 -1.78 -30.07
N ILE C 84 30.22 -1.50 -28.99
CA ILE C 84 31.42 -0.69 -29.08
C ILE C 84 32.51 -1.32 -29.92
N TRP C 85 32.46 -2.64 -30.12
CA TRP C 85 33.43 -3.32 -30.96
C TRP C 85 33.08 -3.15 -32.43
N GLY C 86 33.84 -3.81 -33.30
CA GLY C 86 33.63 -3.69 -34.73
C GLY C 86 32.57 -4.61 -35.27
N CYS C 87 31.42 -4.66 -34.61
CA CYS C 87 30.32 -5.54 -35.01
C CYS C 87 29.12 -5.25 -34.14
N SER C 88 27.93 -5.42 -34.72
CA SER C 88 26.69 -5.06 -34.05
C SER C 88 25.83 -6.28 -33.74
N GLY C 89 25.50 -7.09 -34.74
CA GLY C 89 24.65 -8.25 -34.53
C GLY C 89 25.08 -9.47 -35.28
N LYS C 90 26.26 -9.42 -35.90
CA LYS C 90 26.78 -10.56 -36.65
C LYS C 90 26.97 -11.78 -35.76
N LEU C 91 27.13 -11.58 -34.45
CA LEU C 91 27.31 -12.65 -33.46
C LEU C 91 28.42 -13.63 -33.82
N ILE C 92 29.23 -13.31 -34.82
CA ILE C 92 30.54 -13.92 -35.02
C ILE C 92 31.48 -12.80 -35.38
N CYS C 93 32.23 -12.31 -34.41
CA CYS C 93 32.91 -11.03 -34.51
C CYS C 93 34.41 -11.29 -34.64
N CYS C 94 34.87 -11.45 -35.87
CA CYS C 94 36.30 -11.60 -36.12
C CYS C 94 37.00 -10.27 -35.80
N THR C 95 38.12 -10.36 -35.09
CA THR C 95 38.88 -9.19 -34.67
C THR C 95 40.36 -9.42 -34.93
N ASN C 96 41.07 -8.33 -35.17
CA ASN C 96 42.49 -8.39 -35.54
C ASN C 96 43.43 -8.23 -34.35
N VAL C 97 42.91 -8.20 -33.13
CA VAL C 97 43.75 -8.00 -31.95
C VAL C 97 44.67 -9.20 -31.78
N PRO C 98 45.84 -9.05 -31.19
CA PRO C 98 46.73 -10.20 -30.99
C PRO C 98 46.20 -11.14 -29.94
N TRP C 99 46.84 -12.31 -29.83
CA TRP C 99 46.45 -13.33 -28.89
C TRP C 99 47.71 -13.92 -28.26
N ASN C 100 47.88 -13.72 -26.96
CA ASN C 100 49.05 -14.23 -26.26
C ASN C 100 49.01 -15.76 -26.24
N SER C 101 50.17 -16.37 -26.50
CA SER C 101 50.24 -17.83 -26.54
C SER C 101 50.16 -18.43 -25.14
N SER C 102 50.66 -17.72 -24.12
CA SER C 102 50.67 -18.26 -22.77
C SER C 102 49.26 -18.47 -22.24
N TRP C 103 48.29 -17.70 -22.72
CA TRP C 103 46.92 -17.83 -22.20
C TRP C 103 46.35 -19.22 -22.47
N SER C 104 46.57 -19.75 -23.68
CA SER C 104 46.05 -21.05 -24.06
C SER C 104 47.09 -22.16 -23.97
N ASN C 105 48.31 -21.89 -24.46
CA ASN C 105 49.40 -22.86 -24.43
C ASN C 105 48.94 -24.26 -24.84
N ARG C 106 48.10 -24.33 -25.87
CA ARG C 106 47.61 -25.62 -26.37
C ARG C 106 47.38 -25.51 -27.87
N ASN C 107 47.44 -26.66 -28.54
CA ASN C 107 47.24 -26.70 -29.98
C ASN C 107 45.78 -26.48 -30.34
N LEU C 108 45.55 -25.98 -31.55
CA LEU C 108 44.20 -25.67 -32.00
C LEU C 108 43.35 -26.94 -32.14
N SER C 109 43.98 -28.06 -32.48
CA SER C 109 43.21 -29.28 -32.77
C SER C 109 42.42 -29.74 -31.56
N GLU C 110 43.04 -29.73 -30.38
CA GLU C 110 42.41 -30.30 -29.20
C GLU C 110 41.32 -29.42 -28.61
N ILE C 111 41.29 -28.13 -28.94
CA ILE C 111 40.36 -27.20 -28.34
C ILE C 111 39.16 -26.92 -29.25
N TRP C 112 38.90 -27.81 -30.22
CA TRP C 112 37.77 -27.63 -31.11
C TRP C 112 37.02 -28.92 -31.42
N ASP C 113 37.38 -30.04 -30.81
CA ASP C 113 36.77 -31.33 -31.12
C ASP C 113 36.13 -32.01 -29.93
N ASN C 114 36.77 -31.97 -28.76
CA ASN C 114 36.31 -32.72 -27.59
C ASN C 114 35.93 -31.83 -26.41
N MET C 115 36.76 -30.84 -26.08
CA MET C 115 36.50 -30.02 -24.90
C MET C 115 35.16 -29.32 -25.04
N THR C 116 34.35 -29.38 -23.97
CA THR C 116 33.07 -28.71 -23.95
C THR C 116 33.23 -27.25 -23.55
N TRP C 117 32.19 -26.46 -23.81
CA TRP C 117 32.25 -25.04 -23.50
C TRP C 117 32.34 -24.79 -22.00
N LEU C 118 31.65 -25.60 -21.20
CA LEU C 118 31.66 -25.39 -19.75
C LEU C 118 33.07 -25.50 -19.19
N GLN C 119 33.84 -26.51 -19.65
CA GLN C 119 35.21 -26.66 -19.18
C GLN C 119 36.06 -25.46 -19.61
N TRP C 120 35.83 -24.96 -20.83
CA TRP C 120 36.63 -23.83 -21.32
C TRP C 120 36.44 -22.60 -20.45
N ASP C 121 35.21 -22.33 -20.03
CA ASP C 121 34.95 -21.13 -19.22
C ASP C 121 35.73 -21.19 -17.91
N LYS C 122 35.75 -22.35 -17.26
CA LYS C 122 36.49 -22.48 -16.01
C LYS C 122 37.98 -22.24 -16.22
N GLU C 123 38.50 -22.59 -17.40
CA GLU C 123 39.92 -22.42 -17.66
C GLU C 123 40.32 -20.96 -17.85
N ILE C 124 39.37 -20.09 -18.18
CA ILE C 124 39.67 -18.67 -18.39
C ILE C 124 39.00 -17.84 -17.32
N SER C 125 38.78 -18.43 -16.15
CA SER C 125 38.17 -17.69 -15.05
C SER C 125 39.03 -16.50 -14.65
N ASN C 126 40.34 -16.70 -14.52
CA ASN C 126 41.22 -15.59 -14.20
C ASN C 126 41.40 -14.64 -15.37
N TYR C 127 41.26 -15.15 -16.61
CA TYR C 127 41.44 -14.34 -17.81
C TYR C 127 40.14 -13.60 -18.12
N THR C 128 39.83 -12.62 -17.29
CA THR C 128 38.65 -11.79 -17.45
C THR C 128 39.02 -10.34 -17.20
N GLN C 129 38.28 -9.43 -17.84
CA GLN C 129 38.48 -7.98 -17.78
C GLN C 129 39.77 -7.55 -18.44
N ILE C 130 40.56 -8.46 -19.00
CA ILE C 130 41.79 -8.10 -19.70
C ILE C 130 41.70 -8.41 -21.19
N ILE C 131 40.94 -9.42 -21.60
CA ILE C 131 40.74 -9.68 -23.02
C ILE C 131 39.88 -8.59 -23.64
N TYR C 132 38.85 -8.14 -22.90
CA TYR C 132 37.99 -7.09 -23.42
C TYR C 132 38.77 -5.80 -23.66
N GLY C 133 39.69 -5.47 -22.74
CA GLY C 133 40.46 -4.25 -22.89
C GLY C 133 41.24 -4.21 -24.19
N LEU C 134 41.81 -5.36 -24.59
CA LEU C 134 42.54 -5.40 -25.85
C LEU C 134 41.64 -5.10 -27.03
N LEU C 135 40.43 -5.67 -27.03
CA LEU C 135 39.51 -5.44 -28.16
C LEU C 135 39.15 -3.97 -28.28
N GLU C 136 38.83 -3.32 -27.16
CA GLU C 136 38.37 -1.93 -27.22
C GLU C 136 39.49 -1.01 -27.70
N GLU C 137 40.68 -1.14 -27.13
CA GLU C 137 41.78 -0.24 -27.48
C GLU C 137 42.16 -0.39 -28.95
N SER C 138 42.21 -1.62 -29.46
CA SER C 138 42.59 -1.83 -30.85
C SER C 138 41.51 -1.31 -31.80
N GLN C 139 40.24 -1.60 -31.52
CA GLN C 139 39.17 -1.14 -32.41
C GLN C 139 39.12 0.38 -32.47
N ASN C 140 39.22 1.03 -31.31
CA ASN C 140 39.20 2.50 -31.30
C ASN C 140 40.42 3.06 -32.04
N GLN C 141 41.59 2.44 -31.86
CA GLN C 141 42.78 2.91 -32.56
C GLN C 141 42.60 2.79 -34.06
N GLN C 142 42.02 1.69 -34.53
CA GLN C 142 41.76 1.52 -35.96
C GLN C 142 40.58 2.37 -36.43
N GLU C 143 39.76 2.87 -35.50
CA GLU C 143 38.62 3.68 -35.90
C GLU C 143 39.05 4.96 -36.61
N LYS C 144 40.00 5.69 -36.02
CA LYS C 144 40.52 6.89 -36.68
C LYS C 144 41.26 6.53 -37.96
N ASN C 145 41.99 5.43 -37.97
CA ASN C 145 42.68 5.00 -39.18
C ASN C 145 41.70 4.66 -40.30
N GLU C 146 40.46 4.33 -39.98
CA GLU C 146 39.44 4.04 -40.97
C GLU C 146 38.64 5.27 -41.37
N GLN C 147 38.98 6.44 -40.83
CA GLN C 147 38.31 7.69 -41.17
C GLN C 147 39.22 8.66 -41.92
N ASP C 148 40.51 8.68 -41.60
CA ASP C 148 41.43 9.58 -42.29
C ASP C 148 41.54 9.23 -43.77
N LEU C 149 41.59 7.93 -44.09
CA LEU C 149 41.75 7.50 -45.47
C LEU C 149 40.59 7.96 -46.36
N LEU C 150 39.42 8.20 -45.77
CA LEU C 150 38.27 8.63 -46.58
C LEU C 150 38.54 9.96 -47.25
N ALA C 151 39.18 10.89 -46.54
CA ALA C 151 39.46 12.20 -47.12
C ALA C 151 40.35 12.07 -48.36
N LEU C 152 41.38 11.22 -48.29
CA LEU C 152 42.28 11.01 -49.42
C LEU C 152 42.34 9.53 -49.78
N ASP D 1 3.82 54.73 33.78
CA ASP D 1 3.89 56.16 34.22
C ASP D 1 5.24 56.44 34.90
N ILE D 2 6.09 57.20 34.22
CA ILE D 2 7.40 57.56 34.73
C ILE D 2 7.64 59.03 34.45
N VAL D 3 8.38 59.69 35.35
CA VAL D 3 8.65 61.12 35.27
C VAL D 3 10.06 61.33 34.75
N MET D 4 10.20 62.25 33.81
CA MET D 4 11.49 62.60 33.22
C MET D 4 12.04 63.86 33.87
N THR D 5 13.36 64.02 33.78
CA THR D 5 14.05 65.20 34.29
C THR D 5 14.91 65.78 33.18
N GLN D 6 14.80 67.09 32.97
CA GLN D 6 15.56 67.80 31.95
C GLN D 6 16.54 68.75 32.61
N ILE D 7 17.81 68.65 32.23
CA ILE D 7 18.86 69.50 32.78
C ILE D 7 19.80 69.91 31.65
N PRO D 8 20.18 71.19 31.53
CA PRO D 8 19.73 72.35 32.31
C PRO D 8 18.35 72.84 31.89
N VAL D 9 17.60 73.42 32.83
CA VAL D 9 16.28 73.95 32.51
C VAL D 9 16.39 75.18 31.62
N SER D 10 17.29 76.09 31.95
CA SER D 10 17.51 77.31 31.20
C SER D 10 18.95 77.33 30.70
N LEU D 11 19.12 77.55 29.40
CA LEU D 11 20.43 77.53 28.76
C LEU D 11 20.64 78.83 27.99
N SER D 12 21.79 79.46 28.20
CA SER D 12 22.20 80.63 27.45
C SER D 12 23.55 80.35 26.81
N VAL D 13 23.64 80.57 25.49
CA VAL D 13 24.85 80.23 24.75
C VAL D 13 25.01 81.22 23.60
N THR D 14 26.24 81.68 23.40
CA THR D 14 26.56 82.52 22.26
C THR D 14 26.61 81.68 20.98
N PRO D 15 26.23 82.26 19.84
CA PRO D 15 26.38 81.52 18.57
C PRO D 15 27.83 81.11 18.36
N GLY D 16 28.01 79.88 17.86
CA GLY D 16 29.32 79.32 17.69
C GLY D 16 29.88 78.60 18.90
N GLU D 17 29.17 78.64 20.03
CA GLU D 17 29.62 77.96 21.24
C GLU D 17 28.83 76.67 21.40
N PRO D 18 29.46 75.49 21.31
CA PRO D 18 28.70 74.25 21.50
C PRO D 18 28.03 74.19 22.85
N ALA D 19 26.84 73.58 22.89
CA ALA D 19 26.07 73.43 24.11
C ALA D 19 25.63 71.99 24.25
N SER D 20 25.42 71.56 25.49
CA SER D 20 25.04 70.19 25.81
C SER D 20 23.82 70.20 26.73
N ILE D 21 22.93 69.23 26.52
CA ILE D 21 21.74 69.05 27.34
C ILE D 21 21.64 67.58 27.72
N SER D 22 20.93 67.32 28.81
CA SER D 22 20.80 65.97 29.35
C SER D 22 19.36 65.68 29.72
N CYS D 23 18.97 64.43 29.52
CA CYS D 23 17.67 63.91 29.95
C CYS D 23 17.89 62.64 30.75
N SER D 24 17.17 62.51 31.86
CA SER D 24 17.37 61.40 32.78
C SER D 24 16.05 60.70 33.04
N SER D 25 16.15 59.41 33.41
CA SER D 25 14.98 58.60 33.71
C SER D 25 15.34 57.62 34.82
N SER D 26 14.31 57.20 35.56
CA SER D 26 14.52 56.22 36.63
C SER D 26 14.62 54.81 36.07
N GLN D 27 13.54 54.33 35.45
CA GLN D 27 13.55 53.01 34.83
C GLN D 27 14.41 53.03 33.58
N SER D 28 15.21 51.97 33.41
CA SER D 28 16.05 51.87 32.23
C SER D 28 15.21 51.83 30.97
N LEU D 29 15.69 52.47 29.91
CA LEU D 29 14.95 52.60 28.66
C LEU D 29 15.36 51.54 27.63
N GLN D 30 15.93 50.43 28.10
CA GLN D 30 16.31 49.33 27.21
C GLN D 30 15.10 48.44 26.99
N HIS D 31 14.53 48.50 25.78
CA HIS D 31 13.36 47.70 25.47
C HIS D 31 13.70 46.21 25.54
N ILE D 32 12.65 45.40 25.64
CA ILE D 32 12.83 43.95 25.75
C ILE D 32 13.44 43.45 24.44
N SER D 33 14.71 43.06 24.49
CA SER D 33 15.42 42.53 23.32
C SER D 33 15.29 43.48 22.13
N GLY D 34 15.43 44.78 22.40
CA GLY D 34 15.32 45.78 21.35
C GLY D 34 16.27 46.95 21.54
N TYR D 35 15.88 48.11 21.04
CA TYR D 35 16.67 49.33 21.12
C TYR D 35 16.12 50.21 22.24
N THR D 36 16.66 51.43 22.34
CA THR D 36 16.21 52.42 23.30
C THR D 36 15.44 53.49 22.54
N TYR D 37 14.17 53.68 22.89
CA TYR D 37 13.29 54.64 22.22
C TYR D 37 13.41 55.98 22.92
N LEU D 38 13.97 56.97 22.22
CA LEU D 38 14.07 58.32 22.76
C LEU D 38 14.28 59.29 21.60
N ASP D 39 13.55 60.40 21.62
CA ASP D 39 13.62 61.38 20.55
C ASP D 39 13.64 62.78 21.15
N TRP D 40 14.23 63.72 20.41
CA TRP D 40 14.29 65.12 20.79
C TRP D 40 13.47 65.93 19.81
N TYR D 41 12.59 66.77 20.33
CA TYR D 41 11.70 67.60 19.53
C TYR D 41 11.99 69.07 19.79
N LEU D 42 11.94 69.87 18.74
CA LEU D 42 12.13 71.32 18.82
C LEU D 42 10.79 72.01 18.70
N GLN D 43 10.48 72.86 19.68
CA GLN D 43 9.21 73.60 19.72
C GLN D 43 9.52 75.06 19.42
N LYS D 44 9.55 75.40 18.14
CA LYS D 44 9.74 76.79 17.74
C LYS D 44 8.42 77.55 17.88
N PRO D 45 8.37 78.63 18.66
CA PRO D 45 7.11 79.36 18.81
C PRO D 45 6.57 79.81 17.46
N GLY D 46 5.27 79.59 17.25
CA GLY D 46 4.64 79.97 16.01
C GLY D 46 4.88 79.05 14.85
N GLN D 47 5.54 77.91 15.07
CA GLN D 47 5.87 76.96 14.01
C GLN D 47 5.47 75.56 14.46
N SER D 48 5.52 74.62 13.52
CA SER D 48 5.11 73.24 13.80
C SER D 48 6.26 72.45 14.42
N PRO D 49 6.01 71.65 15.45
CA PRO D 49 7.08 70.81 15.99
C PRO D 49 7.58 69.81 14.96
N GLN D 50 8.85 69.45 15.08
CA GLN D 50 9.48 68.50 14.18
C GLN D 50 10.31 67.50 14.97
N LEU D 51 10.51 66.33 14.37
CA LEU D 51 11.35 65.28 14.93
C LEU D 51 12.75 65.39 14.34
N LEU D 52 13.76 65.39 15.20
CA LEU D 52 15.14 65.61 14.78
C LEU D 52 16.06 64.44 15.06
N ILE D 53 15.88 63.71 16.15
CA ILE D 53 16.73 62.60 16.53
C ILE D 53 15.86 61.37 16.77
N SER D 54 16.25 60.24 16.18
CA SER D 54 15.52 58.99 16.28
C SER D 54 16.31 57.98 17.08
N ARG D 55 15.64 56.90 17.47
CA ARG D 55 16.25 55.85 18.28
C ARG D 55 17.05 56.44 19.43
N VAL D 56 18.38 56.44 19.33
CA VAL D 56 19.22 57.10 20.33
C VAL D 56 20.21 58.04 19.63
N SER D 57 20.62 57.68 18.42
CA SER D 57 21.54 58.49 17.64
C SER D 57 21.11 58.70 16.20
N GLY D 58 20.24 57.87 15.66
CA GLY D 58 19.85 57.97 14.28
C GLY D 58 19.24 59.31 13.93
N ARG D 59 19.78 59.95 12.90
CA ARG D 59 19.28 61.23 12.42
C ARG D 59 18.36 60.97 11.24
N ALA D 60 17.06 61.26 11.41
CA ALA D 60 16.08 60.92 10.40
C ALA D 60 16.37 61.64 9.09
N SER D 61 16.23 62.96 9.07
CA SER D 61 16.41 63.74 7.85
C SER D 61 16.30 65.22 8.21
N GLY D 62 16.59 66.07 7.24
CA GLY D 62 16.40 67.50 7.38
C GLY D 62 17.67 68.21 7.81
N VAL D 63 17.54 69.12 8.76
CA VAL D 63 18.63 69.96 9.24
C VAL D 63 19.72 69.22 10.00
N PRO D 64 19.47 68.05 10.65
CA PRO D 64 20.43 67.60 11.67
C PRO D 64 21.82 67.30 11.16
N ASP D 65 22.54 68.34 10.76
CA ASP D 65 23.99 68.33 10.68
C ASP D 65 24.63 69.01 11.88
N ARG D 66 23.80 69.47 12.83
CA ARG D 66 24.26 70.15 14.03
C ARG D 66 23.90 69.44 15.32
N PHE D 67 22.91 68.55 15.31
CA PHE D 67 22.49 67.82 16.49
C PHE D 67 23.07 66.41 16.45
N SER D 68 23.65 65.98 17.57
CA SER D 68 24.25 64.65 17.65
C SER D 68 24.25 64.22 19.11
N GLY D 69 23.47 63.20 19.43
CA GLY D 69 23.41 62.65 20.77
C GLY D 69 23.61 61.15 20.75
N SER D 70 24.29 60.65 21.77
CA SER D 70 24.62 59.23 21.87
C SER D 70 24.70 58.85 23.35
N GLY D 71 25.21 57.66 23.61
CA GLY D 71 25.33 57.15 24.96
C GLY D 71 24.31 56.07 25.26
N SER D 72 24.65 55.19 26.20
CA SER D 72 23.75 54.10 26.56
C SER D 72 22.43 54.64 27.11
N GLY D 73 22.50 55.65 27.97
CA GLY D 73 21.31 56.30 28.47
C GLY D 73 21.26 56.44 29.98
N THR D 74 20.13 56.06 30.57
CA THR D 74 19.87 56.28 31.99
C THR D 74 19.84 57.79 32.25
N ASP D 75 21.00 58.44 32.17
CA ASP D 75 21.07 59.90 32.11
C ASP D 75 21.42 60.26 30.67
N PHE D 76 20.38 60.30 29.83
CA PHE D 76 20.59 60.53 28.41
C PHE D 76 21.15 61.93 28.15
N MET D 77 21.96 62.03 27.10
CA MET D 77 22.65 63.27 26.78
C MET D 77 22.52 63.54 25.28
N LEU D 78 22.61 64.83 24.94
CA LEU D 78 22.60 65.28 23.55
C LEU D 78 23.64 66.38 23.40
N LYS D 79 24.33 66.39 22.26
CA LYS D 79 25.38 67.35 22.00
C LYS D 79 25.12 68.09 20.70
N ILE D 80 25.54 69.35 20.66
CA ILE D 80 25.39 70.21 19.49
C ILE D 80 26.77 70.62 19.03
N SER D 81 27.07 70.37 17.75
CA SER D 81 28.37 70.75 17.20
C SER D 81 28.50 72.27 17.11
N ARG D 82 27.46 72.93 16.61
CA ARG D 82 27.46 74.38 16.49
C ARG D 82 26.03 74.88 16.60
N VAL D 83 25.88 76.10 17.13
CA VAL D 83 24.57 76.70 17.34
C VAL D 83 24.31 77.69 16.22
N GLU D 84 23.22 77.50 15.51
CA GLU D 84 22.84 78.36 14.39
C GLU D 84 21.70 79.29 14.79
N ALA D 85 21.49 80.32 13.99
CA ALA D 85 20.49 81.34 14.30
C ALA D 85 19.07 80.77 14.33
N GLU D 86 18.86 79.59 13.75
CA GLU D 86 17.55 78.96 13.72
C GLU D 86 17.36 77.96 14.86
N ASP D 87 18.26 77.95 15.84
CA ASP D 87 18.18 77.04 16.98
C ASP D 87 17.36 77.62 18.13
N VAL D 88 16.44 78.54 17.85
CA VAL D 88 15.63 79.15 18.88
C VAL D 88 14.35 78.35 19.05
N GLY D 89 14.03 78.01 20.28
CA GLY D 89 12.83 77.24 20.57
C GLY D 89 12.94 76.59 21.94
N ILE D 90 12.03 75.63 22.16
CA ILE D 90 11.97 74.88 23.41
C ILE D 90 12.18 73.40 23.09
N TYR D 91 13.10 72.78 23.81
CA TYR D 91 13.41 71.38 23.59
C TYR D 91 12.39 70.48 24.27
N TYR D 92 12.45 69.19 23.95
CA TYR D 92 11.55 68.21 24.55
C TYR D 92 12.22 66.84 24.54
N CYS D 93 12.00 66.09 25.61
CA CYS D 93 12.53 64.74 25.78
C CYS D 93 11.38 63.76 25.92
N MET D 94 11.40 62.71 25.12
CA MET D 94 10.32 61.74 25.07
C MET D 94 10.87 60.34 25.31
N GLN D 95 10.14 59.57 26.12
CA GLN D 95 10.47 58.17 26.37
C GLN D 95 9.25 57.32 26.06
N GLY D 96 9.47 56.24 25.31
CA GLY D 96 8.38 55.38 24.90
C GLY D 96 8.66 53.91 25.19
N THR D 97 9.21 53.61 26.36
CA THR D 97 9.75 52.29 26.62
C THR D 97 8.70 51.20 26.42
N GLN D 98 7.69 51.10 27.30
CA GLN D 98 6.63 50.12 27.11
C GLN D 98 5.24 50.74 27.07
N LEU D 99 4.75 51.33 28.16
CA LEU D 99 3.34 51.68 28.25
C LEU D 99 2.99 53.06 27.71
N PRO D 100 3.57 54.14 28.25
CA PRO D 100 2.91 55.44 28.16
C PRO D 100 3.24 56.26 26.91
N PHE D 101 4.43 56.07 26.36
CA PHE D 101 4.93 56.97 25.32
C PHE D 101 4.83 58.43 25.78
N SER D 102 5.22 58.66 27.04
CA SER D 102 5.10 59.96 27.66
C SER D 102 6.24 60.87 27.20
N PHE D 103 6.18 62.13 27.62
CA PHE D 103 7.15 63.15 27.25
C PHE D 103 7.87 63.65 28.50
N GLY D 104 8.70 64.68 28.33
CA GLY D 104 9.43 65.30 29.41
C GLY D 104 8.83 66.63 29.82
N GLN D 105 9.69 67.52 30.32
CA GLN D 105 9.27 68.84 30.77
C GLN D 105 9.55 69.91 29.73
N GLY D 106 10.80 70.01 29.28
CA GLY D 106 11.20 71.01 28.30
C GLY D 106 12.41 71.80 28.77
N THR D 107 12.95 72.58 27.82
CA THR D 107 14.13 73.39 28.10
C THR D 107 14.15 74.55 27.11
N LYS D 108 14.16 75.78 27.64
CA LYS D 108 14.23 76.96 26.80
C LYS D 108 15.68 77.24 26.41
N VAL D 109 15.84 78.09 25.39
CA VAL D 109 17.15 78.46 24.88
C VAL D 109 17.20 79.97 24.74
N GLU D 110 18.35 80.55 25.07
CA GLU D 110 18.57 81.99 24.98
C GLU D 110 19.75 82.27 24.05
N ILE D 111 19.59 83.27 23.19
CA ILE D 111 20.61 83.64 22.23
C ILE D 111 21.22 84.97 22.65
N LYS D 112 22.50 85.14 22.34
CA LYS D 112 23.23 86.36 22.67
C LYS D 112 23.67 87.08 21.39
N GLN E 1 6.82 65.66 0.91
CA GLN E 1 6.34 65.90 2.30
C GLN E 1 4.81 65.90 2.35
N VAL E 2 4.26 65.37 3.44
CA VAL E 2 2.83 65.28 3.64
C VAL E 2 2.48 66.04 4.91
N GLN E 3 1.53 66.98 4.80
CA GLN E 3 1.14 67.85 5.90
C GLN E 3 -0.28 67.49 6.34
N LEU E 4 -0.47 67.34 7.65
CA LEU E 4 -1.77 67.05 8.23
C LEU E 4 -2.44 68.34 8.69
N GLN E 5 -3.76 68.25 8.91
CA GLN E 5 -4.54 69.37 9.36
C GLN E 5 -5.53 68.91 10.43
N GLU E 6 -5.65 69.70 11.49
CA GLU E 6 -6.59 69.41 12.56
C GLU E 6 -7.93 70.08 12.29
N SER E 7 -8.99 69.50 12.83
CA SER E 7 -10.34 70.01 12.66
C SER E 7 -11.13 69.80 13.95
N GLY E 8 -12.19 70.60 14.10
CA GLY E 8 -13.04 70.51 15.26
C GLY E 8 -13.64 71.85 15.62
N PRO E 9 -14.71 71.85 16.43
CA PRO E 9 -15.35 73.11 16.80
C PRO E 9 -14.39 74.03 17.53
N GLY E 10 -14.48 75.33 17.24
CA GLY E 10 -13.69 76.32 17.92
C GLY E 10 -14.20 76.59 19.33
N LEU E 11 -15.41 77.14 19.41
CA LEU E 11 -16.04 77.41 20.70
C LEU E 11 -16.67 76.13 21.23
N LEU E 12 -16.43 75.84 22.51
CA LEU E 12 -16.95 74.63 23.14
C LEU E 12 -17.50 74.99 24.51
N LYS E 13 -18.44 74.16 24.97
CA LYS E 13 -19.10 74.38 26.26
C LYS E 13 -18.67 73.30 27.25
N PRO E 14 -18.66 73.61 28.55
CA PRO E 14 -18.30 72.59 29.54
C PRO E 14 -19.31 71.45 29.57
N SER E 15 -18.82 70.28 29.97
CA SER E 15 -19.67 69.09 30.13
C SER E 15 -20.39 68.75 28.82
N GLU E 16 -19.62 68.71 27.74
CA GLU E 16 -20.14 68.36 26.43
C GLU E 16 -19.21 67.35 25.77
N THR E 17 -19.79 66.52 24.90
CA THR E 17 -19.02 65.49 24.18
C THR E 17 -18.12 66.17 23.16
N LEU E 18 -16.82 66.23 23.46
CA LEU E 18 -15.85 66.87 22.58
C LEU E 18 -15.44 65.88 21.49
N SER E 19 -15.77 66.20 20.24
CA SER E 19 -15.44 65.37 19.09
C SER E 19 -14.41 66.13 18.25
N LEU E 20 -13.16 65.69 18.34
CA LEU E 20 -12.06 66.30 17.59
C LEU E 20 -11.63 65.35 16.48
N THR E 21 -11.58 65.86 15.26
CA THR E 21 -11.28 65.08 14.08
C THR E 21 -9.99 65.57 13.44
N CYS E 22 -9.10 64.65 13.11
CA CYS E 22 -7.85 64.97 12.41
C CYS E 22 -8.06 64.72 10.92
N ALA E 23 -7.88 65.77 10.12
CA ALA E 23 -8.09 65.68 8.67
C ALA E 23 -6.93 64.93 8.05
N VAL E 24 -7.14 63.65 7.74
CA VAL E 24 -6.10 62.85 7.13
C VAL E 24 -5.87 63.32 5.70
N SER E 25 -4.61 63.56 5.35
CA SER E 25 -4.25 64.08 4.04
C SER E 25 -4.21 62.94 3.03
N GLY E 26 -3.63 63.20 1.86
CA GLY E 26 -3.57 62.23 0.78
C GLY E 26 -3.23 60.81 1.21
N VAL E 27 -2.22 60.67 2.07
CA VAL E 27 -1.84 59.34 2.55
C VAL E 27 -3.02 58.73 3.29
N SER E 28 -3.45 57.56 2.83
CA SER E 28 -4.66 56.94 3.35
C SER E 28 -4.38 56.21 4.66
N ILE E 29 -5.46 55.70 5.28
CA ILE E 29 -5.32 55.00 6.56
C ILE E 29 -4.50 53.72 6.39
N THR E 30 -4.63 53.04 5.25
CA THR E 30 -3.91 51.79 5.05
C THR E 30 -2.41 51.98 5.21
N SER E 31 -1.90 53.19 4.99
CA SER E 31 -0.48 53.47 5.10
C SER E 31 -0.10 53.60 6.57
N TYR E 32 1.02 54.27 6.83
CA TYR E 32 1.54 54.49 8.17
C TYR E 32 0.44 54.99 9.11
N PRO E 33 0.31 54.42 10.31
CA PRO E 33 -0.77 54.81 11.22
C PRO E 33 -0.47 56.16 11.88
N TRP E 34 -1.41 56.61 12.70
CA TRP E 34 -1.34 57.90 13.36
C TRP E 34 -1.38 57.72 14.88
N SER E 35 -1.42 58.85 15.59
CA SER E 35 -1.53 58.85 17.04
C SER E 35 -1.97 60.23 17.49
N TRP E 36 -2.49 60.30 18.71
CA TRP E 36 -2.99 61.54 19.29
C TRP E 36 -2.06 61.97 20.42
N ILE E 37 -1.68 63.25 20.41
CA ILE E 37 -0.78 63.84 21.40
C ILE E 37 -1.46 65.05 22.01
N ARG E 38 -1.42 65.13 23.33
CA ARG E 38 -2.06 66.21 24.07
C ARG E 38 -1.04 67.24 24.54
N GLN E 39 -1.41 68.51 24.45
CA GLN E 39 -0.62 69.61 24.97
C GLN E 39 -1.32 70.22 26.17
N SER E 40 -0.55 70.86 27.05
CA SER E 40 -1.10 71.46 28.26
C SER E 40 -0.24 72.61 28.73
N PRO E 41 -0.75 73.85 28.74
CA PRO E 41 0.04 74.96 29.27
C PRO E 41 0.30 74.78 30.75
N GLY E 42 1.49 75.22 31.18
CA GLY E 42 1.87 75.08 32.57
C GLY E 42 2.10 73.66 33.02
N LYS E 43 2.22 72.71 32.09
CA LYS E 43 2.45 71.31 32.43
C LYS E 43 3.08 70.62 31.24
N GLY E 44 3.67 69.45 31.51
CA GLY E 44 4.29 68.69 30.46
C GLY E 44 3.27 68.05 29.53
N LEU E 45 3.75 67.63 28.35
CA LEU E 45 2.88 67.01 27.38
C LEU E 45 2.34 65.69 27.91
N GLU E 46 1.13 65.34 27.48
CA GLU E 46 0.45 64.13 27.91
C GLU E 46 0.03 63.32 26.70
N TRP E 47 -0.06 62.00 26.89
CA TRP E 47 -0.36 61.07 25.82
C TRP E 47 -1.84 60.74 25.81
N ILE E 48 -2.39 60.55 24.62
CA ILE E 48 -3.80 60.20 24.43
C ILE E 48 -3.96 58.74 24.02
N GLY E 49 -3.38 58.35 22.90
CA GLY E 49 -3.48 56.97 22.44
C GLY E 49 -2.95 56.84 21.03
N ARG E 50 -2.79 55.58 20.64
CA ARG E 50 -2.33 55.22 19.30
C ARG E 50 -3.50 54.71 18.47
N ILE E 51 -3.21 54.38 17.20
CA ILE E 51 -4.18 53.78 16.30
C ILE E 51 -3.41 53.00 15.24
N PHE E 52 -4.11 52.09 14.58
CA PHE E 52 -3.52 51.25 13.55
C PHE E 52 -4.47 51.16 12.36
N THR E 53 -3.92 50.75 11.22
CA THR E 53 -4.74 50.61 10.02
C THR E 53 -5.93 49.68 10.27
N VAL E 54 -5.71 48.62 11.04
CA VAL E 54 -6.77 47.66 11.38
C VAL E 54 -7.20 47.80 12.84
N GLY E 55 -6.78 48.86 13.52
CA GLY E 55 -7.12 49.01 14.92
C GLY E 55 -6.55 47.86 15.72
N GLY E 56 -7.41 47.19 16.47
CA GLY E 56 -7.00 46.03 17.24
C GLY E 56 -6.45 46.39 18.61
N HIS E 57 -5.13 46.38 18.75
CA HIS E 57 -4.52 46.71 20.04
C HIS E 57 -4.93 48.10 20.50
N THR E 58 -4.54 49.12 19.76
CA THR E 58 -4.93 50.51 20.03
C THR E 58 -4.74 50.85 21.51
N ASP E 59 -3.48 50.79 21.95
CA ASP E 59 -3.17 51.08 23.34
C ASP E 59 -3.43 52.54 23.67
N LEU E 60 -4.00 52.79 24.85
CA LEU E 60 -4.30 54.13 25.33
C LEU E 60 -3.69 54.30 26.72
N ASN E 61 -3.66 55.53 27.20
CA ASN E 61 -3.12 55.81 28.52
C ASN E 61 -4.03 55.20 29.58
N PRO E 62 -3.49 54.48 30.57
CA PRO E 62 -4.36 53.93 31.63
C PRO E 62 -5.13 54.99 32.38
N SER E 63 -4.57 56.19 32.54
CA SER E 63 -5.24 57.23 33.32
C SER E 63 -6.60 57.59 32.72
N LEU E 64 -6.66 57.73 31.40
CA LEU E 64 -7.89 58.09 30.70
C LEU E 64 -8.43 56.91 29.89
N LYS E 65 -8.17 55.69 30.34
CA LYS E 65 -8.60 54.51 29.59
C LYS E 65 -10.12 54.45 29.46
N SER E 66 -10.83 54.79 30.53
CA SER E 66 -12.28 54.65 30.56
C SER E 66 -13.02 55.90 30.12
N ARG E 67 -12.31 56.94 29.70
CA ARG E 67 -12.94 58.21 29.31
C ARG E 67 -12.79 58.54 27.85
N VAL E 68 -11.60 58.35 27.27
CA VAL E 68 -11.35 58.70 25.88
C VAL E 68 -11.45 57.45 25.02
N THR E 69 -11.76 57.64 23.74
CA THR E 69 -11.90 56.56 22.79
C THR E 69 -11.39 57.01 21.43
N ILE E 70 -10.80 56.07 20.70
CA ILE E 70 -10.25 56.34 19.37
C ILE E 70 -10.97 55.44 18.37
N ALA E 71 -11.44 56.03 17.26
CA ALA E 71 -12.15 55.30 16.22
C ALA E 71 -11.57 55.67 14.86
N ARG E 72 -11.69 54.74 13.92
CA ARG E 72 -11.20 54.93 12.56
C ARG E 72 -12.31 54.64 11.57
N ASP E 73 -12.17 55.21 10.38
CA ASP E 73 -13.16 55.03 9.31
C ASP E 73 -12.44 55.16 7.97
N SER E 74 -12.26 54.03 7.29
CA SER E 74 -11.56 54.05 6.01
C SER E 74 -12.33 54.87 4.97
N SER E 75 -13.65 54.70 4.92
CA SER E 75 -14.45 55.41 3.92
C SER E 75 -14.36 56.91 4.12
N ARG E 76 -14.48 57.37 5.37
CA ARG E 76 -14.39 58.81 5.65
C ARG E 76 -12.98 59.34 5.58
N ASN E 77 -11.97 58.47 5.69
CA ASN E 77 -10.57 58.88 5.68
C ASN E 77 -10.31 59.90 6.78
N GLN E 78 -10.78 59.59 7.98
CA GLN E 78 -10.62 60.49 9.12
C GLN E 78 -10.51 59.66 10.40
N VAL E 79 -9.90 60.28 11.42
CA VAL E 79 -9.78 59.68 12.74
C VAL E 79 -10.32 60.70 13.74
N SER E 80 -11.18 60.23 14.66
CA SER E 80 -11.86 61.10 15.60
C SER E 80 -11.61 60.63 17.02
N LEU E 81 -11.72 61.59 17.95
CA LEU E 81 -11.55 61.34 19.38
C LEU E 81 -12.81 61.77 20.10
N ILE E 82 -13.30 60.90 20.99
CA ILE E 82 -14.51 61.16 21.77
C ILE E 82 -14.09 61.40 23.21
N LEU E 83 -14.47 62.56 23.75
CA LEU E 83 -14.13 62.94 25.12
C LEU E 83 -15.33 63.61 25.77
N ARG E 84 -15.58 63.25 27.03
CA ARG E 84 -16.62 63.86 27.82
C ARG E 84 -16.09 64.10 29.23
N SER E 85 -16.90 64.77 30.05
CA SER E 85 -16.51 65.12 31.42
C SER E 85 -15.23 65.94 31.42
N VAL E 86 -15.32 67.12 30.80
CA VAL E 86 -14.13 67.96 30.64
C VAL E 86 -13.63 68.41 32.01
N THR E 87 -12.37 68.84 32.03
CA THR E 87 -11.70 69.34 33.22
C THR E 87 -11.33 70.80 33.03
N ALA E 88 -10.82 71.42 34.09
CA ALA E 88 -10.44 72.82 34.02
C ALA E 88 -9.24 73.04 33.12
N ALA E 89 -8.36 72.04 33.01
CA ALA E 89 -7.12 72.16 32.23
C ALA E 89 -7.29 71.62 30.81
N ASP E 90 -8.50 71.66 30.27
CA ASP E 90 -8.74 71.20 28.90
C ASP E 90 -8.55 72.29 27.86
N THR E 91 -8.32 73.54 28.28
CA THR E 91 -8.08 74.64 27.35
C THR E 91 -6.60 74.59 26.95
N ALA E 92 -6.30 73.74 25.98
CA ALA E 92 -4.94 73.54 25.51
C ALA E 92 -4.99 73.19 24.02
N LEU E 93 -3.89 72.66 23.50
CA LEU E 93 -3.75 72.34 22.09
C LEU E 93 -3.67 70.84 21.89
N TYR E 94 -4.25 70.36 20.80
CA TYR E 94 -4.24 68.95 20.43
C TYR E 94 -3.45 68.79 19.14
N TYR E 95 -2.57 67.79 19.09
CA TYR E 95 -1.68 67.56 17.96
C TYR E 95 -1.94 66.18 17.38
N CYS E 96 -1.90 66.09 16.05
CA CYS E 96 -2.14 64.85 15.32
C CYS E 96 -0.95 64.59 14.40
N ALA E 97 -0.35 63.41 14.53
CA ALA E 97 0.86 63.08 13.78
C ALA E 97 0.91 61.58 13.54
N ARG E 98 1.80 61.17 12.65
CA ARG E 98 1.96 59.77 12.26
C ARG E 98 3.34 59.25 12.64
N VAL E 99 3.56 57.97 12.39
CA VAL E 99 4.78 57.27 12.76
C VAL E 99 5.49 56.87 11.46
N PRO E 100 6.58 57.55 11.07
CA PRO E 100 7.23 57.22 9.79
C PRO E 100 7.83 55.83 9.73
N PHE E 101 8.71 55.50 10.67
CA PHE E 101 9.60 54.35 10.52
C PHE E 101 8.97 53.07 11.09
N TYR E 102 9.49 51.94 10.62
CA TYR E 102 9.08 50.63 11.08
C TYR E 102 10.32 49.75 11.22
N TRP E 103 10.17 48.65 11.96
CA TRP E 103 11.29 47.75 12.20
C TRP E 103 10.73 46.37 12.53
N ASN E 104 11.04 45.38 11.70
CA ASN E 104 10.54 44.03 11.88
C ASN E 104 11.40 43.06 11.09
N ASN E 105 11.19 41.77 11.35
CA ASN E 105 11.84 40.70 10.61
C ASN E 105 10.98 39.45 10.71
N LYS E 106 11.56 38.31 10.34
CA LYS E 106 10.83 37.05 10.33
C LYS E 106 10.74 36.39 11.69
N SER E 107 11.43 36.91 12.71
CA SER E 107 11.47 36.30 14.02
C SER E 107 10.69 37.07 15.08
N TRP E 108 10.58 38.39 14.96
CA TRP E 108 9.91 39.21 15.96
C TRP E 108 8.41 39.01 15.84
N TYR E 109 7.86 38.11 16.64
CA TYR E 109 6.42 37.86 16.71
C TYR E 109 5.85 37.51 15.33
N GLY E 110 6.65 36.85 14.50
CA GLY E 110 6.20 36.41 13.19
C GLY E 110 5.74 37.52 12.29
N GLY E 111 6.60 38.50 12.05
CA GLY E 111 6.29 39.58 11.14
C GLY E 111 5.54 40.75 11.74
N ALA E 112 5.43 40.83 13.05
CA ALA E 112 4.74 41.94 13.68
C ALA E 112 5.44 43.25 13.34
N TYR E 113 4.64 44.31 13.14
CA TYR E 113 5.14 45.62 12.78
C TYR E 113 5.34 46.46 14.03
N GLN E 114 6.52 47.04 14.18
CA GLN E 114 6.85 47.90 15.31
C GLN E 114 7.07 49.32 14.81
N TRP E 115 6.35 50.27 15.41
CA TRP E 115 6.44 51.68 15.04
C TRP E 115 6.95 52.47 16.23
N TYR E 116 7.96 53.32 16.00
CA TYR E 116 8.54 54.12 17.08
C TYR E 116 9.01 55.44 16.48
N ALA E 117 8.11 56.44 16.49
CA ALA E 117 8.48 57.77 16.03
C ALA E 117 7.23 58.66 16.12
N LEU E 118 7.45 59.95 15.85
CA LEU E 118 6.37 60.90 15.66
C LEU E 118 6.72 61.78 14.46
N ASP E 119 5.84 61.80 13.47
CA ASP E 119 6.10 62.52 12.23
C ASP E 119 5.83 64.01 12.46
N SER E 120 5.79 64.78 11.36
CA SER E 120 5.52 66.21 11.47
C SER E 120 4.19 66.45 12.17
N TRP E 121 4.20 67.37 13.13
CA TRP E 121 3.02 67.64 13.93
C TRP E 121 2.08 68.58 13.19
N GLY E 122 0.84 68.65 13.67
CA GLY E 122 -0.16 69.51 13.07
C GLY E 122 -0.07 70.94 13.58
N GLN E 123 -1.00 71.77 13.09
CA GLN E 123 -1.03 73.18 13.47
C GLN E 123 -1.59 73.41 14.86
N GLY E 124 -2.21 72.40 15.47
CA GLY E 124 -2.80 72.55 16.78
C GLY E 124 -4.25 73.01 16.72
N VAL E 125 -4.95 72.82 17.84
CA VAL E 125 -6.35 73.19 17.97
C VAL E 125 -6.46 74.21 19.08
N ALA E 126 -7.06 75.36 18.77
CA ALA E 126 -7.30 76.41 19.74
C ALA E 126 -8.75 76.34 20.20
N VAL E 127 -8.95 76.26 21.52
CA VAL E 127 -10.27 76.11 22.11
C VAL E 127 -10.45 77.16 23.19
N THR E 128 -11.71 77.46 23.48
CA THR E 128 -12.08 78.42 24.52
C THR E 128 -13.35 77.89 25.19
N VAL E 129 -13.19 77.19 26.30
CA VAL E 129 -14.29 76.60 27.04
C VAL E 129 -14.67 77.57 28.16
N SER E 130 -15.88 78.11 28.09
CA SER E 130 -16.35 79.08 29.08
C SER E 130 -17.86 79.23 28.91
N SER E 131 -18.46 79.98 29.82
CA SER E 131 -19.90 80.22 29.78
C SER E 131 -20.29 80.96 28.50
N LEU F 9 42.55 8.85 -17.52
CA LEU F 9 41.23 9.29 -17.91
C LEU F 9 40.17 8.31 -17.44
N GLY F 10 39.01 8.83 -17.03
CA GLY F 10 37.92 8.00 -16.58
C GLY F 10 36.58 8.48 -17.08
N PHE F 11 35.57 8.44 -16.22
CA PHE F 11 34.22 8.87 -16.59
C PHE F 11 34.22 10.38 -16.79
N LEU F 12 34.06 10.82 -18.04
CA LEU F 12 34.10 12.23 -18.39
C LEU F 12 35.40 12.87 -17.91
N GLY F 13 36.51 12.14 -18.08
CA GLY F 13 37.80 12.61 -17.64
C GLY F 13 38.47 13.60 -18.56
N ALA F 14 37.88 13.88 -19.72
CA ALA F 14 38.43 14.86 -20.66
C ALA F 14 37.33 15.72 -21.26
N ALA F 15 36.23 15.92 -20.52
CA ALA F 15 35.12 16.70 -21.04
C ALA F 15 35.54 18.13 -21.35
N GLY F 16 36.31 18.75 -20.45
CA GLY F 16 36.78 20.10 -20.66
C GLY F 16 38.01 20.24 -21.52
N SER F 17 38.61 19.13 -21.92
CA SER F 17 39.82 19.16 -22.74
C SER F 17 39.47 19.47 -24.19
N THR F 18 40.52 19.68 -24.99
CA THR F 18 40.32 19.97 -26.41
C THR F 18 39.56 18.82 -27.07
N MET F 19 38.63 19.18 -27.96
CA MET F 19 37.80 18.16 -28.61
C MET F 19 38.64 17.20 -29.45
N GLY F 20 39.79 17.66 -29.95
CA GLY F 20 40.65 16.78 -30.73
C GLY F 20 41.11 15.59 -29.92
N ALA F 21 41.53 15.82 -28.68
CA ALA F 21 41.94 14.72 -27.81
C ALA F 21 40.74 13.98 -27.25
N ALA F 22 39.62 14.66 -27.04
CA ALA F 22 38.43 13.99 -26.53
C ALA F 22 37.93 12.92 -27.49
N SER F 23 37.95 13.22 -28.79
CA SER F 23 37.50 12.25 -29.79
C SER F 23 38.38 11.02 -29.86
N MET F 24 39.57 11.06 -29.26
CA MET F 24 40.47 9.90 -29.31
C MET F 24 39.82 8.68 -28.68
N THR F 25 39.16 8.86 -27.53
CA THR F 25 38.49 7.78 -26.83
C THR F 25 37.06 8.19 -26.54
N LEU F 26 36.12 7.30 -26.87
CA LEU F 26 34.70 7.53 -26.62
C LEU F 26 34.03 6.43 -25.82
N THR F 27 34.58 5.21 -25.81
CA THR F 27 33.96 4.13 -25.06
C THR F 27 33.93 4.42 -23.58
N VAL F 28 34.95 5.09 -23.06
CA VAL F 28 34.99 5.40 -21.63
C VAL F 28 33.80 6.26 -21.23
N GLN F 29 33.41 7.20 -22.11
CA GLN F 29 32.23 8.01 -21.87
C GLN F 29 30.93 7.24 -22.09
N ALA F 30 30.99 6.08 -22.71
CA ALA F 30 29.80 5.27 -22.98
C ALA F 30 29.70 4.04 -22.09
N ARG F 31 30.69 3.75 -21.26
CA ARG F 31 30.63 2.57 -20.40
C ARG F 31 29.59 2.74 -19.31
N ASN F 32 29.75 3.77 -18.46
CA ASN F 32 28.83 4.01 -17.36
C ASN F 32 27.60 4.78 -17.85
N LEU F 33 26.90 4.18 -18.80
CA LEU F 33 25.69 4.75 -19.37
C LEU F 33 24.44 3.90 -19.13
N LEU F 34 24.59 2.62 -18.84
CA LEU F 34 23.47 1.73 -18.58
C LEU F 34 23.45 1.18 -17.17
N SER F 35 24.62 0.87 -16.60
CA SER F 35 24.69 0.32 -15.25
C SER F 35 24.42 1.40 -14.21
N THR F 58 8.74 -0.97 1.68
CA THR F 58 9.01 -1.15 0.26
C THR F 58 8.78 0.15 -0.51
N VAL F 59 8.83 1.28 0.20
CA VAL F 59 8.62 2.57 -0.44
C VAL F 59 9.73 2.85 -1.43
N TRP F 60 10.98 2.59 -1.06
CA TRP F 60 12.11 2.85 -1.94
C TRP F 60 12.09 1.97 -3.19
N GLY F 61 11.34 0.86 -3.17
CA GLY F 61 11.28 0.02 -4.35
C GLY F 61 10.73 0.74 -5.56
N ILE F 62 9.70 1.56 -5.36
CA ILE F 62 9.14 2.32 -6.47
C ILE F 62 10.17 3.29 -7.03
N LYS F 63 10.90 3.98 -6.14
CA LYS F 63 11.90 4.93 -6.61
C LYS F 63 12.99 4.25 -7.41
N GLN F 64 13.47 3.10 -6.93
CA GLN F 64 14.53 2.39 -7.64
C GLN F 64 14.06 1.93 -9.01
N LEU F 65 12.86 1.36 -9.07
CA LEU F 65 12.34 0.88 -10.35
C LEU F 65 12.11 2.03 -11.33
N GLN F 66 11.57 3.14 -10.84
CA GLN F 66 11.29 4.27 -11.72
C GLN F 66 12.56 4.81 -12.35
N ALA F 67 13.62 4.94 -11.55
CA ALA F 67 14.89 5.45 -12.09
C ALA F 67 15.47 4.49 -13.13
N ARG F 68 15.44 3.19 -12.85
CA ARG F 68 16.02 2.23 -13.77
C ARG F 68 15.33 2.26 -15.12
N VAL F 69 14.00 2.30 -15.12
CA VAL F 69 13.26 2.32 -16.39
C VAL F 69 13.57 3.59 -17.16
N LEU F 70 13.61 4.73 -16.47
CA LEU F 70 13.91 5.99 -17.14
C LEU F 70 15.31 5.98 -17.74
N ALA F 71 16.28 5.44 -17.00
CA ALA F 71 17.66 5.42 -17.49
C ALA F 71 17.80 4.57 -18.75
N VAL F 72 17.25 3.36 -18.73
CA VAL F 72 17.36 2.47 -19.89
C VAL F 72 16.59 3.04 -21.07
N GLU F 73 15.46 3.71 -20.82
CA GLU F 73 14.67 4.26 -21.90
C GLU F 73 15.48 5.27 -22.72
N ARG F 74 16.23 6.13 -22.05
CA ARG F 74 17.04 7.11 -22.76
C ARG F 74 18.09 6.44 -23.63
N TYR F 75 18.71 5.37 -23.12
CA TYR F 75 19.75 4.69 -23.89
C TYR F 75 19.19 4.13 -25.20
N LEU F 76 18.01 3.52 -25.15
CA LEU F 76 17.42 2.97 -26.36
C LEU F 76 17.02 4.08 -27.33
N ARG F 77 16.61 5.24 -26.82
CA ARG F 77 16.21 6.33 -27.70
C ARG F 77 17.36 6.77 -28.59
N ASP F 78 18.57 6.88 -28.04
CA ASP F 78 19.72 7.29 -28.83
C ASP F 78 20.01 6.27 -29.92
N GLN F 79 19.96 4.97 -29.59
CA GLN F 79 20.23 3.94 -30.59
C GLN F 79 19.20 3.99 -31.70
N GLN F 80 17.92 4.19 -31.35
CA GLN F 80 16.89 4.30 -32.37
C GLN F 80 17.17 5.48 -33.30
N LEU F 81 17.59 6.61 -32.73
CA LEU F 81 17.94 7.76 -33.56
C LEU F 81 19.12 7.42 -34.48
N LEU F 82 20.13 6.73 -33.95
CA LEU F 82 21.26 6.32 -34.77
C LEU F 82 20.93 5.15 -35.68
N GLY F 83 20.02 4.28 -35.25
CA GLY F 83 19.74 3.08 -36.03
C GLY F 83 19.18 3.40 -37.40
N ILE F 84 18.25 4.35 -37.47
CA ILE F 84 17.62 4.70 -38.75
C ILE F 84 18.61 5.27 -39.76
N TRP F 85 19.77 5.76 -39.30
CA TRP F 85 20.77 6.29 -40.20
C TRP F 85 21.57 5.12 -40.81
N GLY F 86 22.61 5.45 -41.58
CA GLY F 86 23.40 4.43 -42.24
C GLY F 86 24.51 3.88 -41.37
N CYS F 87 24.18 3.53 -40.12
CA CYS F 87 25.16 3.01 -39.18
C CYS F 87 24.43 2.56 -37.92
N SER F 88 24.97 1.52 -37.28
CA SER F 88 24.32 0.91 -36.13
C SER F 88 25.11 1.14 -34.84
N GLY F 89 26.39 0.75 -34.79
CA GLY F 89 27.17 0.87 -33.59
C GLY F 89 28.59 1.33 -33.83
N LYS F 90 28.89 1.75 -35.06
CA LYS F 90 30.22 2.22 -35.39
C LYS F 90 30.61 3.45 -34.58
N LEU F 91 29.63 4.21 -34.08
CA LEU F 91 29.81 5.41 -33.27
C LEU F 91 30.77 6.42 -33.90
N ILE F 92 31.11 6.24 -35.18
CA ILE F 92 31.66 7.28 -36.02
C ILE F 92 30.98 7.14 -37.36
N CYS F 93 29.96 7.94 -37.59
CA CYS F 93 29.00 7.71 -38.67
C CYS F 93 29.22 8.76 -39.76
N CYS F 94 30.11 8.44 -40.71
CA CYS F 94 30.31 9.31 -41.85
C CYS F 94 29.06 9.32 -42.73
N THR F 95 28.64 10.50 -43.14
CA THR F 95 27.44 10.66 -43.95
C THR F 95 27.72 11.61 -45.11
N ASN F 96 27.01 11.42 -46.21
CA ASN F 96 27.23 12.17 -47.43
C ASN F 96 26.32 13.39 -47.57
N VAL F 97 25.54 13.72 -46.54
CA VAL F 97 24.61 14.84 -46.62
C VAL F 97 25.40 16.13 -46.74
N PRO F 98 24.87 17.17 -47.36
CA PRO F 98 25.60 18.44 -47.47
C PRO F 98 25.69 19.14 -46.13
N TRP F 99 26.50 20.20 -46.10
CA TRP F 99 26.71 20.99 -44.89
C TRP F 99 26.73 22.46 -45.28
N ASN F 100 25.73 23.21 -44.79
CA ASN F 100 25.66 24.64 -45.09
C ASN F 100 26.82 25.37 -44.45
N SER F 101 27.42 26.29 -45.22
CA SER F 101 28.57 27.04 -44.71
C SER F 101 28.16 28.06 -43.67
N SER F 102 26.96 28.62 -43.79
CA SER F 102 26.53 29.66 -42.86
C SER F 102 26.40 29.13 -41.43
N TRP F 103 26.15 27.83 -41.26
CA TRP F 103 25.97 27.29 -39.93
C TRP F 103 27.24 27.44 -39.09
N SER F 104 28.40 27.17 -39.68
CA SER F 104 29.67 27.25 -38.98
C SER F 104 30.43 28.53 -39.28
N ASN F 105 30.49 28.94 -40.55
CA ASN F 105 31.18 30.15 -40.98
C ASN F 105 32.53 30.29 -40.30
N ARG F 106 33.28 29.20 -40.19
CA ARG F 106 34.60 29.23 -39.59
C ARG F 106 35.48 28.18 -40.25
N ASN F 107 36.79 28.40 -40.20
CA ASN F 107 37.73 27.48 -40.80
C ASN F 107 37.84 26.20 -39.98
N LEU F 108 38.23 25.12 -40.66
CA LEU F 108 38.34 23.82 -40.00
C LEU F 108 39.43 23.80 -38.95
N SER F 109 40.50 24.58 -39.15
CA SER F 109 41.65 24.51 -38.25
C SER F 109 41.28 24.90 -36.83
N GLU F 110 40.50 25.97 -36.67
CA GLU F 110 40.22 26.51 -35.35
C GLU F 110 39.21 25.67 -34.56
N ILE F 111 38.42 24.84 -35.23
CA ILE F 111 37.35 24.10 -34.58
C ILE F 111 37.76 22.65 -34.27
N TRP F 112 39.07 22.37 -34.24
CA TRP F 112 39.54 21.03 -33.94
C TRP F 112 40.77 21.00 -33.03
N ASP F 113 41.24 22.14 -32.53
CA ASP F 113 42.45 22.19 -31.74
C ASP F 113 42.26 22.79 -30.35
N ASN F 114 41.46 23.84 -30.22
CA ASN F 114 41.31 24.56 -28.96
C ASN F 114 39.90 24.55 -28.41
N MET F 115 38.90 24.80 -29.24
CA MET F 115 37.53 24.89 -28.74
C MET F 115 37.11 23.57 -28.09
N THR F 116 36.54 23.67 -26.89
CA THR F 116 36.05 22.49 -26.19
C THR F 116 34.65 22.11 -26.67
N TRP F 117 34.25 20.90 -26.33
CA TRP F 117 32.95 20.40 -26.78
C TRP F 117 31.80 21.19 -26.15
N LEU F 118 31.96 21.58 -24.88
CA LEU F 118 30.89 22.31 -24.20
C LEU F 118 30.57 23.62 -24.92
N GLN F 119 31.60 24.36 -25.34
CA GLN F 119 31.37 25.60 -26.07
C GLN F 119 30.68 25.33 -27.40
N TRP F 120 31.06 24.24 -28.08
CA TRP F 120 30.47 23.93 -29.37
C TRP F 120 28.98 23.69 -29.26
N ASP F 121 28.54 22.97 -28.21
CA ASP F 121 27.13 22.68 -28.06
C ASP F 121 26.30 23.96 -27.92
N LYS F 122 26.80 24.92 -27.14
CA LYS F 122 26.08 26.18 -26.97
C LYS F 122 25.97 26.92 -28.30
N GLU F 123 26.96 26.77 -29.18
CA GLU F 123 26.94 27.48 -30.45
C GLU F 123 25.91 26.92 -31.43
N ILE F 124 25.48 25.68 -31.24
CA ILE F 124 24.51 25.06 -32.14
C ILE F 124 23.21 24.81 -31.38
N SER F 125 22.94 25.63 -30.36
CA SER F 125 21.70 25.48 -29.61
C SER F 125 20.49 25.68 -30.51
N ASN F 126 20.51 26.72 -31.35
CA ASN F 126 19.41 26.94 -32.28
C ASN F 126 19.41 25.92 -33.42
N TYR F 127 20.58 25.38 -33.76
CA TYR F 127 20.70 24.43 -34.85
C TYR F 127 20.39 23.03 -34.34
N THR F 128 19.11 22.81 -34.04
CA THR F 128 18.61 21.53 -33.58
C THR F 128 17.31 21.20 -34.30
N GLN F 129 17.04 19.91 -34.44
CA GLN F 129 15.88 19.35 -35.13
C GLN F 129 15.90 19.62 -36.63
N ILE F 130 16.93 20.27 -37.15
CA ILE F 130 17.05 20.51 -38.58
C ILE F 130 18.23 19.77 -39.19
N ILE F 131 19.31 19.53 -38.43
CA ILE F 131 20.41 18.73 -38.93
C ILE F 131 19.99 17.26 -39.04
N TYR F 132 19.22 16.77 -38.07
CA TYR F 132 18.76 15.39 -38.12
C TYR F 132 17.87 15.15 -39.34
N GLY F 133 17.01 16.11 -39.67
CA GLY F 133 16.13 15.93 -40.81
C GLY F 133 16.89 15.69 -42.10
N LEU F 134 18.00 16.41 -42.29
CA LEU F 134 18.81 16.21 -43.49
C LEU F 134 19.35 14.79 -43.56
N LEU F 135 19.83 14.27 -42.43
CA LEU F 135 20.41 12.93 -42.43
C LEU F 135 19.36 11.88 -42.80
N GLU F 136 18.16 11.97 -42.23
CA GLU F 136 17.14 10.96 -42.47
C GLU F 136 16.68 10.98 -43.92
N GLU F 137 16.38 12.17 -44.46
CA GLU F 137 15.86 12.24 -45.81
C GLU F 137 16.87 11.73 -46.83
N SER F 138 18.16 12.09 -46.65
CA SER F 138 19.17 11.65 -47.59
C SER F 138 19.41 10.15 -47.50
N GLN F 139 19.50 9.60 -46.28
CA GLN F 139 19.77 8.17 -46.13
C GLN F 139 18.62 7.35 -46.72
N ASN F 140 17.38 7.75 -46.44
CA ASN F 140 16.24 7.03 -47.01
C ASN F 140 16.22 7.13 -48.53
N GLN F 141 16.54 8.32 -49.06
CA GLN F 141 16.58 8.48 -50.52
C GLN F 141 17.63 7.57 -51.14
N GLN F 142 18.80 7.47 -50.51
CA GLN F 142 19.83 6.57 -51.02
C GLN F 142 19.51 5.11 -50.71
N GLU F 143 18.58 4.84 -49.81
CA GLU F 143 18.24 3.46 -49.48
C GLU F 143 17.70 2.73 -50.69
N LYS F 144 16.71 3.32 -51.38
CA LYS F 144 16.18 2.70 -52.58
C LYS F 144 17.24 2.63 -53.68
N ASN F 145 18.08 3.66 -53.81
CA ASN F 145 19.14 3.63 -54.79
C ASN F 145 20.14 2.53 -54.53
N GLU F 146 20.24 2.06 -53.29
CA GLU F 146 21.14 0.96 -52.94
C GLU F 146 20.47 -0.40 -53.04
N GLN F 147 19.21 -0.45 -53.46
CA GLN F 147 18.47 -1.70 -53.65
C GLN F 147 18.17 -2.00 -55.10
N ASP F 148 17.89 -0.98 -55.91
CA ASP F 148 17.59 -1.22 -57.32
C ASP F 148 18.80 -1.79 -58.05
N LEU F 149 20.00 -1.30 -57.74
CA LEU F 149 21.20 -1.77 -58.43
C LEU F 149 21.44 -3.25 -58.22
N LEU F 150 20.93 -3.82 -57.13
CA LEU F 150 21.16 -5.24 -56.86
C LEU F 150 20.53 -6.11 -57.96
N ALA F 151 19.33 -5.73 -58.42
CA ALA F 151 18.68 -6.53 -59.46
C ALA F 151 19.53 -6.58 -60.73
N LEU F 152 20.10 -5.45 -61.13
CA LEU F 152 20.94 -5.38 -62.32
C LEU F 152 22.31 -4.80 -61.97
N ASP G 1 -63.87 -5.37 -6.46
CA ASP G 1 -65.25 -5.77 -6.84
C ASP G 1 -65.96 -4.64 -7.60
N ILE G 2 -66.15 -4.84 -8.90
CA ILE G 2 -66.81 -3.86 -9.75
C ILE G 2 -67.80 -4.59 -10.65
N VAL G 3 -68.87 -3.89 -11.01
CA VAL G 3 -69.96 -4.46 -11.81
C VAL G 3 -69.84 -3.92 -13.23
N MET G 4 -69.97 -4.82 -14.21
CA MET G 4 -69.92 -4.47 -15.62
C MET G 4 -71.33 -4.36 -16.18
N THR G 5 -71.45 -3.64 -17.30
CA THR G 5 -72.71 -3.47 -18.00
C THR G 5 -72.50 -3.81 -19.47
N GLN G 6 -73.38 -4.64 -20.02
CA GLN G 6 -73.32 -5.06 -21.41
C GLN G 6 -74.52 -4.50 -22.16
N ILE G 7 -74.25 -3.85 -23.29
CA ILE G 7 -75.30 -3.26 -24.11
C ILE G 7 -74.94 -3.47 -25.58
N PRO G 8 -75.87 -3.93 -26.44
CA PRO G 8 -77.25 -4.36 -26.13
C PRO G 8 -77.30 -5.75 -25.51
N VAL G 9 -78.31 -6.00 -24.68
CA VAL G 9 -78.46 -7.31 -24.07
C VAL G 9 -78.86 -8.35 -25.11
N SER G 10 -79.82 -8.01 -25.96
CA SER G 10 -80.30 -8.90 -27.01
C SER G 10 -80.06 -8.24 -28.36
N LEU G 11 -79.41 -8.97 -29.27
CA LEU G 11 -79.04 -8.45 -30.59
C LEU G 11 -79.57 -9.39 -31.66
N SER G 12 -80.24 -8.81 -32.66
CA SER G 12 -80.70 -9.55 -33.83
C SER G 12 -80.12 -8.88 -35.07
N VAL G 13 -79.47 -9.66 -35.93
CA VAL G 13 -78.78 -9.12 -37.09
C VAL G 13 -78.83 -10.15 -38.21
N THR G 14 -79.11 -9.68 -39.42
CA THR G 14 -79.07 -10.53 -40.60
C THR G 14 -77.61 -10.81 -40.99
N PRO G 15 -77.32 -11.99 -41.55
CA PRO G 15 -75.96 -12.24 -42.04
C PRO G 15 -75.56 -11.21 -43.08
N GLY G 16 -74.31 -10.76 -43.00
CA GLY G 16 -73.80 -9.71 -43.86
C GLY G 16 -74.04 -8.30 -43.34
N GLU G 17 -74.75 -8.15 -42.22
CA GLU G 17 -75.00 -6.84 -41.64
C GLU G 17 -74.07 -6.63 -40.45
N PRO G 18 -73.13 -5.69 -40.51
CA PRO G 18 -72.25 -5.47 -39.36
C PRO G 18 -73.03 -5.11 -38.11
N ALA G 19 -72.54 -5.58 -36.96
CA ALA G 19 -73.16 -5.33 -35.68
C ALA G 19 -72.11 -4.82 -34.69
N SER G 20 -72.56 -4.05 -33.71
CA SER G 20 -71.68 -3.45 -32.71
C SER G 20 -72.21 -3.73 -31.32
N ILE G 21 -71.30 -3.96 -30.38
CA ILE G 21 -71.63 -4.20 -28.99
C ILE G 21 -70.72 -3.32 -28.13
N SER G 22 -71.17 -3.06 -26.89
CA SER G 22 -70.46 -2.17 -26.00
C SER G 22 -70.41 -2.79 -24.60
N CYS G 23 -69.31 -2.52 -23.90
CA CYS G 23 -69.13 -2.89 -22.50
C CYS G 23 -68.65 -1.66 -21.75
N SER G 24 -69.22 -1.45 -20.57
CA SER G 24 -68.94 -0.25 -19.78
C SER G 24 -68.52 -0.63 -18.37
N SER G 25 -67.76 0.27 -17.75
CA SER G 25 -67.27 0.07 -16.39
C SER G 25 -67.24 1.42 -15.68
N SER G 26 -67.33 1.37 -14.35
CA SER G 26 -67.25 2.59 -13.56
C SER G 26 -65.81 3.03 -13.36
N GLN G 27 -65.01 2.20 -12.70
CA GLN G 27 -63.59 2.51 -12.52
C GLN G 27 -62.86 2.37 -13.84
N SER G 28 -61.95 3.31 -14.12
CA SER G 28 -61.17 3.26 -15.34
C SER G 28 -60.31 2.01 -15.35
N LEU G 29 -60.16 1.41 -16.54
CA LEU G 29 -59.45 0.16 -16.70
C LEU G 29 -57.99 0.37 -17.13
N GLN G 30 -57.44 1.55 -16.87
CA GLN G 30 -56.05 1.85 -17.20
C GLN G 30 -55.17 1.36 -16.05
N HIS G 31 -54.42 0.29 -16.30
CA HIS G 31 -53.55 -0.28 -15.27
C HIS G 31 -52.47 0.72 -14.90
N ILE G 32 -51.85 0.48 -13.74
CA ILE G 32 -50.81 1.38 -13.24
C ILE G 32 -49.62 1.29 -14.19
N SER G 33 -49.40 2.35 -14.97
CA SER G 33 -48.29 2.41 -15.91
C SER G 33 -48.27 1.19 -16.82
N GLY G 34 -49.45 0.81 -17.30
CA GLY G 34 -49.56 -0.36 -18.17
C GLY G 34 -50.62 -0.19 -19.24
N TYR G 35 -51.19 -1.31 -19.67
CA TYR G 35 -52.22 -1.33 -20.71
C TYR G 35 -53.59 -1.51 -20.05
N THR G 36 -54.62 -1.69 -20.88
CA THR G 36 -55.98 -1.94 -20.43
C THR G 36 -56.29 -3.41 -20.68
N TYR G 37 -56.60 -4.14 -19.61
CA TYR G 37 -56.89 -5.57 -19.69
C TYR G 37 -58.38 -5.76 -19.94
N LEU G 38 -58.72 -6.28 -21.11
CA LEU G 38 -60.12 -6.58 -21.44
C LEU G 38 -60.14 -7.57 -22.58
N ASP G 39 -60.99 -8.59 -22.46
CA ASP G 39 -61.08 -9.64 -23.47
C ASP G 39 -62.54 -9.97 -23.72
N TRP G 40 -62.82 -10.46 -24.92
CA TRP G 40 -64.15 -10.91 -25.32
C TRP G 40 -64.12 -12.41 -25.54
N TYR G 41 -65.10 -13.11 -24.95
CA TYR G 41 -65.19 -14.56 -25.04
C TYR G 41 -66.51 -14.94 -25.69
N LEU G 42 -66.46 -15.96 -26.54
CA LEU G 42 -67.64 -16.48 -27.21
C LEU G 42 -68.06 -17.78 -26.55
N GLN G 43 -69.32 -17.86 -26.14
CA GLN G 43 -69.86 -19.03 -25.45
C GLN G 43 -70.82 -19.72 -26.42
N LYS G 44 -70.28 -20.60 -27.25
CA LYS G 44 -71.11 -21.39 -28.16
C LYS G 44 -71.73 -22.55 -27.39
N PRO G 45 -73.06 -22.68 -27.37
CA PRO G 45 -73.67 -23.79 -26.63
C PRO G 45 -73.14 -25.13 -27.13
N GLY G 46 -72.80 -26.00 -26.18
CA GLY G 46 -72.28 -27.31 -26.51
C GLY G 46 -70.84 -27.35 -26.94
N GLN G 47 -70.12 -26.23 -26.87
CA GLN G 47 -68.74 -26.14 -27.31
C GLN G 47 -67.91 -25.45 -26.22
N SER G 48 -66.60 -25.49 -26.39
CA SER G 48 -65.68 -24.93 -25.39
C SER G 48 -65.52 -23.42 -25.61
N PRO G 49 -65.54 -22.61 -24.56
CA PRO G 49 -65.26 -21.18 -24.73
C PRO G 49 -63.86 -20.95 -25.26
N GLN G 50 -63.70 -19.85 -26.00
CA GLN G 50 -62.42 -19.48 -26.59
C GLN G 50 -62.18 -17.99 -26.39
N LEU G 51 -60.91 -17.62 -26.41
CA LEU G 51 -60.48 -16.23 -26.32
C LEU G 51 -60.25 -15.69 -27.73
N LEU G 52 -60.84 -14.54 -28.03
CA LEU G 52 -60.80 -13.98 -29.37
C LEU G 52 -60.10 -12.63 -29.45
N ILE G 53 -60.20 -11.79 -28.43
CA ILE G 53 -59.61 -10.46 -28.43
C ILE G 53 -58.77 -10.30 -27.18
N SER G 54 -57.55 -9.80 -27.33
CA SER G 54 -56.61 -9.62 -26.24
C SER G 54 -56.36 -8.13 -26.01
N ARG G 55 -55.74 -7.83 -24.86
CA ARG G 55 -55.45 -6.45 -24.48
C ARG G 55 -56.68 -5.56 -24.71
N VAL G 56 -56.67 -4.74 -25.76
CA VAL G 56 -57.83 -3.94 -26.12
C VAL G 56 -58.16 -4.15 -27.59
N SER G 57 -57.14 -4.36 -28.41
CA SER G 57 -57.32 -4.60 -29.83
C SER G 57 -56.51 -5.77 -30.37
N GLY G 58 -55.54 -6.29 -29.62
CA GLY G 58 -54.74 -7.41 -30.06
C GLY G 58 -55.58 -8.64 -30.38
N ARG G 59 -55.41 -9.18 -31.58
CA ARG G 59 -56.07 -10.41 -31.98
C ARG G 59 -55.08 -11.56 -31.83
N ALA G 60 -55.36 -12.46 -30.88
CA ALA G 60 -54.41 -13.52 -30.55
C ALA G 60 -54.16 -14.42 -31.75
N SER G 61 -55.17 -15.18 -32.17
CA SER G 61 -55.02 -16.13 -33.27
C SER G 61 -56.39 -16.73 -33.56
N GLY G 62 -56.45 -17.50 -34.65
CA GLY G 62 -57.64 -18.26 -34.99
C GLY G 62 -58.52 -17.53 -36.00
N VAL G 63 -59.82 -17.53 -35.74
CA VAL G 63 -60.81 -16.94 -36.65
C VAL G 63 -60.75 -15.42 -36.77
N PRO G 64 -60.24 -14.65 -35.77
CA PRO G 64 -60.58 -13.22 -35.76
C PRO G 64 -60.07 -12.43 -36.97
N ASP G 65 -60.66 -12.70 -38.12
CA ASP G 65 -60.65 -11.78 -39.25
C ASP G 65 -61.97 -11.01 -39.35
N ARG G 66 -62.89 -11.25 -38.42
CA ARG G 66 -64.20 -10.60 -38.39
C ARG G 66 -64.44 -9.76 -37.14
N PHE G 67 -63.71 -9.98 -36.06
CA PHE G 67 -63.87 -9.23 -34.83
C PHE G 67 -62.78 -8.18 -34.74
N SER G 68 -63.16 -6.95 -34.40
CA SER G 68 -62.21 -5.84 -34.28
C SER G 68 -62.80 -4.81 -33.34
N GLY G 69 -62.18 -4.65 -32.17
CA GLY G 69 -62.59 -3.66 -31.20
C GLY G 69 -61.43 -2.79 -30.79
N SER G 70 -61.71 -1.52 -30.52
CA SER G 70 -60.69 -0.55 -30.15
C SER G 70 -61.33 0.52 -29.28
N GLY G 71 -60.59 1.61 -29.07
CA GLY G 71 -61.05 2.70 -28.25
C GLY G 71 -60.37 2.72 -26.89
N SER G 72 -60.29 3.92 -26.30
CA SER G 72 -59.63 4.05 -25.00
C SER G 72 -60.33 3.23 -23.93
N GLY G 73 -61.66 3.26 -23.92
CA GLY G 73 -62.42 2.44 -23.00
C GLY G 73 -63.48 3.18 -22.22
N THR G 74 -63.52 2.96 -20.91
CA THR G 74 -64.60 3.49 -20.07
C THR G 74 -65.92 2.86 -20.49
N ASP G 75 -66.42 3.27 -21.66
CA ASP G 75 -67.52 2.57 -22.33
C ASP G 75 -66.91 1.80 -23.50
N PHE G 76 -66.38 0.63 -23.19
CA PHE G 76 -65.65 -0.16 -24.18
C PHE G 76 -66.60 -0.62 -25.29
N MET G 77 -66.05 -0.73 -26.50
CA MET G 77 -66.83 -1.07 -27.68
C MET G 77 -66.10 -2.12 -28.49
N LEU G 78 -66.88 -2.90 -29.24
CA LEU G 78 -66.36 -3.91 -30.15
C LEU G 78 -67.16 -3.85 -31.44
N LYS G 79 -66.47 -4.06 -32.57
CA LYS G 79 -67.08 -3.97 -33.88
C LYS G 79 -66.83 -5.25 -34.66
N ILE G 80 -67.80 -5.61 -35.51
CA ILE G 80 -67.73 -6.80 -36.35
C ILE G 80 -67.80 -6.34 -37.80
N SER G 81 -66.81 -6.74 -38.60
CA SER G 81 -66.81 -6.39 -40.01
C SER G 81 -67.95 -7.10 -40.75
N ARG G 82 -68.10 -8.39 -40.51
CA ARG G 82 -69.15 -9.17 -41.15
C ARG G 82 -69.55 -10.31 -40.22
N VAL G 83 -70.81 -10.70 -40.30
CA VAL G 83 -71.37 -11.74 -39.44
C VAL G 83 -71.42 -13.04 -40.24
N GLU G 84 -70.79 -14.08 -39.72
CA GLU G 84 -70.72 -15.37 -40.38
C GLU G 84 -71.66 -16.36 -39.68
N ALA G 85 -71.95 -17.46 -40.37
CA ALA G 85 -72.88 -18.46 -39.84
C ALA G 85 -72.40 -19.10 -38.55
N GLU G 86 -71.10 -18.98 -38.23
CA GLU G 86 -70.54 -19.55 -37.01
C GLU G 86 -70.48 -18.54 -35.87
N ASP G 87 -71.16 -17.41 -36.01
CA ASP G 87 -71.16 -16.37 -34.97
C ASP G 87 -72.31 -16.53 -33.99
N VAL G 88 -72.80 -17.76 -33.80
CA VAL G 88 -73.90 -18.02 -32.88
C VAL G 88 -73.33 -18.37 -31.51
N GLY G 89 -73.83 -17.71 -30.48
CA GLY G 89 -73.37 -17.96 -29.14
C GLY G 89 -73.73 -16.80 -28.23
N ILE G 90 -73.10 -16.79 -27.06
CA ILE G 90 -73.30 -15.76 -26.05
C ILE G 90 -71.96 -15.08 -25.79
N TYR G 91 -71.95 -13.75 -25.86
CA TYR G 91 -70.75 -12.97 -25.66
C TYR G 91 -70.43 -12.83 -24.17
N TYR G 92 -69.23 -12.33 -23.88
CA TYR G 92 -68.82 -12.11 -22.51
C TYR G 92 -67.78 -10.99 -22.47
N CYS G 93 -67.86 -10.17 -21.43
CA CYS G 93 -66.94 -9.05 -21.21
C CYS G 93 -66.23 -9.26 -19.89
N MET G 94 -64.90 -9.18 -19.91
CA MET G 94 -64.07 -9.45 -18.74
C MET G 94 -63.16 -8.25 -18.48
N GLN G 95 -63.04 -7.89 -17.21
CA GLN G 95 -62.13 -6.84 -16.76
C GLN G 95 -61.22 -7.42 -15.69
N GLY G 96 -59.93 -7.17 -15.82
CA GLY G 96 -58.95 -7.68 -14.88
C GLY G 96 -58.01 -6.62 -14.36
N THR G 97 -58.54 -5.44 -14.03
CA THR G 97 -57.70 -4.29 -13.76
C THR G 97 -56.69 -4.56 -12.65
N GLN G 98 -57.14 -4.67 -11.40
CA GLN G 98 -56.21 -5.00 -10.31
C GLN G 98 -56.61 -6.26 -9.54
N LEU G 99 -57.74 -6.25 -8.83
CA LEU G 99 -58.00 -7.31 -7.85
C LEU G 99 -58.72 -8.53 -8.42
N PRO G 100 -59.93 -8.35 -8.99
CA PRO G 100 -60.86 -9.49 -9.08
C PRO G 100 -60.72 -10.38 -10.29
N PHE G 101 -60.28 -9.82 -11.42
CA PHE G 101 -60.33 -10.52 -12.69
C PHE G 101 -61.74 -11.03 -12.95
N SER G 102 -62.73 -10.19 -12.65
CA SER G 102 -64.13 -10.56 -12.76
C SER G 102 -64.59 -10.51 -14.22
N PHE G 103 -65.83 -10.93 -14.45
CA PHE G 103 -66.42 -11.00 -15.78
C PHE G 103 -67.63 -10.06 -15.84
N GLY G 104 -68.34 -10.11 -16.96
CA GLY G 104 -69.53 -9.33 -17.19
C GLY G 104 -70.79 -10.14 -17.04
N GLN G 105 -71.84 -9.73 -17.76
CA GLN G 105 -73.13 -10.41 -17.73
C GLN G 105 -73.31 -11.34 -18.91
N GLY G 106 -73.16 -10.83 -20.13
CA GLY G 106 -73.33 -11.59 -21.34
C GLY G 106 -74.28 -10.93 -22.31
N THR G 107 -74.32 -11.48 -23.52
CA THR G 107 -75.17 -10.96 -24.58
C THR G 107 -75.45 -12.06 -25.59
N LYS G 108 -76.73 -12.37 -25.79
CA LYS G 108 -77.12 -13.37 -26.76
C LYS G 108 -77.15 -12.77 -28.17
N VAL G 109 -77.17 -13.65 -29.16
CA VAL G 109 -77.19 -13.26 -30.57
C VAL G 109 -78.28 -14.06 -31.28
N GLU G 110 -78.98 -13.40 -32.19
CA GLU G 110 -80.05 -14.01 -32.97
C GLU G 110 -79.73 -13.89 -34.45
N ILE G 111 -79.96 -14.97 -35.19
CA ILE G 111 -79.68 -15.03 -36.62
C ILE G 111 -80.99 -15.05 -37.37
N LYS G 112 -80.99 -14.45 -38.56
CA LYS G 112 -82.16 -14.40 -39.41
C LYS G 112 -81.94 -15.17 -40.71
N GLN H 1 -51.75 -27.34 -30.53
CA GLN H 1 -52.80 -26.98 -29.53
C GLN H 1 -52.78 -27.97 -28.37
N VAL H 2 -53.01 -27.45 -27.16
CA VAL H 2 -53.02 -28.25 -25.94
C VAL H 2 -54.41 -28.14 -25.31
N GLN H 3 -55.01 -29.29 -25.03
CA GLN H 3 -56.37 -29.36 -24.49
C GLN H 3 -56.32 -29.87 -23.06
N LEU H 4 -57.02 -29.18 -22.16
CA LEU H 4 -57.11 -29.57 -20.76
C LEU H 4 -58.37 -30.39 -20.52
N GLN H 5 -58.39 -31.09 -19.38
CA GLN H 5 -59.53 -31.91 -18.99
C GLN H 5 -59.79 -31.73 -17.51
N GLU H 6 -61.07 -31.60 -17.15
CA GLU H 6 -61.48 -31.48 -15.76
C GLU H 6 -61.77 -32.85 -15.18
N SER H 7 -61.62 -32.95 -13.86
CA SER H 7 -61.86 -34.21 -13.15
C SER H 7 -62.48 -33.89 -11.79
N GLY H 8 -63.15 -34.89 -11.23
CA GLY H 8 -63.78 -34.76 -9.94
C GLY H 8 -65.02 -35.62 -9.83
N PRO H 9 -65.49 -35.86 -8.60
CA PRO H 9 -66.67 -36.70 -8.42
C PRO H 9 -67.89 -36.10 -9.12
N GLY H 10 -68.70 -36.98 -9.71
CA GLY H 10 -69.94 -36.55 -10.34
C GLY H 10 -71.02 -36.23 -9.31
N LEU H 11 -71.45 -37.25 -8.58
CA LEU H 11 -72.44 -37.06 -7.53
C LEU H 11 -71.76 -36.56 -6.26
N LEU H 12 -72.34 -35.53 -5.65
CA LEU H 12 -71.79 -34.93 -4.45
C LEU H 12 -72.90 -34.69 -3.44
N LYS H 13 -72.52 -34.65 -2.17
CA LYS H 13 -73.47 -34.45 -1.08
C LYS H 13 -73.28 -33.08 -0.44
N PRO H 14 -74.34 -32.49 0.12
CA PRO H 14 -74.18 -31.19 0.78
C PRO H 14 -73.28 -31.28 2.00
N SER H 15 -72.64 -30.15 2.31
CA SER H 15 -71.79 -30.04 3.50
C SER H 15 -70.67 -31.09 3.48
N GLU H 16 -69.98 -31.17 2.34
CA GLU H 16 -68.86 -32.09 2.18
C GLU H 16 -67.70 -31.35 1.53
N THR H 17 -66.48 -31.82 1.82
CA THR H 17 -65.28 -31.21 1.28
C THR H 17 -65.18 -31.52 -0.21
N LEU H 18 -65.47 -30.52 -1.05
CA LEU H 18 -65.45 -30.69 -2.49
C LEU H 18 -64.01 -30.55 -3.00
N SER H 19 -63.46 -31.63 -3.53
CA SER H 19 -62.10 -31.66 -4.06
C SER H 19 -62.20 -31.82 -5.59
N LEU H 20 -61.97 -30.73 -6.31
CA LEU H 20 -62.02 -30.72 -7.76
C LEU H 20 -60.60 -30.60 -8.29
N THR H 21 -60.24 -31.52 -9.19
CA THR H 21 -58.89 -31.59 -9.74
C THR H 21 -58.94 -31.34 -11.24
N CYS H 22 -58.03 -30.49 -11.73
CA CYS H 22 -57.88 -30.22 -13.15
C CYS H 22 -56.75 -31.09 -13.69
N ALA H 23 -57.06 -31.93 -14.67
CA ALA H 23 -56.07 -32.85 -15.24
C ALA H 23 -55.15 -32.06 -16.15
N VAL H 24 -53.95 -31.74 -15.65
CA VAL H 24 -52.98 -30.99 -16.44
C VAL H 24 -52.45 -31.88 -17.56
N SER H 25 -52.48 -31.35 -18.78
CA SER H 25 -52.07 -32.11 -19.96
C SER H 25 -50.54 -32.09 -20.08
N GLY H 26 -50.03 -32.50 -21.23
CA GLY H 26 -48.61 -32.59 -21.48
C GLY H 26 -47.79 -31.43 -20.94
N VAL H 27 -48.26 -30.21 -21.18
CA VAL H 27 -47.55 -29.03 -20.69
C VAL H 27 -47.50 -29.09 -19.17
N SER H 28 -46.29 -29.06 -18.62
CA SER H 28 -46.08 -29.26 -17.19
C SER H 28 -46.35 -27.97 -16.42
N ILE H 29 -46.30 -28.07 -15.09
CA ILE H 29 -46.56 -26.93 -14.24
C ILE H 29 -45.51 -25.85 -14.43
N THR H 30 -44.26 -26.24 -14.67
CA THR H 30 -43.19 -25.26 -14.83
C THR H 30 -43.49 -24.26 -15.95
N SER H 31 -44.30 -24.67 -16.92
CA SER H 31 -44.65 -23.79 -18.03
C SER H 31 -45.70 -22.78 -17.59
N TYR H 32 -46.43 -22.22 -18.55
CA TYR H 32 -47.46 -21.22 -18.31
C TYR H 32 -48.39 -21.66 -17.18
N PRO H 33 -48.71 -20.79 -16.23
CA PRO H 33 -49.55 -21.18 -15.09
C PRO H 33 -51.02 -21.27 -15.49
N TRP H 34 -51.85 -21.67 -14.53
CA TRP H 34 -53.27 -21.88 -14.73
C TRP H 34 -54.09 -20.96 -13.83
N SER H 35 -55.40 -21.14 -13.86
CA SER H 35 -56.31 -20.39 -13.01
C SER H 35 -57.65 -21.11 -12.99
N TRP H 36 -58.45 -20.80 -11.97
CA TRP H 36 -59.76 -21.42 -11.77
C TRP H 36 -60.85 -20.38 -12.05
N ILE H 37 -61.85 -20.77 -12.84
CA ILE H 37 -62.95 -19.90 -13.22
C ILE H 37 -64.25 -20.60 -12.85
N ARG H 38 -65.16 -19.86 -12.21
CA ARG H 38 -66.43 -20.40 -11.76
C ARG H 38 -67.56 -19.96 -12.70
N GLN H 39 -68.48 -20.87 -12.96
CA GLN H 39 -69.69 -20.60 -13.72
C GLN H 39 -70.90 -20.69 -12.78
N SER H 40 -71.97 -20.00 -13.16
CA SER H 40 -73.17 -19.98 -12.34
C SER H 40 -74.40 -19.72 -13.19
N PRO H 41 -75.35 -20.66 -13.29
CA PRO H 41 -76.58 -20.38 -14.03
C PRO H 41 -77.38 -19.27 -13.37
N GLY H 42 -78.04 -18.47 -14.21
CA GLY H 42 -78.82 -17.36 -13.70
C GLY H 42 -78.01 -16.25 -13.08
N LYS H 43 -76.69 -16.24 -13.28
CA LYS H 43 -75.84 -15.21 -12.71
C LYS H 43 -74.57 -15.11 -13.55
N GLY H 44 -73.86 -14.00 -13.39
CA GLY H 44 -72.62 -13.81 -14.11
C GLY H 44 -71.51 -14.69 -13.59
N LEU H 45 -70.46 -14.84 -14.41
CA LEU H 45 -69.33 -15.65 -14.03
C LEU H 45 -68.62 -15.05 -12.82
N GLU H 46 -68.03 -15.93 -12.01
CA GLU H 46 -67.34 -15.54 -10.79
C GLU H 46 -65.92 -16.10 -10.80
N TRP H 47 -65.02 -15.40 -10.11
CA TRP H 47 -63.62 -15.74 -10.09
C TRP H 47 -63.30 -16.57 -8.84
N ILE H 48 -62.36 -17.52 -8.99
CA ILE H 48 -61.93 -18.39 -7.91
C ILE H 48 -60.53 -17.99 -7.43
N GLY H 49 -59.54 -18.06 -8.31
CA GLY H 49 -58.19 -17.70 -7.94
C GLY H 49 -57.22 -18.07 -9.03
N ARG H 50 -55.99 -17.58 -8.87
CA ARG H 50 -54.90 -17.85 -9.78
C ARG H 50 -53.93 -18.84 -9.14
N ILE H 51 -52.89 -19.20 -9.90
CA ILE H 51 -51.81 -20.05 -9.41
C ILE H 51 -50.56 -19.76 -10.25
N PHE H 52 -49.41 -20.15 -9.72
CA PHE H 52 -48.14 -19.93 -10.39
C PHE H 52 -47.29 -21.18 -10.27
N THR H 53 -46.27 -21.27 -11.12
CA THR H 53 -45.37 -22.41 -11.09
C THR H 53 -44.76 -22.60 -9.70
N VAL H 54 -44.43 -21.50 -9.03
CA VAL H 54 -43.87 -21.54 -7.69
C VAL H 54 -44.88 -21.07 -6.64
N GLY H 55 -46.14 -20.93 -7.02
CA GLY H 55 -47.13 -20.44 -6.07
C GLY H 55 -46.76 -19.04 -5.62
N GLY H 56 -46.67 -18.86 -4.30
CA GLY H 56 -46.28 -17.57 -3.75
C GLY H 56 -47.45 -16.62 -3.57
N HIS H 57 -47.59 -15.66 -4.48
CA HIS H 57 -48.67 -14.69 -4.39
C HIS H 57 -50.02 -15.39 -4.37
N THR H 58 -50.37 -16.05 -5.47
CA THR H 58 -51.60 -16.83 -5.59
C THR H 58 -52.80 -16.05 -5.07
N ASP H 59 -53.09 -14.94 -5.76
CA ASP H 59 -54.20 -14.09 -5.37
C ASP H 59 -55.53 -14.80 -5.58
N LEU H 60 -56.44 -14.63 -4.62
CA LEU H 60 -57.77 -15.20 -4.66
C LEU H 60 -58.81 -14.10 -4.43
N ASN H 61 -60.06 -14.42 -4.70
CA ASN H 61 -61.13 -13.46 -4.51
C ASN H 61 -61.30 -13.15 -3.01
N PRO H 62 -61.39 -11.89 -2.61
CA PRO H 62 -61.58 -11.59 -1.19
C PRO H 62 -62.86 -12.20 -0.61
N SER H 63 -63.90 -12.34 -1.43
CA SER H 63 -65.17 -12.85 -0.91
C SER H 63 -65.02 -14.26 -0.37
N LEU H 64 -64.30 -15.12 -1.08
CA LEU H 64 -64.08 -16.51 -0.68
C LEU H 64 -62.64 -16.75 -0.24
N LYS H 65 -61.98 -15.71 0.30
CA LYS H 65 -60.59 -15.85 0.67
C LYS H 65 -60.39 -16.89 1.77
N SER H 66 -61.30 -16.92 2.75
CA SER H 66 -61.16 -17.79 3.91
C SER H 66 -61.82 -19.15 3.73
N ARG H 67 -62.40 -19.43 2.56
CA ARG H 67 -63.11 -20.69 2.33
C ARG H 67 -62.44 -21.58 1.29
N VAL H 68 -61.98 -21.03 0.18
CA VAL H 68 -61.38 -21.82 -0.90
C VAL H 68 -59.86 -21.75 -0.78
N THR H 69 -59.20 -22.78 -1.30
CA THR H 69 -57.76 -22.86 -1.28
C THR H 69 -57.27 -23.53 -2.56
N ILE H 70 -56.09 -23.11 -3.02
CA ILE H 70 -55.48 -23.62 -4.24
C ILE H 70 -54.12 -24.21 -3.88
N ALA H 71 -53.87 -25.43 -4.36
CA ALA H 71 -52.62 -26.13 -4.09
C ALA H 71 -52.08 -26.70 -5.39
N ARG H 72 -50.74 -26.85 -5.44
CA ARG H 72 -50.06 -27.38 -6.61
C ARG H 72 -49.17 -28.53 -6.19
N ASP H 73 -48.87 -29.40 -7.16
CA ASP H 73 -48.02 -30.57 -6.91
C ASP H 73 -47.31 -30.91 -8.21
N SER H 74 -46.00 -30.63 -8.27
CA SER H 74 -45.24 -30.90 -9.48
C SER H 74 -45.19 -32.39 -9.78
N SER H 75 -44.97 -33.22 -8.75
CA SER H 75 -44.86 -34.66 -8.97
C SER H 75 -46.16 -35.23 -9.53
N ARG H 76 -47.30 -34.83 -8.96
CA ARG H 76 -48.59 -35.32 -9.43
C ARG H 76 -49.02 -34.67 -10.73
N ASN H 77 -48.44 -33.53 -11.09
CA ASN H 77 -48.82 -32.81 -12.31
C ASN H 77 -50.31 -32.52 -12.32
N GLN H 78 -50.82 -32.00 -11.19
CA GLN H 78 -52.23 -31.69 -11.06
C GLN H 78 -52.40 -30.50 -10.14
N VAL H 79 -53.54 -29.82 -10.29
CA VAL H 79 -53.92 -28.70 -9.44
C VAL H 79 -55.32 -28.98 -8.90
N SER H 80 -55.50 -28.80 -7.60
CA SER H 80 -56.73 -29.16 -6.93
C SER H 80 -57.30 -27.95 -6.17
N LEU H 81 -58.61 -27.96 -5.97
CA LEU H 81 -59.32 -26.92 -5.24
C LEU H 81 -60.06 -27.56 -4.08
N ILE H 82 -59.93 -26.96 -2.90
CA ILE H 82 -60.57 -27.45 -1.69
C ILE H 82 -61.69 -26.47 -1.32
N LEU H 83 -62.91 -26.99 -1.21
CA LEU H 83 -64.08 -26.18 -0.89
C LEU H 83 -64.96 -26.93 0.09
N ARG H 84 -65.46 -26.21 1.09
CA ARG H 84 -66.40 -26.76 2.06
C ARG H 84 -67.49 -25.72 2.31
N SER H 85 -68.50 -26.12 3.09
CA SER H 85 -69.64 -25.27 3.39
C SER H 85 -70.33 -24.82 2.10
N VAL H 86 -70.86 -25.81 1.37
CA VAL H 86 -71.46 -25.54 0.07
C VAL H 86 -72.68 -24.64 0.23
N THR H 87 -73.08 -24.02 -0.87
CA THR H 87 -74.23 -23.15 -0.95
C THR H 87 -75.26 -23.73 -1.92
N ALA H 88 -76.44 -23.11 -1.93
CA ALA H 88 -77.51 -23.59 -2.81
C ALA H 88 -77.15 -23.41 -4.28
N ALA H 89 -76.34 -22.40 -4.60
CA ALA H 89 -75.99 -22.08 -5.98
C ALA H 89 -74.68 -22.72 -6.41
N ASP H 90 -74.31 -23.84 -5.81
CA ASP H 90 -73.08 -24.55 -6.17
C ASP H 90 -73.27 -25.55 -7.30
N THR H 91 -74.51 -25.78 -7.74
CA THR H 91 -74.79 -26.68 -8.86
C THR H 91 -74.57 -25.90 -10.16
N ALA H 92 -73.30 -25.85 -10.56
CA ALA H 92 -72.91 -25.10 -11.75
C ALA H 92 -71.70 -25.81 -12.37
N LEU H 93 -71.00 -25.11 -13.26
CA LEU H 93 -69.87 -25.67 -13.98
C LEU H 93 -68.58 -24.97 -13.57
N TYR H 94 -67.50 -25.75 -13.52
CA TYR H 94 -66.18 -25.25 -13.18
C TYR H 94 -65.27 -25.38 -14.40
N TYR H 95 -64.51 -24.32 -14.68
CA TYR H 95 -63.64 -24.27 -15.85
C TYR H 95 -62.19 -24.07 -15.42
N CYS H 96 -61.29 -24.76 -16.12
CA CYS H 96 -59.86 -24.72 -15.84
C CYS H 96 -59.12 -24.33 -17.10
N ALA H 97 -58.31 -23.28 -17.02
CA ALA H 97 -57.63 -22.74 -18.19
C ALA H 97 -56.32 -22.10 -17.77
N ARG H 98 -55.47 -21.81 -18.76
CA ARG H 98 -54.15 -21.25 -18.53
C ARG H 98 -54.05 -19.86 -19.16
N VAL H 99 -52.90 -19.22 -18.94
CA VAL H 99 -52.64 -17.86 -19.39
C VAL H 99 -51.54 -17.92 -20.45
N PRO H 100 -51.86 -17.76 -21.75
CA PRO H 100 -50.82 -17.89 -22.78
C PRO H 100 -49.72 -16.84 -22.71
N PHE H 101 -50.09 -15.57 -22.74
CA PHE H 101 -49.15 -14.50 -23.03
C PHE H 101 -48.49 -13.96 -21.77
N TYR H 102 -47.33 -13.33 -21.96
CA TYR H 102 -46.59 -12.69 -20.88
C TYR H 102 -46.05 -11.37 -21.39
N TRP H 103 -45.66 -10.50 -20.45
CA TRP H 103 -45.15 -9.17 -20.80
C TRP H 103 -44.27 -8.68 -19.66
N ASN H 104 -43.00 -8.46 -19.95
CA ASN H 104 -42.04 -8.03 -18.94
C ASN H 104 -40.83 -7.42 -19.62
N ASN H 105 -39.98 -6.78 -18.82
CA ASN H 105 -38.71 -6.24 -19.29
C ASN H 105 -37.77 -6.13 -18.09
N LYS H 106 -36.67 -5.39 -18.27
CA LYS H 106 -35.66 -5.27 -17.23
C LYS H 106 -36.01 -4.23 -16.17
N SER H 107 -37.08 -3.46 -16.36
CA SER H 107 -37.44 -2.39 -15.44
C SER H 107 -38.67 -2.68 -14.61
N TRP H 108 -39.61 -3.48 -15.11
CA TRP H 108 -40.85 -3.75 -14.39
C TRP H 108 -40.57 -4.72 -13.26
N TYR H 109 -40.36 -4.18 -12.06
CA TYR H 109 -40.14 -4.98 -10.86
C TYR H 109 -38.98 -5.96 -11.02
N GLY H 110 -37.98 -5.58 -11.81
CA GLY H 110 -36.79 -6.39 -11.99
C GLY H 110 -37.06 -7.76 -12.57
N GLY H 111 -37.72 -7.81 -13.73
CA GLY H 111 -37.97 -9.06 -14.41
C GLY H 111 -39.21 -9.80 -13.99
N ALA H 112 -40.10 -9.16 -13.22
CA ALA H 112 -41.34 -9.81 -12.82
C ALA H 112 -42.17 -10.19 -14.05
N TYR H 113 -42.83 -11.35 -13.97
CA TYR H 113 -43.64 -11.87 -15.06
C TYR H 113 -45.08 -11.44 -14.87
N GLN H 114 -45.67 -10.86 -15.90
CA GLN H 114 -47.06 -10.43 -15.89
C GLN H 114 -47.86 -11.27 -16.88
N TRP H 115 -48.95 -11.87 -16.40
CA TRP H 115 -49.81 -12.71 -17.22
C TRP H 115 -51.19 -12.09 -17.28
N TYR H 116 -51.75 -11.98 -18.49
CA TYR H 116 -53.07 -11.37 -18.66
C TYR H 116 -53.74 -12.06 -19.86
N ALA H 117 -54.48 -13.13 -19.58
CA ALA H 117 -55.23 -13.82 -20.62
C ALA H 117 -55.94 -15.02 -19.99
N LEU H 118 -56.77 -15.67 -20.81
CA LEU H 118 -57.35 -16.97 -20.47
C LEU H 118 -57.28 -17.84 -21.72
N ASP H 119 -56.64 -18.99 -21.60
CA ASP H 119 -56.44 -19.87 -22.73
C ASP H 119 -57.71 -20.67 -23.00
N SER H 120 -57.62 -21.68 -23.85
CA SER H 120 -58.78 -22.51 -24.16
C SER H 120 -59.35 -23.10 -22.88
N TRP H 121 -60.68 -23.01 -22.74
CA TRP H 121 -61.35 -23.47 -21.54
C TRP H 121 -61.57 -24.98 -21.60
N GLY H 122 -61.90 -25.55 -20.44
CA GLY H 122 -62.15 -26.98 -20.35
C GLY H 122 -63.58 -27.34 -20.72
N GLN H 123 -63.88 -28.63 -20.61
CA GLN H 123 -65.20 -29.14 -20.94
C GLN H 123 -66.23 -28.84 -19.86
N GLY H 124 -65.81 -28.42 -18.68
CA GLY H 124 -66.73 -28.14 -17.59
C GLY H 124 -66.99 -29.36 -16.73
N VAL H 125 -67.51 -29.10 -15.53
CA VAL H 125 -67.83 -30.14 -14.56
C VAL H 125 -69.32 -30.09 -14.28
N ALA H 126 -69.99 -31.22 -14.48
CA ALA H 126 -71.41 -31.34 -14.19
C ALA H 126 -71.58 -32.00 -12.83
N VAL H 127 -72.34 -31.34 -11.94
CA VAL H 127 -72.54 -31.82 -10.57
C VAL H 127 -74.03 -31.84 -10.28
N THR H 128 -74.39 -32.66 -9.29
CA THR H 128 -75.79 -32.79 -8.84
C THR H 128 -75.75 -33.00 -7.33
N VAL H 129 -75.91 -31.91 -6.59
CA VAL H 129 -75.87 -31.92 -5.13
C VAL H 129 -77.31 -31.98 -4.62
N SER H 130 -77.66 -33.11 -4.00
CA SER H 130 -79.01 -33.31 -3.48
C SER H 130 -78.94 -34.38 -2.41
N SER H 131 -80.11 -34.87 -1.99
CA SER H 131 -80.18 -35.92 -0.97
C SER H 131 -79.93 -37.29 -1.60
N LEU I 9 2.50 13.90 -44.68
CA LEU I 9 2.45 12.58 -44.08
C LEU I 9 2.97 12.63 -42.64
N GLY I 10 2.35 11.84 -41.77
CA GLY I 10 2.75 11.78 -40.38
C GLY I 10 2.75 10.38 -39.83
N PHE I 11 2.28 10.21 -38.60
CA PHE I 11 2.22 8.90 -37.96
C PHE I 11 1.19 8.04 -38.67
N LEU I 12 1.64 7.01 -39.38
CA LEU I 12 0.76 6.15 -40.16
C LEU I 12 -0.09 6.96 -41.13
N GLY I 13 0.54 7.96 -41.76
CA GLY I 13 -0.16 8.83 -42.68
C GLY I 13 -0.37 8.26 -44.06
N ALA I 14 0.17 7.08 -44.35
CA ALA I 14 -0.02 6.43 -45.64
C ALA I 14 -0.27 4.94 -45.48
N ALA I 15 -0.84 4.53 -44.35
CA ALA I 15 -1.06 3.11 -44.10
C ALA I 15 -2.00 2.52 -45.15
N GLY I 16 -3.08 3.23 -45.48
CA GLY I 16 -4.02 2.75 -46.47
C GLY I 16 -3.63 3.02 -47.91
N SER I 17 -2.54 3.73 -48.14
CA SER I 17 -2.12 4.04 -49.50
C SER I 17 -1.43 2.84 -50.14
N THR I 18 -1.11 2.98 -51.42
CA THR I 18 -0.42 1.92 -52.13
C THR I 18 0.91 1.61 -51.47
N MET I 19 1.22 0.31 -51.38
CA MET I 19 2.46 -0.11 -50.71
C MET I 19 3.69 0.44 -51.41
N GLY I 20 3.60 0.69 -52.72
CA GLY I 20 4.75 1.26 -53.42
C GLY I 20 5.15 2.60 -52.87
N ALA I 21 4.17 3.48 -52.62
CA ALA I 21 4.47 4.78 -52.02
C ALA I 21 4.75 4.66 -50.53
N ALA I 22 4.12 3.70 -49.85
CA ALA I 22 4.36 3.54 -48.42
C ALA I 22 5.82 3.19 -48.14
N SER I 23 6.41 2.32 -48.97
CA SER I 23 7.80 1.93 -48.78
C SER I 23 8.77 3.08 -49.00
N MET I 24 8.31 4.19 -49.59
CA MET I 24 9.21 5.32 -49.82
C MET I 24 9.78 5.85 -48.51
N THR I 25 8.95 5.98 -47.49
CA THR I 25 9.37 6.46 -46.17
C THR I 25 8.92 5.47 -45.11
N LEU I 26 9.85 5.11 -44.23
CA LEU I 26 9.57 4.20 -43.13
C LEU I 26 9.94 4.75 -41.77
N THR I 27 10.86 5.72 -41.70
CA THR I 27 11.26 6.26 -40.40
C THR I 27 10.09 6.94 -39.70
N VAL I 28 9.20 7.59 -40.46
CA VAL I 28 8.07 8.27 -39.85
C VAL I 28 7.19 7.27 -39.09
N GLN I 29 7.04 6.07 -39.63
CA GLN I 29 6.29 5.01 -38.93
C GLN I 29 7.08 4.42 -37.78
N ALA I 30 8.39 4.68 -37.69
CA ALA I 30 9.22 4.14 -36.63
C ALA I 30 9.62 5.17 -35.59
N ARG I 31 9.27 6.44 -35.79
CA ARG I 31 9.65 7.47 -34.82
C ARG I 31 8.88 7.31 -33.52
N ASN I 32 7.54 7.39 -33.60
CA ASN I 32 6.70 7.29 -32.42
C ASN I 32 6.45 5.82 -32.06
N LEU I 33 7.55 5.11 -31.80
CA LEU I 33 7.51 3.71 -31.42
C LEU I 33 8.06 3.44 -30.03
N LEU I 34 8.87 4.33 -29.48
CA LEU I 34 9.44 4.18 -28.15
C LEU I 34 8.97 5.24 -27.17
N SER I 35 8.81 6.48 -27.61
CA SER I 35 8.38 7.56 -26.73
C SER I 35 6.90 7.43 -26.41
N THR I 58 -0.66 7.21 -5.27
CA THR I 58 0.38 6.67 -6.15
C THR I 58 -0.14 5.45 -6.90
N VAL I 59 -1.46 5.33 -7.01
CA VAL I 59 -2.05 4.19 -7.70
C VAL I 59 -1.69 4.23 -9.18
N TRP I 60 -1.77 5.40 -9.81
CA TRP I 60 -1.46 5.52 -11.23
C TRP I 60 0.00 5.22 -11.53
N GLY I 61 0.87 5.29 -10.53
CA GLY I 61 2.28 5.01 -10.77
C GLY I 61 2.51 3.60 -11.29
N ILE I 62 1.79 2.62 -10.74
CA ILE I 62 1.92 1.24 -11.21
C ILE I 62 1.47 1.14 -12.65
N LYS I 63 0.36 1.78 -13.00
CA LYS I 63 -0.13 1.71 -14.37
C LYS I 63 0.86 2.32 -15.35
N GLN I 64 1.43 3.47 -15.01
CA GLN I 64 2.38 4.12 -15.90
C GLN I 64 3.62 3.26 -16.09
N LEU I 65 4.16 2.71 -15.01
CA LEU I 65 5.35 1.89 -15.10
C LEU I 65 5.09 0.62 -15.90
N GLN I 66 3.93 -0.02 -15.68
CA GLN I 66 3.63 -1.26 -16.38
C GLN I 66 3.55 -1.03 -17.88
N ALA I 67 2.91 0.05 -18.32
CA ALA I 67 2.80 0.33 -19.74
C ALA I 67 4.18 0.60 -20.35
N ARG I 68 5.02 1.37 -19.66
CA ARG I 68 6.33 1.73 -20.21
C ARG I 68 7.18 0.49 -20.42
N VAL I 69 7.20 -0.43 -19.44
CA VAL I 69 8.01 -1.64 -19.57
C VAL I 69 7.49 -2.50 -20.71
N LEU I 70 6.17 -2.64 -20.82
CA LEU I 70 5.61 -3.44 -21.91
C LEU I 70 5.94 -2.84 -23.26
N ALA I 71 5.86 -1.51 -23.39
CA ALA I 71 6.13 -0.88 -24.68
C ALA I 71 7.58 -1.09 -25.11
N VAL I 72 8.52 -0.83 -24.21
CA VAL I 72 9.93 -0.97 -24.56
C VAL I 72 10.27 -2.43 -24.84
N GLU I 73 9.64 -3.37 -24.13
CA GLU I 73 9.93 -4.78 -24.32
C GLU I 73 9.63 -5.20 -25.76
N ARG I 74 8.51 -4.74 -26.31
CA ARG I 74 8.16 -5.10 -27.68
C ARG I 74 9.19 -4.56 -28.66
N TYR I 75 9.67 -3.33 -28.45
CA TYR I 75 10.64 -2.75 -29.37
C TYR I 75 11.92 -3.57 -29.42
N LEU I 76 12.41 -4.03 -28.27
CA LEU I 76 13.62 -4.84 -28.25
C LEU I 76 13.40 -6.19 -28.92
N ARG I 77 12.19 -6.75 -28.79
CA ARG I 77 11.91 -8.05 -29.38
C ARG I 77 12.09 -8.00 -30.89
N ASP I 78 11.59 -6.95 -31.54
CA ASP I 78 11.74 -6.84 -32.98
C ASP I 78 13.20 -6.75 -33.40
N GLN I 79 13.99 -5.96 -32.67
CA GLN I 79 15.41 -5.85 -32.99
C GLN I 79 16.12 -7.19 -32.84
N GLN I 80 15.80 -7.92 -31.77
CA GLN I 80 16.40 -9.24 -31.59
C GLN I 80 16.06 -10.16 -32.75
N LEU I 81 14.80 -10.12 -33.21
CA LEU I 81 14.42 -10.91 -34.37
C LEU I 81 15.21 -10.50 -35.61
N LEU I 82 15.38 -9.19 -35.80
CA LEU I 82 16.16 -8.69 -36.93
C LEU I 82 17.65 -8.85 -36.70
N GLY I 83 18.10 -8.77 -35.45
CA GLY I 83 19.53 -8.82 -35.17
C GLY I 83 20.18 -10.12 -35.61
N ILE I 84 19.52 -11.25 -35.34
CA ILE I 84 20.09 -12.55 -35.67
C ILE I 84 20.24 -12.75 -37.17
N TRP I 85 19.54 -11.98 -37.99
CA TRP I 85 19.66 -12.06 -39.43
C TRP I 85 20.90 -11.30 -39.90
N GLY I 86 21.07 -11.21 -41.21
CA GLY I 86 22.24 -10.56 -41.78
C GLY I 86 22.07 -9.07 -41.93
N CYS I 87 21.59 -8.41 -40.87
CA CYS I 87 21.35 -6.98 -40.89
C CYS I 87 20.95 -6.53 -39.50
N SER I 88 21.32 -5.29 -39.15
CA SER I 88 21.10 -4.77 -37.81
C SER I 88 20.08 -3.63 -37.80
N GLY I 89 20.30 -2.57 -38.59
CA GLY I 89 19.41 -1.42 -38.58
C GLY I 89 19.15 -0.85 -39.95
N LYS I 90 19.60 -1.56 -40.99
CA LYS I 90 19.38 -1.09 -42.36
C LYS I 90 17.91 -0.98 -42.70
N LEU I 91 17.05 -1.73 -42.00
CA LEU I 91 15.60 -1.74 -42.18
C LEU I 91 15.18 -1.96 -43.62
N ILE I 92 16.11 -2.36 -44.49
CA ILE I 92 15.79 -2.99 -45.77
C ILE I 92 16.78 -4.13 -45.92
N CYS I 93 16.35 -5.34 -45.59
CA CYS I 93 17.24 -6.46 -45.36
C CYS I 93 17.10 -7.44 -46.51
N CYS I 94 17.90 -7.23 -47.55
CA CYS I 94 17.94 -8.17 -48.67
C CYS I 94 18.55 -9.49 -48.20
N THR I 95 17.91 -10.60 -48.57
CA THR I 95 18.35 -11.93 -48.16
C THR I 95 18.32 -12.86 -49.37
N ASN I 96 19.20 -13.86 -49.32
CA ASN I 96 19.38 -14.78 -50.45
C ASN I 96 18.57 -16.06 -50.31
N VAL I 97 17.69 -16.16 -49.32
CA VAL I 97 16.91 -17.37 -49.11
C VAL I 97 15.95 -17.55 -50.27
N PRO I 98 15.56 -18.78 -50.62
CA PRO I 98 14.63 -18.97 -51.73
C PRO I 98 13.22 -18.51 -51.35
N TRP I 99 12.35 -18.47 -52.36
CA TRP I 99 10.97 -18.05 -52.19
C TRP I 99 10.07 -18.98 -52.98
N ASN I 100 9.22 -19.73 -52.28
CA ASN I 100 8.32 -20.65 -52.95
C ASN I 100 7.29 -19.88 -53.78
N SER I 101 7.05 -20.37 -54.99
CA SER I 101 6.11 -19.70 -55.89
C SER I 101 4.67 -19.88 -55.41
N SER I 102 4.34 -21.02 -54.81
CA SER I 102 2.97 -21.28 -54.39
C SER I 102 2.49 -20.31 -53.33
N TRP I 103 3.40 -19.73 -52.53
CA TRP I 103 2.97 -18.83 -51.47
C TRP I 103 2.28 -17.60 -52.03
N SER I 104 2.82 -17.03 -53.10
CA SER I 104 2.27 -15.83 -53.73
C SER I 104 1.44 -16.13 -54.96
N ASN I 105 1.92 -17.00 -55.84
CA ASN I 105 1.23 -17.39 -57.07
C ASN I 105 0.62 -16.18 -57.78
N ARG I 106 1.38 -15.08 -57.84
CA ARG I 106 0.93 -13.88 -58.52
C ARG I 106 2.12 -13.16 -59.12
N ASN I 107 1.86 -12.37 -60.16
CA ASN I 107 2.92 -11.63 -60.83
C ASN I 107 3.39 -10.46 -59.97
N LEU I 108 4.64 -10.06 -60.19
CA LEU I 108 5.23 -8.98 -59.41
C LEU I 108 4.54 -7.64 -59.66
N SER I 109 4.01 -7.44 -60.88
CA SER I 109 3.46 -6.13 -61.23
C SER I 109 2.27 -5.77 -60.35
N GLU I 110 1.38 -6.72 -60.10
CA GLU I 110 0.14 -6.42 -59.40
C GLU I 110 0.33 -6.23 -57.90
N ILE I 111 1.43 -6.72 -57.33
CA ILE I 111 1.64 -6.70 -55.89
C ILE I 111 2.54 -5.55 -55.47
N TRP I 112 2.69 -4.52 -56.32
CA TRP I 112 3.53 -3.37 -55.98
C TRP I 112 2.93 -2.05 -56.40
N ASP I 113 1.71 -2.00 -56.93
CA ASP I 113 1.12 -0.78 -57.45
C ASP I 113 -0.20 -0.43 -56.80
N ASN I 114 -1.07 -1.39 -56.55
CA ASN I 114 -2.43 -1.13 -56.05
C ASN I 114 -2.71 -1.74 -54.70
N MET I 115 -2.33 -3.01 -54.47
CA MET I 115 -2.66 -3.67 -53.23
C MET I 115 -2.03 -2.93 -52.05
N THR I 116 -2.85 -2.68 -51.02
CA THR I 116 -2.36 -2.02 -49.82
C THR I 116 -1.71 -3.04 -48.88
N TRP I 117 -0.96 -2.52 -47.92
CA TRP I 117 -0.24 -3.39 -46.98
C TRP I 117 -1.21 -4.18 -46.11
N LEU I 118 -2.32 -3.56 -45.70
CA LEU I 118 -3.26 -4.23 -44.82
C LEU I 118 -3.81 -5.49 -45.48
N GLN I 119 -4.16 -5.41 -46.77
CA GLN I 119 -4.66 -6.58 -47.47
C GLN I 119 -3.58 -7.66 -47.57
N TRP I 120 -2.32 -7.25 -47.78
CA TRP I 120 -1.25 -8.22 -47.91
C TRP I 120 -1.07 -9.04 -46.63
N ASP I 121 -1.17 -8.38 -45.47
CA ASP I 121 -0.98 -9.09 -44.21
C ASP I 121 -2.02 -10.19 -44.03
N LYS I 122 -3.28 -9.89 -44.35
CA LYS I 122 -4.33 -10.89 -44.23
C LYS I 122 -4.07 -12.08 -45.15
N GLU I 123 -3.43 -11.86 -46.29
CA GLU I 123 -3.19 -12.94 -47.23
C GLU I 123 -2.10 -13.88 -46.76
N ILE I 124 -1.23 -13.45 -45.84
CA ILE I 124 -0.14 -14.29 -45.34
C ILE I 124 -0.38 -14.61 -43.87
N SER I 125 -1.64 -14.61 -43.45
CA SER I 125 -1.95 -14.93 -42.06
C SER I 125 -1.50 -16.34 -41.71
N ASN I 126 -1.76 -17.32 -42.60
CA ASN I 126 -1.32 -18.68 -42.35
C ASN I 126 0.19 -18.81 -42.55
N TYR I 127 0.78 -17.97 -43.40
CA TYR I 127 2.22 -18.04 -43.70
C TYR I 127 2.99 -17.26 -42.63
N THR I 128 3.02 -17.84 -41.43
CA THR I 128 3.74 -17.27 -40.31
C THR I 128 4.50 -18.38 -39.59
N GLN I 129 5.60 -18.00 -38.96
CA GLN I 129 6.51 -18.88 -38.23
C GLN I 129 7.25 -19.85 -39.15
N ILE I 130 7.02 -19.78 -40.46
CA ILE I 130 7.73 -20.63 -41.41
C ILE I 130 8.65 -19.82 -42.33
N ILE I 131 8.32 -18.57 -42.63
CA ILE I 131 9.21 -17.73 -43.40
C ILE I 131 10.44 -17.35 -42.58
N TYR I 132 10.23 -17.07 -41.28
CA TYR I 132 11.35 -16.72 -40.42
C TYR I 132 12.34 -17.88 -40.31
N GLY I 133 11.84 -19.10 -40.22
CA GLY I 133 12.72 -20.25 -40.10
C GLY I 133 13.69 -20.35 -41.27
N LEU I 134 13.22 -20.07 -42.47
CA LEU I 134 14.10 -20.13 -43.64
C LEU I 134 15.21 -19.11 -43.52
N LEU I 135 14.89 -17.89 -43.08
CA LEU I 135 15.91 -16.85 -42.97
C LEU I 135 16.99 -17.24 -41.97
N GLU I 136 16.60 -17.75 -40.82
CA GLU I 136 17.58 -18.07 -39.77
C GLU I 136 18.51 -19.19 -40.21
N GLU I 137 17.94 -20.28 -40.74
CA GLU I 137 18.76 -21.43 -41.11
C GLU I 137 19.75 -21.07 -42.21
N SER I 138 19.32 -20.30 -43.22
CA SER I 138 20.20 -19.93 -44.30
C SER I 138 21.30 -18.99 -43.84
N GLN I 139 20.97 -17.98 -43.05
CA GLN I 139 21.96 -17.02 -42.60
C GLN I 139 23.01 -17.70 -41.73
N ASN I 140 22.58 -18.56 -40.80
CA ASN I 140 23.53 -19.28 -39.97
C ASN I 140 24.42 -20.19 -40.81
N GLN I 141 23.83 -20.88 -41.80
CA GLN I 141 24.61 -21.75 -42.66
C GLN I 141 25.68 -20.95 -43.41
N GLN I 142 25.31 -19.77 -43.92
CA GLN I 142 26.28 -18.93 -44.61
C GLN I 142 27.24 -18.25 -43.64
N GLU I 143 26.91 -18.23 -42.34
CA GLU I 143 27.79 -17.58 -41.37
C GLU I 143 29.15 -18.27 -41.31
N LYS I 144 29.15 -19.60 -41.18
CA LYS I 144 30.42 -20.33 -41.17
C LYS I 144 31.13 -20.21 -42.52
N ASN I 145 30.36 -20.25 -43.62
CA ASN I 145 30.96 -20.09 -44.93
C ASN I 145 31.61 -18.73 -45.12
N GLU I 146 31.19 -17.72 -44.35
CA GLU I 146 31.79 -16.39 -44.40
C GLU I 146 32.94 -16.22 -43.41
N GLN I 147 33.28 -17.28 -42.67
CA GLN I 147 34.40 -17.25 -41.72
C GLN I 147 35.56 -18.12 -42.15
N ASP I 148 35.29 -19.26 -42.78
CA ASP I 148 36.38 -20.14 -43.21
C ASP I 148 37.23 -19.47 -44.28
N LEU I 149 36.60 -18.75 -45.21
CA LEU I 149 37.36 -18.12 -46.29
C LEU I 149 38.37 -17.10 -45.77
N LEU I 150 38.14 -16.54 -44.58
CA LEU I 150 39.07 -15.55 -44.05
C LEU I 150 40.45 -16.14 -43.82
N ALA I 151 40.50 -17.38 -43.33
CA ALA I 151 41.79 -18.02 -43.08
C ALA I 151 42.60 -18.15 -44.37
N LEU I 152 41.95 -18.56 -45.45
CA LEU I 152 42.61 -18.71 -46.74
C LEU I 152 41.90 -17.89 -47.81
N GLU J 2 14.13 -15.54 -64.96
CA GLU J 2 13.25 -14.75 -64.11
C GLU J 2 13.02 -15.45 -62.77
N ASN J 3 13.58 -14.87 -61.71
CA ASN J 3 13.43 -15.42 -60.37
C ASN J 3 13.32 -14.28 -59.38
N LEU J 4 12.56 -14.50 -58.31
CA LEU J 4 12.34 -13.51 -57.27
C LEU J 4 12.50 -14.16 -55.90
N TRP J 5 13.20 -13.47 -55.01
CA TRP J 5 13.45 -13.92 -53.65
C TRP J 5 12.67 -13.05 -52.68
N VAL J 6 12.87 -13.29 -51.39
CA VAL J 6 12.07 -12.67 -50.33
C VAL J 6 12.98 -11.79 -49.48
N THR J 7 12.52 -10.58 -49.21
CA THR J 7 13.14 -9.66 -48.27
C THR J 7 12.15 -9.35 -47.16
N VAL J 8 12.55 -8.48 -46.24
CA VAL J 8 11.71 -8.07 -45.12
C VAL J 8 11.71 -6.55 -45.04
N TYR J 9 10.62 -6.01 -44.50
CA TYR J 9 10.44 -4.58 -44.33
C TYR J 9 10.16 -4.29 -42.86
N TYR J 10 10.83 -3.27 -42.32
CA TYR J 10 10.67 -2.88 -40.93
C TYR J 10 9.96 -1.54 -40.85
N GLY J 11 9.05 -1.42 -39.89
CA GLY J 11 8.27 -0.20 -39.74
C GLY J 11 7.06 -0.09 -40.64
N VAL J 12 6.71 -1.17 -41.34
CA VAL J 12 5.56 -1.10 -42.24
C VAL J 12 4.30 -0.84 -41.42
N PRO J 13 3.39 0.04 -41.87
CA PRO J 13 2.18 0.33 -41.08
C PRO J 13 1.13 -0.77 -41.20
N VAL J 14 0.97 -1.54 -40.13
CA VAL J 14 -0.07 -2.56 -40.06
C VAL J 14 -0.55 -2.64 -38.62
N TRP J 15 -1.85 -2.85 -38.43
CA TRP J 15 -2.45 -2.85 -37.11
C TRP J 15 -3.25 -4.12 -36.89
N LYS J 16 -3.38 -4.49 -35.62
CA LYS J 16 -4.16 -5.65 -35.20
C LYS J 16 -4.93 -5.28 -33.94
N ASP J 17 -5.54 -6.27 -33.31
CA ASP J 17 -6.31 -6.08 -32.09
C ASP J 17 -5.53 -6.61 -30.90
N ALA J 18 -5.54 -5.84 -29.81
CA ALA J 18 -4.80 -6.22 -28.62
C ALA J 18 -5.46 -5.59 -27.40
N GLU J 19 -5.10 -6.10 -26.22
CA GLU J 19 -5.62 -5.61 -24.94
C GLU J 19 -4.50 -4.87 -24.22
N THR J 20 -4.78 -3.63 -23.84
CA THR J 20 -3.79 -2.82 -23.13
C THR J 20 -4.52 -1.72 -22.36
N THR J 21 -3.80 -1.11 -21.44
CA THR J 21 -4.32 -0.04 -20.60
C THR J 21 -3.78 1.31 -21.07
N LEU J 22 -4.45 2.36 -20.64
CA LEU J 22 -4.11 3.74 -21.00
C LEU J 22 -3.76 4.51 -19.73
N PHE J 23 -3.46 5.80 -19.90
CA PHE J 23 -3.05 6.66 -18.79
C PHE J 23 -3.71 8.02 -18.97
N CYS J 24 -3.40 8.93 -18.05
CA CYS J 24 -4.06 10.23 -18.00
C CYS J 24 -3.50 11.19 -19.06
N ALA J 25 -4.22 12.29 -19.24
CA ALA J 25 -3.71 13.43 -20.01
C ALA J 25 -4.53 14.64 -19.59
N SER J 26 -3.90 15.58 -18.90
CA SER J 26 -4.57 16.72 -18.28
C SER J 26 -4.20 18.01 -18.98
N ASP J 27 -5.18 18.90 -19.14
CA ASP J 27 -4.97 20.18 -19.79
C ASP J 27 -4.34 21.19 -18.82
N ALA J 28 -3.87 22.30 -19.38
CA ALA J 28 -3.27 23.34 -18.55
C ALA J 28 -4.31 23.98 -17.63
N LYS J 29 -5.54 24.17 -18.11
CA LYS J 29 -6.57 24.81 -17.30
C LYS J 29 -6.85 24.00 -16.05
N ALA J 30 -6.93 22.67 -16.18
CA ALA J 30 -7.13 21.82 -15.01
C ALA J 30 -5.96 21.95 -14.03
N TYR J 31 -4.73 22.04 -14.56
CA TYR J 31 -3.57 22.21 -13.70
C TYR J 31 -3.63 23.50 -12.89
N GLU J 32 -4.37 24.50 -13.36
CA GLU J 32 -4.45 25.76 -12.63
C GLU J 32 -5.08 25.56 -11.24
N THR J 33 -6.12 24.74 -11.16
CA THR J 33 -6.77 24.49 -9.89
C THR J 33 -5.79 23.85 -8.91
N GLU J 34 -5.77 24.37 -7.69
CA GLU J 34 -4.87 23.89 -6.64
C GLU J 34 -5.53 22.89 -5.71
N LYS J 35 -6.79 22.52 -5.97
CA LYS J 35 -7.52 21.59 -5.11
C LYS J 35 -7.28 20.16 -5.58
N HIS J 36 -6.82 19.31 -4.67
CA HIS J 36 -6.55 17.90 -4.98
C HIS J 36 -7.83 17.09 -4.78
N ASN J 37 -8.76 17.30 -5.71
CA ASN J 37 -10.06 16.64 -5.67
C ASN J 37 -9.99 15.33 -6.45
N VAL J 38 -11.15 14.70 -6.67
CA VAL J 38 -11.20 13.49 -7.47
C VAL J 38 -10.85 13.82 -8.91
N TRP J 39 -10.21 12.86 -9.59
CA TRP J 39 -9.74 13.06 -10.96
C TRP J 39 -8.81 14.26 -11.06
N ALA J 40 -7.96 14.43 -10.05
CA ALA J 40 -7.04 15.56 -10.01
C ALA J 40 -5.86 15.32 -10.95
N THR J 41 -5.13 16.39 -11.24
CA THR J 41 -3.96 16.32 -12.10
C THR J 41 -2.70 15.90 -11.36
N HIS J 42 -2.74 15.79 -10.03
CA HIS J 42 -1.56 15.40 -9.29
C HIS J 42 -1.10 14.00 -9.68
N ALA J 43 -2.03 13.07 -9.79
CA ALA J 43 -1.73 11.70 -10.19
C ALA J 43 -1.94 11.47 -11.70
N CYS J 44 -2.28 12.51 -12.45
CA CYS J 44 -2.55 12.40 -13.88
C CYS J 44 -1.54 13.26 -14.63
N VAL J 45 -0.87 12.67 -15.61
CA VAL J 45 0.18 13.39 -16.35
C VAL J 45 -0.46 14.48 -17.19
N PRO J 46 0.16 15.66 -17.33
CA PRO J 46 -0.40 16.69 -18.22
C PRO J 46 -0.34 16.26 -19.68
N THR J 47 -1.27 16.80 -20.46
CA THR J 47 -1.39 16.47 -21.87
C THR J 47 -0.45 17.33 -22.71
N ASP J 48 -0.58 17.21 -24.03
CA ASP J 48 0.17 18.01 -24.98
C ASP J 48 -0.80 18.70 -25.94
N PRO J 49 -0.63 19.99 -26.22
CA PRO J 49 -1.58 20.68 -27.10
C PRO J 49 -1.39 20.29 -28.56
N ASN J 50 -2.37 20.68 -29.37
CA ASN J 50 -2.34 20.45 -30.81
C ASN J 50 -2.11 18.97 -31.13
N PRO J 51 -3.10 18.11 -30.87
CA PRO J 51 -2.94 16.70 -31.25
C PRO J 51 -2.75 16.55 -32.75
N GLN J 52 -1.94 15.55 -33.13
CA GLN J 52 -1.62 15.31 -34.54
C GLN J 52 -2.69 14.42 -35.17
N GLU J 53 -3.91 14.93 -35.21
CA GLU J 53 -5.02 14.23 -35.84
C GLU J 53 -4.91 14.36 -37.35
N ILE J 54 -4.82 13.22 -38.03
CA ILE J 54 -4.68 13.19 -39.48
C ILE J 54 -5.68 12.19 -40.06
N HIS J 55 -6.07 12.43 -41.31
CA HIS J 55 -7.03 11.56 -41.98
C HIS J 55 -6.32 10.35 -42.58
N LEU J 56 -7.11 9.31 -42.84
CA LEU J 56 -6.65 8.10 -43.50
C LEU J 56 -7.52 7.84 -44.73
N GLU J 57 -6.88 7.41 -45.82
CA GLU J 57 -7.55 7.23 -47.09
C GLU J 57 -7.27 5.84 -47.63
N ASN J 58 -8.18 5.35 -48.47
CA ASN J 58 -8.04 4.04 -49.13
C ASN J 58 -7.92 2.93 -48.08
N VAL J 59 -8.66 3.06 -46.98
CA VAL J 59 -8.62 2.10 -45.90
C VAL J 59 -10.03 1.93 -45.34
N THR J 60 -10.38 0.68 -45.01
CA THR J 60 -11.65 0.34 -44.38
C THR J 60 -11.37 -0.39 -43.09
N GLU J 61 -12.02 0.04 -42.01
CA GLU J 61 -11.80 -0.51 -40.68
C GLU J 61 -13.13 -0.88 -40.05
N GLU J 62 -13.16 -2.03 -39.38
CA GLU J 62 -14.34 -2.49 -38.67
C GLU J 62 -14.30 -2.00 -37.22
N PHE J 63 -15.45 -1.57 -36.72
CA PHE J 63 -15.55 -1.01 -35.38
C PHE J 63 -16.66 -1.72 -34.60
N ASN J 64 -16.46 -1.81 -33.29
CA ASN J 64 -17.44 -2.39 -32.39
C ASN J 64 -17.46 -1.59 -31.10
N MET J 65 -18.66 -1.29 -30.61
CA MET J 65 -18.83 -0.51 -29.39
C MET J 65 -19.29 -1.32 -28.20
N TRP J 66 -19.92 -2.47 -28.42
CA TRP J 66 -20.38 -3.30 -27.32
C TRP J 66 -19.30 -4.23 -26.79
N LYS J 67 -18.39 -4.68 -27.65
CA LYS J 67 -17.28 -5.53 -27.24
C LYS J 67 -16.01 -4.74 -26.95
N ASN J 68 -16.06 -3.41 -27.02
CA ASN J 68 -14.87 -2.60 -26.80
C ASN J 68 -14.37 -2.78 -25.37
N ASN J 69 -13.05 -2.93 -25.24
CA ASN J 69 -12.44 -3.09 -23.92
C ASN J 69 -12.19 -1.76 -23.21
N MET J 70 -12.26 -0.65 -23.93
CA MET J 70 -11.99 0.64 -23.31
C MET J 70 -13.00 0.95 -22.22
N VAL J 71 -14.28 0.67 -22.46
CA VAL J 71 -15.29 0.95 -21.45
C VAL J 71 -15.10 0.06 -20.24
N GLU J 72 -14.75 -1.22 -20.46
CA GLU J 72 -14.62 -2.16 -19.35
C GLU J 72 -13.52 -1.71 -18.38
N GLN J 73 -12.35 -1.35 -18.91
CA GLN J 73 -11.26 -0.94 -18.03
C GLN J 73 -11.53 0.42 -17.41
N MET J 74 -12.20 1.31 -18.13
CA MET J 74 -12.53 2.62 -17.56
C MET J 74 -13.45 2.48 -16.36
N HIS J 75 -14.40 1.55 -16.42
CA HIS J 75 -15.31 1.34 -15.30
C HIS J 75 -14.53 0.96 -14.03
N THR J 76 -13.54 0.08 -14.17
CA THR J 76 -12.71 -0.27 -13.02
C THR J 76 -11.84 0.90 -12.58
N ASP J 77 -11.39 1.72 -13.54
CA ASP J 77 -10.51 2.82 -13.20
C ASP J 77 -11.20 3.83 -12.27
N ILE J 78 -12.46 4.17 -12.58
CA ILE J 78 -13.15 5.18 -11.79
C ILE J 78 -13.34 4.70 -10.35
N ILE J 79 -13.79 3.45 -10.18
CA ILE J 79 -14.03 2.94 -8.84
C ILE J 79 -12.73 2.83 -8.07
N SER J 80 -11.64 2.47 -8.76
CA SER J 80 -10.35 2.37 -8.08
C SER J 80 -9.92 3.70 -7.48
N LEU J 81 -10.08 4.79 -8.25
CA LEU J 81 -9.72 6.10 -7.74
C LEU J 81 -10.76 6.63 -6.75
N TRP J 82 -12.02 6.23 -6.90
CA TRP J 82 -13.05 6.69 -5.97
C TRP J 82 -12.75 6.25 -4.54
N ASP J 83 -12.33 5.01 -4.36
CA ASP J 83 -12.02 4.51 -3.02
C ASP J 83 -10.83 5.27 -2.42
N GLN J 84 -9.83 5.57 -3.24
CA GLN J 84 -8.64 6.25 -2.75
C GLN J 84 -8.96 7.64 -2.21
N SER J 85 -10.07 8.24 -2.64
CA SER J 85 -10.40 9.58 -2.19
C SER J 85 -10.91 9.59 -0.76
N LEU J 86 -11.58 8.53 -0.32
CA LEU J 86 -12.19 8.47 1.00
C LEU J 86 -11.28 7.86 2.05
N LYS J 87 -10.06 7.49 1.70
CA LYS J 87 -9.15 6.80 2.60
C LYS J 87 -8.52 7.74 3.63
N PRO J 88 -7.89 8.85 3.21
CA PRO J 88 -7.00 9.57 4.12
C PRO J 88 -7.67 10.57 5.05
N CYS J 89 -8.99 10.48 5.25
CA CYS J 89 -9.68 11.42 6.12
C CYS J 89 -10.74 10.67 6.93
N VAL J 90 -11.62 11.43 7.57
CA VAL J 90 -12.35 10.95 8.74
C VAL J 90 -13.11 9.66 8.48
N LYS J 91 -13.29 8.89 9.56
CA LYS J 91 -14.10 7.68 9.57
C LYS J 91 -15.34 7.92 10.42
N LEU J 92 -16.47 7.38 9.97
CA LEU J 92 -17.77 7.61 10.61
C LEU J 92 -18.35 6.31 11.15
N THR J 93 -17.51 5.51 11.82
CA THR J 93 -17.96 4.23 12.36
C THR J 93 -18.84 4.39 13.60
N PRO J 94 -18.58 5.34 14.50
CA PRO J 94 -19.34 5.38 15.76
C PRO J 94 -20.64 6.16 15.71
N LEU J 95 -21.14 6.52 14.52
CA LEU J 95 -22.34 7.33 14.43
C LEU J 95 -23.60 6.58 14.82
N CYS J 96 -23.60 5.26 14.72
CA CYS J 96 -24.79 4.46 15.00
C CYS J 96 -25.17 4.61 16.46
N VAL J 97 -26.32 5.24 16.72
CA VAL J 97 -26.86 5.39 18.06
C VAL J 97 -28.39 5.40 17.94
N THR J 98 -29.05 4.86 18.95
CA THR J 98 -30.51 4.85 18.97
C THR J 98 -31.04 6.27 18.95
N LEU J 99 -32.14 6.48 18.23
CA LEU J 99 -32.72 7.80 18.03
C LEU J 99 -34.17 7.79 18.50
N GLN J 100 -34.47 8.63 19.49
CA GLN J 100 -35.85 8.91 19.89
C GLN J 100 -36.30 10.14 19.11
N CYS J 101 -36.70 9.90 17.86
CA CYS J 101 -36.89 10.96 16.89
C CYS J 101 -38.36 11.15 16.57
N THR J 102 -38.71 12.38 16.21
CA THR J 102 -40.08 12.76 15.88
C THR J 102 -40.05 13.63 14.62
N ASN J 103 -41.20 14.18 14.26
CA ASN J 103 -41.31 15.03 13.09
C ASN J 103 -40.80 16.44 13.43
N VAL J 104 -40.98 17.36 12.49
CA VAL J 104 -40.69 18.78 12.71
C VAL J 104 -41.62 19.59 11.83
N THR J 105 -42.15 20.68 12.38
CA THR J 105 -43.14 21.51 11.69
C THR J 105 -42.77 22.98 11.89
N ASN J 106 -42.18 23.59 10.87
CA ASN J 106 -41.88 25.01 10.84
C ASN J 106 -42.45 25.56 9.54
N ASN J 107 -43.73 25.90 9.56
CA ASN J 107 -44.48 26.30 8.35
C ASN J 107 -44.04 25.47 7.14
N ILE J 108 -44.06 24.15 7.34
CA ILE J 108 -43.60 23.21 6.31
C ILE J 108 -44.73 22.93 5.33
N THR J 109 -44.37 22.88 4.04
CA THR J 109 -45.34 22.55 3.01
C THR J 109 -45.83 21.12 3.16
N ASP J 110 -47.12 20.91 2.92
CA ASP J 110 -47.68 19.56 3.03
C ASP J 110 -47.06 18.61 2.02
N ASP J 111 -46.56 19.13 0.90
CA ASP J 111 -45.94 18.30 -0.12
C ASP J 111 -44.63 17.66 0.36
N MET J 112 -44.09 18.11 1.49
CA MET J 112 -42.88 17.55 2.07
C MET J 112 -43.08 17.26 3.55
N ARG J 113 -44.25 16.73 3.90
CA ARG J 113 -44.62 16.51 5.29
C ARG J 113 -43.65 15.56 5.99
N GLY J 114 -43.65 14.30 5.58
CA GLY J 114 -42.82 13.29 6.22
C GLY J 114 -41.47 13.12 5.56
N GLU J 115 -40.64 14.16 5.61
CA GLU J 115 -39.33 14.11 4.97
C GLU J 115 -38.21 14.59 5.90
N LEU J 116 -38.55 15.43 6.88
CA LEU J 116 -37.57 16.00 7.79
C LEU J 116 -37.93 15.65 9.23
N LYS J 117 -36.93 15.32 10.02
CA LYS J 117 -37.11 14.96 11.42
C LYS J 117 -36.07 15.66 12.28
N ASN J 118 -36.49 16.14 13.44
CA ASN J 118 -35.62 16.81 14.40
C ASN J 118 -35.45 15.93 15.63
N CYS J 119 -34.21 15.71 16.03
CA CYS J 119 -33.92 14.88 17.20
C CYS J 119 -32.42 14.93 17.49
N SER J 120 -32.02 14.24 18.55
CA SER J 120 -30.65 14.24 19.04
C SER J 120 -30.23 12.82 19.37
N PHE J 121 -28.97 12.67 19.80
CA PHE J 121 -28.43 11.38 20.17
C PHE J 121 -27.21 11.58 21.06
N ASN J 122 -26.83 10.52 21.75
CA ASN J 122 -25.63 10.54 22.58
C ASN J 122 -24.42 10.23 21.70
N MET J 123 -23.46 11.15 21.65
CA MET J 123 -22.27 11.00 20.83
C MET J 123 -21.03 11.28 21.67
N THR J 124 -19.96 10.53 21.41
CA THR J 124 -18.72 10.72 22.14
C THR J 124 -18.09 12.05 21.77
N THR J 125 -17.52 12.72 22.77
CA THR J 125 -16.84 13.99 22.57
C THR J 125 -15.37 13.73 22.26
N GLU J 126 -14.56 14.80 22.20
CA GLU J 126 -13.14 14.64 21.95
C GLU J 126 -12.48 13.81 23.05
N LEU J 127 -12.98 13.90 24.28
CA LEU J 127 -12.50 13.08 25.38
C LEU J 127 -13.23 11.73 25.35
N ARG J 128 -13.06 10.94 26.41
CA ARG J 128 -13.71 9.64 26.51
C ARG J 128 -14.67 9.56 27.69
N ASP J 129 -14.24 9.99 28.88
CA ASP J 129 -15.10 9.91 30.05
C ASP J 129 -16.33 10.82 29.89
N LYS J 130 -16.13 12.03 29.39
CA LYS J 130 -17.22 12.97 29.25
C LYS J 130 -18.14 12.56 28.10
N LYS J 131 -19.41 12.97 28.21
CA LYS J 131 -20.42 12.66 27.20
C LYS J 131 -21.26 13.90 26.94
N GLN J 132 -21.75 14.01 25.71
CA GLN J 132 -22.59 15.14 25.32
C GLN J 132 -23.50 14.70 24.19
N LYS J 133 -24.58 15.46 23.98
CA LYS J 133 -25.58 15.16 22.99
C LYS J 133 -25.78 16.34 22.06
N VAL J 134 -26.01 16.06 20.78
CA VAL J 134 -26.25 17.08 19.78
C VAL J 134 -27.45 16.65 18.92
N TYR J 135 -28.05 17.63 18.26
CA TYR J 135 -29.24 17.43 17.45
C TYR J 135 -28.99 17.87 16.02
N SER J 136 -29.63 17.19 15.08
CA SER J 136 -29.50 17.51 13.66
C SER J 136 -30.73 17.00 12.92
N LEU J 137 -30.90 17.47 11.70
CA LEU J 137 -32.02 17.09 10.85
C LEU J 137 -31.60 15.98 9.90
N PHE J 138 -32.43 14.95 9.79
CA PHE J 138 -32.16 13.81 8.92
C PHE J 138 -33.33 13.59 7.99
N TYR J 139 -33.03 13.05 6.81
CA TYR J 139 -34.06 12.82 5.80
C TYR J 139 -34.83 11.53 6.07
N ARG J 140 -36.00 11.42 5.46
CA ARG J 140 -36.87 10.27 5.68
C ARG J 140 -36.19 8.97 5.25
N LEU J 141 -35.57 8.98 4.06
CA LEU J 141 -34.98 7.76 3.53
C LEU J 141 -33.76 7.29 4.31
N ASP J 142 -33.20 8.13 5.18
CA ASP J 142 -32.02 7.77 5.95
C ASP J 142 -32.37 7.19 7.32
N VAL J 143 -33.66 7.03 7.63
CA VAL J 143 -34.09 6.53 8.93
C VAL J 143 -35.08 5.38 8.69
N VAL J 144 -34.92 4.30 9.44
CA VAL J 144 -35.79 3.14 9.35
C VAL J 144 -36.55 2.99 10.66
N GLN J 145 -37.46 2.02 10.68
CA GLN J 145 -38.32 1.76 11.83
C GLN J 145 -37.84 0.49 12.54
N ILE J 146 -37.69 0.58 13.86
CA ILE J 146 -37.30 -0.56 14.69
C ILE J 146 -38.23 -0.62 15.89
N ASN J 147 -38.31 -1.81 16.48
CA ASN J 147 -39.15 -2.02 17.64
C ASN J 147 -38.68 -3.24 18.43
N ASN J 158 -41.69 4.04 23.17
CA ASN J 158 -42.81 3.92 22.23
C ASN J 158 -42.35 4.22 20.81
N LYS J 159 -41.38 5.12 20.68
CA LYS J 159 -40.83 5.49 19.38
C LYS J 159 -39.31 5.42 19.44
N GLU J 160 -38.71 4.71 18.48
CA GLU J 160 -37.26 4.57 18.40
C GLU J 160 -36.87 4.39 16.94
N TYR J 161 -35.88 5.15 16.50
CA TYR J 161 -35.43 5.14 15.12
C TYR J 161 -33.93 4.90 15.07
N ARG J 162 -33.47 4.39 13.93
CA ARG J 162 -32.05 4.16 13.70
C ARG J 162 -31.77 4.31 12.22
N LEU J 163 -30.50 4.52 11.89
CA LEU J 163 -30.08 4.68 10.50
C LEU J 163 -30.10 3.33 9.78
N ILE J 164 -30.33 3.39 8.47
CA ILE J 164 -30.26 2.20 7.64
C ILE J 164 -28.84 1.72 7.41
N ASN J 165 -27.85 2.53 7.79
CA ASN J 165 -26.44 2.20 7.59
C ASN J 165 -25.87 1.38 8.73
N CYS J 166 -26.68 1.04 9.74
CA CYS J 166 -26.20 0.34 10.92
C CYS J 166 -26.35 -1.17 10.83
N ASN J 167 -27.46 -1.66 10.30
CA ASN J 167 -27.65 -3.09 10.08
C ASN J 167 -26.99 -3.58 8.79
N THR J 168 -26.10 -2.77 8.22
CA THR J 168 -25.37 -3.12 7.01
C THR J 168 -23.94 -2.60 7.19
N SER J 169 -23.18 -2.56 6.09
CA SER J 169 -21.81 -2.10 6.16
C SER J 169 -21.75 -0.65 6.63
N ALA J 170 -20.60 -0.27 7.16
CA ALA J 170 -20.35 1.08 7.63
C ALA J 170 -19.38 1.78 6.68
N CYS J 171 -19.54 3.09 6.54
CA CYS J 171 -18.75 3.87 5.59
C CYS J 171 -18.45 5.23 6.18
N THR J 172 -17.64 6.01 5.46
CA THR J 172 -17.26 7.34 5.85
C THR J 172 -18.20 8.36 5.19
N GLN J 173 -17.85 9.64 5.30
CA GLN J 173 -18.53 10.70 4.60
C GLN J 173 -17.63 11.24 3.49
N ALA J 174 -18.25 11.89 2.52
CA ALA J 174 -17.47 12.51 1.44
C ALA J 174 -16.45 13.46 2.06
N CYS J 175 -15.20 13.32 1.63
CA CYS J 175 -14.13 14.03 2.29
C CYS J 175 -14.34 15.54 2.11
N PRO J 176 -14.22 16.34 3.16
CA PRO J 176 -14.65 17.74 3.07
C PRO J 176 -13.68 18.67 2.36
N LYS J 177 -12.54 18.16 1.88
CA LYS J 177 -11.54 18.99 1.22
C LYS J 177 -11.43 18.69 -0.28
N VAL J 178 -12.43 18.01 -0.84
CA VAL J 178 -12.44 17.68 -2.27
C VAL J 178 -13.80 18.03 -2.83
N SER J 179 -13.84 18.16 -4.16
CA SER J 179 -15.05 18.49 -4.89
C SER J 179 -15.37 17.39 -5.88
N PHE J 180 -16.66 17.16 -6.11
CA PHE J 180 -17.13 16.10 -7.00
C PHE J 180 -17.45 16.62 -8.40
N GLU J 181 -17.12 17.87 -8.71
CA GLU J 181 -17.41 18.41 -10.02
C GLU J 181 -16.65 17.62 -11.09
N PRO J 182 -17.30 17.21 -12.18
CA PRO J 182 -16.59 16.43 -13.19
C PRO J 182 -15.49 17.24 -13.86
N ILE J 183 -14.43 16.55 -14.25
CA ILE J 183 -13.31 17.16 -14.95
C ILE J 183 -13.08 16.40 -16.26
N PRO J 184 -13.05 17.06 -17.41
CA PRO J 184 -12.81 16.32 -18.66
C PRO J 184 -11.35 15.92 -18.77
N ILE J 185 -11.12 14.63 -19.03
CA ILE J 185 -9.77 14.09 -19.15
C ILE J 185 -9.64 13.38 -20.49
N HIS J 186 -8.40 13.29 -20.96
CA HIS J 186 -8.08 12.66 -22.23
C HIS J 186 -7.31 11.36 -21.98
N TYR J 187 -7.61 10.34 -22.77
CA TYR J 187 -6.97 9.04 -22.66
C TYR J 187 -6.00 8.86 -23.83
N CYS J 188 -4.77 8.49 -23.52
CA CYS J 188 -3.73 8.28 -24.52
C CYS J 188 -3.09 6.92 -24.32
N ALA J 189 -2.87 6.21 -25.41
CA ALA J 189 -2.25 4.89 -25.36
C ALA J 189 -0.73 5.02 -25.28
N PRO J 190 -0.05 4.00 -24.75
CA PRO J 190 1.42 4.07 -24.67
C PRO J 190 2.07 3.94 -26.03
N ALA J 191 3.41 3.97 -26.06
CA ALA J 191 4.13 3.84 -27.32
C ALA J 191 3.87 2.48 -27.94
N GLY J 192 3.79 2.46 -29.27
CA GLY J 192 3.52 1.24 -30.00
C GLY J 192 2.05 0.94 -30.21
N PHE J 193 1.15 1.71 -29.60
CA PHE J 193 -0.28 1.55 -29.77
C PHE J 193 -0.89 2.88 -30.17
N ALA J 194 -1.82 2.84 -31.12
CA ALA J 194 -2.51 4.01 -31.62
C ALA J 194 -4.00 3.89 -31.35
N ILE J 195 -4.73 4.96 -31.66
CA ILE J 195 -6.17 5.01 -31.51
C ILE J 195 -6.78 5.41 -32.85
N LEU J 196 -7.69 4.59 -33.35
CA LEU J 196 -8.38 4.86 -34.61
C LEU J 196 -9.77 5.43 -34.29
N LYS J 197 -10.05 6.61 -34.81
CA LYS J 197 -11.31 7.30 -34.56
C LYS J 197 -12.17 7.26 -35.82
N CYS J 198 -13.43 6.88 -35.65
CA CYS J 198 -14.38 6.79 -36.76
C CYS J 198 -15.20 8.06 -36.81
N LYS J 199 -15.14 8.77 -37.94
CA LYS J 199 -15.83 10.04 -38.11
C LYS J 199 -17.02 9.94 -39.06
N ASP J 200 -17.44 8.72 -39.41
CA ASP J 200 -18.55 8.56 -40.33
C ASP J 200 -19.83 9.16 -39.75
N LYS J 201 -20.54 9.92 -40.57
CA LYS J 201 -21.81 10.50 -40.12
C LYS J 201 -22.82 9.40 -39.79
N LYS J 202 -22.91 8.39 -40.65
CA LYS J 202 -23.78 7.24 -40.44
C LYS J 202 -22.95 6.14 -39.76
N PHE J 203 -23.26 5.86 -38.49
CA PHE J 203 -22.51 4.88 -37.72
C PHE J 203 -23.47 4.26 -36.72
N ASN J 204 -23.86 3.00 -36.97
CA ASN J 204 -24.79 2.28 -36.11
C ASN J 204 -24.08 1.33 -35.16
N GLY J 205 -22.85 1.67 -34.75
CA GLY J 205 -22.11 0.85 -33.80
C GLY J 205 -21.18 -0.15 -34.46
N THR J 206 -21.74 -1.09 -35.21
CA THR J 206 -20.97 -2.15 -35.86
C THR J 206 -21.14 -2.03 -37.37
N GLY J 207 -20.02 -2.11 -38.10
CA GLY J 207 -20.04 -2.02 -39.54
C GLY J 207 -18.81 -1.34 -40.08
N PRO J 208 -18.65 -1.37 -41.41
CA PRO J 208 -17.48 -0.71 -42.01
C PRO J 208 -17.48 0.79 -41.75
N CYS J 209 -16.28 1.34 -41.57
CA CYS J 209 -16.10 2.76 -41.30
C CYS J 209 -15.06 3.30 -42.28
N PRO J 210 -15.48 3.62 -43.50
CA PRO J 210 -14.51 4.15 -44.48
C PRO J 210 -13.84 5.43 -44.03
N SER J 211 -14.54 6.28 -43.29
CA SER J 211 -13.98 7.55 -42.80
C SER J 211 -13.40 7.29 -41.41
N VAL J 212 -12.11 6.93 -41.38
CA VAL J 212 -11.40 6.64 -40.14
C VAL J 212 -10.17 7.53 -40.06
N SER J 213 -9.96 8.12 -38.89
CA SER J 213 -8.80 8.99 -38.66
C SER J 213 -8.13 8.58 -37.36
N THR J 214 -6.79 8.57 -37.38
CA THR J 214 -6.01 8.24 -36.20
C THR J 214 -5.68 9.50 -35.41
N VAL J 215 -5.52 9.33 -34.10
CA VAL J 215 -5.19 10.43 -33.21
C VAL J 215 -4.42 9.89 -32.02
N GLN J 216 -3.41 10.65 -31.58
CA GLN J 216 -2.62 10.22 -30.43
C GLN J 216 -3.46 10.20 -29.16
N CYS J 217 -4.30 11.22 -28.96
CA CYS J 217 -5.12 11.32 -27.76
C CYS J 217 -6.54 11.71 -28.16
N THR J 218 -7.49 11.36 -27.29
CA THR J 218 -8.89 11.64 -27.54
C THR J 218 -9.31 12.96 -26.87
N HIS J 219 -10.48 13.45 -27.27
CA HIS J 219 -11.01 14.68 -26.70
C HIS J 219 -11.51 14.44 -25.28
N GLY J 220 -11.78 15.54 -24.57
CA GLY J 220 -12.19 15.47 -23.18
C GLY J 220 -13.45 14.64 -22.96
N ILE J 221 -13.39 13.74 -21.99
CA ILE J 221 -14.53 12.89 -21.62
C ILE J 221 -14.88 13.19 -20.18
N LYS J 222 -16.12 13.57 -19.93
CA LYS J 222 -16.58 13.92 -18.59
C LYS J 222 -17.16 12.69 -17.92
N PRO J 223 -16.61 12.21 -16.80
CA PRO J 223 -17.21 11.04 -16.12
C PRO J 223 -18.44 11.41 -15.32
N VAL J 224 -19.51 11.74 -16.03
CA VAL J 224 -20.75 12.16 -15.38
C VAL J 224 -21.35 10.98 -14.60
N VAL J 225 -21.99 11.29 -13.49
CA VAL J 225 -22.64 10.29 -12.64
C VAL J 225 -24.13 10.36 -12.91
N SER J 226 -24.68 9.29 -13.46
CA SER J 226 -26.10 9.24 -13.78
C SER J 226 -26.47 7.81 -14.18
N THR J 227 -27.70 7.43 -13.88
CA THR J 227 -28.23 6.13 -14.27
C THR J 227 -29.01 6.21 -15.58
N GLN J 228 -29.90 7.21 -15.69
CA GLN J 228 -30.65 7.45 -16.91
C GLN J 228 -30.63 8.95 -17.20
N LEU J 229 -30.83 9.28 -18.47
CA LEU J 229 -30.80 10.68 -18.92
C LEU J 229 -29.47 11.33 -18.57
N LEU J 230 -28.41 10.78 -19.17
CA LEU J 230 -27.06 11.25 -18.87
C LEU J 230 -26.91 12.73 -19.24
N LEU J 231 -26.10 13.43 -18.44
CA LEU J 231 -25.93 14.87 -18.57
C LEU J 231 -24.52 15.18 -19.08
N ASN J 232 -24.40 16.35 -19.71
CA ASN J 232 -23.10 16.86 -20.16
C ASN J 232 -22.38 15.85 -21.05
N GLY J 233 -23.13 15.21 -21.94
CA GLY J 233 -22.58 14.24 -22.87
C GLY J 233 -22.13 14.89 -24.16
N SER J 234 -21.74 14.04 -25.11
CA SER J 234 -21.29 14.49 -26.42
C SER J 234 -22.50 14.63 -27.34
N LEU J 235 -22.77 15.86 -27.78
CA LEU J 235 -23.93 16.12 -28.62
C LEU J 235 -23.72 15.53 -30.02
N ALA J 236 -24.83 15.09 -30.62
CA ALA J 236 -24.80 14.60 -31.98
C ALA J 236 -24.70 15.77 -32.96
N GLU J 237 -24.49 15.42 -34.23
CA GLU J 237 -24.29 16.43 -35.27
C GLU J 237 -25.55 16.61 -36.12
N GLU J 238 -26.05 15.53 -36.72
CA GLU J 238 -27.27 15.58 -37.51
C GLU J 238 -27.76 14.16 -37.74
N GLU J 239 -29.00 14.05 -38.17
CA GLU J 239 -29.63 12.76 -38.43
C GLU J 239 -29.46 11.84 -37.22
N VAL J 240 -30.08 12.28 -36.12
CA VAL J 240 -30.01 11.56 -34.85
C VAL J 240 -30.10 10.06 -35.09
N MET J 241 -29.16 9.33 -34.52
CA MET J 241 -29.08 7.88 -34.68
C MET J 241 -29.49 7.19 -33.39
N ILE J 242 -29.64 5.87 -33.48
CA ILE J 242 -30.01 5.03 -32.34
C ILE J 242 -28.96 3.94 -32.21
N ARG J 243 -28.44 3.75 -30.99
CA ARG J 243 -27.41 2.76 -30.72
C ARG J 243 -28.04 1.56 -30.04
N SER J 244 -27.81 0.37 -30.61
CA SER J 244 -28.34 -0.86 -30.04
C SER J 244 -27.46 -2.02 -30.50
N GLU J 245 -27.55 -3.12 -29.77
CA GLU J 245 -26.77 -4.32 -30.09
C GLU J 245 -27.55 -5.30 -30.95
N ASN J 246 -28.80 -5.59 -30.58
CA ASN J 246 -29.63 -6.51 -31.34
C ASN J 246 -31.02 -5.97 -31.65
N ILE J 247 -31.47 -4.92 -30.98
CA ILE J 247 -32.78 -4.31 -31.24
C ILE J 247 -33.89 -5.33 -30.95
N THR J 248 -33.92 -6.42 -31.72
CA THR J 248 -34.97 -7.42 -31.54
C THR J 248 -35.00 -7.93 -30.11
N ASN J 249 -33.85 -8.23 -29.53
CA ASN J 249 -33.79 -8.68 -28.14
C ASN J 249 -33.97 -7.50 -27.20
N ASN J 250 -34.92 -7.62 -26.27
CA ASN J 250 -35.22 -6.56 -25.33
C ASN J 250 -34.38 -6.64 -24.06
N ALA J 251 -33.58 -7.70 -23.89
CA ALA J 251 -32.77 -7.82 -22.68
C ALA J 251 -31.75 -6.68 -22.59
N LYS J 252 -31.14 -6.33 -23.72
CA LYS J 252 -30.13 -5.28 -23.75
C LYS J 252 -30.79 -3.92 -23.91
N ASN J 253 -30.18 -2.90 -23.31
CA ASN J 253 -30.72 -1.56 -23.35
C ASN J 253 -30.49 -0.93 -24.73
N ILE J 254 -31.18 0.19 -24.96
CA ILE J 254 -31.07 0.96 -26.19
C ILE J 254 -30.51 2.34 -25.83
N LEU J 255 -29.41 2.71 -26.48
CA LEU J 255 -28.76 3.99 -26.26
C LEU J 255 -29.07 4.92 -27.42
N VAL J 256 -29.67 6.06 -27.13
CA VAL J 256 -30.05 7.04 -28.14
C VAL J 256 -29.60 8.42 -27.67
N GLN J 257 -28.94 9.16 -28.55
CA GLN J 257 -28.52 10.53 -28.29
C GLN J 257 -29.08 11.43 -29.39
N PHE J 258 -29.68 12.54 -28.99
CA PHE J 258 -30.30 13.46 -29.93
C PHE J 258 -29.42 14.68 -30.18
N ASN J 259 -29.80 15.45 -31.20
CA ASN J 259 -28.92 16.51 -31.70
C ASN J 259 -29.03 17.78 -30.85
N THR J 260 -30.21 18.39 -30.81
CA THR J 260 -30.35 19.67 -30.13
C THR J 260 -30.21 19.46 -28.63
N PRO J 261 -29.48 20.33 -27.93
CA PRO J 261 -29.39 20.22 -26.46
C PRO J 261 -30.61 20.85 -25.80
N VAL J 262 -31.19 20.14 -24.85
CA VAL J 262 -32.32 20.62 -24.07
C VAL J 262 -31.83 20.89 -22.65
N GLN J 263 -32.04 22.11 -22.18
CA GLN J 263 -31.48 22.54 -20.91
C GLN J 263 -32.32 22.00 -19.74
N ILE J 264 -31.75 22.06 -18.55
CA ILE J 264 -32.39 21.57 -17.33
C ILE J 264 -32.13 22.56 -16.20
N ASN J 265 -33.16 22.79 -15.39
CA ASN J 265 -33.04 23.60 -14.19
C ASN J 265 -33.33 22.72 -12.98
N CYS J 266 -32.47 22.78 -11.97
CA CYS J 266 -32.64 22.01 -10.75
C CYS J 266 -32.05 22.81 -9.60
N THR J 267 -32.91 23.37 -8.75
CA THR J 267 -32.49 24.25 -7.67
C THR J 267 -32.83 23.62 -6.32
N ARG J 268 -32.19 24.14 -5.29
CA ARG J 268 -32.41 23.71 -3.90
C ARG J 268 -32.84 24.93 -3.10
N PRO J 269 -34.14 25.23 -3.05
CA PRO J 269 -34.59 26.47 -2.39
C PRO J 269 -34.44 26.47 -0.88
N ASN J 270 -34.14 25.34 -0.26
CA ASN J 270 -34.00 25.26 1.19
C ASN J 270 -32.62 25.75 1.61
N ASN J 271 -32.58 26.58 2.65
CA ASN J 271 -31.34 27.12 3.19
C ASN J 271 -30.86 26.22 4.32
N ASN J 272 -29.61 25.75 4.21
CA ASN J 272 -29.03 24.83 5.18
C ASN J 272 -27.75 25.42 5.76
N THR J 273 -27.51 25.13 7.04
CA THR J 273 -26.31 25.54 7.75
C THR J 273 -25.60 24.31 8.28
N ARG J 274 -24.28 24.35 8.26
CA ARG J 274 -23.45 23.23 8.71
C ARG J 274 -23.03 23.43 10.15
N LYS J 275 -23.06 22.35 10.93
CA LYS J 275 -22.64 22.36 12.33
C LYS J 275 -21.47 21.40 12.49
N SER J 276 -20.40 21.90 13.11
CA SER J 276 -19.20 21.11 13.32
C SER J 276 -19.29 20.40 14.68
N ILE J 277 -19.29 19.07 14.64
CA ILE J 277 -19.39 18.24 15.84
C ILE J 277 -18.08 17.47 16.00
N ARG J 278 -17.48 17.56 17.18
CA ARG J 278 -16.23 16.87 17.45
C ARG J 278 -16.51 15.42 17.84
N ILE J 279 -16.14 14.49 16.96
CA ILE J 279 -16.32 13.07 17.26
C ILE J 279 -15.19 12.56 18.14
N GLY J 280 -13.96 12.70 17.66
CA GLY J 280 -12.79 12.31 18.41
C GLY J 280 -11.68 13.33 18.25
N PRO J 281 -10.45 12.96 18.64
CA PRO J 281 -9.32 13.88 18.49
C PRO J 281 -8.84 13.91 17.05
N GLY J 282 -9.12 15.02 16.36
CA GLY J 282 -8.79 15.16 14.95
C GLY J 282 -9.88 14.72 14.00
N GLN J 283 -10.99 14.18 14.52
CA GLN J 283 -12.10 13.74 13.70
C GLN J 283 -13.27 14.70 13.86
N ALA J 284 -13.82 15.15 12.73
CA ALA J 284 -14.91 16.10 12.71
C ALA J 284 -16.03 15.58 11.82
N PHE J 285 -17.27 15.79 12.25
CA PHE J 285 -18.45 15.36 11.51
C PHE J 285 -19.37 16.55 11.31
N TYR J 286 -19.89 16.71 10.10
CA TYR J 286 -20.75 17.83 9.75
C TYR J 286 -22.19 17.35 9.69
N ALA J 287 -23.08 18.09 10.34
CA ALA J 287 -24.50 17.74 10.41
C ALA J 287 -25.35 18.96 10.10
N THR J 288 -26.52 18.71 9.53
CA THR J 288 -27.44 19.79 9.20
C THR J 288 -27.99 20.43 10.47
N GLY J 289 -28.09 21.76 10.45
CA GLY J 289 -28.61 22.52 11.56
C GLY J 289 -30.02 23.02 11.30
N ASP J 290 -30.36 24.14 11.92
CA ASP J 290 -31.67 24.73 11.75
C ASP J 290 -31.80 25.32 10.34
N ILE J 291 -33.05 25.42 9.88
CA ILE J 291 -33.34 25.92 8.54
C ILE J 291 -33.67 27.41 8.65
N ILE J 292 -33.05 28.21 7.80
CA ILE J 292 -33.28 29.65 7.76
C ILE J 292 -34.21 29.95 6.59
N GLY J 293 -35.35 30.58 6.89
CA GLY J 293 -36.33 30.92 5.88
C GLY J 293 -37.45 29.91 5.78
N ASP J 294 -38.16 29.99 4.66
CA ASP J 294 -39.29 29.10 4.42
C ASP J 294 -38.82 27.71 4.04
N ILE J 295 -39.70 26.74 4.20
CA ILE J 295 -39.43 25.34 3.90
C ILE J 295 -40.15 25.00 2.60
N ARG J 296 -39.39 24.64 1.57
CA ARG J 296 -39.93 24.29 0.26
C ARG J 296 -39.44 22.90 -0.13
N GLN J 297 -39.75 22.51 -1.36
CA GLN J 297 -39.35 21.21 -1.92
C GLN J 297 -38.55 21.43 -3.18
N ALA J 298 -37.46 20.67 -3.34
CA ALA J 298 -36.65 20.77 -4.54
C ALA J 298 -37.40 20.23 -5.74
N HIS J 299 -37.16 20.83 -6.91
CA HIS J 299 -37.82 20.42 -8.13
C HIS J 299 -36.96 20.82 -9.32
N CYS J 300 -37.40 20.43 -10.51
CA CYS J 300 -36.70 20.74 -11.74
C CYS J 300 -37.72 21.12 -12.81
N ASN J 301 -37.25 21.92 -13.79
CA ASN J 301 -38.09 22.43 -14.86
C ASN J 301 -37.47 22.10 -16.21
N VAL J 302 -38.33 21.81 -17.19
CA VAL J 302 -37.92 21.61 -18.57
C VAL J 302 -38.93 22.29 -19.48
N SER J 303 -38.43 22.90 -20.56
CA SER J 303 -39.29 23.61 -21.49
C SER J 303 -40.16 22.62 -22.27
N LYS J 304 -41.47 22.88 -22.29
CA LYS J 304 -42.38 21.99 -22.99
C LYS J 304 -42.09 21.96 -24.48
N ALA J 305 -41.85 23.13 -25.08
CA ALA J 305 -41.62 23.18 -26.52
C ALA J 305 -40.38 22.40 -26.92
N THR J 306 -39.30 22.56 -26.16
CA THR J 306 -38.06 21.86 -26.49
C THR J 306 -38.20 20.36 -26.30
N TRP J 307 -38.82 19.94 -25.19
CA TRP J 307 -38.90 18.52 -24.89
C TRP J 307 -39.76 17.78 -25.92
N ASN J 308 -40.95 18.30 -26.22
CA ASN J 308 -41.83 17.61 -27.15
C ASN J 308 -41.21 17.57 -28.55
N GLU J 309 -40.58 18.66 -28.96
CA GLU J 309 -39.96 18.69 -30.28
C GLU J 309 -38.88 17.61 -30.40
N THR J 310 -38.08 17.41 -29.35
CA THR J 310 -37.06 16.39 -29.39
C THR J 310 -37.68 15.00 -29.51
N LEU J 311 -38.72 14.73 -28.71
CA LEU J 311 -39.41 13.44 -28.81
C LEU J 311 -40.04 13.26 -30.18
N GLY J 312 -40.68 14.31 -30.71
CA GLY J 312 -41.25 14.22 -32.04
C GLY J 312 -40.22 14.02 -33.12
N LYS J 313 -38.98 14.46 -32.88
CA LYS J 313 -37.92 14.30 -33.85
C LYS J 313 -37.23 12.94 -33.76
N VAL J 314 -37.32 12.27 -32.61
CA VAL J 314 -36.64 10.98 -32.43
C VAL J 314 -37.63 9.85 -32.67
N VAL J 315 -38.91 10.09 -32.41
CA VAL J 315 -39.92 9.05 -32.60
C VAL J 315 -39.96 8.62 -34.06
N LYS J 316 -39.93 9.58 -34.98
CA LYS J 316 -39.96 9.24 -36.40
C LYS J 316 -38.74 8.40 -36.77
N GLN J 317 -37.58 8.71 -36.18
CA GLN J 317 -36.37 7.98 -36.51
C GLN J 317 -36.48 6.50 -36.13
N LEU J 318 -37.04 6.22 -34.95
CA LEU J 318 -37.13 4.84 -34.48
C LEU J 318 -38.09 4.00 -35.32
N ARG J 319 -39.02 4.63 -36.04
CA ARG J 319 -39.97 3.88 -36.85
C ARG J 319 -39.29 3.12 -37.98
N LYS J 320 -38.11 3.57 -38.41
CA LYS J 320 -37.42 2.89 -39.51
C LYS J 320 -37.07 1.46 -39.14
N HIS J 321 -36.55 1.24 -37.93
CA HIS J 321 -36.13 -0.10 -37.53
C HIS J 321 -37.32 -1.04 -37.39
N PHE J 322 -38.42 -0.56 -36.82
CA PHE J 322 -39.57 -1.42 -36.54
C PHE J 322 -40.59 -1.39 -37.68
N GLY J 323 -41.12 -0.20 -37.99
CA GLY J 323 -42.10 -0.08 -39.05
C GLY J 323 -42.67 1.32 -39.18
N ASN J 324 -43.28 1.62 -40.33
CA ASN J 324 -43.84 2.94 -40.55
C ASN J 324 -45.11 3.14 -39.72
N ASN J 325 -45.99 2.14 -39.72
CA ASN J 325 -47.27 2.23 -39.01
C ASN J 325 -47.15 1.56 -37.64
N THR J 326 -46.31 2.16 -36.79
CA THR J 326 -46.06 1.66 -35.45
C THR J 326 -46.46 2.73 -34.44
N ILE J 327 -47.25 2.35 -33.45
CA ILE J 327 -47.68 3.26 -32.40
C ILE J 327 -46.68 3.19 -31.25
N ILE J 328 -46.20 4.35 -30.81
CA ILE J 328 -45.16 4.45 -29.80
C ILE J 328 -45.76 5.13 -28.57
N ARG J 329 -45.59 4.48 -27.41
CA ARG J 329 -46.02 5.03 -26.13
C ARG J 329 -44.88 4.92 -25.14
N PHE J 330 -44.80 5.89 -24.23
CA PHE J 330 -43.71 5.99 -23.27
C PHE J 330 -44.24 5.77 -21.87
N ALA J 331 -43.57 4.89 -21.12
CA ALA J 331 -43.92 4.57 -19.74
C ALA J 331 -42.89 5.17 -18.80
N ASN J 332 -43.13 5.01 -17.50
CA ASN J 332 -42.32 5.64 -16.47
C ASN J 332 -41.72 4.64 -15.48
N SER J 333 -41.77 3.35 -15.78
CA SER J 333 -41.20 2.33 -14.90
C SER J 333 -41.89 2.33 -13.55
N SER J 334 -41.41 1.50 -12.62
CA SER J 334 -42.02 1.35 -11.31
C SER J 334 -40.92 1.24 -10.27
N GLY J 335 -41.29 0.82 -9.07
CA GLY J 335 -40.36 0.74 -7.96
C GLY J 335 -39.14 -0.11 -8.23
N GLY J 336 -37.96 0.43 -7.92
CA GLY J 336 -36.71 -0.28 -8.09
C GLY J 336 -35.78 -0.06 -6.92
N ASP J 337 -36.34 0.16 -5.73
CA ASP J 337 -35.57 0.45 -4.53
C ASP J 337 -34.69 1.68 -4.73
N LEU J 338 -35.24 2.68 -5.42
CA LEU J 338 -34.54 3.95 -5.66
C LEU J 338 -33.18 3.73 -6.31
N GLU J 339 -33.08 2.74 -7.19
CA GLU J 339 -31.85 2.43 -7.90
C GLU J 339 -31.99 2.58 -9.40
N VAL J 340 -33.05 2.03 -9.99
CA VAL J 340 -33.27 2.10 -11.43
C VAL J 340 -34.63 2.74 -11.70
N THR J 341 -35.07 3.62 -10.81
CA THR J 341 -36.38 4.25 -10.91
C THR J 341 -36.31 5.74 -10.63
N THR J 342 -35.19 6.38 -10.97
CA THR J 342 -35.01 7.80 -10.70
C THR J 342 -33.96 8.36 -11.65
N HIS J 343 -33.92 9.69 -11.73
CA HIS J 343 -32.94 10.41 -12.55
C HIS J 343 -31.84 10.89 -11.61
N SER J 344 -30.75 10.12 -11.54
CA SER J 344 -29.67 10.40 -10.61
C SER J 344 -28.70 11.41 -11.21
N PHE J 345 -28.40 12.45 -10.44
CA PHE J 345 -27.40 13.44 -10.85
C PHE J 345 -26.90 14.15 -9.61
N ASN J 346 -25.76 14.83 -9.75
CA ASN J 346 -25.12 15.54 -8.65
C ASN J 346 -24.96 17.01 -9.02
N CYS J 347 -25.13 17.87 -8.01
CA CYS J 347 -24.98 19.32 -8.19
C CYS J 347 -24.21 19.86 -6.98
N GLY J 348 -22.92 20.13 -7.18
CA GLY J 348 -22.12 20.70 -6.11
C GLY J 348 -21.96 19.79 -4.91
N GLY J 349 -21.79 18.49 -5.13
CA GLY J 349 -21.60 17.55 -4.04
C GLY J 349 -22.87 17.01 -3.42
N GLU J 350 -24.03 17.45 -3.90
CA GLU J 350 -25.32 16.97 -3.41
C GLU J 350 -25.94 16.05 -4.44
N PHE J 351 -26.36 14.87 -3.99
CA PHE J 351 -26.90 13.84 -4.87
C PHE J 351 -28.41 13.92 -4.89
N PHE J 352 -28.98 13.95 -6.10
CA PHE J 352 -30.42 14.07 -6.30
C PHE J 352 -30.94 12.79 -6.94
N TYR J 353 -31.91 12.15 -6.28
CA TYR J 353 -32.66 11.03 -6.84
C TYR J 353 -34.11 11.51 -6.92
N CYS J 354 -34.56 11.89 -8.11
CA CYS J 354 -35.84 12.57 -8.26
C CYS J 354 -36.74 11.85 -9.25
N ASN J 355 -37.98 12.31 -9.29
CA ASN J 355 -39.03 11.72 -10.12
C ASN J 355 -38.70 11.87 -11.60
N THR J 356 -39.27 10.97 -12.40
CA THR J 356 -39.11 11.04 -13.85
C THR J 356 -40.40 10.73 -14.58
N SER J 357 -41.53 10.60 -13.89
CA SER J 357 -42.79 10.26 -14.54
C SER J 357 -43.34 11.40 -15.37
N GLY J 358 -42.86 12.62 -15.18
CA GLY J 358 -43.36 13.77 -15.90
C GLY J 358 -42.82 13.95 -17.30
N LEU J 359 -41.93 13.07 -17.75
CA LEU J 359 -41.31 13.15 -19.07
C LEU J 359 -41.80 12.06 -20.01
N PHE J 360 -41.83 10.81 -19.54
CA PHE J 360 -42.23 9.67 -20.37
C PHE J 360 -43.71 9.39 -20.10
N ASN J 361 -44.57 10.22 -20.70
CA ASN J 361 -46.00 10.14 -20.44
C ASN J 361 -46.84 10.35 -21.70
N SER J 362 -46.24 10.35 -22.89
CA SER J 362 -46.94 10.68 -24.12
C SER J 362 -47.07 9.46 -25.01
N THR J 363 -48.01 9.54 -25.95
CA THR J 363 -48.24 8.53 -26.97
C THR J 363 -48.24 9.20 -28.34
N TRP J 364 -47.83 8.44 -29.36
CA TRP J 364 -47.69 8.98 -30.71
C TRP J 364 -48.47 8.11 -31.69
N ILE J 365 -49.17 8.77 -32.60
CA ILE J 365 -49.93 8.09 -33.64
C ILE J 365 -49.09 8.06 -34.92
N SER J 366 -49.41 7.09 -35.79
CA SER J 366 -48.67 6.96 -37.04
C SER J 366 -48.82 8.21 -37.91
N ASN J 367 -50.03 8.75 -37.99
CA ASN J 367 -50.30 9.94 -38.80
C ASN J 367 -50.97 11.02 -37.96
N ASN J 379 -42.47 30.31 -21.88
CA ASN J 379 -43.61 29.41 -22.03
C ASN J 379 -43.75 28.50 -20.81
N ASP J 380 -44.78 27.66 -20.82
CA ASP J 380 -45.01 26.75 -19.71
C ASP J 380 -43.91 25.72 -19.62
N SER J 381 -43.66 25.25 -18.39
CA SER J 381 -42.63 24.25 -18.12
C SER J 381 -43.21 23.20 -17.18
N ILE J 382 -42.60 22.01 -17.22
CA ILE J 382 -43.04 20.88 -16.42
C ILE J 382 -42.23 20.85 -15.13
N THR J 383 -42.93 20.92 -14.00
CA THR J 383 -42.30 20.89 -12.69
C THR J 383 -42.69 19.60 -11.97
N LEU J 384 -41.70 18.95 -11.34
CA LEU J 384 -41.92 17.68 -10.68
C LEU J 384 -41.35 17.75 -9.26
N PRO J 385 -42.13 17.38 -8.24
CA PRO J 385 -41.56 17.25 -6.90
C PRO J 385 -40.76 15.96 -6.76
N CYS J 386 -39.87 15.95 -5.77
CA CYS J 386 -39.02 14.78 -5.53
C CYS J 386 -38.43 14.88 -4.13
N ARG J 387 -37.47 14.00 -3.84
CA ARG J 387 -36.87 13.89 -2.53
C ARG J 387 -35.36 13.82 -2.66
N ILE J 388 -34.67 14.13 -1.56
CA ILE J 388 -33.21 14.10 -1.50
C ILE J 388 -32.80 13.27 -0.29
N LYS J 389 -31.82 12.40 -0.48
CA LYS J 389 -31.27 11.60 0.61
C LYS J 389 -29.75 11.74 0.61
N GLN J 390 -29.16 11.65 1.81
CA GLN J 390 -27.74 11.92 1.99
C GLN J 390 -26.88 10.69 1.70
N ILE J 391 -27.09 9.61 2.44
CA ILE J 391 -26.31 8.40 2.23
C ILE J 391 -26.75 7.74 0.93
N ILE J 392 -25.78 7.36 0.10
CA ILE J 392 -26.04 6.83 -1.22
C ILE J 392 -25.21 5.57 -1.44
N ASN J 393 -25.60 4.80 -2.46
CA ASN J 393 -24.85 3.63 -2.91
C ASN J 393 -24.66 3.78 -4.42
N MET J 394 -23.63 4.53 -4.81
CA MET J 394 -23.23 4.66 -6.20
C MET J 394 -22.14 3.63 -6.46
N TRP J 395 -22.26 2.90 -7.57
CA TRP J 395 -21.47 1.69 -7.77
C TRP J 395 -21.72 0.72 -6.62
N GLN J 396 -22.93 0.15 -6.63
CA GLN J 396 -23.66 -0.25 -5.43
C GLN J 396 -22.75 -0.78 -4.33
N ARG J 397 -21.92 -1.79 -4.64
CA ARG J 397 -20.84 -2.19 -3.73
C ARG J 397 -21.39 -2.42 -2.32
N ILE J 398 -22.22 -3.45 -2.20
CA ILE J 398 -22.97 -3.78 -0.98
C ILE J 398 -22.12 -3.52 0.26
N GLY J 399 -20.82 -3.78 0.18
CA GLY J 399 -19.94 -3.69 1.32
C GLY J 399 -19.52 -2.29 1.73
N GLN J 400 -19.94 -1.25 1.01
CA GLN J 400 -19.54 0.10 1.34
C GLN J 400 -20.64 1.08 0.95
N CYS J 401 -20.48 2.31 1.41
CA CYS J 401 -21.44 3.39 1.15
C CYS J 401 -20.71 4.72 1.31
N MET J 402 -21.47 5.81 1.38
CA MET J 402 -20.88 7.13 1.57
C MET J 402 -21.96 8.07 2.09
N TYR J 403 -21.53 9.04 2.91
CA TYR J 403 -22.43 10.03 3.49
C TYR J 403 -22.24 11.37 2.79
N ALA J 404 -23.35 12.02 2.45
CA ALA J 404 -23.31 13.29 1.75
C ALA J 404 -23.29 14.44 2.74
N PRO J 405 -22.21 15.24 2.80
CA PRO J 405 -22.20 16.36 3.74
C PRO J 405 -23.16 17.44 3.30
N PRO J 406 -23.65 18.26 4.22
CA PRO J 406 -24.50 19.39 3.82
C PRO J 406 -23.72 20.43 3.03
N ILE J 407 -24.44 21.18 2.21
CA ILE J 407 -23.87 22.24 1.38
C ILE J 407 -24.46 23.56 1.83
N GLN J 408 -23.60 24.53 2.10
CA GLN J 408 -24.06 25.83 2.55
C GLN J 408 -24.81 26.57 1.45
N GLY J 409 -25.71 27.46 1.85
CA GLY J 409 -26.46 28.24 0.89
C GLY J 409 -27.43 27.40 0.10
N VAL J 410 -27.59 27.76 -1.18
CA VAL J 410 -28.49 27.07 -2.08
C VAL J 410 -27.72 26.70 -3.34
N ILE J 411 -28.22 25.67 -4.03
CA ILE J 411 -27.60 25.15 -5.24
C ILE J 411 -28.58 25.35 -6.39
N ARG J 412 -28.08 25.95 -7.49
CA ARG J 412 -28.86 26.18 -8.70
C ARG J 412 -27.99 25.74 -9.88
N CYS J 413 -28.10 24.47 -10.26
CA CYS J 413 -27.27 23.89 -11.29
C CYS J 413 -28.03 23.83 -12.62
N VAL J 414 -27.36 24.23 -13.69
CA VAL J 414 -27.91 24.20 -15.04
C VAL J 414 -27.00 23.33 -15.89
N SER J 415 -27.61 22.42 -16.66
CA SER J 415 -26.85 21.48 -17.47
C SER J 415 -27.67 21.15 -18.72
N ASN J 416 -27.21 20.16 -19.47
CA ASN J 416 -27.86 19.71 -20.70
C ASN J 416 -28.22 18.24 -20.57
N ILE J 417 -29.14 17.81 -21.43
CA ILE J 417 -29.45 16.40 -21.64
C ILE J 417 -29.03 16.05 -23.06
N THR J 418 -28.17 15.05 -23.20
CA THR J 418 -27.61 14.68 -24.49
C THR J 418 -28.07 13.31 -24.98
N GLY J 419 -28.56 12.44 -24.09
CA GLY J 419 -28.98 11.12 -24.51
C GLY J 419 -30.00 10.53 -23.55
N LEU J 420 -30.63 9.46 -24.02
CA LEU J 420 -31.65 8.76 -23.27
C LEU J 420 -31.38 7.26 -23.33
N ILE J 421 -31.89 6.54 -22.33
CA ILE J 421 -31.79 5.09 -22.26
C ILE J 421 -33.20 4.53 -22.32
N LEU J 422 -33.42 3.59 -23.25
CA LEU J 422 -34.73 3.01 -23.48
C LEU J 422 -34.63 1.50 -23.46
N THR J 423 -35.70 0.85 -23.02
CA THR J 423 -35.78 -0.61 -22.95
C THR J 423 -37.10 -1.07 -23.54
N ARG J 424 -37.04 -2.10 -24.37
CA ARG J 424 -38.24 -2.63 -25.00
C ARG J 424 -39.02 -3.50 -24.02
N ASP J 425 -40.26 -3.82 -24.39
CA ASP J 425 -41.14 -4.64 -23.57
C ASP J 425 -40.94 -6.11 -23.93
N GLY J 426 -41.77 -6.97 -23.35
CA GLY J 426 -41.65 -8.40 -23.60
C GLY J 426 -42.18 -8.78 -24.97
N GLY J 427 -41.90 -10.01 -25.35
CA GLY J 427 -42.34 -10.54 -26.64
C GLY J 427 -43.76 -11.05 -26.60
N SER J 428 -44.71 -10.15 -26.33
CA SER J 428 -46.11 -10.53 -26.21
C SER J 428 -46.64 -11.12 -27.52
N THR J 429 -46.65 -10.31 -28.58
CA THR J 429 -47.18 -10.73 -29.87
C THR J 429 -46.77 -9.69 -30.90
N ASN J 430 -47.35 -9.79 -32.09
CA ASN J 430 -47.08 -8.84 -33.18
C ASN J 430 -48.06 -7.68 -33.04
N SER J 431 -47.77 -6.79 -32.10
CA SER J 431 -48.65 -5.68 -31.76
C SER J 431 -48.02 -4.38 -32.24
N THR J 432 -48.76 -3.62 -33.04
CA THR J 432 -48.28 -2.31 -33.46
C THR J 432 -48.09 -1.38 -32.28
N THR J 433 -48.87 -1.57 -31.22
CA THR J 433 -48.74 -0.75 -30.01
C THR J 433 -47.49 -1.16 -29.25
N GLU J 434 -46.37 -0.49 -29.53
CA GLU J 434 -45.08 -0.79 -28.91
C GLU J 434 -44.74 0.32 -27.93
N THR J 435 -44.34 -0.06 -26.72
CA THR J 435 -44.05 0.88 -25.65
C THR J 435 -42.56 0.82 -25.31
N PHE J 436 -41.94 1.99 -25.20
CA PHE J 436 -40.54 2.12 -24.81
C PHE J 436 -40.48 2.69 -23.39
N ARG J 437 -39.66 2.07 -22.55
CA ARG J 437 -39.58 2.41 -21.15
C ARG J 437 -38.14 2.69 -20.74
N PRO J 438 -37.89 3.74 -19.97
CA PRO J 438 -36.50 4.03 -19.57
C PRO J 438 -35.93 2.95 -18.69
N GLY J 439 -34.61 2.75 -18.82
CA GLY J 439 -33.93 1.74 -18.05
C GLY J 439 -32.96 2.32 -17.04
N GLY J 440 -31.66 2.28 -17.34
CA GLY J 440 -30.66 2.80 -16.45
C GLY J 440 -30.20 1.78 -15.43
N GLY J 441 -29.25 2.23 -14.59
CA GLY J 441 -28.69 1.41 -13.55
C GLY J 441 -27.37 0.75 -13.91
N ASP J 442 -27.02 0.70 -15.19
CA ASP J 442 -25.77 0.12 -15.65
C ASP J 442 -24.79 1.24 -15.97
N MET J 443 -23.67 1.27 -15.23
CA MET J 443 -22.68 2.32 -15.47
C MET J 443 -21.90 2.08 -16.76
N ARG J 444 -21.77 0.82 -17.17
CA ARG J 444 -21.04 0.53 -18.41
C ARG J 444 -21.71 1.16 -19.62
N ASP J 445 -23.05 1.28 -19.59
CA ASP J 445 -23.74 1.89 -20.71
C ASP J 445 -23.53 3.41 -20.75
N ASN J 446 -23.27 4.02 -19.60
CA ASN J 446 -23.09 5.48 -19.57
C ASN J 446 -21.89 5.91 -20.41
N TRP J 447 -20.76 5.19 -20.28
CA TRP J 447 -19.56 5.55 -21.01
C TRP J 447 -19.52 4.99 -22.43
N ARG J 448 -20.40 4.04 -22.76
CA ARG J 448 -20.43 3.52 -24.12
C ARG J 448 -20.89 4.57 -25.12
N SER J 449 -21.55 5.64 -24.66
CA SER J 449 -21.98 6.70 -25.56
C SER J 449 -20.87 7.71 -25.85
N GLU J 450 -19.71 7.59 -25.20
CA GLU J 450 -18.60 8.50 -25.40
C GLU J 450 -17.37 7.86 -26.01
N LEU J 451 -17.25 6.53 -25.99
CA LEU J 451 -16.10 5.83 -26.52
C LEU J 451 -16.49 4.87 -27.64
N TYR J 452 -17.58 5.17 -28.34
CA TYR J 452 -18.06 4.31 -29.41
C TYR J 452 -17.34 4.55 -30.73
N LYS J 453 -16.50 5.58 -30.82
CA LYS J 453 -15.76 5.87 -32.04
C LYS J 453 -14.31 5.39 -32.00
N TYR J 454 -13.89 4.74 -30.93
CA TYR J 454 -12.49 4.44 -30.70
C TYR J 454 -12.25 2.93 -30.66
N LYS J 455 -11.05 2.54 -31.05
CA LYS J 455 -10.65 1.12 -31.06
C LYS J 455 -9.13 1.06 -30.99
N VAL J 456 -8.61 0.48 -29.91
CA VAL J 456 -7.16 0.37 -29.76
C VAL J 456 -6.61 -0.58 -30.82
N VAL J 457 -5.36 -0.35 -31.21
CA VAL J 457 -4.71 -1.13 -32.25
C VAL J 457 -3.31 -1.53 -31.78
N LYS J 458 -2.78 -2.58 -32.41
CA LYS J 458 -1.46 -3.10 -32.13
C LYS J 458 -0.64 -3.03 -33.40
N ILE J 459 0.45 -2.26 -33.37
CA ILE J 459 1.26 -2.03 -34.55
C ILE J 459 2.38 -3.06 -34.60
N GLU J 460 2.52 -3.73 -35.75
CA GLU J 460 3.57 -4.72 -35.96
C GLU J 460 4.54 -4.20 -37.02
N PRO J 461 5.70 -3.67 -36.64
CA PRO J 461 6.63 -3.14 -37.65
C PRO J 461 7.11 -4.18 -38.64
N LEU J 462 7.17 -5.46 -38.27
CA LEU J 462 7.72 -6.48 -39.14
C LEU J 462 6.84 -6.66 -40.38
N GLY J 463 7.48 -6.90 -41.51
CA GLY J 463 6.76 -7.12 -42.75
C GLY J 463 7.58 -7.98 -43.70
N VAL J 464 6.88 -8.73 -44.53
CA VAL J 464 7.50 -9.65 -45.49
C VAL J 464 6.87 -9.42 -46.86
N ALA J 465 7.70 -9.37 -47.90
CA ALA J 465 7.22 -9.20 -49.26
C ALA J 465 8.29 -9.63 -50.23
N PRO J 466 7.95 -10.30 -51.33
CA PRO J 466 8.98 -10.70 -52.30
C PRO J 466 9.61 -9.50 -52.99
N THR J 467 10.86 -9.67 -53.38
CA THR J 467 11.59 -8.62 -54.09
C THR J 467 12.77 -9.27 -54.81
N ARG J 468 13.11 -8.69 -55.97
CA ARG J 468 14.21 -9.20 -56.78
C ARG J 468 15.50 -8.54 -56.31
N CYS J 469 16.18 -9.19 -55.37
CA CYS J 469 17.44 -8.70 -54.85
C CYS J 469 18.29 -9.89 -54.42
N LYS J 470 19.61 -9.68 -54.39
CA LYS J 470 20.56 -10.72 -54.04
C LYS J 470 21.57 -10.17 -53.04
N ARG J 471 21.85 -10.94 -52.00
CA ARG J 471 22.83 -10.56 -50.99
C ARG J 471 24.19 -11.12 -51.40
N ARG J 472 25.12 -10.23 -51.69
CA ARG J 472 26.45 -10.65 -52.14
C ARG J 472 27.25 -11.23 -50.98
N VAL J 473 28.18 -12.12 -51.33
CA VAL J 473 29.04 -12.76 -50.33
C VAL J 473 30.43 -12.12 -50.37
N GLU K 2 37.78 22.34 -52.28
CA GLU K 2 37.71 22.30 -50.82
C GLU K 2 36.25 22.29 -50.37
N ASN K 3 35.82 21.15 -49.81
CA ASN K 3 34.46 21.01 -49.33
C ASN K 3 34.48 20.15 -48.08
N LEU K 4 33.55 20.43 -47.17
CA LEU K 4 33.45 19.71 -45.90
C LEU K 4 31.99 19.36 -45.64
N TRP K 5 31.76 18.12 -45.22
CA TRP K 5 30.42 17.63 -44.91
C TRP K 5 30.30 17.40 -43.40
N VAL K 6 29.17 16.86 -42.98
CA VAL K 6 28.81 16.76 -41.57
C VAL K 6 28.72 15.29 -41.18
N THR K 7 29.35 14.93 -40.06
CA THR K 7 29.23 13.63 -39.45
C THR K 7 28.63 13.81 -38.05
N VAL K 8 28.51 12.69 -37.33
CA VAL K 8 27.98 12.71 -35.97
C VAL K 8 28.92 11.92 -35.06
N TYR K 9 28.92 12.29 -33.79
CA TYR K 9 29.75 11.65 -32.77
C TYR K 9 28.85 11.14 -31.66
N TYR K 10 29.09 9.92 -31.21
CA TYR K 10 28.32 9.30 -30.14
C TYR K 10 29.17 9.16 -28.89
N GLY K 11 28.57 9.43 -27.74
CA GLY K 11 29.29 9.37 -26.49
C GLY K 11 30.08 10.61 -26.15
N VAL K 12 29.90 11.70 -26.90
CA VAL K 12 30.67 12.92 -26.62
C VAL K 12 30.29 13.44 -25.23
N PRO K 13 31.23 13.89 -24.41
CA PRO K 13 30.88 14.36 -23.05
C PRO K 13 30.29 15.76 -23.09
N VAL K 14 28.99 15.86 -22.85
CA VAL K 14 28.30 17.14 -22.73
C VAL K 14 27.18 16.97 -21.72
N TRP K 15 26.96 18.01 -20.91
CA TRP K 15 25.99 17.96 -19.82
C TRP K 15 25.01 19.11 -19.92
N LYS K 16 23.82 18.90 -19.37
CA LYS K 16 22.78 19.91 -19.32
C LYS K 16 22.11 19.83 -17.95
N ASP K 17 21.00 20.55 -17.79
CA ASP K 17 20.25 20.56 -16.54
C ASP K 17 18.97 19.75 -16.70
N ALA K 18 18.67 18.94 -15.68
CA ALA K 18 17.50 18.08 -15.72
C ALA K 18 17.03 17.81 -14.29
N GLU K 19 15.79 17.31 -14.19
CA GLU K 19 15.18 16.96 -12.92
C GLU K 19 15.10 15.45 -12.81
N THR K 20 15.63 14.90 -11.72
CA THR K 20 15.60 13.46 -11.51
C THR K 20 15.78 13.18 -10.03
N THR K 21 15.46 11.95 -9.64
CA THR K 21 15.57 11.50 -8.27
C THR K 21 16.78 10.60 -8.09
N LEU K 22 17.19 10.44 -6.84
CA LEU K 22 18.35 9.63 -6.47
C LEU K 22 17.91 8.47 -5.59
N PHE K 23 18.87 7.68 -5.13
CA PHE K 23 18.60 6.51 -4.31
C PHE K 23 19.66 6.40 -3.22
N CYS K 24 19.57 5.36 -2.41
CA CYS K 24 20.40 5.21 -1.24
C CYS K 24 21.80 4.72 -1.61
N ALA K 25 22.71 4.80 -0.64
CA ALA K 25 24.01 4.15 -0.72
C ALA K 25 24.53 4.02 0.70
N SER K 26 24.61 2.79 1.20
CA SER K 26 24.93 2.52 2.60
C SER K 26 26.29 1.86 2.72
N ASP K 27 27.04 2.25 3.75
CA ASP K 27 28.36 1.71 3.99
C ASP K 27 28.28 0.36 4.70
N ALA K 28 29.42 -0.34 4.72
CA ALA K 28 29.46 -1.64 5.38
C ALA K 28 29.23 -1.52 6.88
N LYS K 29 29.78 -0.47 7.51
CA LYS K 29 29.63 -0.30 8.95
C LYS K 29 28.16 -0.18 9.33
N ALA K 30 27.39 0.58 8.56
CA ALA K 30 25.96 0.69 8.84
C ALA K 30 25.26 -0.66 8.69
N TYR K 31 25.67 -1.45 7.69
CA TYR K 31 25.09 -2.77 7.51
C TYR K 31 25.34 -3.69 8.70
N GLU K 32 26.39 -3.42 9.48
CA GLU K 32 26.68 -4.27 10.64
C GLU K 32 25.53 -4.23 11.64
N THR K 33 24.97 -3.05 11.90
CA THR K 33 23.88 -2.92 12.84
C THR K 33 22.69 -3.75 12.38
N GLU K 34 22.11 -4.51 13.31
CA GLU K 34 20.97 -5.37 13.02
C GLU K 34 19.64 -4.73 13.38
N LYS K 35 19.64 -3.48 13.83
CA LYS K 35 18.41 -2.80 14.22
C LYS K 35 17.81 -2.09 13.01
N HIS K 36 16.55 -2.40 12.72
CA HIS K 36 15.83 -1.78 11.59
C HIS K 36 15.21 -0.47 12.06
N ASN K 37 16.07 0.52 12.26
CA ASN K 37 15.65 1.84 12.73
C ASN K 37 15.37 2.74 11.53
N VAL K 38 15.17 4.03 11.79
CA VAL K 38 14.96 4.98 10.71
C VAL K 38 16.25 5.11 9.90
N TRP K 39 16.09 5.35 8.60
CA TRP K 39 17.23 5.45 7.69
C TRP K 39 18.07 4.16 7.73
N ALA K 40 17.39 3.03 7.84
CA ALA K 40 18.07 1.74 7.90
C ALA K 40 18.56 1.31 6.52
N THR K 41 19.46 0.33 6.51
CA THR K 41 20.02 -0.19 5.28
C THR K 41 19.14 -1.26 4.64
N HIS K 42 18.07 -1.70 5.31
CA HIS K 42 17.21 -2.72 4.74
C HIS K 42 16.56 -2.23 3.45
N ALA K 43 16.06 -1.00 3.45
CA ALA K 43 15.45 -0.40 2.28
C ALA K 43 16.43 0.46 1.48
N CYS K 44 17.69 0.52 1.88
CA CYS K 44 18.69 1.34 1.22
C CYS K 44 19.80 0.44 0.68
N VAL K 45 20.12 0.59 -0.60
CA VAL K 45 21.10 -0.28 -1.25
C VAL K 45 22.49 0.01 -0.67
N PRO K 46 23.34 -1.00 -0.48
CA PRO K 46 24.70 -0.73 -0.01
C PRO K 46 25.51 0.02 -1.07
N THR K 47 26.50 0.78 -0.60
CA THR K 47 27.33 1.59 -1.48
C THR K 47 28.49 0.77 -2.02
N ASP K 48 29.39 1.44 -2.72
CA ASP K 48 30.61 0.84 -3.25
C ASP K 48 31.82 1.63 -2.76
N PRO K 49 32.86 0.99 -2.28
CA PRO K 49 34.02 1.73 -1.75
C PRO K 49 34.86 2.35 -2.87
N ASN K 50 35.76 3.23 -2.46
CA ASN K 50 36.69 3.89 -3.38
C ASN K 50 35.94 4.57 -4.52
N PRO K 51 35.22 5.65 -4.26
CA PRO K 51 34.56 6.38 -5.36
C PRO K 51 35.57 6.90 -6.36
N GLN K 52 35.17 6.91 -7.63
CA GLN K 52 36.05 7.34 -8.72
C GLN K 52 35.98 8.86 -8.90
N GLU K 53 36.40 9.57 -7.85
CA GLU K 53 36.44 11.02 -7.88
C GLU K 53 37.65 11.47 -8.69
N ILE K 54 37.41 12.24 -9.75
CA ILE K 54 38.47 12.71 -10.63
C ILE K 54 38.28 14.21 -10.87
N HIS K 55 39.39 14.89 -11.15
CA HIS K 55 39.36 16.32 -11.40
C HIS K 55 38.97 16.60 -12.85
N LEU K 56 38.51 17.83 -13.07
CA LEU K 56 38.19 18.33 -14.41
C LEU K 56 38.96 19.61 -14.66
N GLU K 57 39.47 19.76 -15.88
CA GLU K 57 40.33 20.88 -16.23
C GLU K 57 39.80 21.56 -17.49
N ASN K 58 40.17 22.83 -17.65
CA ASN K 58 39.76 23.62 -18.82
C ASN K 58 38.24 23.66 -18.97
N VAL K 59 37.55 23.75 -17.83
CA VAL K 59 36.09 23.76 -17.82
C VAL K 59 35.62 24.73 -16.75
N THR K 60 34.55 25.47 -17.05
CA THR K 60 33.91 26.38 -16.10
C THR K 60 32.44 26.01 -16.00
N GLU K 61 31.95 25.88 -14.77
CA GLU K 61 30.58 25.46 -14.52
C GLU K 61 29.92 26.43 -13.54
N GLU K 62 28.65 26.75 -13.83
CA GLU K 62 27.87 27.62 -12.95
C GLU K 62 27.12 26.76 -11.94
N PHE K 63 27.07 27.24 -10.70
CA PHE K 63 26.44 26.52 -9.60
C PHE K 63 25.43 27.42 -8.90
N ASN K 64 24.38 26.80 -8.37
CA ASN K 64 23.36 27.49 -7.60
C ASN K 64 22.92 26.60 -6.45
N MET K 65 22.80 27.18 -5.26
CA MET K 65 22.42 26.44 -4.07
C MET K 65 21.01 26.74 -3.60
N TRP K 66 20.44 27.88 -3.97
CA TRP K 66 19.08 28.22 -3.56
C TRP K 66 18.02 27.63 -4.49
N LYS K 67 18.34 27.48 -5.77
CA LYS K 67 17.42 26.87 -6.74
C LYS K 67 17.69 25.39 -6.94
N ASN K 68 18.61 24.80 -6.19
CA ASN K 68 18.93 23.39 -6.36
C ASN K 68 17.73 22.52 -6.02
N ASN K 69 17.47 21.53 -6.86
CA ASN K 69 16.36 20.61 -6.64
C ASN K 69 16.70 19.49 -5.68
N MET K 70 17.98 19.27 -5.38
CA MET K 70 18.35 18.18 -4.50
C MET K 70 17.77 18.38 -3.09
N VAL K 71 17.82 19.61 -2.58
CA VAL K 71 17.30 19.86 -1.24
C VAL K 71 15.79 19.67 -1.22
N GLU K 72 15.10 20.11 -2.29
CA GLU K 72 13.65 20.04 -2.30
C GLU K 72 13.16 18.59 -2.23
N GLN K 73 13.75 17.71 -3.04
CA GLN K 73 13.33 16.31 -3.02
C GLN K 73 13.77 15.60 -1.76
N MET K 74 14.93 15.97 -1.21
CA MET K 74 15.38 15.35 0.03
C MET K 74 14.43 15.67 1.17
N HIS K 75 13.88 16.89 1.21
CA HIS K 75 12.94 17.25 2.26
C HIS K 75 11.72 16.33 2.23
N THR K 76 11.19 16.06 1.03
CA THR K 76 10.07 15.14 0.93
C THR K 76 10.48 13.71 1.27
N ASP K 77 11.72 13.33 0.95
CA ASP K 77 12.17 11.96 1.20
C ASP K 77 12.16 11.65 2.68
N ILE K 78 12.67 12.57 3.51
CA ILE K 78 12.77 12.30 4.95
C ILE K 78 11.39 12.11 5.55
N ILE K 79 10.45 13.02 5.23
CA ILE K 79 9.12 12.93 5.80
C ILE K 79 8.42 11.67 5.33
N SER K 80 8.65 11.26 4.08
CA SER K 80 8.02 10.05 3.57
C SER K 80 8.44 8.83 4.37
N LEU K 81 9.74 8.71 4.67
CA LEU K 81 10.22 7.59 5.47
C LEU K 81 9.87 7.74 6.94
N TRP K 82 9.75 8.98 7.43
CA TRP K 82 9.42 9.19 8.84
C TRP K 82 8.05 8.60 9.16
N ASP K 83 7.07 8.82 8.29
CA ASP K 83 5.72 8.29 8.53
C ASP K 83 5.74 6.76 8.52
N GLN K 84 6.51 6.16 7.61
CA GLN K 84 6.53 4.70 7.52
C GLN K 84 7.07 4.05 8.79
N SER K 85 7.83 4.79 9.60
CA SER K 85 8.40 4.20 10.81
C SER K 85 7.34 4.03 11.90
N LEU K 86 6.35 4.91 11.95
CA LEU K 86 5.34 4.88 13.01
C LEU K 86 4.11 4.07 12.65
N LYS K 87 4.09 3.43 11.48
CA LYS K 87 2.92 2.72 11.01
C LYS K 87 2.74 1.36 11.69
N PRO K 88 3.77 0.49 11.69
CA PRO K 88 3.52 -0.92 12.02
C PRO K 88 3.52 -1.25 13.51
N CYS K 89 3.36 -0.26 14.39
CA CYS K 89 3.35 -0.54 15.81
C CYS K 89 2.29 0.33 16.49
N VAL K 90 2.37 0.39 17.82
CA VAL K 90 1.19 0.72 18.64
C VAL K 90 0.56 2.06 18.24
N LYS K 91 -0.74 2.16 18.49
CA LYS K 91 -1.53 3.37 18.33
C LYS K 91 -1.95 3.88 19.70
N LEU K 92 -1.93 5.20 19.87
CA LEU K 92 -2.20 5.85 21.15
C LEU K 92 -3.45 6.72 21.07
N THR K 93 -4.50 6.21 20.45
CA THR K 93 -5.73 6.97 20.31
C THR K 93 -6.53 7.08 21.60
N PRO K 94 -6.58 6.07 22.46
CA PRO K 94 -7.48 6.13 23.63
C PRO K 94 -6.87 6.78 24.87
N LEU K 95 -5.72 7.45 24.75
CA LEU K 95 -5.05 8.01 25.92
C LEU K 95 -5.81 9.21 26.50
N CYS K 96 -6.60 9.90 25.69
CA CYS K 96 -7.30 11.11 26.14
C CYS K 96 -8.28 10.76 27.25
N VAL K 97 -8.00 11.24 28.46
CA VAL K 97 -8.89 11.06 29.60
C VAL K 97 -8.73 12.27 30.52
N THR K 98 -9.82 12.66 31.17
CA THR K 98 -9.77 13.79 32.08
C THR K 98 -8.80 13.51 33.22
N LEU K 99 -8.08 14.54 33.65
CA LEU K 99 -7.03 14.42 34.65
C LEU K 99 -7.33 15.36 35.80
N GLN K 100 -7.52 14.78 36.99
CA GLN K 100 -7.57 15.57 38.22
C GLN K 100 -6.16 15.62 38.79
N CYS K 101 -5.36 16.54 38.25
CA CYS K 101 -3.93 16.54 38.45
C CYS K 101 -3.50 17.71 39.31
N THR K 102 -2.40 17.52 40.04
CA THR K 102 -1.85 18.53 40.93
C THR K 102 -0.33 18.56 40.74
N ASN K 103 0.34 19.34 41.59
CA ASN K 103 1.80 19.46 41.52
C ASN K 103 2.45 18.24 42.17
N VAL K 104 3.77 18.29 42.30
CA VAL K 104 4.53 17.27 43.03
C VAL K 104 5.77 17.95 43.61
N THR K 105 6.09 17.61 44.85
CA THR K 105 7.20 18.23 45.57
C THR K 105 8.00 17.14 46.28
N ASN K 106 9.15 16.79 45.71
CA ASN K 106 10.11 15.86 46.31
C ASN K 106 11.46 16.55 46.27
N ASN K 107 11.73 17.37 47.29
CA ASN K 107 12.92 18.23 47.34
C ASN K 107 13.25 18.78 45.96
N ILE K 108 12.25 19.37 45.33
CA ILE K 108 12.37 19.87 43.96
C ILE K 108 12.98 21.27 43.99
N THR K 109 13.87 21.53 43.05
CA THR K 109 14.48 22.85 42.94
C THR K 109 13.42 23.87 42.51
N ASP K 110 13.52 25.08 43.08
CA ASP K 110 12.57 26.13 42.73
C ASP K 110 12.68 26.52 41.26
N ASP K 111 13.84 26.31 40.64
CA ASP K 111 14.03 26.65 39.23
C ASP K 111 13.20 25.77 38.30
N MET K 112 12.62 24.68 38.82
CA MET K 112 11.77 23.78 38.04
C MET K 112 10.48 23.50 38.80
N ARG K 113 9.92 24.52 39.43
CA ARG K 113 8.73 24.37 40.28
C ARG K 113 7.55 23.81 39.51
N GLY K 114 7.01 24.59 38.56
CA GLY K 114 5.84 24.19 37.82
C GLY K 114 6.17 23.49 36.52
N GLU K 115 6.78 22.31 36.61
CA GLU K 115 7.18 21.57 35.41
C GLU K 115 6.75 20.11 35.47
N LEU K 116 6.59 19.57 36.67
CA LEU K 116 6.25 18.17 36.87
C LEU K 116 4.96 18.06 37.67
N LYS K 117 4.10 17.12 37.27
CA LYS K 117 2.82 16.89 37.93
C LYS K 117 2.60 15.40 38.12
N ASN K 118 2.06 15.03 39.28
CA ASN K 118 1.75 13.65 39.62
C ASN K 118 0.24 13.47 39.68
N CYS K 119 -0.26 12.45 38.98
CA CYS K 119 -1.68 12.18 38.94
C CYS K 119 -1.93 10.88 38.19
N SER K 120 -3.20 10.49 38.12
CA SER K 120 -3.61 9.23 37.52
C SER K 120 -4.83 9.47 36.63
N PHE K 121 -5.27 8.41 35.96
CA PHE K 121 -6.44 8.48 35.09
C PHE K 121 -7.02 7.09 34.92
N ASN K 122 -8.26 7.03 34.44
CA ASN K 122 -8.91 5.76 34.14
C ASN K 122 -8.51 5.33 32.73
N MET K 123 -7.90 4.15 32.63
CA MET K 123 -7.43 3.63 31.35
C MET K 123 -7.91 2.19 31.18
N THR K 124 -8.27 1.84 29.95
CA THR K 124 -8.73 0.49 29.65
C THR K 124 -7.60 -0.51 29.81
N THR K 125 -7.93 -1.67 30.37
CA THR K 125 -6.97 -2.75 30.54
C THR K 125 -6.97 -3.64 29.30
N GLU K 126 -6.25 -4.76 29.37
CA GLU K 126 -6.23 -5.69 28.25
C GLU K 126 -7.62 -6.23 27.95
N LEU K 127 -8.46 -6.36 28.97
CA LEU K 127 -9.85 -6.76 28.80
C LEU K 127 -10.69 -5.53 28.47
N ARG K 128 -12.01 -5.68 28.49
CA ARG K 128 -12.92 -4.59 28.21
C ARG K 128 -13.82 -4.27 29.41
N ASP K 129 -14.44 -5.28 30.00
CA ASP K 129 -15.34 -5.03 31.13
C ASP K 129 -14.58 -4.46 32.33
N LYS K 130 -13.40 -5.02 32.63
CA LYS K 130 -12.63 -4.57 33.77
C LYS K 130 -12.00 -3.20 33.51
N LYS K 131 -11.76 -2.47 34.59
CA LYS K 131 -11.18 -1.14 34.52
C LYS K 131 -10.13 -1.00 35.61
N GLN K 132 -9.11 -0.19 35.33
CA GLN K 132 -8.04 0.06 36.29
C GLN K 132 -7.44 1.43 36.01
N LYS K 133 -6.74 1.97 37.01
CA LYS K 133 -6.17 3.30 36.93
C LYS K 133 -4.68 3.23 37.24
N VAL K 134 -3.90 4.06 36.54
CA VAL K 134 -2.46 4.14 36.74
C VAL K 134 -2.05 5.61 36.79
N TYR K 135 -0.89 5.86 37.39
CA TYR K 135 -0.37 7.20 37.58
C TYR K 135 0.98 7.35 36.90
N SER K 136 1.26 8.56 36.42
CA SER K 136 2.53 8.86 35.76
C SER K 136 2.79 10.35 35.86
N LEU K 137 4.03 10.73 35.58
CA LEU K 137 4.46 12.13 35.62
C LEU K 137 4.42 12.71 34.22
N PHE K 138 3.85 13.91 34.09
CA PHE K 138 3.73 14.61 32.83
C PHE K 138 4.33 15.99 32.94
N TYR K 139 4.84 16.50 31.82
CA TYR K 139 5.49 17.80 31.81
C TYR K 139 4.46 18.92 31.70
N ARG K 140 4.91 20.13 32.05
CA ARG K 140 4.00 21.27 32.07
C ARG K 140 3.45 21.57 30.68
N LEU K 141 4.31 21.55 29.66
CA LEU K 141 3.88 21.90 28.32
C LEU K 141 2.94 20.88 27.70
N ASP K 142 2.82 19.69 28.28
CA ASP K 142 1.95 18.65 27.76
C ASP K 142 0.57 18.66 28.37
N VAL K 143 0.27 19.62 29.26
CA VAL K 143 -1.01 19.70 29.95
C VAL K 143 -1.55 21.11 29.79
N VAL K 144 -2.84 21.23 29.48
CA VAL K 144 -3.50 22.51 29.32
C VAL K 144 -4.55 22.66 30.41
N GLN K 145 -5.17 23.84 30.45
CA GLN K 145 -6.18 24.18 31.46
C GLN K 145 -7.56 24.15 30.81
N ILE K 146 -8.50 23.47 31.47
CA ILE K 146 -9.88 23.40 31.02
C ILE K 146 -10.79 23.67 32.21
N ASN K 147 -12.01 24.10 31.92
CA ASN K 147 -13.00 24.40 32.95
C ASN K 147 -14.41 24.32 32.38
N ASN K 158 -13.01 21.19 40.92
CA ASN K 158 -12.34 22.48 41.05
C ASN K 158 -11.10 22.55 40.18
N LYS K 159 -10.44 21.40 40.00
CA LYS K 159 -9.25 21.30 39.16
C LYS K 159 -9.41 20.14 38.20
N GLU K 160 -9.17 20.41 36.91
CA GLU K 160 -9.28 19.39 35.88
C GLU K 160 -8.32 19.75 34.75
N TYR K 161 -7.52 18.77 34.32
CA TYR K 161 -6.50 18.98 33.29
C TYR K 161 -6.69 17.94 32.19
N ARG K 162 -6.19 18.30 31.00
CA ARG K 162 -6.24 17.40 29.85
C ARG K 162 -5.03 17.69 28.97
N LEU K 163 -4.70 16.73 28.11
CA LEU K 163 -3.58 16.88 27.21
C LEU K 163 -3.92 17.84 26.07
N ILE K 164 -2.89 18.50 25.55
CA ILE K 164 -3.06 19.38 24.39
C ILE K 164 -3.25 18.59 23.10
N ASN K 165 -3.05 17.28 23.13
CA ASN K 165 -3.18 16.43 21.96
C ASN K 165 -4.60 15.94 21.74
N CYS K 166 -5.54 16.33 22.60
CA CYS K 166 -6.91 15.85 22.54
C CYS K 166 -7.84 16.74 21.73
N ASN K 167 -7.72 18.06 21.87
CA ASN K 167 -8.49 18.99 21.07
C ASN K 167 -7.88 19.23 19.69
N THR K 168 -6.95 18.37 19.28
CA THR K 168 -6.31 18.45 17.98
C THR K 168 -6.17 17.03 17.46
N SER K 169 -5.36 16.85 16.42
CA SER K 169 -5.15 15.52 15.85
C SER K 169 -4.56 14.58 16.90
N ALA K 170 -4.71 13.28 16.64
CA ALA K 170 -4.18 12.23 17.50
C ALA K 170 -3.06 11.50 16.78
N CYS K 171 -2.07 11.05 17.55
CA CYS K 171 -0.88 10.43 16.99
C CYS K 171 -0.43 9.28 17.88
N THR K 172 0.60 8.58 17.43
CA THR K 172 1.20 7.46 18.15
C THR K 172 2.40 7.95 18.95
N GLN K 173 3.12 7.00 19.53
CA GLN K 173 4.39 7.28 20.20
C GLN K 173 5.53 6.75 19.34
N ALA K 174 6.73 7.30 19.58
CA ALA K 174 7.89 6.81 18.86
C ALA K 174 8.02 5.31 19.07
N CYS K 175 8.19 4.58 17.98
CA CYS K 175 8.13 3.13 18.06
C CYS K 175 9.27 2.62 18.94
N PRO K 176 9.01 1.72 19.89
CA PRO K 176 10.02 1.40 20.90
C PRO K 176 11.13 0.48 20.43
N LYS K 177 11.11 0.02 19.17
CA LYS K 177 12.11 -0.90 18.65
C LYS K 177 13.02 -0.25 17.62
N VAL K 178 13.04 1.09 17.57
CA VAL K 178 13.89 1.82 16.63
C VAL K 178 14.60 2.94 17.38
N SER K 179 15.68 3.42 16.78
CA SER K 179 16.49 4.49 17.34
C SER K 179 16.52 5.66 16.37
N PHE K 180 16.60 6.87 16.94
CA PHE K 180 16.59 8.10 16.16
C PHE K 180 17.98 8.65 15.90
N GLU K 181 19.02 7.90 16.25
CA GLU K 181 20.38 8.38 16.05
C GLU K 181 20.62 8.60 14.55
N PRO K 182 21.19 9.74 14.15
CA PRO K 182 21.40 9.97 12.72
C PRO K 182 22.40 8.98 12.13
N ILE K 183 22.19 8.66 10.86
CA ILE K 183 23.08 7.76 10.13
C ILE K 183 23.53 8.47 8.85
N PRO K 184 24.84 8.57 8.59
CA PRO K 184 25.28 9.25 7.35
C PRO K 184 25.05 8.36 6.15
N ILE K 185 24.37 8.91 5.14
CA ILE K 185 24.04 8.18 3.92
C ILE K 185 24.57 8.97 2.73
N HIS K 186 24.82 8.24 1.64
CA HIS K 186 25.34 8.80 0.40
C HIS K 186 24.27 8.75 -0.67
N TYR K 187 24.20 9.79 -1.48
CA TYR K 187 23.22 9.90 -2.56
C TYR K 187 23.93 9.70 -3.89
N CYS K 188 23.40 8.81 -4.71
CA CYS K 188 23.97 8.50 -6.02
C CYS K 188 22.90 8.58 -7.09
N ALA K 189 23.25 9.20 -8.22
CA ALA K 189 22.32 9.35 -9.32
C ALA K 189 22.28 8.07 -10.16
N PRO K 190 21.18 7.84 -10.88
CA PRO K 190 21.10 6.64 -11.73
C PRO K 190 22.01 6.73 -12.95
N ALA K 191 22.00 5.69 -13.77
CA ALA K 191 22.83 5.69 -14.98
C ALA K 191 22.41 6.81 -15.91
N GLY K 192 23.39 7.40 -16.59
CA GLY K 192 23.15 8.51 -17.49
C GLY K 192 23.15 9.87 -16.84
N PHE K 193 23.25 9.95 -15.52
CA PHE K 193 23.33 11.21 -14.80
C PHE K 193 24.53 11.19 -13.87
N ALA K 194 25.24 12.30 -13.82
CA ALA K 194 26.43 12.44 -12.99
C ALA K 194 26.21 13.56 -11.97
N ILE K 195 27.17 13.72 -11.08
CA ILE K 195 27.15 14.75 -10.04
C ILE K 195 28.44 15.55 -10.15
N LEU K 196 28.31 16.86 -10.32
CA LEU K 196 29.46 17.75 -10.40
C LEU K 196 29.65 18.43 -9.05
N LYS K 197 30.83 18.27 -8.47
CA LYS K 197 31.15 18.81 -7.15
C LYS K 197 32.10 19.99 -7.30
N CYS K 198 31.77 21.10 -6.64
CA CYS K 198 32.59 22.30 -6.69
C CYS K 198 33.50 22.34 -5.46
N LYS K 199 34.81 22.39 -5.70
CA LYS K 199 35.80 22.36 -4.64
C LYS K 199 36.50 23.71 -4.46
N ASP K 200 35.97 24.77 -5.06
CA ASP K 200 36.60 26.08 -4.94
C ASP K 200 36.61 26.54 -3.49
N LYS K 201 37.76 27.05 -3.04
CA LYS K 201 37.86 27.57 -1.68
C LYS K 201 36.93 28.76 -1.50
N LYS K 202 36.89 29.67 -2.48
CA LYS K 202 36.00 30.83 -2.46
C LYS K 202 34.74 30.46 -3.23
N PHE K 203 33.62 30.33 -2.52
CA PHE K 203 32.36 29.93 -3.15
C PHE K 203 31.23 30.59 -2.36
N ASN K 204 30.62 31.62 -2.94
CA ASN K 204 29.53 32.35 -2.31
C ASN K 204 28.16 31.89 -2.80
N GLY K 205 28.03 30.61 -3.16
CA GLY K 205 26.76 30.07 -3.58
C GLY K 205 26.55 30.10 -5.08
N THR K 206 26.50 31.29 -5.66
CA THR K 206 26.26 31.48 -7.09
C THR K 206 27.48 32.14 -7.72
N GLY K 207 27.93 31.61 -8.85
CA GLY K 207 29.05 32.14 -9.56
C GLY K 207 29.87 31.07 -10.25
N PRO K 208 30.83 31.48 -11.07
CA PRO K 208 31.67 30.48 -11.76
C PRO K 208 32.47 29.65 -10.77
N CYS K 209 32.65 28.38 -11.12
CA CYS K 209 33.38 27.41 -10.29
C CYS K 209 34.44 26.74 -11.15
N PRO K 210 35.58 27.40 -11.36
CA PRO K 210 36.63 26.77 -12.20
C PRO K 210 37.11 25.43 -11.66
N SER K 211 37.15 25.27 -10.33
CA SER K 211 37.59 24.02 -9.72
C SER K 211 36.36 23.14 -9.49
N VAL K 212 36.05 22.31 -10.48
CA VAL K 212 34.90 21.42 -10.43
C VAL K 212 35.37 19.99 -10.67
N SER K 213 34.89 19.06 -9.85
CA SER K 213 35.24 17.66 -9.95
C SER K 213 33.97 16.82 -9.92
N THR K 214 33.94 15.79 -10.76
CA THR K 214 32.80 14.88 -10.83
C THR K 214 33.03 13.69 -9.92
N VAL K 215 31.93 13.13 -9.40
CA VAL K 215 31.99 11.98 -8.51
C VAL K 215 30.70 11.18 -8.67
N GLN K 216 30.82 9.86 -8.64
CA GLN K 216 29.65 9.00 -8.77
C GLN K 216 28.71 9.17 -7.57
N CYS K 217 29.27 9.24 -6.38
CA CYS K 217 28.49 9.35 -5.15
C CYS K 217 29.09 10.42 -4.25
N THR K 218 28.25 10.98 -3.39
CA THR K 218 28.68 12.02 -2.48
C THR K 218 29.06 11.44 -1.12
N HIS K 219 29.73 12.26 -0.31
CA HIS K 219 30.14 11.84 1.03
C HIS K 219 28.93 11.79 1.96
N GLY K 220 29.14 11.17 3.12
CA GLY K 220 28.07 10.97 4.07
C GLY K 220 27.41 12.26 4.52
N ILE K 221 26.08 12.29 4.49
CA ILE K 221 25.29 13.44 4.93
C ILE K 221 24.43 12.99 6.09
N LYS K 222 24.55 13.68 7.22
CA LYS K 222 23.78 13.33 8.41
C LYS K 222 22.49 14.13 8.45
N PRO K 223 21.32 13.49 8.43
CA PRO K 223 20.07 14.27 8.49
C PRO K 223 19.75 14.72 9.92
N VAL K 224 20.55 15.67 10.40
CA VAL K 224 20.38 16.17 11.76
C VAL K 224 19.06 16.91 11.88
N VAL K 225 18.45 16.81 13.06
CA VAL K 225 17.18 17.46 13.35
C VAL K 225 17.49 18.70 14.19
N SER K 226 17.20 19.88 13.64
CA SER K 226 17.46 21.12 14.34
C SER K 226 16.85 22.27 13.55
N THR K 227 16.40 23.30 14.27
CA THR K 227 15.86 24.51 13.67
C THR K 227 16.93 25.58 13.50
N GLN K 228 17.70 25.83 14.56
CA GLN K 228 18.81 26.77 14.53
C GLN K 228 20.02 26.13 15.21
N LEU K 229 21.20 26.62 14.85
CA LEU K 229 22.45 26.09 15.38
C LEU K 229 22.57 24.59 15.08
N LEU K 230 22.62 24.27 13.78
CA LEU K 230 22.65 22.88 13.35
C LEU K 230 23.89 22.18 13.90
N LEU K 231 23.72 20.90 14.22
CA LEU K 231 24.76 20.10 14.85
C LEU K 231 25.31 19.06 13.88
N ASN K 232 26.54 18.64 14.11
CA ASN K 232 27.17 17.56 13.35
C ASN K 232 27.13 17.84 11.84
N GLY K 233 27.40 19.09 11.49
CA GLY K 233 27.44 19.51 10.10
C GLY K 233 28.82 19.35 9.49
N SER K 234 28.96 19.85 8.27
CA SER K 234 30.22 19.80 7.54
C SER K 234 31.05 21.03 7.89
N LEU K 235 32.20 20.80 8.51
CA LEU K 235 33.05 21.91 8.94
C LEU K 235 33.69 22.59 7.75
N ALA K 236 33.89 23.90 7.88
CA ALA K 236 34.59 24.66 6.85
C ALA K 236 36.08 24.38 6.92
N GLU K 237 36.81 24.89 5.92
CA GLU K 237 38.24 24.66 5.81
C GLU K 237 39.05 25.88 6.25
N GLU K 238 38.80 27.04 5.63
CA GLU K 238 39.47 28.26 6.02
C GLU K 238 38.73 29.44 5.40
N GLU K 239 39.03 30.63 5.89
CA GLU K 239 38.39 31.85 5.42
C GLU K 239 36.87 31.70 5.44
N VAL K 240 36.36 31.53 6.66
CA VAL K 240 34.93 31.32 6.89
C VAL K 240 34.13 32.24 5.97
N MET K 241 33.18 31.65 5.26
CA MET K 241 32.34 32.36 4.31
C MET K 241 30.92 32.50 4.87
N ILE K 242 30.12 33.31 4.18
CA ILE K 242 28.74 33.56 4.53
C ILE K 242 27.87 33.23 3.33
N ARG K 243 26.82 32.45 3.55
CA ARG K 243 25.91 32.02 2.48
C ARG K 243 24.63 32.83 2.56
N SER K 244 24.27 33.46 1.45
CA SER K 244 23.04 34.26 1.38
C SER K 244 22.59 34.33 -0.07
N GLU K 245 21.31 34.66 -0.25
CA GLU K 245 20.74 34.76 -1.58
C GLU K 245 20.76 36.19 -2.11
N ASN K 246 20.35 37.16 -1.28
CA ASN K 246 20.34 38.56 -1.68
C ASN K 246 20.97 39.49 -0.67
N ILE K 247 21.19 39.06 0.57
CA ILE K 247 21.84 39.88 1.60
C ILE K 247 20.99 41.12 1.87
N THR K 248 20.85 41.98 0.87
CA THR K 248 20.10 43.22 1.06
C THR K 248 18.68 42.94 1.56
N ASN K 249 18.01 41.95 0.97
CA ASN K 249 16.67 41.58 1.41
C ASN K 249 16.75 40.77 2.70
N ASN K 250 16.01 41.21 3.72
CA ASN K 250 16.02 40.54 5.01
C ASN K 250 14.99 39.42 5.11
N ALA K 251 14.12 39.26 4.11
CA ALA K 251 13.11 38.21 4.16
C ALA K 251 13.75 36.83 4.21
N LYS K 252 14.81 36.62 3.43
CA LYS K 252 15.49 35.34 3.37
C LYS K 252 16.54 35.24 4.47
N ASN K 253 16.73 34.02 4.97
CA ASN K 253 17.67 33.80 6.05
C ASN K 253 19.12 33.86 5.53
N ILE K 254 20.05 33.93 6.47
CA ILE K 254 21.48 33.95 6.18
C ILE K 254 22.10 32.70 6.80
N LEU K 255 22.79 31.93 5.98
CA LEU K 255 23.45 30.69 6.41
C LEU K 255 24.95 30.94 6.50
N VAL K 256 25.51 30.73 7.69
CA VAL K 256 26.93 30.94 7.94
C VAL K 256 27.47 29.73 8.68
N GLN K 257 28.60 29.20 8.21
CA GLN K 257 29.29 28.09 8.87
C GLN K 257 30.73 28.51 9.13
N PHE K 258 31.20 28.26 10.36
CA PHE K 258 32.52 28.67 10.78
C PHE K 258 33.48 27.49 10.77
N ASN K 259 34.77 27.80 10.90
CA ASN K 259 35.81 26.80 10.68
C ASN K 259 36.02 25.92 11.91
N THR K 260 36.44 26.52 13.02
CA THR K 260 36.78 25.73 14.19
C THR K 260 35.51 25.12 14.80
N PRO K 261 35.54 23.85 15.20
CA PRO K 261 34.37 23.26 15.85
C PRO K 261 34.34 23.64 17.34
N VAL K 262 33.16 24.06 17.81
CA VAL K 262 32.95 24.39 19.21
C VAL K 262 32.05 23.33 19.81
N GLN K 263 32.51 22.69 20.88
CA GLN K 263 31.82 21.55 21.46
C GLN K 263 30.63 22.01 22.29
N ILE K 264 29.75 21.05 22.60
CA ILE K 264 28.54 21.32 23.37
C ILE K 264 28.34 20.19 24.37
N ASN K 265 27.93 20.54 25.58
CA ASN K 265 27.55 19.59 26.61
C ASN K 265 26.08 19.77 26.94
N CYS K 266 25.33 18.67 26.96
CA CYS K 266 23.90 18.71 27.29
C CYS K 266 23.56 17.40 27.97
N THR K 267 23.32 17.45 29.28
CA THR K 267 23.07 16.27 30.08
C THR K 267 21.67 16.31 30.67
N ARG K 268 21.21 15.14 31.12
CA ARG K 268 19.90 14.97 31.75
C ARG K 268 20.13 14.40 33.14
N PRO K 269 20.34 15.23 34.16
CA PRO K 269 20.68 14.72 35.49
C PRO K 269 19.55 14.00 36.21
N ASN K 270 18.32 14.08 35.70
CA ASN K 270 17.18 13.44 36.33
C ASN K 270 17.13 11.96 35.97
N ASN K 271 16.90 11.11 36.97
CA ASN K 271 16.80 9.67 36.77
C ASN K 271 15.34 9.30 36.57
N ASN K 272 15.06 8.60 35.46
CA ASN K 272 13.71 8.22 35.09
C ASN K 272 13.61 6.71 34.92
N THR K 273 12.45 6.17 35.29
CA THR K 273 12.15 4.75 35.14
C THR K 273 10.91 4.60 34.28
N ARG K 274 10.89 3.56 33.46
CA ARG K 274 9.79 3.30 32.54
C ARG K 274 8.82 2.30 33.16
N LYS K 275 7.53 2.55 32.99
CA LYS K 275 6.47 1.67 33.48
C LYS K 275 5.67 1.17 32.28
N SER K 276 5.49 -0.15 32.22
CA SER K 276 4.76 -0.78 31.12
C SER K 276 3.28 -0.88 31.51
N ILE K 277 2.42 -0.23 30.74
CA ILE K 277 0.98 -0.21 30.97
C ILE K 277 0.31 -0.91 29.79
N ARG K 278 -0.55 -1.88 30.09
CA ARG K 278 -1.26 -2.63 29.06
C ARG K 278 -2.49 -1.84 28.63
N ILE K 279 -2.47 -1.32 27.41
CA ILE K 279 -3.62 -0.60 26.88
C ILE K 279 -4.66 -1.57 26.34
N GLY K 280 -4.26 -2.40 25.38
CA GLY K 280 -5.13 -3.42 24.83
C GLY K 280 -4.39 -4.72 24.62
N PRO K 281 -4.96 -5.64 23.85
CA PRO K 281 -4.29 -6.91 23.57
C PRO K 281 -3.21 -6.72 22.51
N GLY K 282 -1.95 -6.79 22.95
CA GLY K 282 -0.82 -6.55 22.08
C GLY K 282 -0.36 -5.12 22.02
N GLN K 283 -1.04 -4.19 22.67
CA GLN K 283 -0.69 -2.79 22.69
C GLN K 283 -0.11 -2.44 24.06
N ALA K 284 1.05 -1.78 24.05
CA ALA K 284 1.74 -1.39 25.28
C ALA K 284 2.10 0.08 25.21
N PHE K 285 1.96 0.78 26.33
CA PHE K 285 2.28 2.19 26.44
C PHE K 285 3.25 2.40 27.60
N TYR K 286 4.29 3.20 27.36
CA TYR K 286 5.32 3.45 28.35
C TYR K 286 5.11 4.84 28.96
N ALA K 287 5.15 4.90 30.28
CA ALA K 287 4.92 6.14 31.01
C ALA K 287 5.99 6.32 32.08
N THR K 288 6.29 7.59 32.37
CA THR K 288 7.30 7.90 33.39
C THR K 288 6.80 7.51 34.77
N GLY K 289 7.69 6.93 35.57
CA GLY K 289 7.40 6.51 36.92
C GLY K 289 7.97 7.47 37.95
N ASP K 290 8.26 6.93 39.13
CA ASP K 290 8.83 7.73 40.20
C ASP K 290 10.28 8.09 39.87
N ILE K 291 10.74 9.19 40.45
CA ILE K 291 12.08 9.70 40.22
C ILE K 291 13.00 9.19 41.32
N ILE K 292 14.14 8.64 40.93
CA ILE K 292 15.14 8.13 41.87
C ILE K 292 16.24 9.16 42.00
N GLY K 293 16.48 9.62 43.22
CA GLY K 293 17.52 10.59 43.50
C GLY K 293 16.96 12.00 43.61
N ASP K 294 17.87 12.96 43.47
CA ASP K 294 17.51 14.37 43.55
C ASP K 294 16.86 14.84 42.27
N ILE K 295 16.13 15.94 42.37
CA ILE K 295 15.41 16.55 41.25
C ILE K 295 16.19 17.78 40.82
N ARG K 296 16.69 17.77 39.59
CA ARG K 296 17.46 18.88 39.04
C ARG K 296 16.82 19.34 37.73
N GLN K 297 17.49 20.26 37.04
CA GLN K 297 17.03 20.80 35.77
C GLN K 297 18.10 20.58 34.71
N ALA K 298 17.66 20.17 33.51
CA ALA K 298 18.59 19.96 32.41
C ALA K 298 19.17 21.29 31.94
N HIS K 299 20.43 21.26 31.50
CA HIS K 299 21.10 22.47 31.05
C HIS K 299 22.23 22.07 30.10
N CYS K 300 22.87 23.09 29.52
CA CYS K 300 23.98 22.87 28.60
C CYS K 300 25.07 23.89 28.88
N ASN K 301 26.31 23.52 28.52
CA ASN K 301 27.48 24.35 28.77
C ASN K 301 28.25 24.56 27.48
N VAL K 302 28.83 25.76 27.33
CA VAL K 302 29.71 26.09 26.22
C VAL K 302 30.89 26.89 26.77
N SER K 303 32.06 26.62 26.21
CA SER K 303 33.27 27.31 26.66
C SER K 303 33.24 28.77 26.23
N LYS K 304 33.48 29.66 27.20
CA LYS K 304 33.45 31.09 26.90
C LYS K 304 34.54 31.47 25.90
N ALA K 305 35.75 30.95 26.09
CA ALA K 305 36.85 31.31 25.20
C ALA K 305 36.58 30.88 23.77
N THR K 306 36.07 29.66 23.58
CA THR K 306 35.81 29.19 22.23
C THR K 306 34.68 29.95 21.57
N TRP K 307 33.61 30.22 22.32
CA TRP K 307 32.43 30.86 21.74
C TRP K 307 32.74 32.29 21.31
N ASN K 308 33.36 33.08 22.19
CA ASN K 308 33.65 34.47 21.85
C ASN K 308 34.63 34.56 20.70
N GLU K 309 35.64 33.69 20.69
CA GLU K 309 36.62 33.72 19.61
C GLU K 309 35.96 33.47 18.26
N THR K 310 35.02 32.53 18.21
CA THR K 310 34.32 32.26 16.96
C THR K 310 33.51 33.47 16.51
N LEU K 311 32.78 34.10 17.44
CA LEU K 311 32.03 35.30 17.09
C LEU K 311 32.97 36.42 16.66
N GLY K 312 34.07 36.61 17.37
CA GLY K 312 35.03 37.63 16.97
C GLY K 312 35.67 37.35 15.63
N LYS K 313 35.73 36.08 15.23
CA LYS K 313 36.31 35.70 13.95
C LYS K 313 35.32 35.82 12.80
N VAL K 314 34.02 35.77 13.09
CA VAL K 314 33.00 35.80 12.03
C VAL K 314 32.47 37.22 11.88
N VAL K 315 32.49 37.99 12.98
CA VAL K 315 31.98 39.35 12.91
C VAL K 315 32.78 40.18 11.92
N LYS K 316 34.12 40.04 11.95
CA LYS K 316 34.96 40.79 11.02
C LYS K 316 34.63 40.40 9.58
N GLN K 317 34.35 39.13 9.34
CA GLN K 317 34.06 38.68 7.98
C GLN K 317 32.81 39.35 7.44
N LEU K 318 31.76 39.45 8.24
CA LEU K 318 30.50 40.01 7.77
C LEU K 318 30.61 41.50 7.47
N ARG K 319 31.59 42.19 8.03
CA ARG K 319 31.74 43.62 7.77
C ARG K 319 32.06 43.91 6.31
N LYS K 320 32.62 42.95 5.58
CA LYS K 320 32.98 43.18 4.18
C LYS K 320 31.74 43.47 3.35
N HIS K 321 30.67 42.70 3.55
CA HIS K 321 29.47 42.88 2.73
C HIS K 321 28.79 44.21 3.03
N PHE K 322 28.72 44.60 4.30
CA PHE K 322 28.00 45.80 4.69
C PHE K 322 28.91 47.02 4.74
N GLY K 323 29.95 46.98 5.57
CA GLY K 323 30.86 48.10 5.70
C GLY K 323 31.90 47.90 6.79
N ASN K 324 32.99 48.68 6.71
CA ASN K 324 34.04 48.54 7.71
C ASN K 324 33.61 49.11 9.05
N ASN K 325 33.00 50.29 9.05
CA ASN K 325 32.56 50.95 10.28
C ASN K 325 31.10 50.65 10.57
N THR K 326 30.82 49.37 10.81
CA THR K 326 29.47 48.89 11.10
C THR K 326 29.45 48.28 12.50
N ILE K 327 28.47 48.68 13.29
CA ILE K 327 28.30 48.14 14.64
C ILE K 327 27.37 46.95 14.58
N ILE K 328 27.79 45.83 15.17
CA ILE K 328 27.05 44.58 15.12
C ILE K 328 26.59 44.22 16.53
N ARG K 329 25.30 43.95 16.68
CA ARG K 329 24.72 43.52 17.93
C ARG K 329 23.86 42.29 17.68
N PHE K 330 23.81 41.40 18.66
CA PHE K 330 23.12 40.13 18.54
C PHE K 330 21.94 40.08 19.50
N ALA K 331 20.78 39.71 18.98
CA ALA K 331 19.54 39.59 19.76
C ALA K 331 19.20 38.12 19.95
N ASN K 332 18.14 37.88 20.72
CA ASN K 332 17.75 36.53 21.11
C ASN K 332 16.34 36.16 20.69
N SER K 333 15.70 36.96 19.82
CA SER K 333 14.35 36.67 19.36
C SER K 333 13.36 36.68 20.52
N SER K 334 12.10 36.35 20.24
CA SER K 334 11.04 36.38 21.24
C SER K 334 10.15 35.17 21.03
N GLY K 335 8.97 35.19 21.67
CA GLY K 335 8.05 34.07 21.63
C GLY K 335 7.65 33.65 20.24
N GLY K 336 7.73 32.36 19.97
CA GLY K 336 7.33 31.81 18.69
C GLY K 336 6.57 30.50 18.85
N ASP K 337 5.84 30.37 19.95
CA ASP K 337 5.10 29.14 20.27
C ASP K 337 6.03 27.94 20.30
N LEU K 338 7.24 28.14 20.85
CA LEU K 338 8.23 27.07 21.00
C LEU K 338 8.52 26.38 19.67
N GLU K 339 8.51 27.14 18.58
CA GLU K 339 8.78 26.62 17.25
C GLU K 339 10.02 27.24 16.62
N VAL K 340 10.13 28.57 16.66
CA VAL K 340 11.27 29.27 16.07
C VAL K 340 11.95 30.12 17.14
N THR K 341 11.88 29.67 18.40
CA THR K 341 12.43 30.42 19.52
C THR K 341 13.20 29.51 20.47
N THR K 342 13.83 28.47 19.94
CA THR K 342 14.57 27.53 20.77
C THR K 342 15.60 26.81 19.93
N HIS K 343 16.54 26.16 20.61
CA HIS K 343 17.59 25.36 19.97
C HIS K 343 17.15 23.90 20.04
N SER K 344 16.56 23.41 18.96
CA SER K 344 16.00 22.06 18.93
C SER K 344 17.08 21.06 18.57
N PHE K 345 17.19 20.00 19.38
CA PHE K 345 18.11 18.90 19.10
C PHE K 345 17.63 17.67 19.85
N ASN K 346 18.13 16.51 19.43
CA ASN K 346 17.76 15.23 20.01
C ASN K 346 18.99 14.52 20.54
N CYS K 347 18.82 13.83 21.67
CA CYS K 347 19.90 13.08 22.31
C CYS K 347 19.33 11.74 22.77
N GLY K 348 19.61 10.68 22.00
CA GLY K 348 19.15 9.35 22.38
C GLY K 348 17.65 9.21 22.42
N GLY K 349 16.94 9.80 21.46
CA GLY K 349 15.50 9.69 21.37
C GLY K 349 14.74 10.70 22.20
N GLU K 350 15.42 11.58 22.93
CA GLU K 350 14.78 12.60 23.74
C GLU K 350 14.97 13.96 23.06
N PHE K 351 13.86 14.69 22.89
CA PHE K 351 13.86 15.96 22.18
C PHE K 351 14.01 17.10 23.17
N PHE K 352 14.94 18.00 22.90
CA PHE K 352 15.23 19.14 23.77
C PHE K 352 14.88 20.43 23.03
N TYR K 353 14.00 21.23 23.64
CA TYR K 353 13.73 22.59 23.18
C TYR K 353 14.15 23.51 24.32
N CYS K 354 15.31 24.14 24.19
CA CYS K 354 15.92 24.85 25.30
C CYS K 354 16.22 26.30 24.93
N ASN K 355 16.61 27.05 25.96
CA ASN K 355 16.88 28.48 25.84
C ASN K 355 18.07 28.73 24.93
N THR K 356 18.11 29.93 24.35
CA THR K 356 19.23 30.34 23.52
C THR K 356 19.63 31.79 23.76
N SER K 357 19.07 32.46 24.78
CA SER K 357 19.38 33.86 25.02
C SER K 357 20.78 34.06 25.59
N GLY K 358 21.42 33.00 26.07
CA GLY K 358 22.74 33.11 26.65
C GLY K 358 23.89 33.15 25.66
N LEU K 359 23.60 33.07 24.36
CA LEU K 359 24.62 33.08 23.33
C LEU K 359 24.62 34.36 22.51
N PHE K 360 23.45 34.82 22.06
CA PHE K 360 23.33 36.02 21.24
C PHE K 360 23.00 37.20 22.15
N ASN K 361 24.03 37.69 22.85
CA ASN K 361 23.84 38.73 23.85
C ASN K 361 24.96 39.78 23.82
N SER K 362 25.82 39.79 22.80
CA SER K 362 26.99 40.64 22.77
C SER K 362 26.85 41.71 21.69
N THR K 363 27.65 42.77 21.84
CA THR K 363 27.75 43.83 20.87
C THR K 363 29.22 44.05 20.51
N TRP K 364 29.46 44.51 19.29
CA TRP K 364 30.82 44.68 18.77
C TRP K 364 31.01 46.09 18.27
N ILE K 365 32.16 46.67 18.58
CA ILE K 365 32.52 48.00 18.13
C ILE K 365 33.41 47.88 16.90
N SER K 366 33.45 48.94 16.09
CA SER K 366 34.26 48.93 14.89
C SER K 366 35.75 48.77 15.23
N ASN K 367 36.21 49.48 16.24
CA ASN K 367 37.62 49.41 16.65
C ASN K 367 37.73 49.07 18.14
N ASN K 379 38.12 26.62 32.24
CA ASN K 379 37.69 28.01 32.38
C ASN K 379 36.18 28.09 32.59
N ASP K 380 35.67 29.30 32.77
CA ASP K 380 34.25 29.49 32.99
C ASP K 380 33.45 29.10 31.76
N SER K 381 32.21 28.65 31.99
CA SER K 381 31.31 28.25 30.93
C SER K 381 29.93 28.84 31.19
N ILE K 382 29.15 28.97 30.12
CA ILE K 382 27.82 29.56 30.18
C ILE K 382 26.81 28.44 30.34
N THR K 383 26.04 28.50 31.42
CA THR K 383 25.00 27.52 31.72
C THR K 383 23.63 28.17 31.61
N LEU K 384 22.70 27.48 30.96
CA LEU K 384 21.37 28.00 30.72
C LEU K 384 20.33 26.96 31.16
N PRO K 385 19.35 27.35 31.98
CA PRO K 385 18.23 26.44 32.26
C PRO K 385 17.26 26.40 31.11
N CYS K 386 16.47 25.32 31.07
CA CYS K 386 15.49 25.15 30.01
C CYS K 386 14.47 24.10 30.44
N ARG K 387 13.64 23.68 29.49
CA ARG K 387 12.55 22.74 29.75
C ARG K 387 12.55 21.66 28.68
N ILE K 388 11.89 20.55 29.01
CA ILE K 388 11.78 19.40 28.11
C ILE K 388 10.31 19.01 28.03
N LYS K 389 9.83 18.75 26.81
CA LYS K 389 8.47 18.28 26.60
C LYS K 389 8.50 17.03 25.72
N GLN K 390 7.52 16.17 25.93
CA GLN K 390 7.50 14.86 25.28
C GLN K 390 6.87 14.91 23.89
N ILE K 391 5.61 15.31 23.81
CA ILE K 391 4.93 15.38 22.52
C ILE K 391 5.49 16.57 21.73
N ILE K 392 5.81 16.32 20.46
CA ILE K 392 6.46 17.31 19.62
C ILE K 392 5.76 17.38 18.27
N ASN K 393 6.03 18.46 17.55
CA ASN K 393 5.57 18.64 16.17
C ASN K 393 6.79 19.01 15.33
N MET K 394 7.53 17.99 14.89
CA MET K 394 8.64 18.16 13.97
C MET K 394 8.13 17.92 12.57
N TRP K 395 8.47 18.82 11.64
CA TRP K 395 7.79 18.89 10.35
C TRP K 395 6.29 19.10 10.58
N GLN K 396 5.98 20.32 11.01
CA GLN K 396 4.85 20.61 11.89
C GLN K 396 3.63 19.74 11.59
N ARG K 397 3.16 19.71 10.35
CA ARG K 397 2.16 18.72 9.92
C ARG K 397 0.98 18.70 10.89
N ILE K 398 0.24 19.81 10.89
CA ILE K 398 -0.85 20.05 11.82
C ILE K 398 -1.65 18.78 12.11
N GLY K 399 -1.81 17.94 11.09
CA GLY K 399 -2.64 16.76 11.20
C GLY K 399 -2.04 15.58 11.94
N GLN K 400 -0.80 15.69 12.40
CA GLN K 400 -0.16 14.56 13.09
C GLN K 400 0.82 15.09 14.13
N CYS K 401 1.29 14.19 14.98
CA CYS K 401 2.23 14.51 16.05
C CYS K 401 2.96 13.22 16.43
N MET K 402 3.67 13.24 17.55
CA MET K 402 4.37 12.06 18.03
C MET K 402 4.65 12.23 19.52
N TYR K 403 4.66 11.10 20.23
CA TYR K 403 4.92 11.07 21.66
C TYR K 403 6.32 10.53 21.93
N ALA K 404 7.04 11.21 22.83
CA ALA K 404 8.41 10.83 23.14
C ALA K 404 8.43 9.85 24.30
N PRO K 405 8.86 8.60 24.11
CA PRO K 405 8.90 7.67 25.23
C PRO K 405 10.00 8.06 26.21
N PRO K 406 9.87 7.67 27.48
CA PRO K 406 10.95 7.93 28.43
C PRO K 406 12.19 7.12 28.10
N ILE K 407 13.33 7.64 28.54
CA ILE K 407 14.63 7.00 28.34
C ILE K 407 15.20 6.64 29.71
N GLN K 408 15.61 5.38 29.86
CA GLN K 408 16.14 4.91 31.13
C GLN K 408 17.49 5.57 31.42
N GLY K 409 17.81 5.66 32.70
CA GLY K 409 19.08 6.24 33.11
C GLY K 409 19.15 7.73 32.83
N VAL K 410 20.35 8.17 32.46
CA VAL K 410 20.61 9.57 32.15
C VAL K 410 21.27 9.66 30.78
N ILE K 411 21.13 10.81 30.15
CA ILE K 411 21.66 11.07 28.82
C ILE K 411 22.70 12.18 28.92
N ARG K 412 23.89 11.93 28.38
CA ARG K 412 24.98 12.92 28.35
C ARG K 412 25.54 12.91 26.93
N CYS K 413 24.99 13.77 26.08
CA CYS K 413 25.35 13.83 24.66
C CYS K 413 26.33 14.97 24.42
N VAL K 414 27.37 14.68 23.65
CA VAL K 414 28.38 15.65 23.25
C VAL K 414 28.42 15.72 21.74
N SER K 415 28.41 16.93 21.20
CA SER K 415 28.36 17.12 19.75
C SER K 415 29.11 18.41 19.42
N ASN K 416 29.00 18.84 18.17
CA ASN K 416 29.64 20.05 17.68
C ASN K 416 28.60 21.01 17.13
N ILE K 417 28.99 22.28 17.01
CA ILE K 417 28.22 23.29 16.31
C ILE K 417 29.04 23.70 15.09
N THR K 418 28.44 23.58 13.90
CA THR K 418 29.15 23.85 12.66
C THR K 418 28.62 25.08 11.92
N GLY K 419 27.40 25.51 12.20
CA GLY K 419 26.85 26.66 11.48
C GLY K 419 25.79 27.36 12.31
N LEU K 420 25.45 28.56 11.85
CA LEU K 420 24.47 29.41 12.51
C LEU K 420 23.52 29.97 11.46
N ILE K 421 22.31 30.31 11.90
CA ILE K 421 21.30 30.92 11.05
C ILE K 421 21.03 32.32 11.59
N LEU K 422 21.11 33.31 10.72
CA LEU K 422 20.94 34.71 11.09
C LEU K 422 19.93 35.38 10.18
N THR K 423 19.20 36.35 10.72
CA THR K 423 18.20 37.10 9.99
C THR K 423 18.40 38.59 10.25
N ARG K 424 18.33 39.38 9.19
CA ARG K 424 18.50 40.83 9.31
C ARG K 424 17.22 41.46 9.83
N ASP K 425 17.34 42.73 10.24
CA ASP K 425 16.21 43.48 10.76
C ASP K 425 15.50 44.19 9.62
N GLY K 426 14.52 45.04 9.95
CA GLY K 426 13.77 45.75 8.95
C GLY K 426 14.57 46.89 8.34
N GLY K 427 14.02 47.43 7.25
CA GLY K 427 14.66 48.54 6.56
C GLY K 427 14.34 49.88 7.19
N SER K 428 14.78 50.06 8.43
CA SER K 428 14.49 51.30 9.16
C SER K 428 15.11 52.50 8.48
N THR K 429 16.43 52.53 8.37
CA THR K 429 17.15 53.66 7.78
C THR K 429 18.58 53.24 7.55
N ASN K 430 19.44 54.21 7.24
CA ASN K 430 20.86 53.95 7.02
C ASN K 430 21.57 54.10 8.37
N SER K 431 21.44 53.06 9.19
CA SER K 431 21.95 53.06 10.55
C SER K 431 23.14 52.11 10.63
N THR K 432 24.28 52.63 11.11
CA THR K 432 25.44 51.79 11.30
C THR K 432 25.17 50.72 12.36
N THR K 433 24.28 50.99 13.31
CA THR K 433 23.91 50.01 14.32
C THR K 433 23.02 48.94 13.70
N GLU K 434 23.63 47.85 13.24
CA GLU K 434 22.91 46.76 12.58
C GLU K 434 22.90 45.55 13.51
N THR K 435 21.73 44.96 13.69
CA THR K 435 21.54 43.84 14.60
C THR K 435 21.18 42.58 13.82
N PHE K 436 21.85 41.49 14.14
CA PHE K 436 21.59 40.18 13.54
C PHE K 436 20.90 39.30 14.57
N ARG K 437 19.82 38.64 14.15
CA ARG K 437 18.99 37.86 15.06
C ARG K 437 18.82 36.45 14.52
N PRO K 438 18.93 35.42 15.37
CA PRO K 438 18.78 34.05 14.87
C PRO K 438 17.37 33.79 14.37
N GLY K 439 17.28 32.92 13.35
CA GLY K 439 16.02 32.57 12.75
C GLY K 439 15.61 31.14 13.02
N GLY K 440 15.76 30.28 12.02
CA GLY K 440 15.39 28.88 12.16
C GLY K 440 13.93 28.63 11.83
N GLY K 441 13.56 27.35 11.93
CA GLY K 441 12.22 26.90 11.67
C GLY K 441 11.99 26.34 10.28
N ASP K 442 12.90 26.60 9.35
CA ASP K 442 12.81 26.10 7.99
C ASP K 442 13.75 24.91 7.85
N MET K 443 13.19 23.74 7.53
CA MET K 443 14.02 22.54 7.38
C MET K 443 14.78 22.57 6.06
N ARG K 444 14.26 23.25 5.05
CA ARG K 444 14.97 23.31 3.76
C ARG K 444 16.31 23.99 3.91
N ASP K 445 16.43 24.97 4.82
CA ASP K 445 17.70 25.65 5.01
C ASP K 445 18.72 24.76 5.71
N ASN K 446 18.27 23.79 6.51
CA ASN K 446 19.20 22.93 7.22
C ASN K 446 20.05 22.12 6.26
N TRP K 447 19.44 21.54 5.23
CA TRP K 447 20.17 20.72 4.28
C TRP K 447 20.86 21.53 3.19
N ARG K 448 20.52 22.81 3.03
CA ARG K 448 21.19 23.63 2.03
C ARG K 448 22.65 23.86 2.38
N SER K 449 23.04 23.66 3.63
CA SER K 449 24.44 23.82 4.03
C SER K 449 25.28 22.58 3.74
N GLU K 450 24.67 21.49 3.29
CA GLU K 450 25.39 20.26 3.01
C GLU K 450 25.36 19.85 1.54
N LEU K 451 24.47 20.42 0.73
CA LEU K 451 24.35 20.07 -0.68
C LEU K 451 24.57 21.29 -1.56
N TYR K 452 25.34 22.27 -1.07
CA TYR K 452 25.59 23.49 -1.84
C TYR K 452 26.70 23.33 -2.86
N LYS K 453 27.42 22.21 -2.86
CA LYS K 453 28.50 21.97 -3.80
C LYS K 453 28.09 21.08 -4.97
N TYR K 454 26.83 20.64 -5.04
CA TYR K 454 26.41 19.61 -5.97
C TYR K 454 25.38 20.16 -6.95
N LYS K 455 25.36 19.58 -8.14
CA LYS K 455 24.42 19.97 -9.19
C LYS K 455 24.26 18.79 -10.14
N VAL K 456 23.05 18.25 -10.23
CA VAL K 456 22.80 17.12 -11.12
C VAL K 456 22.95 17.58 -12.56
N VAL K 457 23.35 16.65 -13.44
CA VAL K 457 23.58 16.94 -14.85
C VAL K 457 22.91 15.87 -15.69
N LYS K 458 22.66 16.23 -16.96
CA LYS K 458 22.06 15.34 -17.94
C LYS K 458 23.03 15.17 -19.10
N ILE K 459 23.48 13.94 -19.32
CA ILE K 459 24.48 13.66 -20.34
C ILE K 459 23.78 13.33 -21.65
N GLU K 460 24.20 13.99 -22.72
CA GLU K 460 23.66 13.75 -24.07
C GLU K 460 24.76 13.16 -24.95
N PRO K 461 24.78 11.85 -25.18
CA PRO K 461 25.85 11.26 -26.00
C PRO K 461 25.88 11.80 -27.43
N LEU K 462 24.75 12.24 -27.97
CA LEU K 462 24.72 12.67 -29.37
C LEU K 462 25.55 13.93 -29.57
N GLY K 463 26.23 13.99 -30.71
CA GLY K 463 27.04 15.15 -31.05
C GLY K 463 27.14 15.31 -32.54
N VAL K 464 27.30 16.56 -32.98
CA VAL K 464 27.38 16.90 -34.40
C VAL K 464 28.58 17.83 -34.59
N ALA K 465 29.37 17.56 -35.65
CA ALA K 465 30.51 18.39 -35.97
C ALA K 465 30.91 18.15 -37.42
N PRO K 466 31.30 19.18 -38.15
CA PRO K 466 31.71 18.96 -39.55
C PRO K 466 33.00 18.15 -39.64
N THR K 467 33.13 17.41 -40.73
CA THR K 467 34.32 16.62 -40.98
C THR K 467 34.40 16.29 -42.47
N ARG K 468 35.62 16.20 -42.98
CA ARG K 468 35.86 15.92 -44.40
C ARG K 468 35.89 14.41 -44.58
N CYS K 469 34.73 13.84 -44.87
CA CYS K 469 34.61 12.40 -45.11
C CYS K 469 33.47 12.17 -46.09
N LYS K 470 33.54 11.04 -46.79
CA LYS K 470 32.54 10.67 -47.79
C LYS K 470 32.13 9.22 -47.57
N ARG K 471 30.82 8.97 -47.64
CA ARG K 471 30.28 7.62 -47.51
C ARG K 471 30.16 7.02 -48.89
N ARG K 472 30.93 5.96 -49.15
CA ARG K 472 30.93 5.33 -50.45
C ARG K 472 29.65 4.53 -50.67
N VAL K 473 29.28 4.38 -51.93
CA VAL K 473 28.08 3.64 -52.31
C VAL K 473 28.46 2.27 -52.84
N GLU L 2 52.44 -19.67 -39.02
CA GLU L 2 51.33 -20.16 -38.23
C GLU L 2 51.03 -19.21 -37.07
N ASN L 3 49.89 -18.53 -37.15
CA ASN L 3 49.49 -17.59 -36.11
C ASN L 3 47.98 -17.67 -35.96
N LEU L 4 47.51 -17.47 -34.72
CA LEU L 4 46.10 -17.51 -34.40
C LEU L 4 45.73 -16.32 -33.53
N TRP L 5 44.59 -15.69 -33.86
CA TRP L 5 44.09 -14.54 -33.14
C TRP L 5 42.82 -14.93 -32.38
N VAL L 6 42.18 -13.95 -31.75
CA VAL L 6 41.07 -14.19 -30.83
C VAL L 6 39.82 -13.54 -31.39
N THR L 7 38.73 -14.30 -31.40
CA THR L 7 37.40 -13.80 -31.73
C THR L 7 36.50 -13.98 -30.50
N VAL L 8 35.22 -13.62 -30.68
CA VAL L 8 34.23 -13.75 -29.61
C VAL L 8 33.00 -14.45 -30.16
N TYR L 9 32.29 -15.14 -29.28
CA TYR L 9 31.07 -15.86 -29.62
C TYR L 9 29.94 -15.36 -28.74
N TYR L 10 28.79 -15.12 -29.35
CA TYR L 10 27.61 -14.63 -28.65
C TYR L 10 26.55 -15.72 -28.60
N GLY L 11 25.88 -15.84 -27.45
CA GLY L 11 24.87 -16.87 -27.28
C GLY L 11 25.41 -18.23 -26.89
N VAL L 12 26.70 -18.34 -26.57
CA VAL L 12 27.26 -19.64 -26.21
C VAL L 12 26.59 -20.14 -24.94
N PRO L 13 26.22 -21.42 -24.84
CA PRO L 13 25.54 -21.92 -23.64
C PRO L 13 26.52 -22.14 -22.49
N VAL L 14 26.45 -21.27 -21.48
CA VAL L 14 27.24 -21.41 -20.27
C VAL L 14 26.41 -20.87 -19.11
N TRP L 15 26.51 -21.53 -17.95
CA TRP L 15 25.70 -21.18 -16.80
C TRP L 15 26.58 -20.95 -15.58
N LYS L 16 26.07 -20.14 -14.66
CA LYS L 16 26.74 -19.85 -13.40
C LYS L 16 25.68 -19.83 -12.30
N ASP L 17 26.08 -19.39 -11.11
CA ASP L 17 25.19 -19.30 -9.96
C ASP L 17 24.82 -17.85 -9.70
N ALA L 18 23.54 -17.62 -9.42
CA ALA L 18 23.04 -16.27 -9.18
C ALA L 18 21.82 -16.33 -8.29
N GLU L 19 21.46 -15.18 -7.74
CA GLU L 19 20.30 -15.03 -6.86
C GLU L 19 19.22 -14.26 -7.61
N THR L 20 18.02 -14.83 -7.68
CA THR L 20 16.91 -14.19 -8.37
C THR L 20 15.61 -14.77 -7.84
N THR L 21 14.52 -14.07 -8.14
CA THR L 21 13.18 -14.47 -7.71
C THR L 21 12.41 -15.04 -8.91
N LEU L 22 11.35 -15.78 -8.59
CA LEU L 22 10.50 -16.42 -9.58
C LEU L 22 9.08 -15.85 -9.47
N PHE L 23 8.18 -16.39 -10.29
CA PHE L 23 6.80 -15.93 -10.35
C PHE L 23 5.88 -17.12 -10.49
N CYS L 24 4.58 -16.86 -10.59
CA CYS L 24 3.57 -17.91 -10.58
C CYS L 24 3.48 -18.60 -11.94
N ALA L 25 2.76 -19.73 -11.94
CA ALA L 25 2.34 -20.38 -13.18
C ALA L 25 1.18 -21.28 -12.82
N SER L 26 -0.02 -20.94 -13.30
CA SER L 26 -1.26 -21.60 -12.91
C SER L 26 -1.83 -22.38 -14.08
N ASP L 27 -2.38 -23.56 -13.78
CA ASP L 27 -2.97 -24.42 -14.79
C ASP L 27 -4.40 -23.95 -15.13
N ALA L 28 -4.92 -24.50 -16.23
CA ALA L 28 -6.28 -24.15 -16.65
C ALA L 28 -7.31 -24.63 -15.62
N LYS L 29 -7.10 -25.82 -15.05
CA LYS L 29 -8.07 -26.35 -14.09
C LYS L 29 -8.21 -25.43 -12.88
N ALA L 30 -7.10 -24.90 -12.38
CA ALA L 30 -7.18 -23.95 -11.28
C ALA L 30 -7.94 -22.70 -11.68
N TYR L 31 -7.73 -22.22 -12.91
CA TYR L 31 -8.44 -21.05 -13.39
C TYR L 31 -9.95 -21.27 -13.43
N GLU L 32 -10.41 -22.52 -13.51
CA GLU L 32 -11.84 -22.78 -13.56
C GLU L 32 -12.53 -22.32 -12.28
N THR L 33 -11.90 -22.56 -11.13
CA THR L 33 -12.49 -22.15 -9.86
C THR L 33 -12.65 -20.63 -9.83
N GLU L 34 -13.82 -20.18 -9.40
CA GLU L 34 -14.14 -18.75 -9.33
C GLU L 34 -13.93 -18.17 -7.93
N LYS L 35 -13.44 -18.98 -6.98
CA LYS L 35 -13.22 -18.51 -5.62
C LYS L 35 -11.82 -17.91 -5.49
N HIS L 36 -11.76 -16.66 -5.01
CA HIS L 36 -10.49 -15.98 -4.81
C HIS L 36 -9.94 -16.31 -3.43
N ASN L 37 -9.48 -17.56 -3.31
CA ASN L 37 -8.94 -18.07 -2.06
C ASN L 37 -7.43 -17.82 -2.00
N VAL L 38 -6.76 -18.40 -1.01
CA VAL L 38 -5.32 -18.28 -0.92
C VAL L 38 -4.67 -19.03 -2.08
N TRP L 39 -3.53 -18.52 -2.55
CA TRP L 39 -2.83 -19.08 -3.70
C TRP L 39 -3.74 -19.11 -4.93
N ALA L 40 -4.55 -18.06 -5.09
CA ALA L 40 -5.48 -17.99 -6.21
C ALA L 40 -4.74 -17.61 -7.48
N THR L 41 -5.43 -17.83 -8.61
CA THR L 41 -4.87 -17.51 -9.92
C THR L 41 -5.06 -16.05 -10.31
N HIS L 42 -5.81 -15.27 -9.52
CA HIS L 42 -6.03 -13.87 -9.87
C HIS L 42 -4.71 -13.10 -9.86
N ALA L 43 -3.88 -13.33 -8.85
CA ALA L 43 -2.58 -12.68 -8.76
C ALA L 43 -1.45 -13.54 -9.31
N CYS L 44 -1.76 -14.72 -9.85
CA CYS L 44 -0.77 -15.64 -10.38
C CYS L 44 -1.01 -15.83 -11.87
N VAL L 45 0.05 -15.64 -12.66
CA VAL L 45 -0.08 -15.73 -14.12
C VAL L 45 -0.37 -17.17 -14.53
N PRO L 46 -1.23 -17.41 -15.53
CA PRO L 46 -1.44 -18.78 -15.99
C PRO L 46 -0.19 -19.35 -16.64
N THR L 47 -0.09 -20.68 -16.58
CA THR L 47 1.08 -21.39 -17.11
C THR L 47 0.89 -21.68 -18.60
N ASP L 48 1.83 -22.44 -19.16
CA ASP L 48 1.77 -22.87 -20.55
C ASP L 48 1.88 -24.39 -20.60
N PRO L 49 1.06 -25.08 -21.39
CA PRO L 49 1.11 -26.55 -21.41
C PRO L 49 2.32 -27.06 -22.19
N ASN L 50 2.57 -28.35 -22.03
CA ASN L 50 3.67 -29.04 -22.73
C ASN L 50 4.99 -28.33 -22.49
N PRO L 51 5.54 -28.41 -21.27
CA PRO L 51 6.87 -27.83 -21.04
C PRO L 51 7.93 -28.47 -21.92
N GLN L 52 8.90 -27.66 -22.32
CA GLN L 52 9.97 -28.13 -23.23
C GLN L 52 11.11 -28.75 -22.41
N GLU L 53 10.77 -29.85 -21.73
CA GLU L 53 11.75 -30.58 -20.94
C GLU L 53 12.61 -31.43 -21.88
N ILE L 54 13.92 -31.19 -21.86
CA ILE L 54 14.85 -31.90 -22.72
C ILE L 54 16.03 -32.40 -21.89
N HIS L 55 16.65 -33.47 -22.36
CA HIS L 55 17.79 -34.06 -21.66
C HIS L 55 19.07 -33.34 -22.03
N LEU L 56 20.07 -33.49 -21.17
CA LEU L 56 21.41 -32.97 -21.39
C LEU L 56 22.42 -34.10 -21.28
N GLU L 57 23.41 -34.09 -22.17
CA GLU L 57 24.38 -35.16 -22.27
C GLU L 57 25.80 -34.59 -22.22
N ASN L 58 26.73 -35.43 -21.79
CA ASN L 58 28.15 -35.07 -21.73
C ASN L 58 28.35 -33.85 -20.81
N VAL L 59 27.57 -33.77 -19.74
CA VAL L 59 27.63 -32.66 -18.82
C VAL L 59 27.48 -33.20 -17.39
N THR L 60 28.25 -32.63 -16.47
CA THR L 60 28.18 -32.95 -15.05
C THR L 60 27.91 -31.67 -14.27
N GLU L 61 26.92 -31.70 -13.39
CA GLU L 61 26.51 -30.54 -12.63
C GLU L 61 26.45 -30.88 -11.15
N GLU L 62 26.92 -29.95 -10.32
CA GLU L 62 26.87 -30.10 -8.87
C GLU L 62 25.58 -29.51 -8.33
N PHE L 63 24.97 -30.19 -7.37
CA PHE L 63 23.70 -29.78 -6.79
C PHE L 63 23.81 -29.72 -5.28
N ASN L 64 23.04 -28.81 -4.69
CA ASN L 64 22.96 -28.66 -3.24
C ASN L 64 21.52 -28.34 -2.86
N MET L 65 21.02 -29.01 -1.82
CA MET L 65 19.66 -28.82 -1.36
C MET L 65 19.55 -28.05 -0.05
N TRP L 66 20.61 -28.01 0.75
CA TRP L 66 20.59 -27.29 2.01
C TRP L 66 20.93 -25.81 1.85
N LYS L 67 21.79 -25.48 0.89
CA LYS L 67 22.14 -24.09 0.62
C LYS L 67 21.30 -23.48 -0.50
N ASN L 68 20.32 -24.20 -1.02
CA ASN L 68 19.50 -23.69 -2.11
C ASN L 68 18.71 -22.47 -1.66
N ASN L 69 18.69 -21.44 -2.51
CA ASN L 69 17.97 -20.22 -2.20
C ASN L 69 16.49 -20.31 -2.53
N MET L 70 16.07 -21.31 -3.31
CA MET L 70 14.67 -21.43 -3.69
C MET L 70 13.77 -21.62 -2.48
N VAL L 71 14.20 -22.46 -1.53
CA VAL L 71 13.39 -22.71 -0.34
C VAL L 71 13.31 -21.45 0.50
N GLU L 72 14.42 -20.72 0.63
CA GLU L 72 14.44 -19.54 1.50
C GLU L 72 13.46 -18.49 1.02
N GLN L 73 13.45 -18.19 -0.28
CA GLN L 73 12.54 -17.18 -0.80
C GLN L 73 11.10 -17.68 -0.80
N MET L 74 10.89 -18.97 -1.03
CA MET L 74 9.53 -19.50 -1.00
C MET L 74 8.92 -19.37 0.39
N HIS L 75 9.73 -19.57 1.42
CA HIS L 75 9.22 -19.42 2.79
C HIS L 75 8.68 -18.02 3.03
N THR L 76 9.41 -17.00 2.57
CA THR L 76 8.92 -15.63 2.69
C THR L 76 7.71 -15.39 1.82
N ASP L 77 7.65 -16.03 0.65
CA ASP L 77 6.54 -15.80 -0.27
C ASP L 77 5.21 -16.23 0.34
N ILE L 78 5.18 -17.41 0.98
CA ILE L 78 3.93 -17.92 1.53
C ILE L 78 3.40 -17.00 2.62
N ILE L 79 4.29 -16.59 3.54
CA ILE L 79 3.85 -15.73 4.64
C ILE L 79 3.39 -14.38 4.12
N SER L 80 4.05 -13.87 3.07
CA SER L 80 3.66 -12.58 2.51
C SER L 80 2.24 -12.62 1.99
N LEU L 81 1.89 -13.69 1.27
CA LEU L 81 0.53 -13.82 0.75
C LEU L 81 -0.47 -14.21 1.84
N TRP L 82 -0.01 -14.93 2.87
CA TRP L 82 -0.91 -15.32 3.95
C TRP L 82 -1.49 -14.08 4.66
N ASP L 83 -0.64 -13.09 4.93
CA ASP L 83 -1.13 -11.88 5.61
C ASP L 83 -2.13 -11.14 4.74
N GLN L 84 -1.89 -11.07 3.43
CA GLN L 84 -2.77 -10.35 2.54
C GLN L 84 -4.18 -10.95 2.51
N SER L 85 -4.34 -12.23 2.88
CA SER L 85 -5.65 -12.85 2.84
C SER L 85 -6.54 -12.38 3.98
N LEU L 86 -5.96 -12.05 5.13
CA LEU L 86 -6.72 -11.68 6.31
C LEU L 86 -6.95 -10.18 6.44
N LYS L 87 -6.49 -9.40 5.48
CA LYS L 87 -6.56 -7.94 5.54
C LYS L 87 -7.96 -7.41 5.26
N PRO L 88 -8.58 -7.78 4.12
CA PRO L 88 -9.75 -7.02 3.66
C PRO L 88 -11.08 -7.44 4.26
N CYS L 89 -11.08 -8.16 5.39
CA CYS L 89 -12.34 -8.58 6.00
C CYS L 89 -12.23 -8.45 7.52
N VAL L 90 -13.19 -9.06 8.22
CA VAL L 90 -13.52 -8.64 9.57
C VAL L 90 -12.33 -8.65 10.52
N LYS L 91 -12.40 -7.79 11.53
CA LYS L 91 -11.43 -7.72 12.62
C LYS L 91 -12.10 -8.17 13.91
N LEU L 92 -11.36 -8.92 14.73
CA LEU L 92 -11.89 -9.52 15.94
C LEU L 92 -11.21 -8.96 17.19
N THR L 93 -11.03 -7.64 17.23
CA THR L 93 -10.36 -7.00 18.36
C THR L 93 -11.23 -6.95 19.62
N PRO L 94 -12.55 -6.75 19.53
CA PRO L 94 -13.34 -6.55 20.76
C PRO L 94 -13.86 -7.83 21.39
N LEU L 95 -13.38 -9.01 20.98
CA LEU L 95 -13.91 -10.26 21.51
C LEU L 95 -13.51 -10.49 22.97
N CYS L 96 -12.42 -9.90 23.43
CA CYS L 96 -11.93 -10.14 24.79
C CYS L 96 -12.96 -9.64 25.80
N VAL L 97 -13.57 -10.56 26.54
CA VAL L 97 -14.50 -10.24 27.60
C VAL L 97 -14.39 -11.31 28.67
N THR L 98 -14.57 -10.91 29.92
CA THR L 98 -14.51 -11.87 31.03
C THR L 98 -15.59 -12.94 30.86
N LEU L 99 -15.25 -14.17 31.21
CA LEU L 99 -16.12 -15.32 31.01
C LEU L 99 -16.36 -16.01 32.35
N GLN L 100 -17.63 -16.07 32.77
CA GLN L 100 -18.03 -16.89 33.92
C GLN L 100 -18.48 -18.23 33.34
N CYS L 101 -17.49 -19.09 33.09
CA CYS L 101 -17.69 -20.28 32.29
C CYS L 101 -17.58 -21.54 33.14
N THR L 102 -18.29 -22.59 32.72
CA THR L 102 -18.32 -23.87 33.42
C THR L 102 -18.22 -24.98 32.39
N ASN L 103 -18.36 -26.22 32.84
CA ASN L 103 -18.29 -27.38 31.96
C ASN L 103 -19.60 -27.54 31.20
N VAL L 104 -19.73 -28.64 30.48
CA VAL L 104 -20.97 -29.02 29.81
C VAL L 104 -21.01 -30.53 29.72
N THR L 105 -22.18 -31.12 29.98
CA THR L 105 -22.35 -32.56 30.02
C THR L 105 -23.63 -32.94 29.29
N ASN L 106 -23.47 -33.39 28.05
CA ASN L 106 -24.58 -33.92 27.25
C ASN L 106 -24.14 -35.31 26.76
N ASN L 107 -24.37 -36.31 27.60
CA ASN L 107 -23.90 -37.68 27.36
C ASN L 107 -22.51 -37.67 26.72
N ILE L 108 -21.61 -36.93 27.36
CA ILE L 108 -20.26 -36.73 26.83
C ILE L 108 -19.37 -37.90 27.26
N THR L 109 -18.53 -38.36 26.34
CA THR L 109 -17.60 -39.43 26.64
C THR L 109 -16.56 -38.96 27.65
N ASP L 110 -16.19 -39.84 28.58
CA ASP L 110 -15.20 -39.49 29.58
C ASP L 110 -13.84 -39.19 28.96
N ASP L 111 -13.57 -39.74 27.78
CA ASP L 111 -12.30 -39.49 27.10
C ASP L 111 -12.16 -38.05 26.63
N MET L 112 -13.24 -37.28 26.65
CA MET L 112 -13.22 -35.87 26.27
C MET L 112 -13.92 -35.02 27.32
N ARG L 113 -13.69 -35.34 28.60
CA ARG L 113 -14.37 -34.69 29.70
C ARG L 113 -14.12 -33.18 29.73
N GLY L 114 -12.88 -32.78 30.00
CA GLY L 114 -12.54 -31.38 30.12
C GLY L 114 -12.04 -30.77 28.83
N GLU L 115 -12.91 -30.70 27.82
CA GLU L 115 -12.52 -30.18 26.52
C GLU L 115 -13.52 -29.15 25.98
N LEU L 116 -14.78 -29.24 26.43
CA LEU L 116 -15.83 -28.36 25.95
C LEU L 116 -16.45 -27.62 27.13
N LYS L 117 -16.74 -26.33 26.93
CA LYS L 117 -17.33 -25.49 27.96
C LYS L 117 -18.46 -24.66 27.35
N ASN L 118 -19.55 -24.51 28.11
CA ASN L 118 -20.71 -23.74 27.69
C ASN L 118 -20.81 -22.49 28.57
N CYS L 119 -20.94 -21.33 27.94
CA CYS L 119 -21.03 -20.07 28.68
C CYS L 119 -21.32 -18.95 27.69
N SER L 120 -21.48 -17.74 28.23
CA SER L 120 -21.84 -16.56 27.46
C SER L 120 -20.98 -15.38 27.89
N PHE L 121 -21.16 -14.25 27.22
CA PHE L 121 -20.42 -13.04 27.53
C PHE L 121 -21.19 -11.83 27.01
N ASN L 122 -20.81 -10.66 27.51
CA ASN L 122 -21.40 -9.41 27.05
C ASN L 122 -20.66 -8.96 25.80
N MET L 123 -21.37 -8.80 24.69
CA MET L 123 -20.79 -8.40 23.42
C MET L 123 -21.59 -7.25 22.83
N THR L 124 -20.87 -6.32 22.19
CA THR L 124 -21.53 -5.18 21.57
C THR L 124 -22.36 -5.62 20.37
N THR L 125 -23.53 -5.02 20.22
CA THR L 125 -24.42 -5.30 19.10
C THR L 125 -24.08 -4.37 17.94
N GLU L 126 -24.90 -4.41 16.88
CA GLU L 126 -24.67 -3.51 15.75
C GLU L 126 -24.75 -2.06 16.16
N LEU L 127 -25.57 -1.74 17.16
CA LEU L 127 -25.65 -0.40 17.70
C LEU L 127 -24.56 -0.22 18.77
N ARG L 128 -24.61 0.87 19.52
CA ARG L 128 -23.65 1.15 20.58
C ARG L 128 -24.30 1.22 21.95
N ASP L 129 -25.39 1.96 22.10
CA ASP L 129 -26.03 2.08 23.41
C ASP L 129 -26.58 0.74 23.87
N LYS L 130 -27.22 -0.01 22.97
CA LYS L 130 -27.81 -1.29 23.35
C LYS L 130 -26.74 -2.34 23.59
N LYS L 131 -27.07 -3.32 24.44
CA LYS L 131 -26.16 -4.39 24.77
C LYS L 131 -26.93 -5.71 24.77
N GLN L 132 -26.22 -6.79 24.44
CA GLN L 132 -26.81 -8.12 24.43
C GLN L 132 -25.72 -9.15 24.67
N LYS L 133 -26.14 -10.34 25.07
CA LYS L 133 -25.24 -11.43 25.41
C LYS L 133 -25.56 -12.66 24.60
N VAL L 134 -24.53 -13.40 24.20
CA VAL L 134 -24.68 -14.64 23.44
C VAL L 134 -23.76 -15.70 24.04
N TYR L 135 -24.09 -16.95 23.77
CA TYR L 135 -23.36 -18.09 24.30
C TYR L 135 -22.81 -18.95 23.17
N SER L 136 -21.66 -19.58 23.42
CA SER L 136 -21.02 -20.45 22.45
C SER L 136 -20.12 -21.42 23.18
N LEU L 137 -19.70 -22.46 22.47
CA LEU L 137 -18.83 -23.50 23.01
C LEU L 137 -17.39 -23.20 22.62
N PHE L 138 -16.48 -23.31 23.59
CA PHE L 138 -15.06 -23.05 23.37
C PHE L 138 -14.26 -24.25 23.85
N TYR L 139 -13.11 -24.45 23.21
CA TYR L 139 -12.26 -25.59 23.53
C TYR L 139 -11.40 -25.31 24.76
N ARG L 140 -10.88 -26.38 25.34
CA ARG L 140 -10.10 -26.26 26.57
C ARG L 140 -8.84 -25.42 26.34
N LEU L 141 -8.12 -25.68 25.25
CA LEU L 141 -6.86 -24.98 25.00
C LEU L 141 -7.04 -23.51 24.69
N ASP L 142 -8.26 -23.06 24.40
CA ASP L 142 -8.52 -21.67 24.08
C ASP L 142 -8.93 -20.84 25.29
N VAL L 143 -8.95 -21.42 26.48
CA VAL L 143 -9.35 -20.73 27.70
C VAL L 143 -8.29 -20.96 28.76
N VAL L 144 -7.92 -19.89 29.47
CA VAL L 144 -6.93 -19.96 30.53
C VAL L 144 -7.60 -19.64 31.86
N GLN L 145 -6.83 -19.76 32.93
CA GLN L 145 -7.31 -19.55 34.29
C GLN L 145 -6.80 -18.20 34.81
N ILE L 146 -7.70 -17.41 35.36
CA ILE L 146 -7.36 -16.12 35.97
C ILE L 146 -8.04 -16.02 37.32
N ASN L 147 -7.47 -15.16 38.17
CA ASN L 147 -8.02 -14.95 39.51
C ASN L 147 -7.59 -13.60 40.06
N ASN L 158 -16.11 -16.51 41.96
CA ASN L 158 -15.38 -17.72 42.34
C ASN L 158 -14.72 -18.36 41.12
N LYS L 159 -15.37 -18.24 39.96
CA LYS L 159 -14.87 -18.78 38.72
C LYS L 159 -14.90 -17.70 37.64
N GLU L 160 -13.77 -17.51 36.97
CA GLU L 160 -13.67 -16.53 35.90
C GLU L 160 -12.63 -17.00 34.89
N TYR L 161 -12.99 -16.97 33.61
CA TYR L 161 -12.12 -17.44 32.55
C TYR L 161 -11.97 -16.37 31.49
N ARG L 162 -10.87 -16.45 30.74
CA ARG L 162 -10.59 -15.53 29.65
C ARG L 162 -9.79 -16.25 28.58
N LEU L 163 -9.80 -15.69 27.38
CA LEU L 163 -9.07 -16.29 26.27
C LEU L 163 -7.57 -16.04 26.43
N ILE L 164 -6.78 -16.97 25.87
CA ILE L 164 -5.33 -16.80 25.86
C ILE L 164 -4.88 -15.76 24.85
N ASN L 165 -5.78 -15.29 24.00
CA ASN L 165 -5.46 -14.30 22.97
C ASN L 165 -5.55 -12.87 23.48
N CYS L 166 -5.90 -12.68 24.75
CA CYS L 166 -6.12 -11.34 25.30
C CYS L 166 -4.88 -10.74 25.95
N ASN L 167 -4.12 -11.55 26.70
CA ASN L 167 -2.87 -11.08 27.29
C ASN L 167 -1.71 -11.14 26.30
N THR L 168 -2.01 -11.27 25.01
CA THR L 168 -1.01 -11.30 23.96
C THR L 168 -1.57 -10.50 22.79
N SER L 169 -0.94 -10.64 21.61
CA SER L 169 -1.40 -9.92 20.44
C SER L 169 -2.82 -10.34 20.07
N ALA L 170 -3.50 -9.46 19.34
CA ALA L 170 -4.85 -9.70 18.86
C ALA L 170 -4.84 -9.93 17.36
N CYS L 171 -5.75 -10.77 16.89
CA CYS L 171 -5.79 -11.17 15.49
C CYS L 171 -7.23 -11.31 15.04
N THR L 172 -7.40 -11.56 13.74
CA THR L 172 -8.70 -11.75 13.12
C THR L 172 -9.03 -13.24 13.08
N GLN L 173 -10.11 -13.57 12.38
CA GLN L 173 -10.48 -14.95 12.09
C GLN L 173 -10.23 -15.24 10.61
N ALA L 174 -10.10 -16.52 10.30
CA ALA L 174 -9.92 -16.92 8.91
C ALA L 174 -11.08 -16.37 8.09
N CYS L 175 -10.76 -15.72 6.99
CA CYS L 175 -11.77 -14.98 6.25
C CYS L 175 -12.82 -15.96 5.72
N PRO L 176 -14.10 -15.69 5.87
CA PRO L 176 -15.12 -16.71 5.59
C PRO L 176 -15.42 -16.93 4.12
N LYS L 177 -14.79 -16.19 3.22
CA LYS L 177 -15.05 -16.31 1.79
C LYS L 177 -13.87 -16.94 1.03
N VAL L 178 -12.94 -17.58 1.74
CA VAL L 178 -11.79 -18.23 1.13
C VAL L 178 -11.65 -19.62 1.70
N SER L 179 -10.92 -20.46 0.98
CA SER L 179 -10.66 -21.84 1.37
C SER L 179 -9.16 -22.06 1.50
N PHE L 180 -8.79 -22.94 2.44
CA PHE L 180 -7.39 -23.23 2.73
C PHE L 180 -6.89 -24.49 2.03
N GLU L 181 -7.68 -25.06 1.12
CA GLU L 181 -7.26 -26.27 0.43
C GLU L 181 -6.02 -25.97 -0.39
N PRO L 182 -4.98 -26.81 -0.33
CA PRO L 182 -3.76 -26.53 -1.09
C PRO L 182 -4.02 -26.58 -2.58
N ILE L 183 -3.27 -25.76 -3.32
CA ILE L 183 -3.35 -25.71 -4.78
C ILE L 183 -1.96 -25.92 -5.33
N PRO L 184 -1.73 -26.87 -6.24
CA PRO L 184 -0.38 -27.06 -6.79
C PRO L 184 -0.05 -25.97 -7.80
N ILE L 185 1.09 -25.32 -7.59
CA ILE L 185 1.53 -24.22 -8.45
C ILE L 185 2.92 -24.55 -8.98
N HIS L 186 3.24 -23.95 -10.13
CA HIS L 186 4.52 -24.14 -10.79
C HIS L 186 5.33 -22.86 -10.71
N TYR L 187 6.63 -23.00 -10.51
CA TYR L 187 7.56 -21.87 -10.42
C TYR L 187 8.39 -21.81 -11.69
N CYS L 188 8.43 -20.62 -12.30
CA CYS L 188 9.18 -20.40 -13.53
C CYS L 188 10.08 -19.19 -13.36
N ALA L 189 11.32 -19.31 -13.83
CA ALA L 189 12.28 -18.23 -13.75
C ALA L 189 12.07 -17.24 -14.90
N PRO L 190 12.50 -15.99 -14.72
CA PRO L 190 12.35 -15.00 -15.80
C PRO L 190 13.28 -15.27 -16.96
N ALA L 191 13.21 -14.42 -18.00
CA ALA L 191 14.08 -14.60 -19.15
C ALA L 191 15.54 -14.46 -18.75
N GLY L 192 16.39 -15.24 -19.40
CA GLY L 192 17.81 -15.23 -19.10
C GLY L 192 18.23 -16.18 -17.99
N PHE L 193 17.29 -16.81 -17.30
CA PHE L 193 17.58 -17.77 -16.25
C PHE L 193 16.82 -19.06 -16.54
N ALA L 194 17.49 -20.18 -16.33
CA ALA L 194 16.91 -21.50 -16.54
C ALA L 194 16.90 -22.28 -15.23
N ILE L 195 16.30 -23.46 -15.28
CA ILE L 195 16.21 -24.36 -14.13
C ILE L 195 16.77 -25.71 -14.55
N LEU L 196 17.77 -26.19 -13.82
CA LEU L 196 18.38 -27.49 -14.08
C LEU L 196 17.80 -28.50 -13.09
N LYS L 197 17.22 -29.57 -13.62
CA LYS L 197 16.58 -30.60 -12.82
C LYS L 197 17.44 -31.86 -12.83
N CYS L 198 17.68 -32.41 -11.65
CA CYS L 198 18.48 -33.62 -11.49
C CYS L 198 17.55 -34.82 -11.40
N LYS L 199 17.72 -35.77 -12.33
CA LYS L 199 16.87 -36.95 -12.40
C LYS L 199 17.60 -38.23 -11.98
N ASP L 200 18.77 -38.10 -11.36
CA ASP L 200 19.52 -39.28 -10.96
C ASP L 200 18.74 -40.08 -9.93
N LYS L 201 18.69 -41.40 -10.13
CA LYS L 201 18.01 -42.27 -9.18
C LYS L 201 18.70 -42.21 -7.82
N LYS L 202 20.03 -42.25 -7.81
CA LYS L 202 20.82 -42.14 -6.58
C LYS L 202 21.21 -40.68 -6.41
N PHE L 203 20.64 -40.03 -5.40
CA PHE L 203 20.88 -38.60 -5.17
C PHE L 203 20.77 -38.36 -3.66
N ASN L 204 21.92 -38.16 -3.01
CA ASN L 204 21.97 -37.93 -1.57
C ASN L 204 22.09 -36.45 -1.23
N GLY L 205 21.51 -35.58 -2.05
CA GLY L 205 21.52 -34.15 -1.79
C GLY L 205 22.68 -33.42 -2.44
N THR L 206 23.90 -33.74 -2.04
CA THR L 206 25.10 -33.08 -2.55
C THR L 206 25.97 -34.11 -3.27
N GLY L 207 26.43 -33.74 -4.46
CA GLY L 207 27.28 -34.61 -5.24
C GLY L 207 27.05 -34.43 -6.73
N PRO L 208 27.90 -35.05 -7.55
CA PRO L 208 27.73 -34.95 -9.00
C PRO L 208 26.40 -35.54 -9.44
N CYS L 209 25.82 -34.92 -10.48
CA CYS L 209 24.53 -35.33 -11.03
C CYS L 209 24.69 -35.49 -12.53
N PRO L 210 25.23 -36.61 -13.01
CA PRO L 210 25.40 -36.78 -14.46
C PRO L 210 24.09 -36.71 -15.23
N SER L 211 22.99 -37.17 -14.65
CA SER L 211 21.69 -37.15 -15.30
C SER L 211 20.99 -35.85 -14.90
N VAL L 212 21.19 -34.81 -15.71
CA VAL L 212 20.62 -33.49 -15.45
C VAL L 212 19.82 -33.07 -16.69
N SER L 213 18.61 -32.56 -16.46
CA SER L 213 17.75 -32.10 -17.53
C SER L 213 17.22 -30.72 -17.19
N THR L 214 17.17 -29.84 -18.20
CA THR L 214 16.66 -28.49 -18.03
C THR L 214 15.18 -28.44 -18.37
N VAL L 215 14.48 -27.51 -17.72
CA VAL L 215 13.04 -27.34 -17.94
C VAL L 215 12.68 -25.89 -17.66
N GLN L 216 11.79 -25.34 -18.47
CA GLN L 216 11.35 -23.96 -18.28
C GLN L 216 10.61 -23.79 -16.96
N CYS L 217 9.73 -24.74 -16.63
CA CYS L 217 8.92 -24.66 -15.42
C CYS L 217 8.92 -26.01 -14.72
N THR L 218 8.68 -25.98 -13.41
CA THR L 218 8.68 -27.19 -12.60
C THR L 218 7.25 -27.73 -12.45
N HIS L 219 7.16 -28.98 -11.99
CA HIS L 219 5.88 -29.61 -11.77
C HIS L 219 5.19 -29.01 -10.54
N GLY L 220 3.91 -29.33 -10.40
CA GLY L 220 3.11 -28.79 -9.32
C GLY L 220 3.64 -29.08 -7.95
N ILE L 221 3.74 -28.06 -7.10
CA ILE L 221 4.21 -28.19 -5.73
C ILE L 221 3.07 -27.74 -4.82
N LYS L 222 2.68 -28.63 -3.90
CA LYS L 222 1.58 -28.34 -2.99
C LYS L 222 2.14 -27.74 -1.70
N PRO L 223 1.78 -26.50 -1.33
CA PRO L 223 2.29 -25.94 -0.06
C PRO L 223 1.54 -26.49 1.14
N VAL L 224 1.77 -27.76 1.44
CA VAL L 224 1.09 -28.42 2.54
C VAL L 224 1.54 -27.78 3.87
N VAL L 225 0.61 -27.74 4.82
CA VAL L 225 0.87 -27.19 6.14
C VAL L 225 1.06 -28.37 7.09
N SER L 226 2.26 -28.51 7.64
CA SER L 226 2.55 -29.61 8.56
C SER L 226 3.92 -29.38 9.18
N THR L 227 4.08 -29.83 10.42
CA THR L 227 5.35 -29.76 11.12
C THR L 227 6.14 -31.06 10.97
N GLN L 228 5.49 -32.20 11.18
CA GLN L 228 6.09 -33.51 10.99
C GLN L 228 5.11 -34.39 10.25
N LEU L 229 5.65 -35.41 9.58
CA LEU L 229 4.86 -36.33 8.77
C LEU L 229 4.09 -35.57 7.70
N LEU L 230 4.84 -34.94 6.80
CA LEU L 230 4.24 -34.12 5.76
C LEU L 230 3.32 -34.94 4.88
N LEU L 231 2.25 -34.31 4.42
CA LEU L 231 1.21 -34.97 3.65
C LEU L 231 1.22 -34.49 2.21
N ASN L 232 0.72 -35.33 1.31
CA ASN L 232 0.55 -34.99 -0.11
C ASN L 232 1.87 -34.51 -0.71
N GLY L 233 2.96 -35.20 -0.37
CA GLY L 233 4.26 -34.88 -0.90
C GLY L 233 4.55 -35.63 -2.19
N SER L 234 5.80 -35.50 -2.64
CA SER L 234 6.26 -36.16 -3.85
C SER L 234 6.77 -37.55 -3.49
N LEU L 235 6.12 -38.58 -4.01
CA LEU L 235 6.49 -39.94 -3.69
C LEU L 235 7.82 -40.32 -4.36
N ALA L 236 8.58 -41.17 -3.67
CA ALA L 236 9.82 -41.68 -4.22
C ALA L 236 9.53 -42.73 -5.29
N GLU L 237 10.59 -43.14 -5.99
CA GLU L 237 10.46 -44.10 -7.09
C GLU L 237 10.91 -45.50 -6.68
N GLU L 238 12.13 -45.64 -6.18
CA GLU L 238 12.64 -46.91 -5.72
C GLU L 238 13.90 -46.66 -4.90
N GLU L 239 14.32 -47.68 -4.16
CA GLU L 239 15.51 -47.61 -3.32
C GLU L 239 15.45 -46.36 -2.44
N VAL L 240 14.43 -46.36 -1.56
CA VAL L 240 14.19 -45.24 -0.66
C VAL L 240 15.51 -44.71 -0.12
N MET L 241 15.69 -43.40 -0.24
CA MET L 241 16.91 -42.73 0.20
C MET L 241 16.64 -41.92 1.46
N ILE L 242 17.73 -41.42 2.05
CA ILE L 242 17.67 -40.61 3.26
C ILE L 242 18.40 -39.30 2.98
N ARG L 243 17.76 -38.19 3.31
CA ARG L 243 18.31 -36.86 3.08
C ARG L 243 18.83 -36.29 4.39
N SER L 244 20.11 -35.89 4.39
CA SER L 244 20.72 -35.30 5.56
C SER L 244 21.87 -34.41 5.12
N GLU L 245 22.28 -33.52 6.02
CA GLU L 245 23.36 -32.59 5.73
C GLU L 245 24.71 -33.10 6.24
N ASN L 246 24.75 -33.58 7.48
CA ASN L 246 25.97 -34.10 8.06
C ASN L 246 25.81 -35.46 8.73
N ILE L 247 24.58 -35.91 9.01
CA ILE L 247 24.33 -37.21 9.61
C ILE L 247 24.98 -37.28 10.99
N THR L 248 26.31 -37.20 11.04
CA THR L 248 27.01 -37.30 12.31
C THR L 248 26.50 -36.27 13.31
N ASN L 249 26.32 -35.02 12.87
CA ASN L 249 25.80 -33.98 13.74
C ASN L 249 24.30 -34.15 13.91
N ASN L 250 23.85 -34.20 15.16
CA ASN L 250 22.43 -34.38 15.47
C ASN L 250 21.67 -33.07 15.54
N ALA L 251 22.35 -31.92 15.47
CA ALA L 251 21.65 -30.65 15.55
C ALA L 251 20.68 -30.48 14.38
N LYS L 252 21.08 -30.89 13.18
CA LYS L 252 20.24 -30.75 12.00
C LYS L 252 19.32 -31.96 11.86
N ASN L 253 18.13 -31.71 11.32
CA ASN L 253 17.14 -32.76 11.18
C ASN L 253 17.51 -33.70 10.03
N ILE L 254 16.82 -34.82 9.98
CA ILE L 254 16.99 -35.83 8.93
C ILE L 254 15.68 -35.94 8.16
N LEU L 255 15.75 -35.77 6.85
CA LEU L 255 14.58 -35.84 5.97
C LEU L 255 14.62 -37.15 5.22
N VAL L 256 13.57 -37.96 5.38
CA VAL L 256 13.47 -39.27 4.73
C VAL L 256 12.09 -39.38 4.10
N GLN L 257 12.04 -39.80 2.84
CA GLN L 257 10.80 -40.05 2.13
C GLN L 257 10.81 -41.48 1.61
N PHE L 258 9.72 -42.20 1.82
CA PHE L 258 9.62 -43.60 1.43
C PHE L 258 8.80 -43.76 0.16
N ASN L 259 8.87 -44.96 -0.41
CA ASN L 259 8.32 -45.19 -1.75
C ASN L 259 6.81 -45.40 -1.72
N THR L 260 6.36 -46.46 -1.05
CA THR L 260 4.94 -46.80 -1.09
C THR L 260 4.14 -45.76 -0.30
N PRO L 261 3.00 -45.30 -0.83
CA PRO L 261 2.16 -44.37 -0.07
C PRO L 261 1.30 -45.11 0.94
N VAL L 262 1.28 -44.60 2.18
CA VAL L 262 0.46 -45.15 3.24
C VAL L 262 -0.66 -44.17 3.53
N GLN L 263 -1.90 -44.64 3.43
CA GLN L 263 -3.06 -43.77 3.53
C GLN L 263 -3.33 -43.39 4.99
N ILE L 264 -4.15 -42.37 5.17
CA ILE L 264 -4.52 -41.87 6.49
C ILE L 264 -6.00 -41.56 6.51
N ASN L 265 -6.66 -41.88 7.63
CA ASN L 265 -8.05 -41.52 7.86
C ASN L 265 -8.11 -40.60 9.08
N CYS L 266 -8.83 -39.49 8.93
CA CYS L 266 -9.00 -38.53 10.02
C CYS L 266 -10.36 -37.89 9.87
N THR L 267 -11.29 -38.25 10.74
CA THR L 267 -12.68 -37.80 10.66
C THR L 267 -13.03 -36.96 11.89
N ARG L 268 -14.11 -36.20 11.75
CA ARG L 268 -14.64 -35.35 12.82
C ARG L 268 -16.08 -35.78 13.08
N PRO L 269 -16.30 -36.77 13.97
CA PRO L 269 -17.65 -37.29 14.17
C PRO L 269 -18.61 -36.35 14.86
N ASN L 270 -18.13 -35.23 15.41
CA ASN L 270 -18.99 -34.28 16.11
C ASN L 270 -19.69 -33.38 15.11
N ASN L 271 -21.00 -33.18 15.31
CA ASN L 271 -21.79 -32.31 14.45
C ASN L 271 -21.83 -30.91 15.05
N ASN L 272 -21.45 -29.92 14.24
CA ASN L 272 -21.38 -28.54 14.68
C ASN L 272 -22.24 -27.65 13.80
N THR L 273 -22.84 -26.63 14.42
CA THR L 273 -23.65 -25.64 13.74
C THR L 273 -23.05 -24.25 13.97
N ARG L 274 -23.13 -23.40 12.96
CA ARG L 274 -22.58 -22.06 13.02
C ARG L 274 -23.67 -21.06 13.39
N LYS L 275 -23.32 -20.11 14.26
CA LYS L 275 -24.21 -19.05 14.69
C LYS L 275 -23.63 -17.71 14.27
N SER L 276 -24.44 -16.90 13.60
CA SER L 276 -24.01 -15.58 13.13
C SER L 276 -24.31 -14.55 14.20
N ILE L 277 -23.25 -13.90 14.71
CA ILE L 277 -23.38 -12.88 15.74
C ILE L 277 -22.93 -11.56 15.15
N ARG L 278 -23.76 -10.53 15.31
CA ARG L 278 -23.45 -9.21 14.78
C ARG L 278 -22.55 -8.47 15.77
N ILE L 279 -21.29 -8.26 15.39
CA ILE L 279 -20.38 -7.50 16.24
C ILE L 279 -20.58 -6.01 16.07
N GLY L 280 -20.43 -5.53 14.84
CA GLY L 280 -20.65 -4.14 14.52
C GLY L 280 -21.39 -3.99 13.19
N PRO L 281 -21.40 -2.78 12.63
CA PRO L 281 -22.05 -2.57 11.34
C PRO L 281 -21.19 -3.09 10.20
N GLY L 282 -21.60 -4.20 9.61
CA GLY L 282 -20.84 -4.85 8.56
C GLY L 282 -19.86 -5.90 9.04
N GLN L 283 -19.72 -6.08 10.36
CA GLN L 283 -18.81 -7.06 10.94
C GLN L 283 -19.62 -8.21 11.49
N ALA L 284 -19.23 -9.43 11.14
CA ALA L 284 -19.92 -10.64 11.58
C ALA L 284 -18.91 -11.63 12.14
N PHE L 285 -19.28 -12.30 13.23
CA PHE L 285 -18.44 -13.29 13.87
C PHE L 285 -19.21 -14.60 13.99
N TYR L 286 -18.54 -15.70 13.66
CA TYR L 286 -19.15 -17.02 13.68
C TYR L 286 -18.68 -17.77 14.92
N ALA L 287 -19.64 -18.36 15.64
CA ALA L 287 -19.35 -19.08 16.88
C ALA L 287 -20.06 -20.42 16.87
N THR L 288 -19.47 -21.40 17.55
CA THR L 288 -20.06 -22.73 17.62
C THR L 288 -21.33 -22.69 18.46
N GLY L 289 -22.35 -23.41 18.00
CA GLY L 289 -23.62 -23.52 18.68
C GLY L 289 -23.79 -24.84 19.40
N ASP L 290 -25.04 -25.26 19.54
CA ASP L 290 -25.33 -26.53 20.19
C ASP L 290 -24.90 -27.70 19.32
N ILE L 291 -24.63 -28.82 19.96
CA ILE L 291 -24.17 -30.03 19.27
C ILE L 291 -25.37 -30.92 19.00
N ILE L 292 -25.49 -31.38 17.75
CA ILE L 292 -26.57 -32.27 17.33
C ILE L 292 -26.03 -33.70 17.29
N GLY L 293 -26.64 -34.57 18.06
CA GLY L 293 -26.25 -35.97 18.11
C GLY L 293 -25.38 -36.28 19.31
N ASP L 294 -24.67 -37.41 19.21
CA ASP L 294 -23.80 -37.86 20.27
C ASP L 294 -22.49 -37.08 20.26
N ILE L 295 -21.81 -37.09 21.40
CA ILE L 295 -20.55 -36.40 21.59
C ILE L 295 -19.43 -37.44 21.58
N ARG L 296 -18.54 -37.34 20.60
CA ARG L 296 -17.41 -38.26 20.45
C ARG L 296 -16.11 -37.46 20.41
N GLN L 297 -15.01 -38.17 20.14
CA GLN L 297 -13.68 -37.58 20.06
C GLN L 297 -13.08 -37.87 18.69
N ALA L 298 -12.44 -36.87 18.11
CA ALA L 298 -11.78 -37.06 16.82
C ALA L 298 -10.58 -37.97 16.96
N HIS L 299 -10.32 -38.76 15.92
CA HIS L 299 -9.21 -39.70 15.92
C HIS L 299 -8.81 -39.99 14.49
N CYS L 300 -7.73 -40.77 14.35
CA CYS L 300 -7.22 -41.15 13.04
C CYS L 300 -6.81 -42.62 13.07
N ASN L 301 -6.82 -43.25 11.89
CA ASN L 301 -6.51 -44.66 11.75
C ASN L 301 -5.43 -44.86 10.70
N VAL L 302 -4.56 -45.84 10.93
CA VAL L 302 -3.55 -46.24 9.97
C VAL L 302 -3.47 -47.77 9.97
N SER L 303 -3.27 -48.34 8.79
CA SER L 303 -3.20 -49.79 8.65
C SER L 303 -1.91 -50.31 9.28
N LYS L 304 -2.05 -51.32 10.14
CA LYS L 304 -0.88 -51.88 10.81
C LYS L 304 0.07 -52.51 9.81
N ALA L 305 -0.46 -53.27 8.84
CA ALA L 305 0.39 -53.96 7.89
C ALA L 305 1.19 -52.98 7.05
N THR L 306 0.55 -51.90 6.58
CA THR L 306 1.26 -50.93 5.75
C THR L 306 2.31 -50.17 6.55
N TRP L 307 1.96 -49.75 7.78
CA TRP L 307 2.87 -48.94 8.57
C TRP L 307 4.13 -49.71 8.95
N ASN L 308 3.96 -50.93 9.48
CA ASN L 308 5.11 -51.71 9.90
C ASN L 308 6.01 -52.06 8.72
N GLU L 309 5.40 -52.40 7.58
CA GLU L 309 6.18 -52.76 6.41
C GLU L 309 7.05 -51.59 5.97
N THR L 310 6.50 -50.37 6.00
CA THR L 310 7.29 -49.20 5.63
C THR L 310 8.46 -48.99 6.58
N LEU L 311 8.21 -49.10 7.89
CA LEU L 311 9.29 -48.98 8.85
C LEU L 311 10.33 -50.08 8.66
N GLY L 312 9.87 -51.31 8.44
CA GLY L 312 10.81 -52.40 8.22
C GLY L 312 11.60 -52.23 6.94
N LYS L 313 11.05 -51.50 5.97
CA LYS L 313 11.76 -51.26 4.71
C LYS L 313 12.72 -50.09 4.79
N VAL L 314 12.53 -49.17 5.73
CA VAL L 314 13.37 -47.98 5.83
C VAL L 314 14.44 -48.20 6.89
N VAL L 315 14.14 -49.03 7.89
CA VAL L 315 15.10 -49.29 8.95
C VAL L 315 16.37 -49.93 8.38
N LYS L 316 16.20 -50.91 7.49
CA LYS L 316 17.36 -51.56 6.88
C LYS L 316 18.20 -50.55 6.10
N GLN L 317 17.54 -49.60 5.42
CA GLN L 317 18.27 -48.62 4.63
C GLN L 317 19.17 -47.77 5.50
N LEU L 318 18.67 -47.32 6.66
CA LEU L 318 19.45 -46.44 7.52
C LEU L 318 20.67 -47.13 8.12
N ARG L 319 20.66 -48.46 8.20
CA ARG L 319 21.79 -49.17 8.78
C ARG L 319 23.07 -48.99 7.96
N LYS L 320 22.95 -48.67 6.67
CA LYS L 320 24.13 -48.51 5.84
C LYS L 320 25.00 -47.36 6.34
N HIS L 321 24.38 -46.22 6.68
CA HIS L 321 25.16 -45.06 7.10
C HIS L 321 25.85 -45.31 8.43
N PHE L 322 25.16 -45.95 9.38
CA PHE L 322 25.69 -46.12 10.72
C PHE L 322 26.42 -47.46 10.86
N GLY L 323 25.73 -48.57 10.62
CA GLY L 323 26.34 -49.88 10.76
C GLY L 323 25.36 -51.02 10.57
N ASN L 324 25.87 -52.21 10.28
CA ASN L 324 25.01 -53.36 10.07
C ASN L 324 24.39 -53.84 11.38
N ASN L 325 25.20 -53.93 12.43
CA ASN L 325 24.73 -54.41 13.73
C ASN L 325 24.38 -53.24 14.64
N THR L 326 23.36 -52.48 14.22
CA THR L 326 22.88 -51.32 14.95
C THR L 326 21.43 -51.54 15.36
N ILE L 327 21.14 -51.32 16.63
CA ILE L 327 19.78 -51.46 17.16
C ILE L 327 19.07 -50.11 17.04
N ILE L 328 17.88 -50.13 16.46
CA ILE L 328 17.12 -48.91 16.18
C ILE L 328 15.84 -48.94 17.02
N ARG L 329 15.60 -47.86 17.76
CA ARG L 329 14.39 -47.69 18.55
C ARG L 329 13.81 -46.32 18.27
N PHE L 330 12.48 -46.24 18.32
CA PHE L 330 11.76 -45.03 17.96
C PHE L 330 11.06 -44.47 19.20
N ALA L 331 11.24 -43.18 19.44
CA ALA L 331 10.64 -42.47 20.57
C ALA L 331 9.54 -41.55 20.06
N ASN L 332 8.84 -40.91 21.00
CA ASN L 332 7.67 -40.09 20.69
C ASN L 332 7.80 -38.65 21.16
N SER L 333 9.00 -38.22 21.55
CA SER L 333 9.21 -36.85 21.98
C SER L 333 8.38 -36.54 23.23
N SER L 334 8.42 -35.28 23.68
CA SER L 334 7.74 -34.87 24.90
C SER L 334 7.12 -33.50 24.67
N GLY L 335 6.71 -32.86 25.76
CA GLY L 335 6.03 -31.58 25.68
C GLY L 335 6.82 -30.51 24.96
N GLY L 336 6.15 -29.82 24.03
CA GLY L 336 6.76 -28.73 23.30
C GLY L 336 5.82 -27.57 23.12
N ASP L 337 4.92 -27.37 24.10
CA ASP L 337 3.91 -26.33 24.04
C ASP L 337 3.04 -26.46 22.79
N LEU L 338 2.73 -27.71 22.43
CA LEU L 338 1.87 -28.01 21.29
C LEU L 338 2.39 -27.37 20.01
N GLU L 339 3.72 -27.31 19.87
CA GLU L 339 4.35 -26.74 18.68
C GLU L 339 5.18 -27.75 17.92
N VAL L 340 6.02 -28.52 18.61
CA VAL L 340 6.88 -29.51 17.98
C VAL L 340 6.62 -30.88 18.60
N THR L 341 5.39 -31.09 19.06
CA THR L 341 5.02 -32.33 19.75
C THR L 341 3.68 -32.87 19.25
N THR L 342 3.35 -32.63 17.98
CA THR L 342 2.08 -33.07 17.43
C THR L 342 2.20 -33.18 15.92
N HIS L 343 1.22 -33.86 15.32
CA HIS L 343 1.13 -34.03 13.87
C HIS L 343 0.13 -32.99 13.35
N SER L 344 0.65 -31.86 12.88
CA SER L 344 -0.20 -30.76 12.46
C SER L 344 -0.65 -30.95 11.01
N PHE L 345 -1.95 -30.83 10.78
CA PHE L 345 -2.50 -30.89 9.43
C PHE L 345 -3.87 -30.21 9.44
N ASN L 346 -4.33 -29.87 8.24
CA ASN L 346 -5.60 -29.18 8.06
C ASN L 346 -6.52 -29.99 7.18
N CYS L 347 -7.82 -29.97 7.49
CA CYS L 347 -8.83 -30.68 6.72
C CYS L 347 -10.04 -29.76 6.57
N GLY L 348 -10.18 -29.15 5.40
CA GLY L 348 -11.32 -28.29 5.13
C GLY L 348 -11.39 -27.07 6.02
N GLY L 349 -10.25 -26.44 6.27
CA GLY L 349 -10.21 -25.23 7.08
C GLY L 349 -10.13 -25.47 8.58
N GLU L 350 -10.11 -26.72 9.03
CA GLU L 350 -10.02 -27.05 10.44
C GLU L 350 -8.62 -27.58 10.72
N PHE L 351 -7.97 -27.03 11.74
CA PHE L 351 -6.59 -27.37 12.08
C PHE L 351 -6.59 -28.44 13.17
N PHE L 352 -5.82 -29.51 12.94
CA PHE L 352 -5.74 -30.63 13.86
C PHE L 352 -4.32 -30.70 14.42
N TYR L 353 -4.20 -30.66 15.75
CA TYR L 353 -2.96 -30.93 16.45
C TYR L 353 -3.21 -32.16 17.31
N CYS L 354 -2.74 -33.32 16.86
CA CYS L 354 -3.13 -34.58 17.47
C CYS L 354 -1.91 -35.38 17.91
N ASN L 355 -2.19 -36.46 18.63
CA ASN L 355 -1.18 -37.32 19.21
C ASN L 355 -0.37 -38.02 18.11
N THR L 356 0.86 -38.39 18.46
CA THR L 356 1.72 -39.14 17.55
C THR L 356 2.48 -40.26 18.25
N SER L 357 2.17 -40.56 19.52
CA SER L 357 2.91 -41.58 20.24
C SER L 357 2.56 -42.99 19.76
N GLY L 358 1.47 -43.16 19.01
CA GLY L 358 1.06 -44.47 18.55
C GLY L 358 1.78 -44.98 17.33
N LEU L 359 2.71 -44.21 16.78
CA LEU L 359 3.46 -44.60 15.59
C LEU L 359 4.91 -44.91 15.88
N PHE L 360 5.59 -44.05 16.64
CA PHE L 360 7.00 -44.22 16.95
C PHE L 360 7.11 -44.90 18.32
N ASN L 361 6.88 -46.22 18.31
CA ASN L 361 6.83 -46.99 19.54
C ASN L 361 7.50 -48.36 19.43
N SER L 362 8.22 -48.63 18.34
CA SER L 362 8.77 -49.95 18.07
C SER L 362 10.29 -49.94 18.19
N THR L 363 10.85 -51.14 18.34
CA THR L 363 12.29 -51.36 18.37
C THR L 363 12.64 -52.47 17.39
N TRP L 364 13.85 -52.41 16.84
CA TRP L 364 14.28 -53.33 15.81
C TRP L 364 15.61 -53.98 16.22
N ILE L 365 15.71 -55.28 15.98
CA ILE L 365 16.91 -56.04 16.27
C ILE L 365 17.71 -56.17 14.98
N SER L 366 19.01 -56.41 15.14
CA SER L 366 19.87 -56.56 13.97
C SER L 366 19.46 -57.76 13.12
N ASN L 367 19.15 -58.88 13.77
CA ASN L 367 18.74 -60.09 13.07
C ASN L 367 17.40 -60.60 13.60
N ASN L 379 -8.02 -55.41 8.17
CA ASN L 379 -7.19 -55.81 9.30
C ASN L 379 -7.24 -54.76 10.41
N ASP L 380 -6.54 -55.04 11.52
CA ASP L 380 -6.54 -54.11 12.64
C ASP L 380 -5.85 -52.81 12.27
N SER L 381 -6.27 -51.73 12.91
CA SER L 381 -5.70 -50.41 12.69
C SER L 381 -5.44 -49.73 14.03
N ILE L 382 -4.52 -48.77 14.02
CA ILE L 382 -4.13 -48.06 15.23
C ILE L 382 -4.96 -46.79 15.32
N THR L 383 -5.69 -46.63 16.42
CA THR L 383 -6.52 -45.46 16.67
C THR L 383 -5.96 -44.68 17.85
N LEU L 384 -5.89 -43.36 17.70
CA LEU L 384 -5.32 -42.48 18.71
C LEU L 384 -6.29 -41.36 19.02
N PRO L 385 -6.61 -41.10 20.29
CA PRO L 385 -7.39 -39.91 20.63
C PRO L 385 -6.50 -38.67 20.61
N CYS L 386 -7.16 -37.52 20.47
CA CYS L 386 -6.43 -36.25 20.43
C CYS L 386 -7.41 -35.11 20.69
N ARG L 387 -6.96 -33.89 20.49
CA ARG L 387 -7.72 -32.68 20.78
C ARG L 387 -7.64 -31.72 19.60
N ILE L 388 -8.59 -30.80 19.55
CA ILE L 388 -8.68 -29.79 18.51
C ILE L 388 -8.82 -28.42 19.17
N LYS L 389 -8.06 -27.45 18.68
CA LYS L 389 -8.15 -26.08 19.14
C LYS L 389 -8.33 -25.15 17.96
N GLN L 390 -9.01 -24.03 18.20
CA GLN L 390 -9.40 -23.12 17.11
C GLN L 390 -8.29 -22.11 16.80
N ILE L 391 -7.92 -21.29 17.79
CA ILE L 391 -6.87 -20.30 17.58
C ILE L 391 -5.53 -21.00 17.46
N ILE L 392 -4.75 -20.63 16.45
CA ILE L 392 -3.49 -21.30 16.15
C ILE L 392 -2.41 -20.25 15.91
N ASN L 393 -1.16 -20.70 15.97
CA ASN L 393 0.01 -19.89 15.62
C ASN L 393 0.83 -20.69 14.62
N MET L 394 0.45 -20.59 13.35
CA MET L 394 1.21 -21.17 12.25
C MET L 394 2.13 -20.09 11.69
N TRP L 395 3.41 -20.44 11.49
CA TRP L 395 4.44 -19.43 11.27
C TRP L 395 4.47 -18.47 12.46
N GLN L 396 4.97 -19.00 13.58
CA GLN L 396 4.55 -18.61 14.92
C GLN L 396 4.24 -17.12 15.04
N ARG L 397 5.17 -16.24 14.64
CA ARG L 397 4.87 -14.82 14.49
C ARG L 397 4.17 -14.27 15.73
N ILE L 398 4.94 -14.24 16.83
CA ILE L 398 4.45 -13.89 18.16
C ILE L 398 3.43 -12.75 18.09
N GLY L 399 3.64 -11.81 17.17
CA GLY L 399 2.81 -10.63 17.09
C GLY L 399 1.45 -10.81 16.44
N GLN L 400 1.12 -12.01 15.95
CA GLN L 400 -0.16 -12.22 15.29
C GLN L 400 -0.62 -13.66 15.53
N CYS L 401 -1.88 -13.91 15.18
CA CYS L 401 -2.50 -15.22 15.33
C CYS L 401 -3.67 -15.30 14.34
N MET L 402 -4.52 -16.30 14.51
CA MET L 402 -5.69 -16.46 13.65
C MET L 402 -6.70 -17.33 14.36
N TYR L 403 -7.99 -17.07 14.10
CA TYR L 403 -9.09 -17.82 14.69
C TYR L 403 -9.70 -18.75 13.65
N ALA L 404 -9.95 -19.99 14.04
CA ALA L 404 -10.49 -21.00 13.14
C ALA L 404 -12.01 -20.98 13.19
N PRO L 405 -12.70 -20.62 12.11
CA PRO L 405 -14.17 -20.64 12.16
C PRO L 405 -14.69 -22.06 12.21
N PRO L 406 -15.89 -22.28 12.75
CA PRO L 406 -16.47 -23.63 12.72
C PRO L 406 -16.81 -24.05 11.30
N ILE L 407 -16.84 -25.37 11.11
CA ILE L 407 -17.17 -25.98 9.82
C ILE L 407 -18.45 -26.78 9.98
N GLN L 408 -19.41 -26.53 9.10
CA GLN L 408 -20.69 -27.22 9.18
C GLN L 408 -20.53 -28.71 8.85
N GLY L 409 -21.44 -29.51 9.39
CA GLY L 409 -21.42 -30.93 9.13
C GLY L 409 -20.22 -31.62 9.77
N VAL L 410 -19.69 -32.62 9.07
CA VAL L 410 -18.55 -33.38 9.54
C VAL L 410 -17.49 -33.40 8.43
N ILE L 411 -16.24 -33.61 8.84
CA ILE L 411 -15.10 -33.63 7.94
C ILE L 411 -14.49 -35.03 7.98
N ARG L 412 -14.29 -35.61 6.79
CA ARG L 412 -13.67 -36.92 6.64
C ARG L 412 -12.62 -36.80 5.53
N CYS L 413 -11.39 -36.46 5.91
CA CYS L 413 -10.32 -36.20 4.97
C CYS L 413 -9.41 -37.43 4.86
N VAL L 414 -9.08 -37.79 3.63
CA VAL L 414 -8.18 -38.90 3.33
C VAL L 414 -7.00 -38.36 2.54
N SER L 415 -5.79 -38.73 2.95
CA SER L 415 -4.57 -38.23 2.32
C SER L 415 -3.50 -39.31 2.39
N ASN L 416 -2.28 -38.94 2.03
CA ASN L 416 -1.14 -39.85 2.05
C ASN L 416 -0.05 -39.30 2.96
N ILE L 417 0.86 -40.18 3.37
CA ILE L 417 2.09 -39.80 4.05
C ILE L 417 3.24 -40.16 3.12
N THR L 418 4.07 -39.17 2.79
CA THR L 418 5.16 -39.35 1.84
C THR L 418 6.54 -39.25 2.47
N GLY L 419 6.67 -38.63 3.63
CA GLY L 419 7.97 -38.49 4.25
C GLY L 419 7.86 -38.34 5.74
N LEU L 420 9.02 -38.50 6.41
CA LEU L 420 9.13 -38.41 7.85
C LEU L 420 10.32 -37.54 8.21
N ILE L 421 10.26 -36.95 9.40
CA ILE L 421 11.34 -36.12 9.93
C ILE L 421 11.88 -36.81 11.18
N LEU L 422 13.19 -37.02 11.22
CA LEU L 422 13.83 -37.73 12.32
C LEU L 422 15.01 -36.90 12.84
N THR L 423 15.26 -37.05 14.13
CA THR L 423 16.35 -36.35 14.80
C THR L 423 17.12 -37.33 15.67
N ARG L 424 18.46 -37.25 15.59
CA ARG L 424 19.31 -38.14 16.36
C ARG L 424 19.39 -37.67 17.81
N ASP L 425 19.92 -38.55 18.66
CA ASP L 425 20.07 -38.26 20.07
C ASP L 425 21.43 -37.60 20.32
N GLY L 426 21.77 -37.38 21.58
CA GLY L 426 23.03 -36.75 21.93
C GLY L 426 24.21 -37.70 21.75
N GLY L 427 25.40 -37.12 21.81
CA GLY L 427 26.62 -37.87 21.67
C GLY L 427 27.05 -38.54 22.96
N SER L 428 26.22 -39.46 23.46
CA SER L 428 26.51 -40.13 24.72
C SER L 428 27.80 -40.93 24.65
N THR L 429 27.85 -41.93 23.77
CA THR L 429 29.01 -42.81 23.66
C THR L 429 28.83 -43.63 22.38
N ASN L 430 29.69 -44.64 22.22
CA ASN L 430 29.62 -45.53 21.06
C ASN L 430 28.68 -46.68 21.42
N SER L 431 27.39 -46.40 21.35
CA SER L 431 26.35 -47.34 21.76
C SER L 431 25.61 -47.83 20.51
N THR L 432 25.55 -49.15 20.34
CA THR L 432 24.79 -49.71 19.24
C THR L 432 23.31 -49.38 19.36
N THR L 433 22.82 -49.21 20.58
CA THR L 433 21.43 -48.84 20.80
C THR L 433 21.22 -47.37 20.43
N GLU L 434 20.82 -47.13 19.19
CA GLU L 434 20.62 -45.78 18.67
C GLU L 434 19.13 -45.54 18.49
N THR L 435 18.65 -44.41 18.99
CA THR L 435 17.23 -44.08 18.97
C THR L 435 17.00 -42.87 18.07
N PHE L 436 16.00 -42.97 17.19
CA PHE L 436 15.59 -41.90 16.31
C PHE L 436 14.27 -41.33 16.79
N ARG L 437 14.18 -40.01 16.86
CA ARG L 437 13.02 -39.32 17.43
C ARG L 437 12.50 -38.28 16.45
N PRO L 438 11.18 -38.20 16.25
CA PRO L 438 10.64 -37.21 15.32
C PRO L 438 10.92 -35.79 15.78
N GLY L 439 11.09 -34.90 14.81
CA GLY L 439 11.36 -33.50 15.09
C GLY L 439 10.24 -32.59 14.69
N GLY L 440 10.41 -31.88 13.57
CA GLY L 440 9.40 -30.97 13.08
C GLY L 440 9.53 -29.58 13.69
N GLY L 441 8.64 -28.70 13.25
CA GLY L 441 8.58 -27.33 13.71
C GLY L 441 9.26 -26.34 12.79
N ASP L 442 10.10 -26.81 11.87
CA ASP L 442 10.78 -25.95 10.91
C ASP L 442 10.08 -26.04 9.57
N MET L 443 9.56 -24.90 9.10
CA MET L 443 8.84 -24.89 7.83
C MET L 443 9.81 -24.99 6.65
N ARG L 444 11.05 -24.51 6.83
CA ARG L 444 12.02 -24.58 5.74
C ARG L 444 12.32 -26.02 5.35
N ASP L 445 12.27 -26.95 6.31
CA ASP L 445 12.52 -28.35 5.99
C ASP L 445 11.37 -28.96 5.22
N ASN L 446 10.15 -28.45 5.39
CA ASN L 446 9.00 -29.03 4.70
C ASN L 446 9.15 -28.92 3.19
N TRP L 447 9.58 -27.76 2.70
CA TRP L 447 9.72 -27.54 1.27
C TRP L 447 11.04 -28.04 0.71
N ARG L 448 12.02 -28.34 1.56
CA ARG L 448 13.28 -28.87 1.07
C ARG L 448 13.12 -30.26 0.46
N SER L 449 12.03 -30.96 0.77
CA SER L 449 11.78 -32.28 0.20
C SER L 449 11.15 -32.21 -1.18
N GLU L 450 10.78 -31.01 -1.65
CA GLU L 450 10.15 -30.85 -2.96
C GLU L 450 10.98 -30.06 -3.96
N LEU L 451 12.00 -29.32 -3.49
CA LEU L 451 12.84 -28.50 -4.37
C LEU L 451 14.30 -28.93 -4.29
N TYR L 452 14.55 -30.20 -3.96
CA TYR L 452 15.91 -30.69 -3.85
C TYR L 452 16.53 -31.08 -5.18
N LYS L 453 15.76 -31.08 -6.26
CA LYS L 453 16.27 -31.42 -7.58
C LYS L 453 16.56 -30.21 -8.45
N TYR L 454 16.37 -28.99 -7.93
CA TYR L 454 16.41 -27.78 -8.74
C TYR L 454 17.54 -26.88 -8.31
N LYS L 455 18.05 -26.10 -9.27
CA LYS L 455 19.13 -25.14 -9.01
C LYS L 455 19.08 -24.07 -10.08
N VAL L 456 18.82 -22.83 -9.67
CA VAL L 456 18.76 -21.73 -10.62
C VAL L 456 20.14 -21.50 -11.23
N VAL L 457 20.16 -21.00 -12.46
CA VAL L 457 21.39 -20.77 -13.20
C VAL L 457 21.35 -19.39 -13.84
N LYS L 458 22.55 -18.88 -14.15
CA LYS L 458 22.71 -17.58 -14.79
C LYS L 458 23.43 -17.79 -16.11
N ILE L 459 22.77 -17.44 -17.21
CA ILE L 459 23.30 -17.68 -18.55
C ILE L 459 24.09 -16.46 -19.00
N GLU L 460 25.32 -16.69 -19.46
CA GLU L 460 26.18 -15.62 -19.96
C GLU L 460 26.42 -15.83 -21.45
N PRO L 461 25.71 -15.11 -22.33
CA PRO L 461 25.91 -15.32 -23.77
C PRO L 461 27.32 -15.05 -24.25
N LEU L 462 28.07 -14.18 -23.59
CA LEU L 462 29.39 -13.81 -24.06
C LEU L 462 30.34 -15.01 -24.00
N GLY L 463 31.22 -15.10 -24.99
CA GLY L 463 32.20 -16.18 -25.03
C GLY L 463 33.43 -15.73 -25.79
N VAL L 464 34.57 -16.30 -25.42
CA VAL L 464 35.85 -15.99 -26.03
C VAL L 464 36.57 -17.28 -26.37
N ALA L 465 37.15 -17.34 -27.57
CA ALA L 465 37.89 -18.52 -27.99
C ALA L 465 38.80 -18.13 -29.15
N PRO L 466 40.04 -18.66 -29.21
CA PRO L 466 40.91 -18.32 -30.34
C PRO L 466 40.40 -18.89 -31.65
N THR L 467 40.72 -18.19 -32.74
CA THR L 467 40.33 -18.63 -34.07
C THR L 467 41.23 -17.94 -35.09
N ARG L 468 41.51 -18.64 -36.19
CA ARG L 468 42.37 -18.13 -37.25
C ARG L 468 41.51 -17.34 -38.22
N CYS L 469 41.39 -16.03 -37.96
CA CYS L 469 40.63 -15.14 -38.83
C CYS L 469 41.25 -13.76 -38.78
N LYS L 470 41.02 -12.98 -39.82
CA LYS L 470 41.56 -11.63 -39.94
C LYS L 470 40.46 -10.68 -40.37
N ARG L 471 40.39 -9.52 -39.72
CA ARG L 471 39.42 -8.48 -40.07
C ARG L 471 40.05 -7.55 -41.09
N ARG L 472 39.52 -7.53 -42.30
CA ARG L 472 40.08 -6.70 -43.36
C ARG L 472 39.77 -5.22 -43.11
N VAL L 473 40.63 -4.36 -43.64
CA VAL L 473 40.46 -2.91 -43.50
C VAL L 473 39.94 -2.32 -44.80
C1 NAG M . -34.85 21.06 16.82
C2 NAG M . -35.06 22.54 16.53
C3 NAG M . -34.16 23.37 17.44
C4 NAG M . -34.41 22.99 18.89
C5 NAG M . -34.27 21.47 19.06
C6 NAG M . -34.56 21.00 20.47
C7 NAG M . -35.76 23.11 14.23
C8 NAG M . -35.27 23.37 12.83
N2 NAG M . -34.81 22.83 15.14
O3 NAG M . -34.42 24.73 17.20
O4 NAG M . -33.46 23.69 19.67
O5 NAG M . -35.15 20.82 18.18
O6 NAG M . -34.74 19.60 20.47
O7 NAG M . -36.96 23.14 14.50
C1 NAG M . -34.15 24.70 20.45
C2 NAG M . -33.48 24.80 21.82
C3 NAG M . -34.15 25.91 22.64
C4 NAG M . -34.16 27.20 21.86
C5 NAG M . -34.80 26.97 20.48
C6 NAG M . -34.84 28.20 19.61
C7 NAG M . -32.48 22.82 22.91
C8 NAG M . -32.80 21.54 23.63
N2 NAG M . -33.55 23.54 22.52
O3 NAG M . -33.46 26.03 23.85
O4 NAG M . -34.90 28.15 22.61
O5 NAG M . -34.08 25.96 19.81
O6 NAG M . -33.54 28.73 19.47
O7 NAG M . -31.33 23.17 22.71
C1 NAG N . -22.58 19.90 -16.31
C2 NAG N . -22.03 19.85 -14.87
C3 NAG N . -22.51 21.07 -14.09
C4 NAG N . -22.16 22.35 -14.85
C5 NAG N . -22.69 22.26 -16.28
C6 NAG N . -22.34 23.46 -17.13
C7 NAG N . -23.64 18.08 -14.25
C8 NAG N . -23.78 16.80 -13.44
N2 NAG N . -22.41 18.63 -14.20
O3 NAG N . -21.92 21.02 -12.82
O4 NAG N . -22.74 23.42 -14.13
O5 NAG N . -22.16 21.11 -16.90
O6 NAG N . -20.95 23.67 -17.10
O7 NAG N . -24.58 18.53 -14.88
C1 NAG N . -21.69 24.23 -13.60
C2 NAG N . -22.23 25.62 -13.23
C3 NAG N . -21.09 26.51 -12.75
C4 NAG N . -20.31 25.82 -11.62
C5 NAG N . -19.99 24.37 -11.99
C6 NAG N . -19.36 23.60 -10.85
C7 NAG N . -22.59 26.63 -15.54
C8 NAG N . -21.13 26.45 -15.93
N2 NAG N . -23.00 26.22 -14.31
O3 NAG N . -21.64 27.73 -12.34
O4 NAG N . -19.12 26.57 -11.48
O5 NAG N . -21.14 23.69 -12.42
O6 NAG N . -20.24 23.58 -9.74
O7 NAG N . -23.37 27.12 -16.33
C1 BMA N . -18.84 27.02 -10.13
C2 BMA N . -19.45 28.40 -9.98
C3 BMA N . -18.85 29.00 -8.69
C4 BMA N . -18.63 27.97 -7.56
C5 BMA N . -19.19 26.54 -7.77
C6 BMA N . -20.44 26.22 -6.93
O2 BMA N . -20.85 28.31 -9.95
O3 BMA N . -19.66 30.09 -8.32
O4 BMA N . -17.23 27.90 -7.41
O5 BMA N . -19.41 26.19 -9.13
O6 BMA N . -20.04 25.57 -5.73
C1 MAN N . -18.85 31.14 -7.74
C2 MAN N . -19.73 32.36 -7.47
C3 MAN N . -20.17 33.01 -8.78
C4 MAN N . -18.97 33.30 -9.68
C5 MAN N . -18.19 32.00 -9.88
C6 MAN N . -16.94 32.21 -10.70
O2 MAN N . -18.96 33.24 -6.68
O3 MAN N . -20.87 34.19 -8.45
O4 MAN N . -19.48 33.80 -10.90
O5 MAN N . -17.79 31.50 -8.61
O6 MAN N . -16.37 30.95 -10.99
C1 MAN N . -19.10 26.40 -4.99
C2 MAN N . -17.79 25.57 -4.92
C3 MAN N . -17.31 25.22 -3.52
C4 MAN N . -17.54 26.43 -2.62
C5 MAN N . -19.06 26.54 -2.48
C6 MAN N . -19.44 27.69 -1.58
O2 MAN N . -16.83 26.36 -5.57
O3 MAN N . -15.94 24.88 -3.61
O4 MAN N . -16.89 26.18 -1.38
O5 MAN N . -19.68 26.77 -3.74
O6 MAN N . -18.65 27.68 -0.42
C1 NAG O . -39.43 25.96 -11.77
C2 NAG O . -38.88 27.31 -11.31
C3 NAG O . -39.62 27.80 -10.08
C4 NAG O . -41.12 27.78 -10.32
C5 NAG O . -41.54 26.40 -10.83
C6 NAG O . -43.02 26.28 -11.14
C7 NAG O . -36.50 27.76 -11.83
C8 NAG O . -35.09 27.51 -11.35
N2 NAG O . -37.46 27.21 -11.06
O3 NAG O . -39.15 29.09 -9.78
O4 NAG O . -41.74 28.09 -9.09
O5 NAG O . -40.81 26.09 -12.00
O6 NAG O . -43.40 27.30 -12.03
O7 NAG O . -36.73 28.40 -12.84
C1 NAG O . -42.32 29.41 -9.16
C2 NAG O . -43.31 29.55 -8.00
C3 NAG O . -43.88 30.96 -7.98
C4 NAG O . -42.76 31.99 -7.96
C5 NAG O . -41.81 31.71 -9.14
C6 NAG O . -40.65 32.67 -9.21
C7 NAG O . -45.07 28.33 -9.22
C8 NAG O . -46.14 27.27 -9.07
N2 NAG O . -44.38 28.58 -8.10
O3 NAG O . -44.72 31.08 -6.85
O4 NAG O . -43.35 33.27 -8.05
O5 NAG O . -41.31 30.40 -9.04
O6 NAG O . -41.11 33.99 -9.43
O7 NAG O . -44.89 28.88 -10.29
C1 NAG P . -50.04 11.45 -18.43
C2 NAG P . -50.39 12.67 -17.55
C3 NAG P . -51.79 12.53 -16.97
C4 NAG P . -52.78 12.26 -18.08
C5 NAG P . -52.31 11.02 -18.87
C6 NAG P . -53.25 10.63 -20.00
C7 NAG P . -48.40 13.70 -16.51
C8 NAG P . -47.51 13.66 -15.30
N2 NAG P . -49.41 12.80 -16.50
O3 NAG P . -52.08 13.71 -16.29
O4 NAG P . -54.04 12.05 -17.47
O5 NAG P . -51.04 11.28 -19.42
O6 NAG P . -53.44 11.73 -20.86
O7 NAG P . -48.20 14.48 -17.42
C1 NAG P . -54.88 13.19 -17.74
C2 NAG P . -56.11 13.13 -16.82
C3 NAG P . -57.05 14.29 -17.14
C4 NAG P . -56.29 15.61 -17.11
C5 NAG P . -55.01 15.52 -17.93
C6 NAG P . -54.13 16.77 -17.87
C7 NAG P . -56.81 10.92 -15.97
C8 NAG P . -57.58 9.68 -16.31
N2 NAG P . -56.78 11.87 -16.92
O3 NAG P . -58.10 14.25 -16.22
O4 NAG P . -57.15 16.60 -17.66
O5 NAG P . -54.24 14.42 -17.50
O6 NAG P . -53.74 17.01 -16.54
O7 NAG P . -56.23 11.03 -14.90
C1 BMA P . -57.93 17.22 -16.61
C2 BMA P . -58.49 18.51 -17.19
C3 BMA P . -59.32 19.25 -16.13
C4 BMA P . -59.91 18.34 -15.04
C5 BMA P . -60.08 16.88 -15.48
C6 BMA P . -61.35 16.64 -16.28
O2 BMA P . -59.25 18.19 -18.33
O3 BMA P . -60.30 19.99 -16.83
O4 BMA P . -59.02 18.42 -13.94
O5 BMA P . -58.97 16.36 -16.19
O6 BMA P . -61.32 17.48 -17.42
C1 NAG Q . -43.79 10.80 -9.42
C2 NAG Q . -44.18 10.11 -8.12
C3 NAG Q . -45.57 9.49 -8.22
C4 NAG Q . -46.58 10.50 -8.76
C5 NAG Q . -46.04 11.04 -10.08
C6 NAG Q . -46.96 12.04 -10.75
C7 NAG Q . -42.24 9.26 -6.85
C8 NAG Q . -41.35 8.06 -6.67
N2 NAG Q . -43.21 9.11 -7.78
O3 NAG Q . -45.93 9.02 -6.94
O4 NAG Q . -47.81 9.83 -8.91
O5 NAG Q . -44.81 11.68 -9.84
O6 NAG Q . -48.06 11.36 -11.31
O7 NAG Q . -42.08 10.28 -6.20
C1 NAG Q . -48.85 10.56 -8.23
C2 NAG Q . -50.19 9.85 -8.45
C3 NAG Q . -51.29 10.60 -7.71
C4 NAG Q . -50.93 10.79 -6.24
C5 NAG Q . -49.52 11.41 -6.13
C6 NAG Q . -49.04 11.57 -4.70
C7 NAG Q . -50.76 10.79 -10.67
C8 NAG Q . -51.08 10.41 -12.09
N2 NAG Q . -50.51 9.75 -9.85
O3 NAG Q . -52.49 9.87 -7.85
O4 NAG Q . -51.91 11.63 -5.68
O5 NAG Q . -48.60 10.61 -6.84
O6 NAG Q . -49.09 10.33 -4.04
O7 NAG Q . -50.73 11.96 -10.31
C1 BMA Q . -52.88 10.84 -4.98
C2 BMA Q . -53.68 11.79 -4.11
C3 BMA Q . -54.59 10.94 -3.19
C4 BMA Q . -55.27 9.77 -3.93
C5 BMA Q . -55.00 9.66 -5.44
C6 BMA Q . -56.09 10.27 -6.33
O2 BMA Q . -54.38 12.68 -4.94
O3 BMA Q . -55.48 11.83 -2.55
O4 BMA Q . -54.79 8.61 -3.28
O5 BMA Q . -53.74 10.16 -5.87
O6 BMA Q . -55.67 11.54 -6.74
C1 MAN Q . -54.71 12.52 -1.51
C2 MAN Q . -54.75 11.66 -0.23
C3 MAN Q . -56.08 11.79 0.51
C4 MAN Q . -56.38 13.25 0.78
C5 MAN Q . -56.46 13.96 -0.57
C6 MAN Q . -56.69 15.44 -0.39
O2 MAN Q . -53.69 12.10 0.57
O3 MAN Q . -55.98 11.04 1.70
O4 MAN Q . -57.60 13.31 1.49
O5 MAN Q . -55.23 13.81 -1.27
O6 MAN Q . -56.94 16.03 -1.65
C1 MAN Q . -56.16 11.76 -8.09
C2 MAN Q . -55.84 13.19 -8.50
C3 MAN Q . -56.59 14.17 -7.60
C4 MAN Q . -58.08 13.86 -7.62
C5 MAN Q . -58.32 12.38 -7.28
C6 MAN Q . -59.77 11.99 -7.47
O2 MAN Q . -56.22 13.32 -9.84
O3 MAN Q . -56.32 15.46 -8.05
O4 MAN Q . -58.69 14.71 -6.65
O5 MAN Q . -57.55 11.56 -8.14
O6 MAN Q . -59.92 10.63 -7.13
C1 NAG R . -31.49 -11.08 -31.51
C2 NAG R . -30.50 -12.25 -31.70
C3 NAG R . -31.20 -13.39 -32.43
C4 NAG R . -32.49 -13.77 -31.73
C5 NAG R . -33.36 -12.51 -31.57
C6 NAG R . -34.67 -12.76 -30.88
C7 NAG R . -28.13 -11.59 -31.86
C8 NAG R . -27.05 -11.14 -32.82
N2 NAG R . -29.33 -11.81 -32.41
O3 NAG R . -30.30 -14.47 -32.48
O4 NAG R . -33.13 -14.75 -32.52
O5 NAG R . -32.63 -11.55 -30.84
O6 NAG R . -34.45 -13.40 -29.64
O7 NAG R . -27.90 -11.75 -30.67
C1 NAG R . -33.57 -15.81 -31.66
C2 NAG R . -34.78 -16.51 -32.31
C3 NAG R . -35.25 -17.65 -31.43
C4 NAG R . -34.09 -18.59 -31.11
C5 NAG R . -32.91 -17.78 -30.56
C6 NAG R . -31.69 -18.62 -30.28
C7 NAG R . -36.19 -14.94 -33.68
C8 NAG R . -35.34 -15.23 -34.90
N2 NAG R . -35.85 -15.56 -32.53
O3 NAG R . -36.30 -18.30 -32.08
O4 NAG R . -34.57 -19.52 -30.16
O5 NAG R . -32.56 -16.77 -31.48
O6 NAG R . -31.30 -19.32 -31.43
O7 NAG R . -37.12 -14.16 -33.76
C1 BMA R . -35.01 -20.72 -30.82
C2 BMA R . -35.89 -21.48 -29.82
C3 BMA R . -36.32 -22.82 -30.44
C4 BMA R . -36.33 -22.82 -31.98
C5 BMA R . -36.54 -21.44 -32.60
C6 BMA R . -38.00 -21.00 -32.66
O2 BMA R . -36.96 -20.66 -29.47
O3 BMA R . -37.58 -23.13 -29.88
O4 BMA R . -35.10 -23.38 -32.37
O5 BMA R . -35.76 -20.43 -31.98
O6 BMA R . -38.52 -21.04 -31.34
C1 NAG S . -45.19 5.67 -12.69
C2 NAG S . -44.92 5.98 -11.22
C3 NAG S . -45.97 5.28 -10.35
C4 NAG S . -47.37 5.61 -10.84
C5 NAG S . -47.48 5.35 -12.35
C6 NAG S . -48.84 5.71 -12.93
C7 NAG S . -42.55 6.40 -10.72
C8 NAG S . -41.25 5.73 -10.32
N2 NAG S . -43.59 5.56 -10.85
O3 NAG S . -45.76 5.68 -9.03
O4 NAG S . -48.27 4.79 -10.12
O5 NAG S . -46.49 6.10 -13.02
O6 NAG S . -49.13 7.05 -12.63
O7 NAG S . -42.61 7.60 -10.88
C1 NAG S . -48.81 5.56 -9.03
C2 NAG S . -50.26 5.10 -8.82
C3 NAG S . -50.85 5.78 -7.59
C4 NAG S . -49.93 5.64 -6.40
C5 NAG S . -48.52 6.13 -6.78
C6 NAG S . -47.51 6.04 -5.65
C7 NAG S . -52.25 4.82 -10.24
C8 NAG S . -52.91 5.28 -11.53
N2 NAG S . -51.06 5.39 -9.98
O3 NAG S . -52.11 5.22 -7.35
O4 NAG S . -50.48 6.43 -5.37
O5 NAG S . -48.06 5.35 -7.86
O6 NAG S . -47.91 6.88 -4.59
O7 NAG S . -52.78 4.00 -9.51
C1 BMA S . -50.67 5.64 -4.17
C2 BMA S . -51.35 6.57 -3.18
C3 BMA S . -51.59 5.83 -1.85
C4 BMA S . -51.91 4.33 -1.95
C5 BMA S . -51.83 3.66 -3.32
C6 BMA S . -53.08 2.84 -3.69
O2 BMA S . -52.55 7.04 -3.76
O3 BMA S . -52.57 6.63 -1.20
O4 BMA S . -50.95 3.73 -1.10
O5 BMA S . -51.49 4.51 -4.41
O6 BMA S . -54.01 3.62 -4.40
C1 MAN S . -52.51 6.59 0.25
C2 MAN S . -53.05 7.94 0.74
C3 MAN S . -52.03 9.06 0.52
C4 MAN S . -50.72 8.72 1.21
C5 MAN S . -50.22 7.39 0.63
C6 MAN S . -48.98 6.90 1.35
O2 MAN S . -53.35 7.78 2.11
O3 MAN S . -52.58 10.25 1.02
O4 MAN S . -49.82 9.78 0.96
O5 MAN S . -51.20 6.37 0.76
O6 MAN S . -48.51 5.74 0.71
C1 MAN S . -54.66 2.73 -5.35
C2 MAN S . -55.85 3.46 -5.98
C3 MAN S . -56.94 3.70 -4.94
C4 MAN S . -57.33 2.40 -4.25
C5 MAN S . -56.07 1.75 -3.67
C6 MAN S . -56.37 0.39 -3.08
O2 MAN S . -56.31 2.64 -7.02
O3 MAN S . -58.04 4.29 -5.62
O4 MAN S . -58.28 2.73 -3.25
O5 MAN S . -55.11 1.57 -4.69
O6 MAN S . -55.21 -0.12 -2.48
C1 NAG T . -31.35 -3.84 7.04
C2 NAG T . -31.51 -5.16 6.28
C3 NAG T . -32.30 -4.95 4.99
C4 NAG T . -33.60 -4.22 5.28
C5 NAG T . -33.31 -2.95 6.08
C6 NAG T . -34.54 -2.15 6.45
C7 NAG T . -29.69 -6.80 6.63
C8 NAG T . -28.32 -7.22 6.16
N2 NAG T . -30.22 -5.73 5.99
O3 NAG T . -32.52 -6.19 4.39
O4 NAG T . -34.21 -3.93 4.05
O5 NAG T . -32.62 -3.29 7.27
O6 NAG T . -35.47 -2.99 7.11
O7 NAG T . -30.26 -7.40 7.52
C1 NAG T . -35.61 -4.28 4.10
C2 NAG T . -36.27 -3.82 2.79
C3 NAG T . -37.76 -4.20 2.79
C4 NAG T . -37.93 -5.69 3.09
C5 NAG T . -37.16 -6.03 4.37
C6 NAG T . -37.22 -7.50 4.74
C7 NAG T . -36.48 -1.33 3.20
C8 NAG T . -37.32 -1.51 4.44
N2 NAG T . -36.05 -2.41 2.52
O3 NAG T . -38.29 -3.85 1.54
O4 NAG T . -39.31 -5.93 3.27
O5 NAG T . -35.80 -5.67 4.23
O6 NAG T . -38.55 -7.87 5.03
O7 NAG T . -36.19 -0.20 2.82
C1 BMA T . -39.90 -6.31 2.00
C2 BMA T . -41.18 -7.07 2.32
C3 BMA T . -41.83 -7.55 1.00
C4 BMA T . -41.50 -6.67 -0.21
C5 BMA T . -41.11 -5.23 0.16
C6 BMA T . -42.32 -4.35 0.47
O2 BMA T . -42.01 -6.23 3.06
O3 BMA T . -43.21 -7.64 1.26
O4 BMA T . -40.43 -7.31 -0.88
O5 BMA T . -40.18 -5.16 1.23
O6 BMA T . -41.83 -3.09 0.90
C1 NAG U . -45.31 12.47 11.66
C2 NAG U . -46.19 12.10 12.85
C3 NAG U . -46.97 10.83 12.54
C4 NAG U . -47.69 10.89 11.19
C5 NAG U . -46.73 11.38 10.09
C6 NAG U . -47.37 11.67 8.76
C7 NAG U . -45.47 12.68 15.14
C8 NAG U . -44.53 12.27 16.25
N2 NAG U . -45.40 11.90 14.03
O3 NAG U . -47.88 10.63 13.59
O4 NAG U . -48.24 9.59 11.05
O5 NAG U . -46.12 12.59 10.52
O6 NAG U . -48.45 12.56 8.93
O7 NAG U . -46.22 13.64 15.25
C1 NAG U . -47.76 8.79 9.96
C2 NAG U . -46.75 7.76 10.49
C3 NAG U . -46.51 6.61 9.51
C4 NAG U . -47.82 6.06 8.99
C5 NAG U . -48.59 7.22 8.35
C6 NAG U . -49.89 6.79 7.69
C7 NAG U . -44.67 8.21 11.85
C8 NAG U . -45.17 7.29 12.93
N2 NAG U . -45.46 8.38 10.76
O3 NAG U . -45.75 5.64 10.18
O4 NAG U . -47.53 5.05 8.07
O5 NAG U . -48.87 8.18 9.35
O6 NAG U . -49.63 5.88 6.67
O7 NAG U . -43.60 8.79 11.96
C1 NAG V . -33.95 27.81 -16.47
C2 NAG V . -34.61 27.76 -17.85
C3 NAG V . -33.82 28.70 -18.76
C4 NAG V . -33.75 30.10 -18.14
C5 NAG V . -33.38 30.04 -16.64
C6 NAG V . -33.52 31.37 -15.93
C7 NAG V . -33.72 25.51 -18.62
C8 NAG V . -32.28 25.89 -18.38
N2 NAG V . -34.71 26.41 -18.36
O3 NAG V . -34.44 28.72 -20.01
O4 NAG V . -32.77 30.77 -18.88
O5 NAG V . -34.18 29.10 -15.95
O6 NAG V . -34.81 31.89 -16.15
O7 NAG V . -33.98 24.40 -19.05
C1 NAG V . -33.05 32.18 -18.96
C2 NAG V . -31.74 32.88 -19.34
C3 NAG V . -31.98 34.38 -19.49
C4 NAG V . -33.13 34.64 -20.45
C5 NAG V . -34.36 33.85 -19.99
C6 NAG V . -35.58 34.00 -20.87
C7 NAG V . -29.78 31.66 -18.48
C8 NAG V . -28.81 31.55 -17.32
N2 NAG V . -30.73 32.60 -18.35
O3 NAG V . -30.78 34.97 -19.93
O4 NAG V . -33.33 36.04 -20.42
O5 NAG V . -34.02 32.48 -19.93
O6 NAG V . -35.23 33.71 -22.21
O7 NAG V . -29.69 30.92 -19.46
C1 BMA V . -33.95 36.57 -21.62
C2 BMA V . -33.32 37.94 -21.86
C3 BMA V . -34.04 38.63 -23.04
C4 BMA V . -34.69 37.64 -24.02
C5 BMA V . -34.01 36.27 -24.05
C6 BMA V . -32.74 36.24 -24.90
O2 BMA V . -31.95 37.77 -22.09
O3 BMA V . -33.10 39.48 -23.65
O4 BMA V . -36.04 37.52 -23.62
O5 BMA V . -33.73 35.75 -22.76
O6 BMA V . -33.13 36.37 -26.25
C1 NAG W . -25.64 -1.68 -38.93
C2 NAG W . -26.07 -2.96 -38.19
C3 NAG W . -25.63 -4.20 -38.97
C4 NAG W . -26.13 -4.11 -40.41
C5 NAG W . -25.66 -2.79 -41.02
C6 NAG W . -26.09 -2.58 -42.46
C7 NAG W . -26.22 -2.75 -35.74
C8 NAG W . -25.42 -2.82 -34.46
N2 NAG W . -25.52 -2.97 -36.86
O3 NAG W . -26.14 -5.32 -38.31
O4 NAG W . -25.62 -5.22 -41.10
O5 NAG W . -26.15 -1.72 -40.25
O6 NAG W . -27.48 -2.70 -42.56
O7 NAG W . -27.41 -2.52 -35.73
C1 NAG W . -26.73 -6.08 -41.47
C2 NAG W . -26.22 -7.13 -42.46
C3 NAG W . -27.36 -8.08 -42.84
C4 NAG W . -28.05 -8.62 -41.61
C5 NAG W . -28.42 -7.49 -40.66
C6 NAG W . -29.05 -7.95 -39.36
C7 NAG W . -24.36 -6.30 -43.86
C8 NAG W . -24.03 -5.60 -45.15
N2 NAG W . -25.67 -6.49 -43.63
O3 NAG W . -26.82 -9.10 -43.64
O4 NAG W . -29.21 -9.29 -42.05
O5 NAG W . -27.26 -6.74 -40.34
O6 NAG W . -28.20 -8.87 -38.72
O7 NAG W . -23.48 -6.67 -43.09
C1 BMA W . -28.99 -10.69 -42.37
C2 BMA W . -29.64 -10.94 -43.72
C3 BMA W . -29.60 -12.45 -44.02
C4 BMA W . -28.47 -13.19 -43.27
C5 BMA W . -27.26 -12.31 -42.96
C6 BMA W . -26.31 -12.15 -44.13
O2 BMA W . -28.97 -10.17 -44.69
O3 BMA W . -29.52 -12.59 -45.42
O4 BMA W . -29.06 -13.68 -42.08
O5 BMA W . -27.61 -11.02 -42.46
O6 BMA W . -25.30 -11.25 -43.74
C1 NAG X . -48.16 -12.96 -35.68
C2 NAG X . -48.29 -13.50 -37.11
C3 NAG X . -48.89 -14.90 -37.03
C4 NAG X . -48.09 -15.79 -36.08
C5 NAG X . -47.81 -15.06 -34.75
C6 NAG X . -46.87 -15.82 -33.84
C7 NAG X . -48.65 -12.06 -39.08
C8 NAG X . -49.67 -11.21 -39.79
N2 NAG X . -49.09 -12.65 -37.94
O3 NAG X . -48.93 -15.42 -38.34
O4 NAG X . -48.85 -16.94 -35.85
O5 NAG X . -47.26 -13.78 -34.99
O6 NAG X . -45.64 -16.04 -34.50
O7 NAG X . -47.52 -12.20 -39.53
C1 NAG X . -48.54 -17.95 -36.82
C2 NAG X . -48.87 -19.32 -36.21
C3 NAG X . -48.63 -20.43 -37.24
C4 NAG X . -49.41 -20.11 -38.52
C5 NAG X . -49.01 -18.72 -39.02
C6 NAG X . -49.71 -18.30 -40.28
C7 NAG X . -48.40 -19.35 -33.75
C8 NAG X . -49.78 -18.81 -33.48
N2 NAG X . -48.05 -19.56 -35.04
O3 NAG X . -49.04 -21.64 -36.67
O4 NAG X . -49.08 -21.12 -39.46
O5 NAG X . -49.28 -17.78 -38.00
O6 NAG X . -49.36 -19.16 -41.34
O7 NAG X . -47.64 -19.58 -32.82
C1 NAG Y . 2.73 10.01 42.83
C2 NAG Y . 3.94 9.56 43.63
C3 NAG Y . 3.77 8.09 44.03
C4 NAG Y . 2.44 7.89 44.75
C5 NAG Y . 1.30 8.46 43.90
C6 NAG Y . -0.06 8.37 44.56
C7 NAG Y . 6.05 10.73 43.18
C8 NAG Y . 7.26 10.75 42.27
N2 NAG Y . 5.16 9.76 42.91
O3 NAG Y . 4.86 7.71 44.82
O4 NAG Y . 2.28 6.51 44.96
O5 NAG Y . 1.57 9.83 43.61
O6 NAG Y . -0.97 9.21 43.88
O7 NAG Y . 5.92 11.53 44.09
C1 NAG Y . 2.40 6.24 46.38
C2 NAG Y . 1.41 5.12 46.75
C3 NAG Y . 1.55 4.77 48.22
C4 NAG Y . 3.00 4.45 48.55
C5 NAG Y . 3.90 5.60 48.08
C6 NAG Y . 5.37 5.37 48.34
C7 NAG Y . -0.75 4.89 45.58
C8 NAG Y . -2.13 5.49 45.44
N2 NAG Y . 0.06 5.53 46.45
O3 NAG Y . 0.69 3.70 48.51
O4 NAG Y . 3.09 4.26 49.94
O5 NAG Y . 3.70 5.81 46.69
O6 NAG Y . 5.78 4.16 47.74
O7 NAG Y . -0.42 3.91 44.94
C1 NAG Z . 26.27 14.13 16.80
C2 NAG Z . 25.14 13.16 17.18
C3 NAG Z . 25.38 12.63 18.58
C4 NAG Z . 26.78 12.03 18.69
C5 NAG Z . 27.82 13.05 18.21
C6 NAG Z . 29.23 12.52 18.21
C7 NAG Z . 23.56 15.04 17.52
C8 NAG Z . 22.13 15.46 17.32
N2 NAG Z . 23.85 13.79 17.10
O3 NAG Z . 24.38 11.69 18.87
O4 NAG Z . 26.98 11.66 20.04
O5 NAG Z . 27.50 13.45 16.89
O6 NAG Z . 29.30 11.32 17.47
O7 NAG Z . 24.38 15.79 18.03
C1 NAG Z . 27.08 10.23 20.11
C2 NAG Z . 27.74 9.84 21.44
C3 NAG Z . 27.92 8.32 21.48
C4 NAG Z . 26.60 7.61 21.21
C5 NAG Z . 25.90 8.21 19.98
C6 NAG Z . 24.50 7.66 19.75
C7 NAG Z . 30.15 10.52 21.00
C8 NAG Z . 30.28 9.63 19.78
N2 NAG Z . 28.98 10.55 21.69
O3 NAG Z . 28.44 7.97 22.73
O4 NAG Z . 26.94 6.27 20.95
O5 NAG Z . 25.81 9.61 20.09
O6 NAG Z . 23.71 7.92 20.89
O7 NAG Z . 31.11 11.19 21.35
C1 BMA Z . 26.21 5.29 21.75
C2 BMA Z . 27.03 5.02 23.00
C3 BMA Z . 26.44 3.75 23.65
C4 BMA Z . 24.90 3.64 23.52
C5 BMA Z . 24.14 4.85 22.96
C6 BMA Z . 23.36 5.65 24.01
O2 BMA Z . 27.02 6.14 23.83
O3 BMA Z . 26.92 3.69 24.97
O4 BMA Z . 24.70 2.53 22.68
O5 BMA Z . 24.94 5.74 22.18
O6 BMA Z . 22.01 5.19 24.03
C1 MAN Z . 27.15 2.31 25.35
C2 MAN Z . 27.79 2.30 26.74
C3 MAN Z . 29.22 2.83 26.70
C4 MAN Z . 30.04 2.12 25.62
C5 MAN Z . 29.29 2.23 24.29
C6 MAN Z . 29.99 1.48 23.18
O2 MAN Z . 27.76 0.95 27.17
O3 MAN Z . 29.78 2.66 27.97
O4 MAN Z . 31.30 2.74 25.57
O5 MAN Z . 28.00 1.66 24.44
O6 MAN Z . 29.35 1.77 21.96
C1 MAN Z . 21.96 3.76 24.30
C2 MAN Z . 21.32 3.12 23.05
C3 MAN Z . 20.02 2.36 23.29
C4 MAN Z . 20.15 1.61 24.60
C5 MAN Z . 20.17 2.67 25.68
C6 MAN Z . 20.29 2.06 27.06
O2 MAN Z . 22.29 2.25 22.53
O3 MAN Z . 19.80 1.52 22.19
O4 MAN Z . 19.03 0.75 24.70
O5 MAN Z . 21.28 3.54 25.54
O6 MAN Z . 19.38 0.99 27.17
C1 NAG AA . 27.56 22.42 33.26
C2 NAG AA . 28.10 21.14 33.91
C3 NAG AA . 27.52 20.99 35.31
C4 NAG AA . 27.75 22.26 36.13
C5 NAG AA . 27.23 23.47 35.34
C6 NAG AA . 27.45 24.80 36.04
C7 NAG AA . 28.67 19.29 32.38
C8 NAG AA . 28.09 18.13 31.60
N2 NAG AA . 27.77 19.99 33.09
O3 NAG AA . 28.13 19.88 35.91
O4 NAG AA . 27.05 22.10 37.34
O5 NAG AA . 27.87 23.52 34.08
O6 NAG AA . 28.81 24.94 36.38
O7 NAG AA . 29.86 19.54 32.36
C1 NAG AA . 28.00 21.92 38.41
C2 NAG AA . 27.28 22.17 39.74
C3 NAG AA . 28.20 21.91 40.91
C4 NAG AA . 28.83 20.52 40.78
C5 NAG AA . 29.49 20.39 39.41
C6 NAG AA . 30.14 19.04 39.17
C7 NAG AA . 27.44 24.62 39.50
C8 NAG AA . 26.67 25.91 39.66
N2 NAG AA . 26.75 23.51 39.81
O3 NAG AA . 27.47 22.04 42.10
O4 NAG AA . 29.77 20.39 41.83
O5 NAG AA . 28.52 20.61 38.41
O6 NAG AA . 31.18 18.85 40.10
O7 NAG AA . 28.61 24.62 39.14
C1 NAG BA . 23.37 40.42 28.20
C2 NAG BA . 23.52 39.75 29.57
C3 NAG BA . 23.06 40.67 30.68
C4 NAG BA . 23.74 42.03 30.56
C5 NAG BA . 23.50 42.58 29.16
C6 NAG BA . 24.12 43.95 28.92
C7 NAG BA . 23.35 37.30 29.45
C8 NAG BA . 22.38 36.14 29.51
N2 NAG BA . 22.80 38.51 29.59
O3 NAG BA . 23.34 40.05 31.91
O4 NAG BA . 23.21 42.85 31.57
O5 NAG BA . 24.02 41.68 28.21
O6 NAG BA . 25.50 43.89 29.19
O7 NAG BA . 24.54 37.11 29.28
C1 NAG BA . 24.19 43.06 32.61
C2 NAG BA . 23.51 43.67 33.84
C3 NAG BA . 24.56 43.96 34.90
C4 NAG BA . 25.39 42.70 35.20
C5 NAG BA . 25.88 42.07 33.89
C6 NAG BA . 26.63 40.77 34.07
C7 NAG BA . 21.45 44.96 33.47
C8 NAG BA . 20.91 46.32 33.07
N2 NAG BA . 22.79 44.86 33.49
O3 NAG BA . 23.89 44.43 36.03
O4 NAG BA . 26.48 43.10 36.00
O5 NAG BA . 24.80 41.85 33.01
O6 NAG BA . 25.78 39.81 34.67
O7 NAG BA . 20.69 44.04 33.75
C1 BMA BA . 26.13 42.98 37.39
C2 BMA BA . 27.45 43.01 38.18
C3 BMA BA . 27.18 42.86 39.68
C4 BMA BA . 25.78 43.34 40.11
C5 BMA BA . 25.15 44.37 39.17
C6 BMA BA . 25.65 45.80 39.39
O2 BMA BA . 28.11 44.21 37.85
O3 BMA BA . 28.22 43.55 40.34
O4 BMA BA . 24.98 42.18 40.19
O5 BMA BA . 25.29 44.04 37.79
O6 BMA BA . 27.05 45.80 39.26
C1 NAG CA . 15.95 32.34 28.69
C2 NAG CA . 14.53 32.48 29.24
C3 NAG CA . 14.25 33.90 29.71
C4 NAG CA . 15.35 34.40 30.64
C5 NAG CA . 16.69 34.23 29.90
C6 NAG CA . 17.89 34.72 30.68
C7 NAG CA . 12.93 30.90 28.21
C8 NAG CA . 11.97 30.72 27.07
N2 NAG CA . 13.57 32.08 28.25
O3 NAG CA . 13.00 33.90 30.36
O4 NAG CA . 15.08 35.75 30.95
O5 NAG CA . 16.88 32.87 29.61
O6 NAG CA . 17.91 36.14 30.70
O7 NAG CA . 13.12 30.02 29.04
C1 NAG CA . 15.09 35.92 32.38
C2 NAG CA . 14.84 37.40 32.71
C3 NAG CA . 14.82 37.59 34.22
C4 NAG CA . 13.84 36.63 34.88
C5 NAG CA . 14.11 35.20 34.40
C6 NAG CA . 13.13 34.18 34.94
C7 NAG CA . 17.14 38.26 32.41
C8 NAG CA . 17.98 39.24 31.64
N2 NAG CA . 15.83 38.25 32.11
O3 NAG CA . 14.50 38.93 34.48
O4 NAG CA . 14.02 36.76 36.26
O5 NAG CA . 14.07 35.15 32.98
O6 NAG CA . 11.82 34.57 34.63
O7 NAG CA . 17.65 37.51 33.24
C1 BMA CA . 13.00 37.63 36.80
C2 BMA CA . 13.02 37.43 38.31
C3 BMA CA . 11.80 38.19 38.90
C4 BMA CA . 11.61 39.59 38.27
C5 BMA CA . 12.66 40.03 37.23
C6 BMA CA . 13.75 40.93 37.79
O2 BMA CA . 14.25 37.87 38.82
O3 BMA CA . 11.94 38.18 40.30
O4 BMA CA . 10.33 39.53 37.66
O5 BMA CA . 13.26 38.98 36.49
O6 BMA CA . 14.90 40.14 38.03
C1 MAN CA . 11.59 36.84 40.76
C2 MAN CA . 10.07 36.79 40.99
C3 MAN CA . 9.64 37.47 42.29
C4 MAN CA . 10.43 36.87 43.44
C5 MAN CA . 11.91 37.11 43.17
C6 MAN CA . 12.77 36.49 44.25
O2 MAN CA . 9.71 35.43 40.98
O3 MAN CA . 8.26 37.28 42.43
O4 MAN CA . 9.99 37.51 44.63
O5 MAN CA . 12.29 36.51 41.94
O6 MAN CA . 14.11 36.90 44.07
C1 MAN CA . 16.07 40.94 37.73
C2 MAN CA . 17.31 40.15 38.12
C3 MAN CA . 17.30 39.89 39.63
C4 MAN CA . 17.18 41.21 40.40
C5 MAN CA . 15.97 42.00 39.88
C6 MAN CA . 15.91 43.38 40.48
O2 MAN CA . 18.42 40.91 37.73
O3 MAN CA . 18.50 39.21 39.95
O4 MAN CA . 17.05 40.88 41.76
O5 MAN CA . 16.03 42.13 38.47
O6 MAN CA . 14.76 44.04 39.98
C1 NAG DA . 17.51 42.32 -3.19
C2 NAG DA . 16.84 42.20 -4.56
C3 NAG DA . 16.65 43.59 -5.17
C4 NAG DA . 15.94 44.51 -4.18
C5 NAG DA . 16.69 44.50 -2.85
C6 NAG DA . 16.05 45.36 -1.78
C7 NAG DA . 17.30 40.10 -5.77
C8 NAG DA . 18.27 39.42 -6.70
N2 NAG DA . 17.62 41.37 -5.43
O3 NAG DA . 15.94 43.45 -6.37
O4 NAG DA . 15.91 45.80 -4.76
O5 NAG DA . 16.74 43.17 -2.37
O6 NAG DA . 14.69 45.01 -1.63
O7 NAG DA . 16.29 39.53 -5.37
C1 NAG DA . 14.57 46.33 -4.63
C2 NAG DA . 14.66 47.86 -4.60
C3 NAG DA . 13.26 48.43 -4.48
C4 NAG DA . 12.34 47.88 -5.57
C5 NAG DA . 12.42 46.35 -5.58
C6 NAG DA . 11.60 45.70 -6.66
C7 NAG DA . 16.77 48.71 -3.56
C8 NAG DA . 17.44 48.69 -4.91
N2 NAG DA . 15.48 48.31 -3.51
O3 NAG DA . 13.36 49.84 -4.54
O4 NAG DA . 11.03 48.33 -5.30
O5 NAG DA . 13.77 45.94 -5.71
O6 NAG DA . 12.00 46.21 -7.92
O7 NAG DA . 17.38 49.09 -2.57
C1 BMA DA . 10.74 49.53 -6.04
C2 BMA DA . 9.53 50.19 -5.39
C3 BMA DA . 9.12 51.43 -6.20
C4 BMA DA . 10.27 52.05 -7.01
C5 BMA DA . 11.66 51.77 -6.43
C6 BMA DA . 12.06 52.70 -5.29
O2 BMA DA . 9.87 50.48 -4.06
O3 BMA DA . 8.55 52.33 -5.28
O4 BMA DA . 10.16 51.51 -8.31
O5 BMA DA . 11.85 50.42 -6.03
O6 BMA DA . 11.07 52.60 -4.29
C1 NAG EA . 15.04 37.26 24.94
C2 NAG EA . 14.13 36.31 25.72
C3 NAG EA . 13.07 37.13 26.45
C4 NAG EA . 13.71 38.25 27.26
C5 NAG EA . 14.66 39.06 26.38
C6 NAG EA . 15.40 40.16 27.12
C7 NAG EA . 13.94 34.07 24.73
C8 NAG EA . 13.16 33.24 23.75
N2 NAG EA . 13.53 35.34 24.85
O3 NAG EA . 12.33 36.25 27.26
O4 NAG EA . 12.68 39.06 27.74
O5 NAG EA . 15.62 38.19 25.81
O6 NAG EA . 16.07 39.62 28.23
O7 NAG EA . 14.87 33.60 25.36
C1 NAG EA . 12.39 38.68 29.10
C2 NAG EA . 11.97 39.94 29.87
C3 NAG EA . 11.54 39.58 31.29
C4 NAG EA . 10.51 38.46 31.26
C5 NAG EA . 11.05 37.28 30.44
C6 NAG EA . 10.11 36.10 30.36
C7 NAG EA . 12.94 42.19 30.20
C8 NAG EA . 14.22 42.98 30.20
N2 NAG EA . 13.07 40.87 29.92
O3 NAG EA . 11.03 40.73 31.89
O4 NAG EA . 10.29 38.10 32.60
O5 NAG EA . 11.34 37.74 29.14
O6 NAG EA . 9.89 35.57 31.64
O7 NAG EA . 11.87 42.71 30.44
C1 BMA EA . 8.88 38.17 32.91
C2 BMA EA . 8.77 37.84 34.38
C3 BMA EA . 7.30 37.85 34.83
C4 BMA EA . 6.38 38.88 34.14
C5 BMA EA . 6.98 39.70 32.98
C6 BMA EA . 6.75 41.21 33.10
O2 BMA EA . 9.56 38.76 35.10
O3 BMA EA . 7.37 37.97 36.25
O4 BMA EA . 5.31 38.11 33.64
O5 BMA EA . 8.34 39.44 32.66
O6 BMA EA . 7.84 41.83 33.76
C1 MAN EA . 6.25 37.37 36.96
C2 MAN EA . 6.81 36.93 38.33
C3 MAN EA . 7.68 35.68 38.20
C4 MAN EA . 6.88 34.56 37.54
C5 MAN EA . 6.42 35.04 36.18
C6 MAN EA . 5.50 34.04 35.50
O2 MAN EA . 5.70 36.69 39.15
O3 MAN EA . 8.12 35.31 39.48
O4 MAN EA . 7.73 33.43 37.44
O5 MAN EA . 5.69 36.26 36.29
O6 MAN EA . 5.19 34.51 34.21
C1 MAN EA . 7.99 43.14 33.16
C2 MAN EA . 8.98 43.95 33.98
C3 MAN EA . 8.42 44.28 35.36
C4 MAN EA . 7.05 44.95 35.24
C5 MAN EA . 6.14 44.07 34.39
C6 MAN EA . 4.80 44.73 34.12
O2 MAN EA . 9.25 45.13 33.25
O3 MAN EA . 9.35 45.10 36.03
O4 MAN EA . 6.56 45.12 36.54
O5 MAN EA . 6.73 43.81 33.13
O6 MAN EA . 3.98 43.84 33.41
C1 NAG FA . -6.56 23.43 21.35
C2 NAG FA . -6.86 24.50 20.30
C3 NAG FA . -5.72 25.51 20.23
C4 NAG FA . -5.41 26.06 21.63
C5 NAG FA . -5.18 24.88 22.58
C6 NAG FA . -4.88 25.30 24.01
C7 NAG FA . -8.28 23.76 18.42
C8 NAG FA . -8.25 23.09 17.07
N2 NAG FA . -7.08 23.90 19.00
O3 NAG FA . -6.09 26.54 19.35
O4 NAG FA . -4.27 26.88 21.51
O5 NAG FA . -6.32 24.05 22.58
O6 NAG FA . -5.88 26.17 24.46
O7 NAG FA . -9.33 24.15 18.92
C1 NAG FA . -4.48 28.11 22.22
C2 NAG FA . -3.18 28.92 22.20
C3 NAG FA . -3.37 30.24 22.92
C4 NAG FA . -4.57 30.99 22.36
C5 NAG FA . -5.79 30.06 22.36
C6 NAG FA . -7.03 30.69 21.75
C7 NAG FA . -1.82 27.68 23.96
C8 NAG FA . -2.83 27.93 25.05
N2 NAG FA . -2.05 28.15 22.71
O3 NAG FA . -2.18 30.99 22.79
O4 NAG FA . -4.80 32.12 23.17
O5 NAG FA . -5.49 28.88 21.63
O6 NAG FA . -7.44 31.78 22.55
O7 NAG FA . -0.81 27.05 24.22
C1 BMA FA . -4.08 33.26 22.67
C2 BMA FA . -4.78 34.50 23.21
C3 BMA FA . -4.08 35.76 22.65
C4 BMA FA . -2.60 35.55 22.29
C5 BMA FA . -1.95 34.40 23.06
C6 BMA FA . -1.56 34.77 24.48
O2 BMA FA . -4.75 34.44 24.61
O3 BMA FA . -4.27 36.78 23.60
O4 BMA FA . -2.57 35.30 20.89
O5 BMA FA . -2.73 33.21 23.08
O6 BMA FA . -1.06 33.61 25.10
C1 NAG GA . 1.32 24.38 41.82
C2 NAG GA . 0.22 24.79 42.80
C3 NAG GA . -0.36 26.14 42.41
C4 NAG GA . 0.72 27.19 42.18
C5 NAG GA . 1.83 26.63 41.27
C6 NAG GA . 3.05 27.52 41.13
C7 NAG GA . -1.13 23.03 43.89
C8 NAG GA . -2.27 22.07 43.66
N2 NAG GA . -0.82 23.79 42.83
O3 NAG GA . -1.24 26.53 43.43
O4 NAG GA . 0.00 28.32 41.72
O5 NAG GA . 2.29 25.41 41.80
O6 NAG GA . 3.55 27.86 42.40
O7 NAG GA . -0.56 23.10 44.96
C1 NAG GA . 0.26 28.77 40.38
C2 NAG GA . -0.85 28.28 39.44
C3 NAG GA . -0.90 29.05 38.12
C4 NAG GA . -0.82 30.54 38.36
C5 NAG GA . 0.45 30.82 39.16
C6 NAG GA . 0.72 32.30 39.39
C7 NAG GA . -1.66 25.92 39.12
C8 NAG GA . -3.06 26.32 39.48
N2 NAG GA . -0.70 26.88 39.13
O3 NAG GA . -2.07 28.69 37.45
O4 NAG GA . -0.82 31.18 37.11
O5 NAG GA . 0.35 30.18 40.41
O6 NAG GA . 0.87 32.95 38.16
O7 NAG GA . -1.40 24.76 38.83
C1 NAG HA . 32.08 19.13 28.35
C2 NAG HA . 33.11 20.19 27.99
C3 NAG HA . 34.38 19.48 27.54
C4 NAG HA . 34.84 18.49 28.62
C5 NAG HA . 33.66 17.64 29.16
C6 NAG HA . 34.02 16.82 30.38
C7 NAG HA . 32.16 20.92 25.75
C8 NAG HA . 32.18 19.51 25.19
N2 NAG HA . 32.61 21.14 27.02
O3 NAG HA . 35.36 20.45 27.27
O4 NAG HA . 35.81 17.69 27.98
O5 NAG HA . 32.55 18.45 29.48
O6 NAG HA . 34.58 17.64 31.36
O7 NAG HA . 31.76 21.83 25.06
C1 NAG HA . 36.80 17.24 28.91
C2 NAG HA . 37.50 16.03 28.28
C3 NAG HA . 38.61 15.54 29.20
C4 NAG HA . 39.54 16.68 29.56
C5 NAG HA . 38.73 17.84 30.13
C6 NAG HA . 39.53 19.07 30.51
C7 NAG HA . 35.97 14.77 26.81
C8 NAG HA . 34.99 13.63 26.77
N2 NAG HA . 36.54 15.00 28.01
O3 NAG HA . 39.28 14.49 28.54
O4 NAG HA . 40.46 16.13 30.49
O5 NAG HA . 37.76 18.24 29.18
O6 NAG HA . 40.33 19.46 29.42
O7 NAG HA . 36.21 15.45 25.82
C1 BMA HA . 41.74 16.82 30.53
C2 BMA HA . 42.80 15.76 30.80
C3 BMA HA . 44.16 16.44 31.01
C4 BMA HA . 44.27 17.83 30.33
C5 BMA HA . 43.36 17.97 29.12
C6 BMA HA . 43.93 17.35 27.85
O2 BMA HA . 42.80 14.87 29.71
O3 BMA HA . 45.15 15.53 30.58
O4 BMA HA . 43.94 18.77 31.34
O5 BMA HA . 42.05 17.51 29.33
O6 BMA HA . 45.04 18.13 27.45
C1 NAG IA . 29.05 36.08 -5.52
C2 NAG IA . 27.67 36.74 -5.58
C3 NAG IA . 27.42 37.32 -6.97
C4 NAG IA . 28.57 38.23 -7.37
C5 NAG IA . 29.89 37.46 -7.24
C6 NAG IA . 31.11 38.26 -7.63
C7 NAG IA . 25.97 35.80 -4.06
C8 NAG IA . 24.95 34.71 -3.92
N2 NAG IA . 26.64 35.80 -5.23
O3 NAG IA . 26.20 38.00 -6.93
O4 NAG IA . 28.33 38.66 -8.69
O5 NAG IA . 30.04 37.01 -5.91
O6 NAG IA . 31.16 39.44 -6.87
O7 NAG IA . 26.18 36.61 -3.17
C1 NAG IA . 28.08 40.08 -8.66
C2 NAG IA . 28.12 40.60 -10.11
C3 NAG IA . 27.81 42.10 -10.13
C4 NAG IA . 26.55 42.42 -9.35
C5 NAG IA . 26.61 41.77 -7.96
C6 NAG IA . 25.36 41.98 -7.13
C7 NAG IA . 29.63 39.31 -11.56
C8 NAG IA . 31.05 39.22 -12.06
N2 NAG IA . 29.39 40.32 -10.72
O3 NAG IA . 27.71 42.50 -11.47
O4 NAG IA . 26.49 43.83 -9.22
O5 NAG IA . 26.83 40.38 -8.10
O6 NAG IA . 24.24 41.51 -7.85
O7 NAG IA . 28.78 38.51 -11.92
C1 BMA IA . 25.79 44.48 -10.33
C2 BMA IA . 26.67 45.64 -10.78
C3 BMA IA . 25.89 46.47 -11.81
C4 BMA IA . 24.80 45.66 -12.55
C5 BMA IA . 25.09 44.17 -12.64
C6 BMA IA . 26.04 43.81 -13.78
O2 BMA IA . 27.88 45.11 -11.28
O3 BMA IA . 26.85 47.03 -12.69
O4 BMA IA . 23.61 45.90 -11.82
O5 BMA IA . 25.58 43.61 -11.43
O6 BMA IA . 26.31 42.42 -13.69
C1 NAG JA . 20.06 57.82 4.04
C2 NAG JA . 20.77 58.75 3.05
C3 NAG JA . 19.80 59.87 2.68
C4 NAG JA . 18.47 59.30 2.18
C5 NAG JA . 17.95 58.21 3.13
C6 NAG JA . 16.72 57.49 2.60
C7 NAG JA . 23.21 59.10 3.04
C8 NAG JA . 24.34 59.75 3.79
N2 NAG JA . 22.00 59.27 3.60
O3 NAG JA . 20.43 60.67 1.72
O4 NAG JA . 17.57 60.38 2.13
O5 NAG JA . 18.96 57.25 3.37
O6 NAG JA . 17.03 56.91 1.35
O7 NAG JA . 23.40 58.47 2.01
C1 NAG JA . 17.62 61.02 0.84
C2 NAG JA . 16.27 61.71 0.61
C3 NAG JA . 16.30 62.48 -0.71
C4 NAG JA . 17.49 63.42 -0.73
C5 NAG JA . 18.77 62.62 -0.46
C6 NAG JA . 20.03 63.46 -0.45
C7 NAG JA . 14.38 60.38 1.60
C8 NAG JA . 14.60 61.09 2.93
N2 NAG JA . 15.20 60.73 0.59
O3 NAG JA . 15.09 63.17 -0.83
O4 NAG JA . 17.52 64.03 -2.00
O5 NAG JA . 18.65 61.98 0.79
O6 NAG JA . 20.23 64.03 -1.72
O7 NAG JA . 13.51 59.54 1.49
C1 NAG KA . -25.55 -23.95 26.74
C2 NAG KA . -26.51 -24.99 26.15
C3 NAG KA . -27.76 -24.28 25.63
C4 NAG KA . -28.38 -23.44 26.74
C5 NAG KA . -27.32 -22.51 27.33
C6 NAG KA . -27.82 -21.67 28.48
C7 NAG KA . -25.47 -27.03 25.23
C8 NAG KA . -24.82 -27.62 24.01
N2 NAG KA . -25.87 -25.74 25.11
O3 NAG KA . -28.66 -25.26 25.16
O4 NAG KA . -29.45 -22.71 26.18
O5 NAG KA . -26.21 -23.27 27.78
O6 NAG KA . -26.73 -21.10 29.17
O7 NAG KA . -25.62 -27.68 26.25
C1 NAG KA . -30.69 -23.24 26.70
C2 NAG KA . -31.67 -22.07 26.90
C3 NAG KA . -33.01 -22.59 27.39
C4 NAG KA . -33.53 -23.68 26.47
C5 NAG KA . -32.45 -24.76 26.31
C6 NAG KA . -32.85 -25.89 25.39
C7 NAG KA . -30.86 -19.82 27.51
C8 NAG KA . -30.31 -18.99 28.64
N2 NAG KA . -31.13 -21.10 27.82
O3 NAG KA . -33.89 -21.51 27.48
O4 NAG KA . -34.71 -24.20 27.05
O5 NAG KA . -31.27 -24.16 25.81
O6 NAG KA . -33.22 -25.37 24.13
O7 NAG KA . -31.04 -19.33 26.39
C1 NAG LA . -4.26 -33.96 0.36
C2 NAG LA . -5.14 -32.76 0.73
C3 NAG LA . -6.56 -33.24 1.03
C4 NAG LA . -7.09 -34.06 -0.14
C5 NAG LA . -6.10 -35.18 -0.47
C6 NAG LA . -6.50 -36.02 -1.66
C7 NAG LA . -4.10 -32.59 2.97
C8 NAG LA . -3.62 -31.61 4.01
N2 NAG LA . -4.61 -32.04 1.86
O3 NAG LA . -7.35 -32.12 1.27
O4 NAG LA . -8.35 -34.57 0.26
O5 NAG LA . -4.84 -34.62 -0.74
O6 NAG LA . -6.75 -35.19 -2.77
O7 NAG LA . -4.02 -33.80 3.16
C1 NAG LA . -9.36 -33.99 -0.58
C2 NAG LA . -10.64 -34.83 -0.51
C3 NAG LA . -11.68 -34.23 -1.47
C4 NAG LA . -11.90 -32.75 -1.18
C5 NAG LA . -10.55 -32.01 -1.05
C6 NAG LA . -10.69 -30.57 -0.60
C7 NAG LA . -9.95 -36.86 -1.88
C8 NAG LA . -9.63 -36.04 -3.11
N2 NAG LA . -10.40 -36.24 -0.76
O3 NAG LA . -12.87 -34.96 -1.32
O4 NAG LA . -12.61 -32.24 -2.29
O5 NAG LA . -9.70 -32.68 -0.14
O6 NAG LA . -11.33 -30.53 0.66
O7 NAG LA . -9.80 -38.06 -1.92
C1 BMA LA . -13.81 -31.52 -1.96
C2 BMA LA . -14.97 -32.52 -1.97
C3 BMA LA . -16.26 -31.69 -1.96
C4 BMA LA . -16.18 -30.39 -1.13
C5 BMA LA . -14.93 -30.18 -0.26
C6 BMA LA . -15.15 -30.37 1.25
O2 BMA LA . -14.85 -33.38 -0.87
O3 BMA LA . -17.31 -32.55 -1.59
O4 BMA LA . -16.28 -29.34 -2.07
O5 BMA LA . -13.79 -30.92 -0.66
O6 BMA LA . -15.43 -29.11 1.85
C1 MAN LA . -18.51 -32.19 -2.32
C2 MAN LA . -19.60 -33.23 -1.99
C3 MAN LA . -19.27 -34.58 -2.61
C4 MAN LA . -18.97 -34.44 -4.10
C5 MAN LA . -17.87 -33.39 -4.28
C6 MAN LA . -17.55 -33.13 -5.73
O2 MAN LA . -20.81 -32.72 -2.49
O3 MAN LA . -20.37 -35.44 -2.38
O4 MAN LA . -18.57 -35.72 -4.57
O5 MAN LA . -18.29 -32.17 -3.70
O6 MAN LA . -16.42 -32.30 -5.82
C1 MAN LA . -16.57 -28.47 1.22
C2 MAN LA . -16.02 -27.16 0.60
C3 MAN LA . -16.66 -25.89 1.12
C4 MAN LA . -18.14 -26.12 1.30
C5 MAN LA . -18.26 -27.10 2.47
C6 MAN LA . -19.71 -27.43 2.77
O2 MAN LA . -16.26 -27.29 -0.78
O3 MAN LA . -16.39 -24.86 0.19
O4 MAN LA . -18.75 -24.88 1.57
O5 MAN LA . -17.62 -28.33 2.17
O6 MAN LA . -20.45 -26.23 2.80
C1 NAG MA . -11.15 -45.54 13.01
C2 NAG MA . -12.50 -45.59 12.29
C3 NAG MA . -13.63 -45.63 13.31
C4 NAG MA . -13.41 -46.75 14.32
C5 NAG MA . -12.00 -46.62 14.91
C6 NAG MA . -11.65 -47.72 15.90
C7 NAG MA . -12.61 -44.52 10.07
C8 NAG MA . -12.77 -43.20 9.36
N2 NAG MA . -12.65 -44.45 11.41
O3 NAG MA . -14.84 -45.79 12.61
O4 NAG MA . -14.39 -46.61 15.32
O5 NAG MA . -11.05 -46.65 13.87
O6 NAG MA . -11.87 -48.98 15.31
O7 NAG MA . -12.47 -45.56 9.45
C1 NAG MA . -15.35 -47.68 15.19
C2 NAG MA . -16.15 -47.76 16.49
C3 NAG MA . -17.24 -48.82 16.38
C4 NAG MA . -18.09 -48.58 15.13
C5 NAG MA . -17.18 -48.48 13.91
C6 NAG MA . -17.91 -48.22 12.62
C7 NAG MA . -14.36 -49.02 17.65
C8 NAG MA . -13.59 -49.11 18.94
N2 NAG MA . -15.30 -48.04 17.62
O3 NAG MA . -18.01 -48.78 17.55
O4 NAG MA . -19.00 -49.64 15.02
O5 NAG MA . -16.24 -47.43 14.12
O6 NAG MA . -18.78 -49.30 12.35
O7 NAG MA . -14.13 -49.76 16.72
C1 NAG NA . 4.71 -49.17 23.13
C2 NAG NA . 3.24 -49.50 23.37
C3 NAG NA . 3.03 -50.04 24.78
C4 NAG NA . 3.99 -51.18 25.05
C5 NAG NA . 5.42 -50.71 24.77
C6 NAG NA . 6.47 -51.77 25.03
C7 NAG NA . 1.70 -48.12 22.03
C8 NAG NA . 0.93 -46.82 22.03
N2 NAG NA . 2.42 -48.34 23.15
O3 NAG NA . 1.69 -50.43 24.90
O4 NAG NA . 3.79 -51.57 26.39
O5 NAG NA . 5.51 -50.30 23.42
O6 NAG NA . 6.18 -52.92 24.27
O7 NAG NA . 1.66 -48.89 21.08
C1 NAG NA . 3.12 -52.85 26.44
C2 NAG NA . 2.64 -53.10 27.87
C3 NAG NA . 1.99 -54.48 27.93
C4 NAG NA . 0.91 -54.63 26.86
C5 NAG NA . 1.45 -54.19 25.50
C6 NAG NA . 0.41 -54.19 24.39
C7 NAG NA . 3.85 -52.00 29.71
C8 NAG NA . 5.06 -52.10 30.60
N2 NAG NA . 3.71 -53.00 28.81
O3 NAG NA . 1.47 -54.65 29.23
O4 NAG NA . 0.52 -55.98 26.83
O5 NAG NA . 2.00 -52.90 25.59
O6 NAG NA . -0.63 -53.29 24.70
O7 NAG NA . 3.06 -51.07 29.81
C1 BMA NA . -0.59 -56.21 27.71
C2 BMA NA . -1.20 -57.56 27.32
C3 BMA NA . -2.41 -57.87 28.21
C4 BMA NA . -2.37 -57.18 29.60
C5 BMA NA . -0.96 -56.83 30.06
C6 BMA NA . -0.21 -58.01 30.69
O2 BMA NA . -0.20 -58.53 27.41
O3 BMA NA . -2.50 -59.27 28.29
O4 BMA NA . -3.16 -56.02 29.48
O5 BMA NA . -0.15 -56.24 29.06
O6 BMA NA . -0.15 -59.04 29.72
C1 NAG OA . -0.72 -39.64 23.49
C2 NAG OA . -0.98 -38.82 24.76
C3 NAG OA . -0.38 -39.48 26.00
C4 NAG OA . -0.78 -40.96 26.06
C5 NAG OA . -0.39 -41.63 24.74
C6 NAG OA . -0.70 -43.10 24.68
C7 NAG OA . -1.19 -36.40 24.32
C8 NAG OA . -0.41 -35.11 24.21
N2 NAG OA . -0.46 -37.49 24.61
O3 NAG OA . -0.81 -38.77 27.12
O4 NAG OA . -0.11 -41.53 27.16
O5 NAG OA . -1.08 -40.98 23.70
O6 NAG OA . 0.21 -43.82 25.47
O7 NAG OA . -2.40 -36.43 24.14
C1 NAG OA . -1.07 -42.18 28.02
C2 NAG OA . -0.33 -42.85 29.18
C3 NAG OA . -1.34 -43.53 30.11
C4 NAG OA . -2.42 -42.55 30.54
C5 NAG OA . -3.03 -41.87 29.31
C6 NAG OA . -4.07 -40.82 29.65
C7 NAG OA . 0.37 -44.94 28.07
C8 NAG OA . 1.57 -45.78 27.69
N2 NAG OA . 0.65 -43.80 28.72
O3 NAG OA . -0.63 -44.04 31.21
O4 NAG OA . -3.38 -43.30 31.23
O5 NAG OA . -2.00 -41.26 28.55
O6 NAG OA . -3.52 -39.87 30.51
O7 NAG OA . -0.77 -45.29 27.77
C1 BMA OA . -3.18 -43.15 32.66
C2 BMA OA . -4.44 -43.66 33.34
C3 BMA OA . -4.32 -43.33 34.84
C4 BMA OA . -2.92 -43.62 35.43
C5 BMA OA . -1.89 -44.24 34.46
C6 BMA OA . -1.76 -45.76 34.57
O2 BMA OA . -4.57 -45.03 33.08
O3 BMA OA . -5.38 -43.99 35.50
O4 BMA OA . -2.45 -42.36 35.87
O5 BMA OA . -2.05 -43.89 33.09
O6 BMA OA . -2.50 -46.36 33.53
C1 MAN OA . -6.59 -43.24 35.21
C2 MAN OA . -6.74 -42.12 36.26
C3 MAN OA . -7.25 -42.64 37.60
C4 MAN OA . -8.54 -43.41 37.39
C5 MAN OA . -8.23 -44.58 36.44
C6 MAN OA . -9.49 -45.36 36.13
O2 MAN OA . -7.62 -41.18 35.71
O3 MAN OA . -7.42 -41.53 38.45
O4 MAN OA . -8.99 -43.84 38.65
O5 MAN OA . -7.73 -44.08 35.20
O6 MAN OA . -9.14 -46.53 35.42
C1 MAN OA . -1.80 -47.53 33.10
C2 MAN OA . -2.67 -48.27 32.07
C3 MAN OA . -3.96 -48.73 32.73
C4 MAN OA . -3.65 -49.58 33.96
C5 MAN OA . -2.70 -48.81 34.89
C6 MAN OA . -2.22 -49.69 36.03
O2 MAN OA . -1.91 -49.34 31.58
O3 MAN OA . -4.69 -49.44 31.77
O4 MAN OA . -4.89 -49.86 34.58
O5 MAN OA . -1.56 -48.38 34.19
O6 MAN OA . -1.38 -48.93 36.87
C1 NAG PA . 29.70 -33.17 11.17
C2 NAG PA . 30.68 -32.06 10.80
C3 NAG PA . 32.05 -32.36 11.37
C4 NAG PA . 31.95 -32.64 12.86
C5 NAG PA . 30.91 -33.74 13.10
C6 NAG PA . 30.72 -34.09 14.56
C7 NAG PA . 30.18 -30.90 8.68
C8 NAG PA . 30.38 -30.95 7.18
N2 NAG PA . 30.75 -31.90 9.37
O3 NAG PA . 32.89 -31.26 11.10
O4 NAG PA . 33.23 -33.03 13.31
O5 NAG PA . 29.67 -33.32 12.57
O6 NAG PA . 30.43 -32.93 15.29
O7 NAG PA . 29.53 -30.00 9.20
C1 NAG PA . 33.55 -32.31 14.52
C2 NAG PA . 34.54 -33.14 15.34
C3 NAG PA . 34.88 -32.38 16.63
C4 NAG PA . 35.37 -30.97 16.30
C5 NAG PA . 34.35 -30.28 15.39
C6 NAG PA . 34.77 -28.89 14.95
C7 NAG PA . 34.24 -35.61 15.06
C8 NAG PA . 35.20 -35.58 13.89
N2 NAG PA . 33.99 -34.43 15.67
O3 NAG PA . 35.84 -33.13 17.32
O4 NAG PA . 35.51 -30.29 17.52
O5 NAG PA . 34.14 -31.06 14.23
O6 NAG PA . 36.03 -28.95 14.33
O7 NAG PA . 33.72 -36.66 15.41
C1 BMA PA . 36.88 -30.36 17.99
C2 BMA PA . 36.86 -30.00 19.47
C3 BMA PA . 38.31 -29.97 20.00
C4 BMA PA . 39.28 -30.86 19.19
C5 BMA PA . 38.61 -32.02 18.47
C6 BMA PA . 38.36 -33.24 19.35
O2 BMA PA . 36.05 -30.93 20.14
O3 BMA PA . 38.24 -30.33 21.36
O4 BMA PA . 39.90 -29.98 18.27
O5 BMA PA . 37.41 -31.65 17.81
O6 BMA PA . 37.59 -32.81 20.45
C1 NAG QA . 5.39 -39.87 24.84
C2 NAG QA . 4.22 -39.01 25.30
C3 NAG QA . 4.25 -38.88 26.82
C4 NAG QA . 4.36 -40.25 27.48
C5 NAG QA . 5.51 -41.04 26.86
C6 NAG QA . 5.66 -42.44 27.43
C7 NAG QA . 3.47 -37.36 23.63
C8 NAG QA . 3.69 -35.95 23.13
N2 NAG QA . 4.25 -37.72 24.67
O3 NAG QA . 3.10 -38.18 27.22
O4 NAG QA . 4.58 -40.03 28.85
O5 NAG QA . 5.32 -41.13 25.47
O6 NAG QA . 4.44 -43.13 27.28
O7 NAG QA . 2.66 -38.10 23.11
C1 NAG QA . 3.31 -40.16 29.54
C2 NAG QA . 3.59 -40.76 30.92
C3 NAG QA . 2.30 -40.80 31.74
C4 NAG QA . 1.63 -39.44 31.74
C5 NAG QA . 1.43 -38.96 30.31
C6 NAG QA . 0.77 -37.61 30.18
C7 NAG QA . 4.78 -42.75 31.76
C8 NAG QA . 5.26 -44.14 31.39
N2 NAG QA . 4.13 -42.09 30.79
O3 NAG QA . 2.63 -41.22 33.04
O4 NAG QA . 0.40 -39.62 32.39
O5 NAG QA . 2.70 -38.89 29.69
O6 NAG QA . -0.54 -37.69 30.71
O7 NAG QA . 4.98 -42.28 32.87
C1 BMA QA . 0.25 -38.68 33.49
C2 BMA QA . -1.06 -39.03 34.16
C3 BMA QA . -1.33 -38.07 35.33
C4 BMA QA . -0.08 -37.59 36.12
C5 BMA QA . 1.30 -38.00 35.59
C6 BMA QA . 2.22 -38.62 36.66
O2 BMA QA . -1.01 -40.38 34.55
O3 BMA QA . -2.30 -38.74 36.10
O4 BMA QA . -0.19 -36.18 36.09
O5 BMA QA . 1.31 -38.79 34.42
O6 BMA QA . 2.10 -40.02 36.66
C1 MAN QA . -3.19 -37.86 36.84
C2 MAN QA . -4.53 -38.60 36.98
C3 MAN QA . -5.30 -38.62 35.65
C4 MAN QA . -5.52 -37.18 35.17
C5 MAN QA . -4.14 -36.52 35.01
C6 MAN QA . -4.27 -35.06 34.67
O2 MAN QA . -5.26 -37.95 37.99
O3 MAN QA . -6.52 -39.28 35.86
O4 MAN QA . -6.21 -37.25 33.96
O5 MAN QA . -3.40 -36.60 36.22
O6 MAN QA . -2.98 -34.53 34.43
C1 MAN QA . 3.41 -40.54 37.00
C2 MAN QA . 3.29 -42.05 37.26
C3 MAN QA . 2.49 -42.32 38.54
C4 MAN QA . 3.08 -41.54 39.71
C5 MAN QA . 3.17 -40.05 39.33
C6 MAN QA . 3.86 -39.24 40.42
O2 MAN QA . 4.61 -42.53 37.37
O3 MAN QA . 2.51 -43.70 38.77
O4 MAN QA . 2.24 -41.75 40.83
O5 MAN QA . 3.91 -39.90 38.14
O6 MAN QA . 3.83 -37.88 40.05
C1 NAG RA . -0.22 -14.88 28.73
C2 NAG RA . 1.29 -14.76 28.97
C3 NAG RA . 1.95 -16.12 28.79
C4 NAG RA . 1.26 -17.18 29.65
C5 NAG RA . -0.25 -17.16 29.34
C6 NAG RA . -1.05 -18.15 30.15
C7 NAG RA . 2.27 -12.56 28.45
C8 NAG RA . 2.83 -11.72 27.33
N2 NAG RA . 1.86 -13.79 28.08
O3 NAG RA . 3.31 -15.98 29.12
O4 NAG RA . 1.84 -18.42 29.32
O5 NAG RA . -0.76 -15.87 29.59
O6 NAG RA . -0.77 -17.99 31.52
O7 NAG RA . 2.19 -12.13 29.59
C1 NAG RA . 2.13 -19.15 30.54
C2 NAG RA . 2.63 -20.55 30.15
C3 NAG RA . 2.98 -21.34 31.42
C4 NAG RA . 3.94 -20.55 32.29
C5 NAG RA . 3.38 -19.15 32.53
C6 NAG RA . 4.29 -18.26 33.35
C7 NAG RA . 0.45 -21.69 29.54
C8 NAG RA . -0.16 -21.46 30.91
N2 NAG RA . 1.70 -21.25 29.29
O3 NAG RA . 3.53 -22.58 31.01
O4 NAG RA . 4.09 -21.25 33.50
O5 NAG RA . 3.13 -18.52 31.30
O6 NAG RA . 4.45 -18.80 34.65
O7 NAG RA . -0.20 -22.26 28.68
C1 BMA RA . 5.19 -22.17 33.42
C2 BMA RA . 5.64 -22.46 34.85
C3 BMA RA . 6.87 -23.39 34.83
C4 BMA RA . 6.94 -24.29 33.58
C5 BMA RA . 5.57 -24.54 32.93
C6 BMA RA . 4.74 -25.59 33.66
O2 BMA RA . 4.55 -23.01 35.55
O3 BMA RA . 6.83 -24.13 36.04
O4 BMA RA . 7.81 -23.64 32.69
O5 BMA RA . 4.81 -23.36 32.77
O6 BMA RA . 3.48 -25.66 33.01
C1 NAG SA . -15.23 -29.56 35.20
C2 NAG SA . -15.65 -29.28 36.65
C3 NAG SA . -14.44 -29.35 37.57
C4 NAG SA . -13.63 -30.61 37.36
C5 NAG SA . -13.35 -30.84 35.86
C6 NAG SA . -12.70 -32.17 35.52
C7 NAG SA . -17.58 -27.80 37.10
C8 NAG SA . -18.00 -26.36 37.14
N2 NAG SA . -16.29 -27.99 36.76
O3 NAG SA . -14.92 -29.26 38.89
O4 NAG SA . -12.50 -30.43 38.21
O5 NAG SA . -14.57 -30.80 35.16
O6 NAG SA . -13.45 -33.22 36.07
O7 NAG SA . -18.36 -28.71 37.35
C1 NAG SA . -11.21 -30.33 37.58
C2 NAG SA . -10.80 -28.85 37.52
C3 NAG SA . -9.29 -28.67 37.28
C4 NAG SA . -8.49 -29.57 38.20
C5 NAG SA . -8.94 -31.00 37.98
C6 NAG SA . -8.16 -32.03 38.77
C7 NAG SA . -12.08 -26.93 36.50
C8 NAG SA . -12.03 -26.18 37.81
N2 NAG SA . -11.49 -28.15 36.46
O3 NAG SA . -8.98 -27.32 37.45
O4 NAG SA . -7.13 -29.38 37.89
O5 NAG SA . -10.30 -31.10 38.33
O6 NAG SA . -6.80 -31.98 38.39
O7 NAG SA . -12.63 -26.44 35.54
C1 NAG TA . -9.83 -45.49 5.67
C2 NAG TA . -8.90 -46.67 5.43
C3 NAG TA . -9.09 -47.13 4.00
C4 NAG TA . -10.56 -47.42 3.72
C5 NAG TA . -11.49 -46.31 4.26
C6 NAG TA . -12.95 -46.65 4.23
C7 NAG TA . -6.71 -45.41 5.25
C8 NAG TA . -7.22 -44.51 4.15
N2 NAG TA . -7.53 -46.36 5.77
O3 NAG TA . -8.28 -48.26 3.78
O4 NAG TA . -10.65 -47.53 2.32
O5 NAG TA . -11.15 -45.98 5.61
O6 NAG TA . -13.17 -47.89 4.86
O7 NAG TA . -5.57 -45.28 5.65
C1 NAG TA . -11.69 -48.44 1.94
C2 NAG TA . -12.05 -48.14 0.48
C3 NAG TA . -13.11 -49.11 -0.01
C4 NAG TA . -12.65 -50.55 0.23
C5 NAG TA . -12.28 -50.72 1.71
C6 NAG TA . -11.79 -52.10 2.10
C7 NAG TA . -11.71 -45.75 -0.04
C8 NAG TA . -12.40 -44.41 -0.11
N2 NAG TA . -12.49 -46.78 0.35
O3 NAG TA . -13.33 -48.86 -1.37
O4 NAG TA . -13.75 -51.37 -0.15
O5 NAG TA . -11.27 -49.79 2.03
O6 NAG TA . -10.74 -52.48 1.24
O7 NAG TA . -10.54 -45.89 -0.34
C1 BMA TA . -13.38 -52.71 -0.54
C2 BMA TA . -14.32 -53.11 -1.68
C3 BMA TA . -14.08 -54.60 -2.04
C4 BMA TA . -12.67 -55.09 -1.68
C5 BMA TA . -11.62 -53.98 -1.67
C6 BMA TA . -11.10 -53.60 -3.06
O2 BMA TA . -14.10 -52.25 -2.76
O3 BMA TA . -14.39 -54.72 -3.41
O4 BMA TA . -12.78 -55.69 -0.41
O5 BMA TA . -12.04 -52.81 -0.99
O6 BMA TA . -10.34 -54.68 -3.53
C1 NAG UA . 26.86 -38.13 -0.87
C2 NAG UA . 27.40 -37.37 0.35
C3 NAG UA . 28.83 -36.91 0.09
C4 NAG UA . 29.69 -38.09 -0.34
C5 NAG UA . 29.03 -38.77 -1.54
C6 NAG UA . 29.80 -39.96 -2.06
C7 NAG UA . 25.71 -36.18 1.69
C8 NAG UA . 24.91 -34.91 1.80
N2 NAG UA . 26.56 -36.24 0.65
O3 NAG UA . 29.31 -36.31 1.27
O4 NAG UA . 30.97 -37.59 -0.64
O5 NAG UA . 27.72 -39.19 -1.17
O6 NAG UA . 30.01 -40.90 -1.02
O7 NAG UA . 25.56 -37.09 2.50
C1 NAG UA . 31.90 -38.11 0.33
C2 NAG UA . 33.32 -37.82 -0.17
C3 NAG UA . 34.34 -38.32 0.85
C4 NAG UA . 34.02 -37.81 2.26
C5 NAG UA . 32.55 -38.07 2.59
C6 NAG UA . 32.12 -37.54 3.93
C7 NAG UA . 33.50 -37.78 -2.63
C8 NAG UA . 33.76 -38.64 -3.84
N2 NAG UA . 33.55 -38.43 -1.45
O3 NAG UA . 35.62 -37.90 0.43
O4 NAG UA . 34.86 -38.50 3.15
O5 NAG UA . 31.73 -37.51 1.58
O6 NAG UA . 32.39 -36.16 4.00
O7 NAG UA . 33.26 -36.58 -2.73
C1 BMA UA . 36.14 -37.84 3.36
C2 BMA UA . 37.21 -38.92 3.23
C3 BMA UA . 38.58 -38.32 3.64
C4 BMA UA . 38.64 -36.78 3.48
C5 BMA UA . 37.70 -36.24 2.40
C6 BMA UA . 38.28 -36.34 0.99
O2 BMA UA . 37.20 -39.40 1.92
O3 BMA UA . 39.56 -38.99 2.88
O4 BMA UA . 38.29 -36.26 4.75
O5 BMA UA . 36.40 -36.82 2.43
O6 BMA UA . 37.28 -35.90 0.10
C1 NAG VA . 34.44 -45.65 22.17
C2 NAG VA . 35.77 -46.26 21.72
C3 NAG VA . 36.83 -45.92 22.77
C4 NAG VA . 36.88 -44.41 23.02
C5 NAG VA . 35.47 -43.85 23.24
C6 NAG VA . 35.43 -42.34 23.32
C7 NAG VA . 35.91 -48.32 20.38
C8 NAG VA . 35.73 -49.82 20.42
N2 NAG VA . 35.66 -47.69 21.54
O3 NAG VA . 38.05 -46.42 22.32
O4 NAG VA . 37.66 -44.22 24.17
O5 NAG VA . 34.61 -44.25 22.20
O6 NAG VA . 35.97 -41.79 22.14
O7 NAG VA . 36.25 -47.75 19.35
C1 NAG VA . 39.05 -44.07 23.81
C2 NAG VA . 39.73 -43.26 24.92
C3 NAG VA . 41.23 -43.15 24.65
C4 NAG VA . 41.82 -44.53 24.41
C5 NAG VA . 41.04 -45.24 23.31
C6 NAG VA . 41.54 -46.63 22.99
C7 NAG VA . 38.19 -41.55 25.90
C8 NAG VA . 37.66 -42.58 26.87
N2 NAG VA . 39.14 -41.94 25.04
O3 NAG VA . 41.82 -42.50 25.74
O4 NAG VA . 43.18 -44.36 24.07
O5 NAG VA . 39.68 -45.32 23.69
O6 NAG VA . 42.86 -46.56 22.52
O7 NAG VA . 37.76 -40.41 25.92
C1 NAG WA . 52.20 -12.46 -23.05
C2 NAG WA . 52.65 -11.00 -22.95
C3 NAG WA . 54.02 -10.91 -22.30
C4 NAG WA . 54.02 -11.65 -20.98
C5 NAG WA . 53.54 -13.09 -21.21
C6 NAG WA . 53.50 -13.93 -19.95
C7 NAG WA . 51.88 -9.35 -24.63
C8 NAG WA . 52.09 -8.89 -26.05
N2 NAG WA . 52.66 -10.38 -24.26
O3 NAG WA . 54.33 -9.55 -22.14
O4 NAG WA . 55.35 -11.62 -20.48
O5 NAG WA . 52.24 -13.05 -21.76
O6 NAG WA . 52.68 -13.32 -18.99
O7 NAG WA . 51.07 -8.83 -23.90
C1 NAG XA . 42.80 -17.97 -10.47
C2 NAG XA . 42.65 -19.49 -10.23
C3 NAG XA . 42.72 -19.78 -8.74
C4 NAG XA . 43.98 -19.18 -8.14
C5 NAG XA . 44.05 -17.69 -8.50
C6 NAG XA . 45.29 -17.00 -7.97
C7 NAG XA . 41.33 -20.91 -11.76
C8 NAG XA . 39.92 -21.26 -12.19
N2 NAG XA . 41.42 -19.97 -10.79
O3 NAG XA . 42.66 -21.17 -8.57
O4 NAG XA . 43.91 -19.38 -6.75
O5 NAG XA . 44.01 -17.54 -9.89
O6 NAG XA . 45.34 -15.68 -8.44
O7 NAG XA . 42.30 -21.44 -12.27
C1 NAG YA . 22.13 27.66 -46.44
C2 NAG YA . 20.92 27.28 -47.30
C3 NAG YA . 20.38 28.52 -48.01
C4 NAG YA . 20.13 29.64 -47.02
C5 NAG YA . 21.41 29.90 -46.21
C6 NAG YA . 21.27 30.99 -45.18
C7 NAG YA . 20.73 25.02 -48.27
C8 NAG YA . 21.25 24.13 -49.37
N2 NAG YA . 21.27 26.25 -48.25
O3 NAG YA . 19.21 28.15 -48.70
O4 NAG YA . 19.75 30.77 -47.76
O5 NAG YA . 21.77 28.70 -45.56
O6 NAG YA . 20.22 30.69 -44.30
O7 NAG YA . 19.88 24.64 -47.49
C1 NAG ZA . 18.85 31.26 -30.53
C2 NAG ZA . 19.88 32.05 -29.69
C3 NAG ZA . 19.16 33.08 -28.83
C4 NAG ZA . 18.27 33.96 -29.70
C5 NAG ZA . 17.33 33.07 -30.53
C6 NAG ZA . 16.42 33.84 -31.45
C7 NAG ZA . 21.99 31.01 -28.96
C8 NAG ZA . 22.59 30.02 -27.99
N2 NAG ZA . 20.66 31.15 -28.88
O3 NAG ZA . 20.13 33.83 -28.15
O4 NAG ZA . 17.55 34.80 -28.83
O5 NAG ZA . 18.10 32.18 -31.30
O6 NAG ZA . 15.69 32.95 -32.26
O7 NAG ZA . 22.69 31.62 -29.75
C1 NAG AB . 6.95 -25.23 -52.21
C2 NAG AB . 7.83 -26.33 -51.62
C3 NAG AB . 7.35 -27.71 -52.08
C4 NAG AB . 5.86 -27.86 -51.80
C5 NAG AB . 5.10 -26.69 -52.42
C6 NAG AB . 3.60 -26.74 -52.22
C7 NAG AB . 10.21 -25.90 -51.10
C8 NAG AB . 11.57 -25.72 -51.73
N2 NAG AB . 9.21 -26.14 -51.98
O3 NAG AB . 8.11 -28.69 -51.43
O4 NAG AB . 5.45 -29.10 -52.35
O5 NAG AB . 5.61 -25.48 -51.89
O6 NAG AB . 3.32 -26.78 -50.83
O7 NAG AB . 10.04 -25.82 -49.89
C1 NAG BB . -5.75 -20.19 -42.71
C2 NAG BB . -6.91 -19.42 -43.34
C3 NAG BB . -8.23 -19.92 -42.76
C4 NAG BB . -8.33 -21.43 -42.89
C5 NAG BB . -7.09 -22.09 -42.28
C6 NAG BB . -7.07 -23.59 -42.39
C7 NAG BB . -6.66 -17.09 -44.12
C8 NAG BB . -6.52 -15.67 -43.66
N2 NAG BB . -6.77 -18.01 -43.14
O3 NAG BB . -9.28 -19.26 -43.42
O4 NAG BB . -9.51 -21.83 -42.23
O5 NAG BB . -5.93 -21.57 -42.92
O6 NAG BB . -5.85 -24.09 -41.93
O7 NAG BB . -6.67 -17.39 -45.31
C1 NAG CB . -6.53 5.54 -53.52
C2 NAG CB . -5.49 6.59 -53.98
C3 NAG CB . -5.71 6.95 -55.44
C4 NAG CB . -5.76 5.70 -56.30
C5 NAG CB . -6.83 4.75 -55.73
C6 NAG CB . -6.98 3.46 -56.50
C7 NAG CB . -4.47 8.32 -52.55
C8 NAG CB . -4.78 9.56 -51.73
N2 NAG CB . -5.55 7.76 -53.16
O3 NAG CB . -4.68 7.81 -55.84
O4 NAG CB . -6.07 6.09 -57.61
O5 NAG CB . -6.50 4.44 -54.40
O6 NAG CB . -7.35 3.74 -57.83
O7 NAG CB . -3.34 7.88 -52.63
C1 NAG DB . -29.26 31.55 3.90
C2 NAG DB . -29.52 32.72 2.92
C3 NAG DB . -28.33 33.66 2.90
C4 NAG DB . -27.98 34.10 4.31
C5 NAG DB . -27.79 32.86 5.19
C6 NAG DB . -27.45 33.19 6.64
C7 NAG DB . -30.99 32.39 0.96
C8 NAG DB . -31.05 31.79 -0.42
N2 NAG DB . -29.81 32.22 1.61
O3 NAG DB . -28.65 34.75 2.07
O4 NAG DB . -26.81 34.88 4.23
O5 NAG DB . -28.96 32.09 5.17
O6 NAG DB . -26.24 33.90 6.70
O7 NAG DB . -31.94 32.98 1.43
C1 NAG EB . -45.95 17.29 -29.57
C2 NAG EB . -47.30 17.27 -28.83
C3 NAG EB . -48.31 16.47 -29.63
C4 NAG EB . -48.39 16.99 -31.06
C5 NAG EB . -46.98 17.03 -31.67
C6 NAG EB . -46.94 17.55 -33.08
C7 NAG EB . -47.21 17.43 -26.37
C8 NAG EB . -47.02 16.63 -25.10
N2 NAG EB . -47.14 16.72 -27.51
O3 NAG EB . -49.55 16.55 -28.98
O4 NAG EB . -49.24 16.12 -31.77
O5 NAG EB . -46.15 17.83 -30.86
O6 NAG EB . -45.61 17.66 -33.52
O7 NAG EB . -47.41 18.65 -26.33
C1 NAG FB . -41.28 4.69 -43.99
C2 NAG FB . -41.62 4.74 -45.48
C3 NAG FB . -40.34 5.00 -46.29
C4 NAG FB . -39.62 6.23 -45.75
C5 NAG FB . -39.39 6.07 -44.25
C6 NAG FB . -38.68 7.23 -43.60
C7 NAG FB . -43.54 3.39 -46.24
C8 NAG FB . -43.96 1.99 -46.64
N2 NAG FB . -42.24 3.51 -45.90
O3 NAG FB . -40.71 5.14 -47.64
O4 NAG FB . -38.41 6.35 -46.46
O5 NAG FB . -40.64 5.88 -43.60
O6 NAG FB . -38.59 7.03 -42.21
O7 NAG FB . -44.33 4.32 -46.22
C1 NAG GB . -41.31 29.68 9.34
C2 NAG GB . -41.33 30.86 10.31
C3 NAG GB . -39.92 31.44 10.44
C4 NAG GB . -38.94 30.34 10.81
C5 NAG GB . -39.07 29.18 9.81
C6 NAG GB . -38.15 28.02 10.11
C7 NAG GB . -43.38 32.23 10.52
C8 NAG GB . -44.19 33.31 9.87
N2 NAG GB . -42.26 31.87 9.87
O3 NAG GB . -39.96 32.47 11.39
O4 NAG GB . -37.65 30.90 10.79
O5 NAG GB . -40.40 28.71 9.81
O6 NAG GB . -36.81 28.43 9.97
O7 NAG GB . -43.74 31.71 11.57
C1 NAG HB . -25.25 22.92 -23.46
C2 NAG HB . -23.99 23.30 -22.67
C3 NAG HB . -23.40 24.62 -23.19
C4 NAG HB . -23.23 24.58 -24.70
C5 NAG HB . -24.58 24.23 -25.33
C6 NAG HB . -24.55 24.18 -26.84
C7 NAG HB . -25.18 24.23 -20.74
C8 NAG HB . -25.32 24.18 -19.24
N2 NAG HB . -24.27 23.40 -21.27
O3 NAG HB . -22.18 24.83 -22.53
O4 NAG HB . -22.77 25.85 -25.10
O5 NAG HB . -24.99 22.97 -24.84
O6 NAG HB . -24.20 25.45 -27.35
O7 NAG HB . -25.88 24.99 -21.40
C1 NAG IB . -28.25 9.93 26.51
C2 NAG IB . -28.04 10.72 27.80
C3 NAG IB . -29.32 10.76 28.61
C4 NAG IB . -30.48 11.25 27.75
C5 NAG IB . -30.55 10.42 26.46
C6 NAG IB . -31.66 10.83 25.52
C7 NAG IB . -26.77 8.86 28.82
C8 NAG IB . -25.57 8.54 29.68
N2 NAG IB . -26.96 10.17 28.59
O3 NAG IB . -29.12 11.58 29.73
O4 NAG IB . -31.65 11.14 28.51
O5 NAG IB . -29.32 10.51 25.78
O6 NAG IB . -31.58 10.07 24.33
O7 NAG IB . -27.48 7.97 28.39
C1 NAG JB . 44.00 23.45 -21.27
C2 NAG JB . 44.99 22.32 -21.57
C3 NAG JB . 46.33 22.89 -22.00
C4 NAG JB . 46.14 23.88 -23.13
C5 NAG JB . 45.14 24.95 -22.70
C6 NAG JB . 44.87 26.00 -23.75
C7 NAG JB . 45.02 20.11 -20.46
C8 NAG JB . 45.24 19.42 -19.14
N2 NAG JB . 45.15 21.45 -20.43
O3 NAG JB . 47.16 21.82 -22.37
O4 NAG JB . 47.41 24.44 -23.42
O5 NAG JB . 43.91 24.32 -22.37
O6 NAG JB . 46.07 26.68 -24.05
O7 NAG JB . 44.75 19.48 -21.47
C1 NAG KB . 19.13 5.59 38.35
C2 NAG KB . 20.63 5.62 38.66
C3 NAG KB . 21.23 4.23 38.42
C4 NAG KB . 20.44 3.18 39.20
C5 NAG KB . 18.96 3.29 38.86
C6 NAG KB . 18.09 2.31 39.59
C7 NAG KB . 21.95 7.68 38.34
C8 NAG KB . 22.58 8.57 37.30
N2 NAG KB . 21.31 6.59 37.86
O3 NAG KB . 22.58 4.27 38.79
O4 NAG KB . 20.97 1.92 38.86
O5 NAG KB . 18.51 4.60 39.13
O6 NAG KB . 18.46 0.99 39.25
O7 NAG KB . 22.02 7.94 39.54
C1 NAG LB . 35.41 38.78 22.99
C2 NAG LB . 34.89 39.54 24.22
C3 NAG LB . 35.00 41.04 23.97
C4 NAG LB . 36.42 41.41 23.55
C5 NAG LB . 36.84 40.54 22.36
C6 NAG LB . 38.25 40.81 21.88
C7 NAG LB . 33.15 38.42 25.57
C8 NAG LB . 31.67 38.17 25.67
N2 NAG LB . 33.53 39.16 24.51
O3 NAG LB . 34.61 41.70 25.14
O4 NAG LB . 36.41 42.77 23.21
O5 NAG LB . 36.74 39.18 22.73
O6 NAG LB . 38.59 39.88 20.87
O7 NAG LB . 33.93 37.98 26.39
C1 NAG MB . 37.68 47.05 5.26
C2 NAG MB . 38.84 47.87 4.69
C3 NAG MB . 39.56 47.08 3.60
C4 NAG MB . 39.95 45.70 4.12
C5 NAG MB . 38.71 45.02 4.69
C6 NAG MB . 38.97 43.63 5.25
C7 NAG MB . 38.58 50.33 4.73
C8 NAG MB . 37.99 51.51 4.00
N2 NAG MB . 38.36 49.13 4.17
O3 NAG MB . 40.68 47.82 3.20
O4 NAG MB . 40.51 44.99 3.05
O5 NAG MB . 38.16 45.82 5.72
O6 NAG MB . 37.79 43.12 5.81
O7 NAG MB . 39.22 50.48 5.76
C1 NAG NB . 14.29 13.71 47.79
C2 NAG NB . 14.35 12.76 48.99
C3 NAG NB . 14.59 11.34 48.49
C4 NAG NB . 13.53 10.97 47.45
C5 NAG NB . 13.52 12.03 46.35
C6 NAG NB . 12.49 11.78 45.27
C7 NAG NB . 15.16 13.60 51.16
C8 NAG NB . 16.42 13.95 51.93
N2 NAG NB . 15.39 13.15 49.90
O3 NAG NB . 14.55 10.48 49.60
O4 NAG NB . 13.87 9.70 46.94
O5 NAG NB . 13.27 13.30 46.92
O6 NAG NB . 12.80 10.59 44.58
O7 NAG NB . 14.06 13.71 51.65
C1 NAG OB . 33.74 17.54 16.38
C2 NAG OB . 33.36 16.06 16.21
C3 NAG OB . 34.58 15.16 16.31
C4 NAG OB . 35.68 15.65 15.37
C5 NAG OB . 35.98 17.11 15.69
C6 NAG OB . 37.07 17.71 14.84
C7 NAG OB . 32.57 15.77 18.53
C8 NAG OB . 31.40 15.31 19.37
N2 NAG OB . 32.38 15.67 17.19
O3 NAG OB . 34.18 13.84 16.01
O4 NAG OB . 36.81 14.82 15.59
O5 NAG OB . 34.80 17.86 15.50
O6 NAG OB . 38.28 17.01 15.07
O7 NAG OB . 33.59 16.19 19.03
C1 NAG PB . -12.14 6.55 37.55
C2 NAG PB . -12.59 5.48 38.55
C3 NAG PB . -13.13 6.15 39.81
C4 NAG PB . -12.11 7.14 40.36
C5 NAG PB . -11.71 8.11 39.25
C6 NAG PB . -10.67 9.14 39.67
C7 NAG PB . -14.65 5.02 37.24
C8 NAG PB . -15.55 3.91 36.75
N2 NAG PB . -13.60 4.62 37.97
O3 NAG PB . -13.44 5.14 40.74
O4 NAG PB . -12.71 7.81 41.45
O5 NAG PB . -11.18 7.37 38.17
O6 NAG PB . -10.30 9.92 38.57
O7 NAG PB . -14.88 6.19 36.95
C1 NAG QB . 29.70 -37.28 -25.80
C2 NAG QB . 29.14 -37.36 -27.23
C3 NAG QB . 29.78 -38.52 -27.99
C4 NAG QB . 31.30 -38.41 -27.91
C5 NAG QB . 31.72 -38.33 -26.44
C6 NAG QB . 33.21 -38.23 -26.24
C7 NAG QB . 26.85 -36.74 -27.91
C8 NAG QB . 25.40 -37.10 -27.74
N2 NAG QB . 27.70 -37.51 -27.22
O3 NAG QB . 29.32 -38.48 -29.31
O4 NAG QB . 31.83 -39.55 -28.54
O5 NAG QB . 31.10 -37.21 -25.85
O6 NAG QB . 33.84 -39.37 -26.77
O7 NAG QB . 27.20 -35.82 -28.63
C1 NAG RB . -25.77 -32.73 11.52
C2 NAG RB . -26.04 -34.02 10.74
C3 NAG RB . -26.81 -33.71 9.46
C4 NAG RB . -28.05 -32.90 9.78
C5 NAG RB . -27.66 -31.66 10.59
C6 NAG RB . -28.83 -30.79 10.97
C7 NAG RB . -24.49 -35.94 10.91
C8 NAG RB . -23.16 -36.46 10.46
N2 NAG RB . -24.82 -34.72 10.45
O3 NAG RB . -27.12 -34.93 8.83
O4 NAG RB . -28.66 -32.55 8.55
O5 NAG RB . -26.99 -32.07 11.77
O6 NAG RB . -29.47 -30.29 9.82
O7 NAG RB . -25.22 -36.59 11.65
C1 NAG SB . 7.05 -55.65 11.84
C2 NAG SB . 6.64 -56.10 13.24
C3 NAG SB . 7.82 -56.82 13.88
C4 NAG SB . 8.33 -57.94 12.97
C5 NAG SB . 8.62 -57.37 11.58
C6 NAG SB . 9.10 -58.41 10.59
C7 NAG SB . 4.98 -54.74 14.42
C8 NAG SB . 4.79 -53.50 15.27
N2 NAG SB . 6.24 -54.98 14.05
O3 NAG SB . 7.40 -57.31 15.13
O4 NAG SB . 9.48 -58.48 13.57
O5 NAG SB . 7.46 -56.76 11.08
O6 NAG SB . 9.24 -57.83 9.32
O7 NAG SB . 4.03 -55.45 14.11
C1 NAG TB . 25.72 -54.48 5.63
C2 NAG TB . 26.65 -55.57 5.06
C3 NAG TB . 26.90 -55.31 3.59
C4 NAG TB . 25.58 -55.14 2.84
C5 NAG TB . 24.75 -54.05 3.53
C6 NAG TB . 23.41 -53.79 2.87
C7 NAG TB . 28.24 -56.60 6.63
C8 NAG TB . 29.58 -56.43 7.29
N2 NAG TB . 27.88 -55.61 5.79
O3 NAG TB . 27.65 -56.38 3.08
O4 NAG TB . 25.89 -54.79 1.51
O5 NAG TB . 24.53 -54.43 4.87
O6 NAG TB . 22.69 -52.84 3.63
O7 NAG TB . 27.54 -57.57 6.87
C1 NAG UB . -27.27 -36.70 24.19
C2 NAG UB . -28.80 -36.76 24.24
C3 NAG UB . -29.38 -36.04 23.03
C4 NAG UB . -28.80 -34.63 22.93
C5 NAG UB . -27.27 -34.70 22.96
C6 NAG UB . -26.60 -33.35 22.88
C7 NAG UB . -29.91 -38.66 25.36
C8 NAG UB . -30.31 -40.10 25.19
N2 NAG UB . -29.27 -38.11 24.31
O3 NAG UB . -30.77 -36.03 23.16
O4 NAG UB . -29.28 -34.07 21.73
O5 NAG UB . -26.85 -35.36 24.14
O6 NAG UB . -26.88 -32.75 21.64
O7 NAG UB . -30.15 -38.05 26.38
C1 NAG VB . -1.98 -41.27 -2.64
C2 NAG VB . -2.82 -40.18 -3.33
C3 NAG VB . -3.55 -40.72 -4.55
C4 NAG VB . -2.57 -41.44 -5.46
C5 NAG VB . -1.85 -42.52 -4.65
C6 NAG VB . -0.85 -43.33 -5.46
C7 NAG VB . -4.72 -40.34 -1.76
C8 NAG VB . -5.61 -39.54 -0.83
N2 NAG VB . -3.78 -39.62 -2.40
O3 NAG VB . -4.18 -39.65 -5.20
O4 NAG VB . -3.31 -42.00 -6.53
O5 NAG VB . -1.16 -41.90 -3.59
O6 NAG VB . -1.53 -44.01 -6.50
O7 NAG VB . -4.86 -41.54 -1.90
C1 NAG WB . -23.30 -8.64 31.35
C2 NAG WB . -24.75 -8.14 31.56
C3 NAG WB . -25.23 -8.56 32.94
C4 NAG WB . -25.02 -10.06 33.14
C5 NAG WB . -23.56 -10.42 32.85
C6 NAG WB . -23.25 -11.89 33.01
C7 NAG WB . -23.98 -5.81 31.89
C8 NAG WB . -24.33 -4.37 31.57
N2 NAG WB . -24.85 -6.72 31.39
O3 NAG WB . -26.58 -8.19 33.06
O4 NAG WB . -25.36 -10.35 34.48
O5 NAG WB . -23.25 -10.03 31.53
O6 NAG WB . -21.90 -12.13 32.62
O7 NAG WB . -23.00 -6.10 32.54
#